data_8GF9
#
_entry.id   8GF9
#
_cell.length_a   1.00
_cell.length_b   1.00
_cell.length_c   1.00
_cell.angle_alpha   90.00
_cell.angle_beta   90.00
_cell.angle_gamma   90.00
#
_symmetry.space_group_name_H-M   'P 1'
#
loop_
_entity.id
_entity.type
_entity.pdbx_description
1 polymer 'Transient receptor potential cation channel subfamily V member 1'
2 non-polymer '(2S)-3-(hexadecanoyloxy)-2-[(9Z)-octadec-9-enoyloxy]propyl 2-(trimethylammonio)ethyl phosphate'
3 non-polymer '(2R)-3-{[(R)-hydroxy{[(1S,2R,3R,4S,5S,6R)-2,3,4,5,6-pentahydroxycyclohexyl]oxy}phosphoryl]oxy}propane-1,2-diyl dioctadecanoate'
4 non-polymer 'SODIUM ION'
5 water water
#
_entity_poly.entity_id   1
_entity_poly.type   'polypeptide(L)'
_entity_poly.pdbx_seq_one_letter_code
;MTSKKWSSTDLGAAADPLQKDTCPDPLDGDPNSRPPPAKPQLSTAKSRTRLFGKGDSEEAFPVDCPHEEGELDSCPTITV
SPVITIQRPGDGPTGARLLSQDSVAASTEKTLRLYDRRSIFEAVAQNNCQDLESLLLFLQKSKKHLTDNEFKDPETGKTC
LLKAMLNLHDGQNTTIPLLLEIARQTDSLKELVNASYTDSYYKGQTALHIAIERRNMALVTLLVENGADVQAAAHGDFFK
KTKGRPGFYFGELPLSLAACTNQLGIVKFLLQNSWQTADISARDSVGNTVLHALVEVADNTADNTKFVTSMYNEILMLGA
KLHPTLKLEELTNKKGMTPLALAAGTGKIGVLAYILQREIQEPECRHLSRKFTEWAYGPVHSSLYDLSCIDTCEKNSVLE
VIAYSSSETPNRHDMLLVEPLNRLLQDKWDRFVKRIFYFNFLVYCLYMIIFTMAAYYRPVDGLPPFKMEKTGDYFRVTGE
ILSVLGGVYFFFRGIQYFLQRRPSMKTLFVDSYSEMLFFLQSLFMLATVVLYFSHLKEYVASMVFSLALGWTNMLYYTRG
FQQMGIYAVMIEKMILRDLCRFMFVYIVFLFGFSTAVVTLIEDGKNDSLPSESTSHRWRGPACRPPDSSYNSLYSTCLEL
FKFTIGMGDLEFTENYDFKAVFIILLLAYVILTYILLLNMLIALMGETVNKIAQESKNIWKLQRAITILDTEKSFLKCMR
KAFRSGKLLQVGYTPDGKDDYRWCFRVDEVNWTTWNTNVGIINEDPGNCEGVKRTLSFSLRSSRVSGRHWKNFALVPLLR
EASARDRQSAQPEEVYLRQFSGSLKPEDAEVFKSPAASGEKLVPRGSAAAAVSKGEELFTGVVPILVELDGDVNGHKFSV
SGEGEGDATYGKLTLKFICTTGKLPVPWPTLVTTLTYGVQCFSRYPDHMKQHDFFKSAMPEGYVQERTIFFKDDGNYKTR
AEVKFEGDTLVNRIELKGIDFKEDGNILGHKLEYNYNSHNVYIMADKQKNGIKVNFKIRHNIEDGSVQLADHYQQNTPIG
DGPVLLPDNHYLSTQSKLSKDPNEKRDHMVLLEFVTAAGITLGMDELYKSGLRSWSHPQFEK
;
_entity_poly.pdbx_strand_id   A,B,C,D
#
loop_
_chem_comp.id
_chem_comp.type
_chem_comp.name
_chem_comp.formula
8IJ non-polymer '(2R)-3-{[(R)-hydroxy{[(1S,2R,3R,4S,5S,6R)-2,3,4,5,6-pentahydroxycyclohexyl]oxy}phosphoryl]oxy}propane-1,2-diyl dioctadecanoate' 'C45 H87 O13 P'
NA non-polymer 'SODIUM ION' 'Na 1'
POV non-polymer '(2S)-3-(hexadecanoyloxy)-2-[(9Z)-octadec-9-enoyloxy]propyl 2-(trimethylammonio)ethyl phosphate' 'C42 H82 N O8 P'
#
# COMPACT_ATOMS: atom_id res chain seq x y z
N TYR A 201 38.61 -35.65 8.73
CA TYR A 201 37.70 -34.55 9.16
C TYR A 201 38.53 -33.31 9.47
N TYR A 202 39.42 -33.42 10.45
CA TYR A 202 40.45 -32.41 10.66
C TYR A 202 41.73 -32.72 9.90
N LYS A 203 41.63 -33.52 8.83
CA LYS A 203 42.82 -34.02 8.14
C LYS A 203 43.62 -32.87 7.54
N GLY A 204 44.94 -33.02 7.54
CA GLY A 204 45.84 -32.02 7.03
C GLY A 204 46.06 -30.82 7.92
N GLN A 205 45.26 -30.64 8.97
CA GLN A 205 45.36 -29.46 9.82
C GLN A 205 46.65 -29.52 10.62
N THR A 206 47.53 -28.55 10.38
CA THR A 206 48.79 -28.43 11.09
C THR A 206 48.62 -27.50 12.29
N ALA A 207 49.66 -27.46 13.14
CA ALA A 207 49.65 -26.52 14.25
C ALA A 207 49.72 -25.08 13.79
N LEU A 208 50.13 -24.84 12.54
CA LEU A 208 50.17 -23.48 12.02
C LEU A 208 48.79 -22.97 11.71
N HIS A 209 47.89 -23.84 11.24
CA HIS A 209 46.51 -23.44 11.04
C HIS A 209 45.86 -23.06 12.37
N ILE A 210 46.29 -23.69 13.46
CA ILE A 210 45.86 -23.28 14.79
C ILE A 210 46.37 -21.88 15.07
N ALA A 211 47.66 -21.64 14.81
CA ALA A 211 48.25 -20.34 15.07
C ALA A 211 47.58 -19.23 14.27
N ILE A 212 46.96 -19.56 13.14
CA ILE A 212 46.25 -18.57 12.35
C ILE A 212 44.83 -18.38 12.88
N GLU A 213 44.05 -19.46 12.91
CA GLU A 213 42.63 -19.35 13.23
C GLU A 213 42.41 -18.79 14.62
N ARG A 214 43.33 -19.01 15.54
CA ARG A 214 43.26 -18.41 16.87
C ARG A 214 43.72 -16.94 16.88
N ARG A 215 44.00 -16.36 15.71
CA ARG A 215 44.34 -14.94 15.59
C ARG A 215 45.60 -14.60 16.38
N ASN A 216 46.61 -15.46 16.25
CA ASN A 216 47.90 -15.31 16.93
C ASN A 216 48.97 -15.22 15.85
N MET A 217 49.31 -13.99 15.46
CA MET A 217 50.32 -13.78 14.43
C MET A 217 51.73 -14.06 14.92
N ALA A 218 51.94 -14.22 16.23
CA ALA A 218 53.28 -14.42 16.75
C ALA A 218 53.76 -15.85 16.54
N LEU A 219 52.90 -16.84 16.76
CA LEU A 219 53.30 -18.24 16.61
C LEU A 219 53.38 -18.68 15.16
N VAL A 220 52.64 -18.02 14.27
CA VAL A 220 52.77 -18.30 12.84
C VAL A 220 54.19 -17.99 12.38
N THR A 221 54.80 -16.95 12.97
CA THR A 221 56.20 -16.66 12.71
C THR A 221 57.08 -17.82 13.18
N LEU A 222 56.88 -18.29 14.41
CA LEU A 222 57.76 -19.31 14.97
C LEU A 222 57.54 -20.68 14.35
N LEU A 223 56.30 -21.04 14.01
CA LEU A 223 56.02 -22.41 13.62
C LEU A 223 56.59 -22.76 12.25
N VAL A 224 56.63 -21.80 11.32
CA VAL A 224 57.24 -22.06 10.03
C VAL A 224 58.75 -22.22 10.16
N GLU A 225 59.36 -21.59 11.16
CA GLU A 225 60.79 -21.71 11.37
C GLU A 225 61.19 -23.12 11.79
N ASN A 226 60.26 -23.90 12.31
CA ASN A 226 60.53 -25.27 12.75
C ASN A 226 60.40 -26.31 11.65
N GLY A 227 60.10 -25.89 10.42
CA GLY A 227 59.88 -26.79 9.29
C GLY A 227 58.44 -26.94 8.88
N ALA A 228 57.48 -26.70 9.78
CA ALA A 228 56.07 -26.84 9.45
C ALA A 228 55.69 -25.86 8.34
N ASP A 229 55.41 -26.40 7.16
CA ASP A 229 55.26 -25.58 5.96
C ASP A 229 54.08 -24.62 6.05
N VAL A 230 54.13 -23.58 5.22
CA VAL A 230 53.01 -22.68 5.01
C VAL A 230 52.27 -22.98 3.71
N GLN A 231 52.56 -24.13 3.08
CA GLN A 231 51.76 -24.66 1.98
C GLN A 231 50.96 -25.87 2.44
N ALA A 232 50.54 -25.87 3.70
CA ALA A 232 49.94 -27.04 4.31
C ALA A 232 48.58 -27.34 3.69
N ALA A 233 48.33 -28.63 3.48
CA ALA A 233 47.18 -29.09 2.70
C ALA A 233 46.11 -29.62 3.64
N ALA A 234 45.21 -28.73 4.10
CA ALA A 234 44.11 -29.12 4.98
C ALA A 234 42.95 -29.72 4.17
N HIS A 235 43.23 -30.85 3.54
CA HIS A 235 42.21 -31.62 2.83
C HIS A 235 41.42 -32.45 3.85
N GLY A 236 40.61 -31.74 4.62
CA GLY A 236 39.76 -32.35 5.63
C GLY A 236 38.31 -32.05 5.36
N ASP A 237 37.44 -33.00 5.70
CA ASP A 237 36.01 -32.84 5.44
C ASP A 237 35.45 -31.61 6.14
N PHE A 238 35.92 -31.30 7.35
CA PHE A 238 35.56 -30.05 7.99
C PHE A 238 36.01 -28.84 7.19
N PHE A 239 37.08 -28.99 6.41
CA PHE A 239 37.72 -27.88 5.71
C PHE A 239 37.29 -27.76 4.26
N LYS A 240 36.36 -28.60 3.80
CA LYS A 240 35.77 -28.49 2.48
C LYS A 240 34.39 -27.83 2.60
N LYS A 241 33.74 -27.64 1.46
CA LYS A 241 32.45 -26.96 1.43
C LYS A 241 31.42 -27.74 2.23
N THR A 242 30.40 -27.02 2.71
CA THR A 242 29.39 -27.64 3.57
C THR A 242 28.66 -28.75 2.84
N LYS A 243 27.84 -28.36 1.85
CA LYS A 243 26.99 -29.28 1.11
C LYS A 243 26.29 -30.28 2.04
N GLY A 244 25.77 -29.79 3.15
CA GLY A 244 25.22 -30.63 4.20
C GLY A 244 26.27 -31.03 5.21
N ARG A 245 27.10 -30.07 5.65
CA ARG A 245 28.14 -30.32 6.63
C ARG A 245 28.38 -29.04 7.41
N PRO A 246 28.35 -29.07 8.77
CA PRO A 246 28.75 -27.84 9.49
C PRO A 246 30.26 -27.64 9.51
N GLY A 247 30.79 -27.12 8.40
CA GLY A 247 32.20 -26.85 8.26
C GLY A 247 32.47 -25.43 7.82
N PHE A 248 33.69 -25.14 7.41
CA PHE A 248 34.06 -23.84 6.88
C PHE A 248 35.14 -24.03 5.84
N TYR A 249 34.92 -23.49 4.64
CA TYR A 249 35.90 -23.51 3.57
C TYR A 249 36.58 -22.15 3.48
N PHE A 250 37.91 -22.18 3.33
CA PHE A 250 38.71 -20.97 3.23
C PHE A 250 39.70 -20.98 2.09
N GLY A 251 40.05 -22.15 1.55
CA GLY A 251 41.02 -22.26 0.48
C GLY A 251 42.11 -23.29 0.73
N GLU A 252 42.02 -24.11 1.77
CA GLU A 252 42.83 -25.32 1.90
C GLU A 252 44.31 -25.02 2.17
N LEU A 253 44.65 -23.76 2.44
CA LEU A 253 46.04 -23.33 2.52
C LEU A 253 46.14 -22.17 3.50
N PRO A 254 47.26 -22.03 4.22
CA PRO A 254 47.33 -20.99 5.28
C PRO A 254 47.09 -19.58 4.77
N LEU A 255 47.84 -19.16 3.74
CA LEU A 255 47.62 -17.89 3.07
C LEU A 255 46.15 -17.65 2.77
N SER A 256 45.43 -18.70 2.35
CA SER A 256 44.01 -18.55 2.08
C SER A 256 43.20 -18.45 3.37
N LEU A 257 43.70 -19.02 4.46
CA LEU A 257 43.00 -18.94 5.73
C LEU A 257 42.97 -17.51 6.23
N ALA A 258 44.15 -16.88 6.34
CA ALA A 258 44.23 -15.55 6.92
C ALA A 258 43.49 -14.52 6.07
N ALA A 259 43.52 -14.68 4.75
CA ALA A 259 42.75 -13.80 3.88
C ALA A 259 41.26 -13.86 4.20
N CYS A 260 40.77 -15.01 4.64
CA CYS A 260 39.36 -15.24 4.93
C CYS A 260 39.07 -15.27 6.42
N THR A 261 39.78 -14.48 7.23
CA THR A 261 39.81 -14.64 8.68
C THR A 261 39.82 -13.31 9.43
N ASN A 262 39.75 -12.16 8.74
CA ASN A 262 40.00 -10.86 9.35
C ASN A 262 41.43 -10.84 9.90
N GLN A 263 42.37 -11.02 8.97
CA GLN A 263 43.79 -11.08 9.26
C GLN A 263 44.49 -10.54 8.00
N LEU A 264 44.83 -9.26 8.00
CA LEU A 264 45.64 -8.67 6.94
C LEU A 264 47.12 -8.61 7.32
N GLY A 265 47.41 -8.33 8.59
CA GLY A 265 48.80 -8.26 9.03
C GLY A 265 49.53 -9.58 8.86
N ILE A 266 48.80 -10.69 8.89
CA ILE A 266 49.41 -12.00 8.75
C ILE A 266 49.66 -12.32 7.28
N VAL A 267 48.74 -11.93 6.40
CA VAL A 267 48.79 -12.34 5.00
C VAL A 267 50.02 -11.77 4.32
N LYS A 268 50.37 -10.53 4.65
CA LYS A 268 51.61 -9.96 4.14
C LYS A 268 52.83 -10.74 4.62
N PHE A 269 52.76 -11.37 5.80
CA PHE A 269 53.91 -12.12 6.29
C PHE A 269 54.09 -13.43 5.54
N LEU A 270 52.99 -14.11 5.19
CA LEU A 270 53.09 -15.40 4.52
C LEU A 270 53.80 -15.30 3.18
N LEU A 271 53.88 -14.12 2.59
CA LEU A 271 54.68 -13.84 1.41
C LEU A 271 56.04 -13.24 1.76
N GLN A 272 56.03 -12.16 2.52
CA GLN A 272 57.26 -11.41 2.81
C GLN A 272 57.98 -12.05 3.99
N ASN A 273 58.71 -13.12 3.69
CA ASN A 273 59.59 -13.74 4.67
C ASN A 273 60.64 -14.55 3.93
N SER A 274 61.74 -14.83 4.62
CA SER A 274 62.89 -15.52 4.04
C SER A 274 62.88 -17.02 4.30
N TRP A 275 62.08 -17.49 5.25
CA TRP A 275 62.09 -18.90 5.61
C TRP A 275 61.41 -19.77 4.57
N GLN A 276 60.25 -19.36 4.06
CA GLN A 276 59.51 -20.09 3.06
C GLN A 276 58.97 -19.12 2.02
N THR A 277 58.66 -19.66 0.84
CA THR A 277 58.41 -18.89 -0.37
C THR A 277 57.02 -19.27 -0.90
N ALA A 278 56.03 -19.16 -0.02
CA ALA A 278 54.65 -19.54 -0.32
C ALA A 278 54.17 -18.98 -1.65
N ASP A 279 53.88 -19.88 -2.58
CA ASP A 279 53.37 -19.48 -3.88
C ASP A 279 52.01 -18.81 -3.71
N ILE A 280 51.81 -17.71 -4.43
CA ILE A 280 50.56 -16.97 -4.34
C ILE A 280 49.44 -17.59 -5.17
N SER A 281 49.78 -18.39 -6.19
CA SER A 281 48.74 -19.10 -6.94
C SER A 281 48.25 -20.31 -6.15
N ALA A 282 49.13 -21.30 -5.99
CA ALA A 282 49.03 -22.36 -4.98
C ALA A 282 47.63 -22.96 -4.88
N ARG A 283 47.24 -23.64 -5.96
CA ARG A 283 45.92 -24.23 -6.03
C ARG A 283 45.74 -25.29 -4.94
N ASP A 284 44.51 -25.81 -4.86
CA ASP A 284 44.14 -26.78 -3.83
C ASP A 284 43.52 -28.02 -4.46
N SER A 285 42.90 -28.88 -3.64
CA SER A 285 42.29 -30.10 -4.14
C SER A 285 41.19 -29.85 -5.17
N VAL A 286 40.63 -28.64 -5.22
CA VAL A 286 39.62 -28.27 -6.20
C VAL A 286 40.09 -27.16 -7.13
N GLY A 287 41.35 -26.75 -7.05
CA GLY A 287 41.89 -25.75 -7.96
C GLY A 287 41.79 -24.33 -7.47
N ASN A 288 41.04 -24.06 -6.40
CA ASN A 288 40.82 -22.70 -5.96
C ASN A 288 42.08 -22.08 -5.40
N THR A 289 42.35 -20.85 -5.80
CA THR A 289 43.41 -20.03 -5.24
C THR A 289 42.86 -19.23 -4.06
N VAL A 290 43.69 -18.35 -3.52
CA VAL A 290 43.21 -17.45 -2.48
C VAL A 290 42.12 -16.56 -3.03
N LEU A 291 42.24 -16.14 -4.30
CA LEU A 291 41.24 -15.25 -4.86
C LEU A 291 39.94 -15.99 -5.15
N HIS A 292 40.01 -17.19 -5.72
CA HIS A 292 38.83 -18.03 -5.86
C HIS A 292 38.18 -18.25 -4.51
N ALA A 293 38.96 -18.75 -3.54
CA ALA A 293 38.41 -19.10 -2.23
C ALA A 293 37.83 -17.88 -1.54
N LEU A 294 38.47 -16.73 -1.73
CA LEU A 294 37.97 -15.48 -1.18
C LEU A 294 36.66 -15.05 -1.81
N VAL A 295 36.23 -15.69 -2.90
CA VAL A 295 34.88 -15.53 -3.43
C VAL A 295 33.94 -16.58 -2.87
N GLU A 296 34.45 -17.80 -2.65
CA GLU A 296 33.65 -18.85 -2.03
C GLU A 296 33.15 -18.45 -0.65
N VAL A 297 33.90 -17.59 0.05
CA VAL A 297 33.57 -17.24 1.42
C VAL A 297 32.57 -16.10 1.51
N ALA A 298 32.41 -15.32 0.44
CA ALA A 298 31.48 -14.21 0.48
C ALA A 298 30.05 -14.72 0.62
N ASP A 299 29.24 -13.96 1.35
CA ASP A 299 27.85 -14.30 1.64
C ASP A 299 26.86 -13.23 1.22
N ASN A 300 27.32 -12.12 0.64
CA ASN A 300 26.55 -10.94 0.26
C ASN A 300 26.08 -10.11 1.44
N THR A 301 26.42 -10.51 2.67
CA THR A 301 26.24 -9.62 3.80
C THR A 301 27.10 -8.38 3.61
N ALA A 302 26.54 -7.22 3.92
CA ALA A 302 27.24 -5.97 3.68
C ALA A 302 28.56 -5.90 4.44
N ASP A 303 28.58 -6.41 5.67
CA ASP A 303 29.83 -6.42 6.44
C ASP A 303 30.83 -7.39 5.84
N ASN A 304 30.35 -8.45 5.19
CA ASN A 304 31.24 -9.36 4.50
C ASN A 304 31.67 -8.79 3.15
N THR A 305 30.80 -8.02 2.50
CA THR A 305 31.13 -7.44 1.21
C THR A 305 32.26 -6.43 1.35
N LYS A 306 32.12 -5.49 2.29
CA LYS A 306 33.17 -4.50 2.51
C LYS A 306 34.50 -5.15 2.84
N PHE A 307 34.45 -6.30 3.50
CA PHE A 307 35.68 -6.96 3.94
C PHE A 307 36.36 -7.68 2.79
N VAL A 308 35.61 -8.50 2.06
CA VAL A 308 36.19 -9.35 1.04
C VAL A 308 36.77 -8.52 -0.09
N THR A 309 36.08 -7.45 -0.46
CA THR A 309 36.55 -6.59 -1.53
C THR A 309 37.78 -5.80 -1.13
N SER A 310 37.86 -5.37 0.12
CA SER A 310 39.09 -4.75 0.62
C SER A 310 40.24 -5.74 0.56
N MET A 311 40.04 -6.93 1.13
CA MET A 311 41.08 -7.95 1.12
C MET A 311 41.40 -8.40 -0.30
N TYR A 312 40.38 -8.67 -1.10
CA TYR A 312 40.59 -9.09 -2.49
C TYR A 312 41.44 -8.10 -3.26
N ASN A 313 41.37 -6.81 -2.91
CA ASN A 313 42.24 -5.82 -3.51
C ASN A 313 43.70 -6.04 -3.13
N GLU A 314 43.94 -6.41 -1.87
CA GLU A 314 45.29 -6.34 -1.33
C GLU A 314 46.18 -7.45 -1.87
N ILE A 315 45.63 -8.65 -2.06
CA ILE A 315 46.44 -9.74 -2.57
C ILE A 315 46.78 -9.51 -4.04
N LEU A 316 45.92 -8.80 -4.78
CA LEU A 316 46.22 -8.52 -6.18
C LEU A 316 47.45 -7.64 -6.30
N MET A 317 47.47 -6.52 -5.56
CA MET A 317 48.63 -5.66 -5.53
C MET A 317 49.88 -6.42 -5.10
N LEU A 318 49.80 -7.14 -3.98
CA LEU A 318 50.91 -7.95 -3.53
C LEU A 318 51.33 -8.97 -4.59
N GLY A 319 50.36 -9.51 -5.33
CA GLY A 319 50.68 -10.40 -6.42
C GLY A 319 51.35 -9.72 -7.59
N ALA A 320 51.28 -8.39 -7.64
CA ALA A 320 51.97 -7.60 -8.65
C ALA A 320 53.29 -7.04 -8.12
N LYS A 321 53.39 -6.76 -6.83
CA LYS A 321 54.61 -6.19 -6.27
C LYS A 321 55.75 -7.18 -6.35
N LEU A 322 55.49 -8.44 -6.04
CA LEU A 322 56.57 -9.43 -5.97
C LEU A 322 57.02 -9.85 -7.36
N HIS A 323 56.10 -10.27 -8.23
CA HIS A 323 56.46 -10.65 -9.58
C HIS A 323 55.25 -10.48 -10.51
N PRO A 324 55.32 -9.64 -11.55
CA PRO A 324 54.18 -9.52 -12.47
C PRO A 324 53.96 -10.75 -13.37
N THR A 325 54.80 -11.79 -13.29
CA THR A 325 54.66 -12.94 -14.16
C THR A 325 53.47 -13.80 -13.75
N LEU A 326 52.27 -13.25 -13.96
CA LEU A 326 50.98 -13.75 -13.51
C LEU A 326 49.97 -13.21 -14.50
N LYS A 327 48.89 -12.56 -14.05
CA LYS A 327 47.49 -12.75 -14.47
C LYS A 327 46.83 -13.75 -13.50
N LEU A 328 46.97 -13.39 -12.22
CA LEU A 328 46.28 -14.05 -11.11
C LEU A 328 44.84 -14.41 -11.44
N GLU A 329 44.03 -13.39 -11.76
CA GLU A 329 42.59 -13.59 -11.87
C GLU A 329 42.21 -14.43 -13.07
N GLU A 330 43.10 -14.58 -14.06
CA GLU A 330 42.86 -15.44 -15.21
C GLU A 330 43.24 -16.89 -14.94
N LEU A 331 43.42 -17.27 -13.68
CA LEU A 331 43.59 -18.66 -13.29
C LEU A 331 42.24 -19.25 -12.95
N THR A 332 42.08 -20.54 -13.20
CA THR A 332 40.81 -21.22 -13.07
C THR A 332 40.94 -22.40 -12.12
N ASN A 333 39.85 -22.68 -11.41
CA ASN A 333 39.76 -23.85 -10.55
C ASN A 333 39.46 -25.07 -11.42
N LYS A 334 39.10 -26.18 -10.78
CA LYS A 334 38.79 -27.40 -11.50
C LYS A 334 37.37 -27.44 -12.05
N LYS A 335 36.62 -26.34 -11.93
CA LYS A 335 35.41 -26.12 -12.71
C LYS A 335 35.64 -25.15 -13.87
N GLY A 336 36.89 -24.80 -14.15
CA GLY A 336 37.19 -23.86 -15.22
C GLY A 336 36.66 -22.46 -14.96
N MET A 337 36.60 -22.04 -13.70
CA MET A 337 35.97 -20.80 -13.29
C MET A 337 37.00 -19.87 -12.68
N THR A 338 37.10 -18.66 -13.21
CA THR A 338 37.89 -17.61 -12.59
C THR A 338 37.13 -17.05 -11.40
N PRO A 339 37.79 -16.27 -10.55
CA PRO A 339 37.06 -15.64 -9.44
C PRO A 339 35.97 -14.69 -9.90
N LEU A 340 36.19 -14.02 -11.03
CA LEU A 340 35.15 -13.19 -11.61
C LEU A 340 33.90 -14.00 -11.93
N ALA A 341 34.05 -15.01 -12.80
CA ALA A 341 32.92 -15.85 -13.15
C ALA A 341 32.41 -16.63 -11.96
N LEU A 342 33.25 -16.87 -10.95
CA LEU A 342 32.82 -17.60 -9.78
C LEU A 342 31.94 -16.76 -8.88
N ALA A 343 32.16 -15.44 -8.86
CA ALA A 343 31.27 -14.57 -8.11
C ALA A 343 29.97 -14.33 -8.87
N ALA A 344 30.00 -14.45 -10.19
CA ALA A 344 28.80 -14.36 -10.99
C ALA A 344 28.00 -15.65 -10.97
N GLY A 345 28.66 -16.80 -11.03
CA GLY A 345 27.94 -18.06 -10.96
C GLY A 345 27.39 -18.34 -9.59
N THR A 346 28.21 -18.10 -8.57
CA THR A 346 27.81 -18.32 -7.19
C THR A 346 26.91 -17.21 -6.65
N GLY A 347 26.63 -16.18 -7.44
CA GLY A 347 25.68 -15.17 -7.04
C GLY A 347 26.22 -14.11 -6.13
N LYS A 348 27.51 -13.79 -6.24
CA LYS A 348 28.18 -12.88 -5.31
C LYS A 348 28.26 -11.50 -5.97
N ILE A 349 27.15 -10.79 -5.85
CA ILE A 349 27.00 -9.48 -6.49
C ILE A 349 27.97 -8.46 -5.89
N GLY A 350 28.29 -8.57 -4.61
CA GLY A 350 29.16 -7.59 -3.98
C GLY A 350 30.57 -7.66 -4.55
N VAL A 351 31.10 -8.86 -4.69
CA VAL A 351 32.42 -9.02 -5.28
C VAL A 351 32.39 -8.63 -6.75
N LEU A 352 31.33 -9.00 -7.46
CA LEU A 352 31.22 -8.71 -8.87
C LEU A 352 31.21 -7.22 -9.12
N ALA A 353 30.46 -6.47 -8.30
CA ALA A 353 30.50 -5.02 -8.37
C ALA A 353 31.91 -4.47 -8.20
N TYR A 354 32.71 -5.11 -7.35
CA TYR A 354 34.08 -4.65 -7.17
C TYR A 354 34.94 -4.93 -8.40
N ILE A 355 34.95 -6.18 -8.85
CA ILE A 355 35.89 -6.60 -9.89
C ILE A 355 35.66 -5.84 -11.18
N LEU A 356 34.41 -5.46 -11.44
CA LEU A 356 34.09 -4.75 -12.67
C LEU A 356 34.43 -3.27 -12.55
N GLN A 357 34.07 -2.67 -11.42
CA GLN A 357 34.37 -1.28 -11.13
C GLN A 357 35.74 -1.08 -10.50
N ARG A 358 36.65 -2.05 -10.66
CA ARG A 358 37.91 -2.01 -9.95
C ARG A 358 38.81 -0.93 -10.54
N GLU A 359 39.02 0.14 -9.77
CA GLU A 359 39.99 1.17 -10.10
C GLU A 359 40.92 1.37 -8.93
N ILE A 360 42.23 1.24 -9.18
CA ILE A 360 43.27 1.38 -8.18
C ILE A 360 44.11 2.57 -8.62
N GLN A 361 44.14 3.62 -7.79
CA GLN A 361 44.88 4.84 -8.10
C GLN A 361 46.28 4.73 -7.54
N GLU A 362 47.19 4.16 -8.32
CA GLU A 362 48.62 4.26 -8.07
C GLU A 362 49.34 3.79 -9.32
N PRO A 363 50.59 4.22 -9.54
CA PRO A 363 51.23 3.95 -10.84
C PRO A 363 51.37 2.47 -11.18
N GLU A 364 52.01 1.68 -10.31
CA GLU A 364 52.34 0.31 -10.69
C GLU A 364 51.09 -0.56 -10.74
N CYS A 365 50.18 -0.39 -9.79
CA CYS A 365 48.93 -1.15 -9.73
C CYS A 365 47.79 -0.28 -10.26
N ARG A 366 47.79 -0.10 -11.57
CA ARG A 366 46.63 0.35 -12.32
C ARG A 366 46.32 -0.54 -13.50
N HIS A 367 47.28 -1.33 -13.98
CA HIS A 367 47.00 -2.34 -15.00
C HIS A 367 45.96 -3.33 -14.54
N LEU A 368 45.84 -3.55 -13.23
CA LEU A 368 44.79 -4.37 -12.68
C LEU A 368 43.50 -3.59 -12.43
N SER A 369 43.45 -2.31 -12.75
CA SER A 369 42.17 -1.62 -12.76
C SER A 369 41.38 -2.09 -13.97
N ARG A 370 40.06 -2.09 -13.82
CA ARG A 370 39.15 -2.38 -14.92
C ARG A 370 38.04 -1.35 -14.97
N LYS A 371 38.36 -0.12 -14.55
CA LYS A 371 37.49 1.06 -14.72
C LYS A 371 38.43 2.25 -14.88
N PHE A 372 38.74 2.59 -16.12
CA PHE A 372 39.70 3.63 -16.44
C PHE A 372 38.97 4.90 -16.86
N THR A 373 39.22 5.99 -16.14
CA THR A 373 38.76 7.31 -16.55
C THR A 373 39.70 7.87 -17.60
N GLU A 374 39.15 8.25 -18.76
CA GLU A 374 39.97 8.71 -19.87
C GLU A 374 40.09 10.24 -19.90
N TRP A 375 38.97 10.93 -20.04
CA TRP A 375 38.95 12.39 -20.18
C TRP A 375 37.95 12.98 -19.20
N ALA A 376 38.16 14.25 -18.89
CA ALA A 376 37.31 14.97 -17.95
C ALA A 376 37.40 16.45 -18.27
N TYR A 377 36.26 17.14 -18.14
CA TYR A 377 36.15 18.56 -18.37
C TYR A 377 35.36 19.20 -17.23
N GLY A 378 35.77 18.86 -16.01
CA GLY A 378 35.15 19.39 -14.81
C GLY A 378 34.10 18.45 -14.26
N PRO A 379 32.81 18.79 -14.37
CA PRO A 379 31.80 17.85 -13.87
C PRO A 379 31.71 16.59 -14.72
N VAL A 380 32.06 16.69 -15.99
CA VAL A 380 32.04 15.54 -16.90
C VAL A 380 33.29 14.71 -16.65
N HIS A 381 33.09 13.41 -16.40
CA HIS A 381 34.19 12.45 -16.34
C HIS A 381 33.75 11.16 -16.99
N SER A 382 34.62 10.61 -17.85
CA SER A 382 34.28 9.54 -18.77
C SER A 382 35.11 8.31 -18.48
N SER A 383 34.45 7.20 -18.16
CA SER A 383 35.10 5.95 -17.81
C SER A 383 35.33 5.08 -19.04
N LEU A 384 36.14 4.03 -18.85
CA LEU A 384 36.48 3.06 -19.89
C LEU A 384 36.44 1.64 -19.33
N TYR A 385 35.32 1.27 -18.71
CA TYR A 385 35.09 -0.06 -18.16
C TYR A 385 35.61 -1.17 -19.07
N ASP A 386 36.48 -2.02 -18.53
CA ASP A 386 37.04 -3.10 -19.33
C ASP A 386 36.01 -4.20 -19.53
N LEU A 387 36.03 -4.80 -20.72
CA LEU A 387 35.07 -5.80 -21.12
C LEU A 387 35.71 -7.17 -21.31
N SER A 388 36.97 -7.33 -20.93
CA SER A 388 37.64 -8.59 -21.16
C SER A 388 36.98 -9.65 -20.30
N CYS A 389 36.24 -10.54 -20.95
CA CYS A 389 35.55 -11.66 -20.32
C CYS A 389 34.36 -11.17 -19.48
N ILE A 390 33.64 -10.19 -20.01
CA ILE A 390 32.27 -9.90 -19.59
C ILE A 390 31.28 -10.31 -20.67
N ASP A 391 31.59 -10.03 -21.93
CA ASP A 391 30.79 -10.44 -23.06
C ASP A 391 31.53 -11.33 -24.03
N THR A 392 32.84 -11.11 -24.20
CA THR A 392 33.70 -11.95 -25.05
C THR A 392 34.64 -12.69 -24.13
N CYS A 393 34.35 -13.97 -23.89
CA CYS A 393 35.24 -14.83 -23.12
C CYS A 393 35.25 -16.18 -23.81
N GLU A 394 36.38 -16.87 -23.69
CA GLU A 394 36.43 -18.24 -24.16
C GLU A 394 35.60 -19.14 -23.27
N LYS A 395 35.80 -19.03 -21.97
CA LYS A 395 35.11 -19.84 -20.96
C LYS A 395 34.41 -18.91 -19.98
N ASN A 396 33.08 -19.01 -19.92
CA ASN A 396 32.28 -18.46 -18.83
C ASN A 396 32.44 -16.95 -18.71
N SER A 397 31.95 -16.24 -19.74
CA SER A 397 31.72 -14.81 -19.63
C SER A 397 30.84 -14.50 -18.43
N VAL A 398 30.95 -13.27 -17.92
CA VAL A 398 30.11 -12.84 -16.81
C VAL A 398 28.64 -12.90 -17.21
N LEU A 399 28.32 -12.50 -18.43
CA LEU A 399 26.93 -12.47 -18.86
C LEU A 399 26.41 -13.87 -19.13
N GLU A 400 27.27 -14.74 -19.66
CA GLU A 400 26.89 -16.13 -19.89
C GLU A 400 26.84 -16.95 -18.61
N VAL A 401 27.12 -16.34 -17.46
CA VAL A 401 27.06 -17.01 -16.18
C VAL A 401 26.01 -16.39 -15.27
N ILE A 402 25.62 -15.15 -15.51
CA ILE A 402 24.51 -14.53 -14.79
C ILE A 402 23.18 -15.00 -15.39
N ALA A 403 23.05 -14.84 -16.70
CA ALA A 403 21.79 -15.13 -17.38
C ALA A 403 21.52 -16.63 -17.38
N TYR A 404 22.53 -17.43 -17.71
CA TYR A 404 22.40 -18.87 -17.84
C TYR A 404 22.64 -19.60 -16.52
N SER A 405 22.39 -18.94 -15.40
CA SER A 405 22.62 -19.53 -14.09
C SER A 405 21.47 -20.44 -13.69
N SER A 406 21.80 -21.44 -12.87
CA SER A 406 20.78 -22.23 -12.21
C SER A 406 19.88 -21.33 -11.37
N SER A 407 18.66 -21.81 -11.12
CA SER A 407 17.63 -20.96 -10.56
C SER A 407 17.95 -20.45 -9.16
N GLU A 408 18.82 -21.13 -8.40
CA GLU A 408 19.04 -20.71 -7.01
C GLU A 408 20.01 -19.54 -6.96
N THR A 409 21.32 -19.82 -7.23
CA THR A 409 22.37 -18.91 -7.72
C THR A 409 22.11 -17.46 -7.37
N PRO A 410 22.10 -17.10 -6.08
CA PRO A 410 21.31 -15.96 -5.62
C PRO A 410 21.59 -14.65 -6.36
N ASN A 411 20.56 -13.81 -6.40
CA ASN A 411 20.65 -12.48 -7.00
C ASN A 411 20.94 -12.55 -8.50
N ARG A 412 20.36 -13.54 -9.18
CA ARG A 412 20.44 -13.61 -10.63
C ARG A 412 19.96 -12.31 -11.26
N HIS A 413 18.94 -11.71 -10.67
CA HIS A 413 18.26 -10.59 -11.24
C HIS A 413 18.84 -9.24 -10.78
N ASP A 414 19.75 -9.26 -9.82
CA ASP A 414 20.47 -8.06 -9.41
C ASP A 414 21.87 -7.97 -9.99
N MET A 415 22.46 -9.10 -10.40
CA MET A 415 23.83 -9.09 -10.92
C MET A 415 23.99 -8.30 -12.20
N LEU A 416 22.90 -7.96 -12.90
CA LEU A 416 22.97 -7.17 -14.11
C LEU A 416 22.80 -5.69 -13.86
N LEU A 417 22.18 -5.30 -12.75
CA LEU A 417 22.15 -3.90 -12.33
C LEU A 417 23.54 -3.38 -11.98
N VAL A 418 24.49 -4.27 -11.74
CA VAL A 418 25.89 -3.90 -11.62
C VAL A 418 26.29 -3.19 -12.91
N GLU A 419 26.63 -1.92 -12.80
CA GLU A 419 27.19 -1.20 -13.93
C GLU A 419 28.51 -1.86 -14.31
N PRO A 420 28.86 -1.92 -15.61
CA PRO A 420 28.28 -1.50 -16.89
C PRO A 420 27.34 -2.49 -17.59
N LEU A 421 26.78 -3.45 -16.85
CA LEU A 421 26.08 -4.55 -17.52
C LEU A 421 24.70 -4.12 -18.00
N ASN A 422 23.94 -3.43 -17.16
CA ASN A 422 22.66 -2.85 -17.58
C ASN A 422 22.86 -1.92 -18.77
N ARG A 423 24.00 -1.23 -18.81
CA ARG A 423 24.29 -0.24 -19.83
C ARG A 423 24.91 -0.84 -21.08
N LEU A 424 25.57 -2.00 -20.95
CA LEU A 424 26.15 -2.65 -22.11
C LEU A 424 25.11 -3.45 -22.88
N LEU A 425 24.22 -4.13 -22.17
CA LEU A 425 23.15 -4.86 -22.84
C LEU A 425 22.22 -3.90 -23.56
N GLN A 426 21.90 -2.77 -22.93
CA GLN A 426 21.13 -1.73 -23.59
C GLN A 426 21.85 -1.18 -24.81
N ASP A 427 23.18 -1.28 -24.85
CA ASP A 427 23.91 -0.91 -26.05
C ASP A 427 23.77 -1.99 -27.11
N LYS A 428 23.88 -3.25 -26.71
CA LYS A 428 23.66 -4.34 -27.65
C LYS A 428 22.22 -4.34 -28.13
N TRP A 429 21.28 -3.97 -27.25
CA TRP A 429 19.88 -3.90 -27.64
C TRP A 429 19.65 -2.81 -28.66
N ASP A 430 20.04 -1.58 -28.32
CA ASP A 430 19.85 -0.45 -29.21
C ASP A 430 20.61 -0.58 -30.52
N ARG A 431 21.64 -1.42 -30.57
CA ARG A 431 22.55 -1.48 -31.71
C ARG A 431 22.24 -2.62 -32.68
N PHE A 432 22.22 -3.87 -32.21
CA PHE A 432 22.10 -5.01 -33.11
C PHE A 432 21.20 -6.13 -32.63
N VAL A 433 20.30 -5.90 -31.68
CA VAL A 433 19.39 -6.94 -31.20
C VAL A 433 17.94 -6.46 -31.29
N LYS A 434 17.74 -5.15 -31.20
CA LYS A 434 16.39 -4.61 -31.38
C LYS A 434 15.90 -4.85 -32.81
N ARG A 435 16.81 -4.82 -33.77
CA ARG A 435 16.42 -5.07 -35.15
C ARG A 435 16.16 -6.55 -35.40
N ILE A 436 16.99 -7.42 -34.84
CA ILE A 436 16.83 -8.85 -35.05
C ILE A 436 15.63 -9.36 -34.28
N PHE A 437 15.48 -8.93 -33.04
CA PHE A 437 14.38 -9.39 -32.20
C PHE A 437 13.04 -9.02 -32.80
N TYR A 438 12.91 -7.79 -33.28
CA TYR A 438 11.69 -7.37 -33.96
C TYR A 438 11.53 -8.07 -35.30
N PHE A 439 12.60 -8.67 -35.84
CA PHE A 439 12.48 -9.54 -36.99
C PHE A 439 12.11 -10.95 -36.57
N ASN A 440 12.59 -11.39 -35.41
CA ASN A 440 12.11 -12.64 -34.85
C ASN A 440 10.63 -12.55 -34.52
N PHE A 441 10.17 -11.38 -34.08
CA PHE A 441 8.77 -11.19 -33.75
C PHE A 441 7.91 -11.16 -35.00
N LEU A 442 8.41 -10.53 -36.06
CA LEU A 442 7.72 -10.55 -37.34
C LEU A 442 7.49 -11.99 -37.81
N VAL A 443 8.57 -12.75 -37.96
CA VAL A 443 8.48 -14.10 -38.51
C VAL A 443 7.57 -14.98 -37.67
N TYR A 444 7.58 -14.77 -36.36
CA TYR A 444 6.72 -15.56 -35.51
C TYR A 444 5.27 -15.16 -35.70
N CYS A 445 5.00 -13.86 -35.81
CA CYS A 445 3.67 -13.39 -36.13
C CYS A 445 3.18 -13.91 -37.47
N LEU A 446 4.01 -13.78 -38.50
CA LEU A 446 3.65 -14.35 -39.79
C LEU A 446 3.43 -15.84 -39.70
N TYR A 447 4.30 -16.52 -38.96
CA TYR A 447 4.15 -17.96 -38.74
C TYR A 447 2.82 -18.27 -38.09
N MET A 448 2.45 -17.52 -37.07
CA MET A 448 1.15 -17.71 -36.45
C MET A 448 0.01 -17.33 -37.37
N ILE A 449 0.19 -16.30 -38.17
CA ILE A 449 -0.80 -15.94 -39.18
C ILE A 449 -0.94 -17.06 -40.20
N ILE A 450 0.15 -17.79 -40.45
CA ILE A 450 0.15 -18.83 -41.48
C ILE A 450 -0.37 -20.14 -40.90
N PHE A 451 0.03 -20.47 -39.67
CA PHE A 451 -0.49 -21.65 -39.00
C PHE A 451 -1.95 -21.48 -38.58
N THR A 452 -2.45 -20.26 -38.62
CA THR A 452 -3.81 -20.01 -38.19
C THR A 452 -4.80 -20.20 -39.33
N MET A 453 -4.47 -19.67 -40.51
CA MET A 453 -5.36 -19.83 -41.65
C MET A 453 -5.28 -21.22 -42.23
N ALA A 454 -4.12 -21.87 -42.14
CA ALA A 454 -4.03 -23.26 -42.51
C ALA A 454 -4.80 -24.14 -41.54
N ALA A 455 -5.01 -23.67 -40.32
CA ALA A 455 -5.82 -24.33 -39.32
C ALA A 455 -7.28 -23.90 -39.42
N TYR A 456 -7.52 -22.62 -39.69
CA TYR A 456 -8.88 -22.12 -39.85
C TYR A 456 -9.53 -22.71 -41.10
N TYR A 457 -8.77 -22.82 -42.19
CA TYR A 457 -9.24 -23.37 -43.45
C TYR A 457 -8.90 -24.84 -43.57
N ARG A 458 -8.92 -25.56 -42.45
CA ARG A 458 -8.65 -26.97 -42.48
C ARG A 458 -9.80 -27.70 -43.18
N PRO A 459 -9.58 -28.91 -43.67
CA PRO A 459 -10.70 -29.70 -44.16
C PRO A 459 -11.58 -30.21 -43.05
N VAL A 460 -12.83 -30.45 -43.41
CA VAL A 460 -13.83 -31.03 -42.51
C VAL A 460 -14.50 -32.26 -43.11
N ASP A 461 -14.07 -32.70 -44.29
CA ASP A 461 -14.78 -33.70 -45.09
C ASP A 461 -13.79 -34.78 -45.47
N GLY A 462 -13.72 -35.83 -44.65
CA GLY A 462 -12.90 -36.99 -44.91
C GLY A 462 -12.07 -37.37 -43.70
N LEU A 463 -10.92 -38.00 -43.98
CA LEU A 463 -9.90 -38.30 -43.00
C LEU A 463 -8.61 -37.62 -43.40
N PRO A 464 -7.67 -37.46 -42.47
CA PRO A 464 -6.34 -37.05 -42.86
C PRO A 464 -5.53 -38.25 -43.33
N PRO A 465 -4.50 -38.04 -44.17
CA PRO A 465 -4.05 -36.82 -44.82
C PRO A 465 -4.90 -36.45 -46.04
N PHE A 466 -5.61 -35.34 -45.93
CA PHE A 466 -6.42 -34.84 -47.02
C PHE A 466 -5.54 -34.55 -48.23
N LYS A 467 -6.20 -34.45 -49.39
CA LYS A 467 -5.53 -34.40 -50.68
C LYS A 467 -5.84 -33.11 -51.40
N MET A 468 -4.90 -32.67 -52.24
CA MET A 468 -4.99 -31.40 -52.94
C MET A 468 -5.80 -31.58 -54.22
N GLU A 469 -6.88 -30.82 -54.34
CA GLU A 469 -7.73 -30.84 -55.53
C GLU A 469 -7.77 -29.49 -56.22
N LYS A 470 -8.06 -28.41 -55.49
CA LYS A 470 -8.22 -27.08 -56.05
C LYS A 470 -6.99 -26.22 -55.79
N THR A 471 -7.03 -25.00 -56.33
CA THR A 471 -5.91 -24.07 -56.18
C THR A 471 -5.72 -23.67 -54.72
N GLY A 472 -6.82 -23.35 -54.03
CA GLY A 472 -6.73 -22.88 -52.66
C GLY A 472 -6.15 -23.90 -51.69
N ASP A 473 -6.15 -25.18 -52.06
CA ASP A 473 -5.50 -26.19 -51.23
C ASP A 473 -3.99 -26.27 -51.48
N TYR A 474 -3.49 -25.64 -52.54
CA TYR A 474 -2.05 -25.52 -52.72
C TYR A 474 -1.48 -24.36 -51.92
N PHE A 475 -2.31 -23.36 -51.62
CA PHE A 475 -1.85 -22.25 -50.78
C PHE A 475 -1.80 -22.67 -49.32
N ARG A 476 -2.71 -23.54 -48.88
CA ARG A 476 -2.68 -23.97 -47.49
C ARG A 476 -1.61 -25.00 -47.22
N VAL A 477 -1.31 -25.87 -48.19
CA VAL A 477 -0.36 -26.94 -47.90
C VAL A 477 1.00 -26.33 -47.58
N THR A 478 1.42 -25.33 -48.35
CA THR A 478 2.55 -24.51 -47.97
C THR A 478 2.34 -23.91 -46.60
N GLY A 479 1.13 -23.42 -46.33
CA GLY A 479 0.78 -22.99 -44.99
C GLY A 479 0.89 -24.09 -43.96
N GLU A 480 0.70 -25.34 -44.38
CA GLU A 480 0.91 -26.48 -43.50
C GLU A 480 2.36 -26.91 -43.47
N ILE A 481 3.06 -26.88 -44.61
CA ILE A 481 4.50 -27.12 -44.61
C ILE A 481 5.19 -26.08 -43.75
N LEU A 482 5.09 -24.80 -44.15
CA LEU A 482 5.71 -23.71 -43.42
C LEU A 482 5.28 -23.65 -41.97
N SER A 483 4.17 -24.28 -41.61
CA SER A 483 3.76 -24.40 -40.22
C SER A 483 4.57 -25.45 -39.48
N VAL A 484 4.65 -26.67 -40.05
CA VAL A 484 5.32 -27.77 -39.35
C VAL A 484 6.80 -27.50 -39.18
N LEU A 485 7.42 -26.86 -40.19
CA LEU A 485 8.86 -26.63 -40.13
C LEU A 485 9.25 -25.78 -38.94
N GLY A 486 8.45 -24.76 -38.63
CA GLY A 486 8.65 -24.03 -37.39
C GLY A 486 8.52 -24.92 -36.18
N GLY A 487 7.64 -25.91 -36.24
CA GLY A 487 7.55 -26.89 -35.17
C GLY A 487 8.70 -27.85 -35.12
N VAL A 488 9.46 -27.98 -36.21
CA VAL A 488 10.75 -28.64 -36.15
C VAL A 488 11.78 -27.67 -35.59
N TYR A 489 11.68 -26.40 -35.97
CA TYR A 489 12.61 -25.41 -35.45
C TYR A 489 12.47 -25.25 -33.95
N PHE A 490 11.26 -24.92 -33.47
CA PHE A 490 11.06 -24.77 -32.04
C PHE A 490 11.24 -26.07 -31.28
N PHE A 491 11.21 -27.21 -31.97
CA PHE A 491 11.59 -28.48 -31.35
C PHE A 491 13.09 -28.56 -31.16
N PHE A 492 13.84 -28.48 -32.26
CA PHE A 492 15.30 -28.52 -32.19
C PHE A 492 15.84 -27.35 -31.39
N ARG A 493 15.30 -26.16 -31.59
CA ARG A 493 15.65 -25.01 -30.77
C ARG A 493 15.36 -25.25 -29.29
N GLY A 494 14.50 -26.21 -28.96
CA GLY A 494 14.23 -26.58 -27.59
C GLY A 494 15.10 -27.72 -27.13
N ILE A 495 15.41 -28.66 -28.02
CA ILE A 495 16.33 -29.73 -27.68
C ILE A 495 17.72 -29.17 -27.41
N GLN A 496 18.16 -28.22 -28.24
CA GLN A 496 19.43 -27.55 -28.00
C GLN A 496 19.48 -26.95 -26.60
N TYR A 497 18.44 -26.21 -26.24
CA TYR A 497 18.31 -25.65 -24.90
C TYR A 497 18.42 -26.69 -23.80
N PHE A 498 18.21 -27.97 -24.12
CA PHE A 498 18.47 -29.06 -23.20
C PHE A 498 19.64 -29.94 -23.64
N LEU A 499 20.50 -29.43 -24.51
CA LEU A 499 21.78 -30.07 -24.83
C LEU A 499 22.96 -29.13 -24.93
N GLN A 500 22.77 -27.82 -25.09
CA GLN A 500 23.84 -26.84 -24.99
C GLN A 500 23.78 -26.06 -23.69
N ARG A 501 22.85 -26.39 -22.80
CA ARG A 501 22.86 -25.93 -21.42
C ARG A 501 22.75 -27.12 -20.48
N ARG A 502 21.96 -28.11 -20.87
CA ARG A 502 21.66 -29.28 -20.05
C ARG A 502 21.22 -28.89 -18.62
N PRO A 503 20.16 -28.11 -18.50
CA PRO A 503 19.69 -27.73 -17.17
C PRO A 503 19.12 -28.92 -16.41
N SER A 504 19.30 -28.88 -15.10
CA SER A 504 18.94 -29.97 -14.20
C SER A 504 17.44 -30.27 -14.28
N MET A 505 17.06 -31.37 -13.64
CA MET A 505 15.67 -31.81 -13.62
C MET A 505 14.75 -30.74 -13.05
N LYS A 506 15.16 -30.13 -11.92
CA LYS A 506 14.40 -29.02 -11.35
C LYS A 506 14.29 -27.86 -12.33
N THR A 507 15.38 -27.57 -13.04
CA THR A 507 15.44 -26.40 -13.91
C THR A 507 14.79 -26.63 -15.27
N LEU A 508 13.98 -27.68 -15.40
CA LEU A 508 12.95 -27.71 -16.45
C LEU A 508 11.73 -26.91 -16.01
N PHE A 509 11.38 -26.98 -14.72
CA PHE A 509 10.07 -26.57 -14.24
C PHE A 509 10.12 -25.44 -13.21
N VAL A 510 11.21 -24.67 -13.13
CA VAL A 510 11.27 -23.57 -12.16
C VAL A 510 11.69 -22.26 -12.80
N ASP A 511 12.45 -22.29 -13.92
CA ASP A 511 12.92 -21.05 -14.53
C ASP A 511 12.98 -21.05 -16.05
N SER A 512 12.55 -22.12 -16.73
CA SER A 512 12.70 -22.26 -18.18
C SER A 512 11.36 -22.18 -18.89
N TYR A 513 10.45 -21.39 -18.33
CA TYR A 513 9.03 -21.53 -18.63
C TYR A 513 8.71 -21.20 -20.07
N SER A 514 9.35 -20.17 -20.60
CA SER A 514 9.12 -19.80 -21.99
C SER A 514 9.61 -20.87 -22.93
N GLU A 515 10.87 -21.28 -22.78
CA GLU A 515 11.47 -22.32 -23.60
C GLU A 515 10.68 -23.61 -23.58
N MET A 516 9.94 -23.87 -22.51
CA MET A 516 9.06 -25.02 -22.48
C MET A 516 7.86 -24.82 -23.40
N LEU A 517 7.24 -23.65 -23.35
CA LEU A 517 5.98 -23.43 -24.05
C LEU A 517 6.15 -23.27 -25.55
N PHE A 518 7.35 -22.99 -26.02
CA PHE A 518 7.64 -23.09 -27.45
C PHE A 518 8.00 -24.50 -27.85
N PHE A 519 8.65 -25.24 -26.95
CA PHE A 519 8.90 -26.65 -27.20
C PHE A 519 7.62 -27.45 -27.09
N LEU A 520 6.82 -27.13 -26.08
CA LEU A 520 5.52 -27.75 -25.90
C LEU A 520 4.61 -27.52 -27.09
N GLN A 521 4.60 -26.28 -27.60
CA GLN A 521 3.92 -25.99 -28.84
C GLN A 521 4.41 -26.88 -29.97
N SER A 522 5.70 -27.19 -29.98
CA SER A 522 6.26 -28.04 -31.02
C SER A 522 5.85 -29.48 -30.85
N LEU A 523 5.65 -29.92 -29.60
CA LEU A 523 5.17 -31.28 -29.37
C LEU A 523 3.74 -31.43 -29.85
N PHE A 524 2.89 -30.45 -29.54
CA PHE A 524 1.52 -30.45 -30.07
C PHE A 524 1.51 -30.30 -31.58
N MET A 525 2.57 -29.76 -32.17
CA MET A 525 2.70 -29.71 -33.61
C MET A 525 3.14 -31.06 -34.16
N LEU A 526 4.17 -31.64 -33.57
CA LEU A 526 4.69 -32.91 -34.05
C LEU A 526 3.91 -34.10 -33.52
N ALA A 527 2.92 -33.85 -32.67
CA ALA A 527 1.81 -34.79 -32.51
C ALA A 527 0.75 -34.57 -33.58
N THR A 528 0.67 -33.35 -34.13
CA THR A 528 -0.26 -33.00 -35.18
C THR A 528 0.24 -33.46 -36.56
N VAL A 529 1.49 -33.90 -36.65
CA VAL A 529 1.99 -34.53 -37.88
C VAL A 529 1.79 -36.04 -37.80
N VAL A 530 2.07 -36.62 -36.64
CA VAL A 530 1.91 -38.06 -36.45
C VAL A 530 0.45 -38.46 -36.67
N LEU A 531 -0.47 -37.63 -36.20
CA LEU A 531 -1.88 -37.95 -36.24
C LEU A 531 -2.58 -37.48 -37.50
N TYR A 532 -1.94 -36.61 -38.29
CA TYR A 532 -2.42 -36.29 -39.62
C TYR A 532 -1.99 -37.31 -40.65
N PHE A 533 -1.04 -38.19 -40.29
CA PHE A 533 -0.65 -39.31 -41.11
C PHE A 533 -1.05 -40.66 -40.53
N SER A 534 -1.49 -40.68 -39.27
CA SER A 534 -2.04 -41.88 -38.66
C SER A 534 -3.51 -42.10 -39.00
N HIS A 535 -4.09 -41.28 -39.87
CA HIS A 535 -5.50 -41.37 -40.25
C HIS A 535 -6.39 -41.20 -39.01
N LEU A 536 -6.28 -40.02 -38.41
CA LEU A 536 -6.91 -39.74 -37.13
C LEU A 536 -7.20 -38.25 -37.05
N LYS A 537 -8.44 -37.89 -36.73
CA LYS A 537 -8.83 -36.49 -36.67
C LYS A 537 -8.44 -35.82 -35.35
N GLU A 538 -7.68 -36.49 -34.49
CA GLU A 538 -7.19 -35.90 -33.26
C GLU A 538 -6.03 -34.95 -33.48
N TYR A 539 -5.56 -34.78 -34.72
CA TYR A 539 -4.58 -33.75 -34.98
C TYR A 539 -5.13 -32.38 -34.63
N VAL A 540 -6.43 -32.18 -34.82
CA VAL A 540 -7.06 -30.90 -34.51
C VAL A 540 -6.95 -30.62 -33.02
N ALA A 541 -7.25 -31.62 -32.20
CA ALA A 541 -7.09 -31.50 -30.76
C ALA A 541 -5.69 -31.02 -30.39
N SER A 542 -4.68 -31.56 -31.05
CA SER A 542 -3.33 -31.08 -30.84
C SER A 542 -3.08 -29.74 -31.50
N MET A 543 -3.74 -29.49 -32.62
CA MET A 543 -3.43 -28.33 -33.44
C MET A 543 -3.97 -27.04 -32.86
N VAL A 544 -5.13 -27.10 -32.20
CA VAL A 544 -5.67 -25.91 -31.57
C VAL A 544 -4.87 -25.56 -30.32
N PHE A 545 -4.42 -26.58 -29.60
CA PHE A 545 -3.49 -26.36 -28.50
C PHE A 545 -2.21 -25.69 -28.96
N SER A 546 -1.73 -26.02 -30.15
CA SER A 546 -0.56 -25.35 -30.70
C SER A 546 -0.85 -23.89 -30.98
N LEU A 547 -2.01 -23.57 -31.56
CA LEU A 547 -2.37 -22.18 -31.78
C LEU A 547 -2.47 -21.42 -30.48
N ALA A 548 -3.21 -21.97 -29.51
CA ALA A 548 -3.42 -21.30 -28.24
C ALA A 548 -2.11 -21.06 -27.53
N LEU A 549 -1.25 -22.07 -27.47
CA LEU A 549 0.12 -21.85 -27.02
C LEU A 549 0.81 -20.83 -27.89
N GLY A 550 0.59 -20.90 -29.19
CA GLY A 550 1.35 -20.09 -30.10
C GLY A 550 1.11 -18.60 -29.93
N TRP A 551 -0.15 -18.20 -29.93
CA TRP A 551 -0.46 -16.78 -29.79
C TRP A 551 -0.12 -16.28 -28.39
N THR A 552 -0.45 -17.07 -27.37
CA THR A 552 -0.04 -16.76 -26.01
C THR A 552 1.46 -16.56 -25.89
N ASN A 553 2.22 -17.24 -26.73
CA ASN A 553 3.66 -17.11 -26.76
C ASN A 553 4.14 -15.85 -27.46
N MET A 554 3.24 -15.00 -27.95
CA MET A 554 3.63 -13.62 -28.22
C MET A 554 4.08 -12.92 -26.96
N LEU A 555 3.53 -13.33 -25.82
CA LEU A 555 3.92 -12.81 -24.53
C LEU A 555 5.38 -13.12 -24.21
N TYR A 556 6.04 -13.98 -24.99
CA TYR A 556 7.49 -13.96 -25.04
C TYR A 556 7.98 -12.64 -25.60
N TYR A 557 7.67 -12.38 -26.86
CA TYR A 557 8.32 -11.33 -27.62
C TYR A 557 7.98 -9.95 -27.17
N THR A 558 7.07 -9.80 -26.24
CA THR A 558 6.79 -8.52 -25.63
C THR A 558 7.80 -8.17 -24.54
N ARG A 559 8.90 -8.92 -24.46
CA ARG A 559 10.02 -8.59 -23.61
C ARG A 559 11.03 -7.67 -24.27
N GLY A 560 10.85 -7.35 -25.53
CA GLY A 560 11.56 -6.24 -26.12
C GLY A 560 10.99 -4.89 -25.78
N PHE A 561 10.07 -4.82 -24.83
CA PHE A 561 9.38 -3.60 -24.45
C PHE A 561 9.23 -3.59 -22.94
N GLN A 562 9.65 -2.49 -22.32
CA GLN A 562 9.77 -2.44 -20.88
C GLN A 562 8.42 -2.63 -20.21
N GLN A 563 7.50 -1.71 -20.44
CA GLN A 563 6.24 -1.72 -19.69
C GLN A 563 5.40 -2.92 -20.05
N MET A 564 5.54 -3.43 -21.27
CA MET A 564 4.86 -4.65 -21.65
C MET A 564 5.60 -5.90 -21.19
N GLY A 565 6.92 -5.86 -21.17
CA GLY A 565 7.69 -7.01 -20.76
C GLY A 565 7.62 -7.23 -19.27
N ILE A 566 7.59 -6.13 -18.51
CA ILE A 566 7.33 -6.23 -17.08
C ILE A 566 5.92 -6.76 -16.85
N TYR A 567 4.98 -6.39 -17.71
CA TYR A 567 3.63 -6.89 -17.59
C TYR A 567 3.58 -8.39 -17.82
N ALA A 568 4.36 -8.88 -18.77
CA ALA A 568 4.42 -10.31 -19.02
C ALA A 568 5.05 -11.07 -17.86
N VAL A 569 5.87 -10.39 -17.06
CA VAL A 569 6.51 -11.04 -15.93
C VAL A 569 5.58 -11.05 -14.73
N MET A 570 4.84 -9.97 -14.52
CA MET A 570 3.80 -10.00 -13.51
C MET A 570 2.81 -11.11 -13.80
N ILE A 571 2.44 -11.32 -15.07
CA ILE A 571 1.57 -12.44 -15.43
C ILE A 571 2.16 -13.76 -14.97
N GLU A 572 3.45 -13.98 -15.21
CA GLU A 572 4.11 -15.17 -14.69
C GLU A 572 3.98 -15.24 -13.18
N LYS A 573 4.36 -14.19 -12.49
CA LYS A 573 4.36 -14.17 -11.05
C LYS A 573 2.97 -14.12 -10.44
N MET A 574 1.90 -14.14 -11.25
CA MET A 574 0.54 -14.35 -10.77
C MET A 574 0.04 -15.75 -11.07
N ILE A 575 0.42 -16.30 -12.21
CA ILE A 575 0.02 -17.66 -12.57
C ILE A 575 0.53 -18.66 -11.56
N LEU A 576 1.67 -18.38 -10.93
CA LEU A 576 2.39 -19.34 -10.12
C LEU A 576 2.19 -19.06 -8.63
N ARG A 577 2.17 -17.79 -8.28
CA ARG A 577 2.03 -17.36 -6.90
C ARG A 577 0.59 -17.27 -6.45
N ASP A 578 -0.26 -16.59 -7.21
CA ASP A 578 -1.62 -16.27 -6.80
C ASP A 578 -2.68 -17.16 -7.43
N LEU A 579 -2.48 -17.61 -8.66
CA LEU A 579 -3.47 -18.42 -9.34
C LEU A 579 -3.32 -19.90 -9.04
N CYS A 580 -2.11 -20.35 -8.70
CA CYS A 580 -1.94 -21.73 -8.27
C CYS A 580 -2.53 -21.95 -6.89
N ARG A 581 -2.20 -21.08 -5.95
CA ARG A 581 -2.82 -21.13 -4.63
C ARG A 581 -4.34 -21.06 -4.75
N PHE A 582 -4.83 -20.19 -5.62
CA PHE A 582 -6.25 -20.04 -5.86
C PHE A 582 -6.86 -21.32 -6.41
N MET A 583 -6.28 -21.83 -7.50
CA MET A 583 -6.93 -22.90 -8.23
C MET A 583 -6.78 -24.25 -7.56
N PHE A 584 -5.93 -24.37 -6.54
CA PHE A 584 -6.00 -25.54 -5.68
C PHE A 584 -7.25 -25.46 -4.80
N VAL A 585 -7.33 -24.40 -3.99
CA VAL A 585 -8.44 -24.23 -3.08
C VAL A 585 -9.75 -24.15 -3.83
N TYR A 586 -9.74 -23.51 -5.00
CA TYR A 586 -10.97 -23.40 -5.78
C TYR A 586 -11.45 -24.75 -6.25
N ILE A 587 -10.54 -25.66 -6.57
CA ILE A 587 -10.94 -26.98 -7.04
C ILE A 587 -11.38 -27.86 -5.89
N VAL A 588 -10.77 -27.69 -4.72
CA VAL A 588 -11.24 -28.34 -3.51
C VAL A 588 -12.70 -27.98 -3.26
N PHE A 589 -12.99 -26.69 -3.24
CA PHE A 589 -14.35 -26.23 -3.04
C PHE A 589 -15.25 -26.70 -4.17
N LEU A 590 -14.84 -26.48 -5.41
CA LEU A 590 -15.65 -26.86 -6.56
C LEU A 590 -15.97 -28.34 -6.53
N PHE A 591 -14.96 -29.17 -6.39
CA PHE A 591 -15.20 -30.60 -6.29
C PHE A 591 -15.82 -30.97 -4.96
N GLY A 592 -15.51 -30.20 -3.91
CA GLY A 592 -16.17 -30.40 -2.64
C GLY A 592 -17.67 -30.26 -2.73
N PHE A 593 -18.14 -29.08 -3.14
CA PHE A 593 -19.56 -28.82 -3.22
C PHE A 593 -20.22 -29.49 -4.41
N SER A 594 -19.46 -29.83 -5.44
CA SER A 594 -20.04 -30.52 -6.60
C SER A 594 -20.54 -31.89 -6.21
N THR A 595 -19.65 -32.71 -5.65
CA THR A 595 -20.02 -33.99 -5.09
C THR A 595 -21.20 -33.87 -4.15
N ALA A 596 -21.19 -32.84 -3.33
CA ALA A 596 -22.27 -32.58 -2.41
C ALA A 596 -23.58 -32.26 -3.15
N VAL A 597 -23.49 -31.66 -4.33
CA VAL A 597 -24.69 -31.33 -5.10
C VAL A 597 -25.17 -32.54 -5.90
N VAL A 598 -24.25 -33.21 -6.60
CA VAL A 598 -24.65 -34.33 -7.44
C VAL A 598 -25.05 -35.53 -6.61
N THR A 599 -24.52 -35.63 -5.41
CA THR A 599 -25.08 -36.55 -4.42
C THR A 599 -26.56 -36.29 -4.21
N LEU A 600 -26.90 -35.04 -3.92
CA LEU A 600 -28.28 -34.67 -3.67
C LEU A 600 -29.13 -34.84 -4.92
N ILE A 601 -28.55 -34.67 -6.10
CA ILE A 601 -29.30 -34.83 -7.34
C ILE A 601 -29.59 -36.30 -7.54
N GLU A 602 -30.75 -36.59 -8.11
CA GLU A 602 -31.22 -37.92 -8.41
C GLU A 602 -31.61 -38.01 -9.88
N ASP A 603 -32.02 -39.21 -10.29
CA ASP A 603 -32.49 -39.58 -11.63
C ASP A 603 -32.00 -38.74 -12.81
N SER A 629 -29.55 -33.64 -17.66
CA SER A 629 -28.99 -34.78 -16.96
C SER A 629 -27.94 -34.33 -15.96
N TYR A 630 -28.35 -33.49 -15.01
CA TYR A 630 -27.46 -32.94 -14.02
C TYR A 630 -27.05 -33.94 -12.94
N ASN A 631 -27.49 -35.19 -13.03
CA ASN A 631 -26.96 -36.25 -12.17
C ASN A 631 -25.62 -36.74 -12.73
N SER A 632 -24.68 -35.81 -12.77
CA SER A 632 -23.35 -36.06 -13.30
C SER A 632 -22.37 -35.13 -12.60
N LEU A 633 -21.17 -35.65 -12.40
CA LEU A 633 -20.14 -34.90 -11.71
C LEU A 633 -19.49 -33.88 -12.61
N TYR A 634 -19.53 -34.09 -13.91
CA TYR A 634 -18.97 -33.11 -14.82
C TYR A 634 -19.83 -31.85 -14.86
N SER A 635 -21.10 -32.02 -15.23
CA SER A 635 -21.98 -30.89 -15.44
C SER A 635 -22.20 -30.10 -14.16
N THR A 636 -22.15 -30.77 -13.03
CA THR A 636 -22.25 -30.08 -11.75
C THR A 636 -20.97 -29.31 -11.45
N CYS A 637 -19.81 -29.92 -11.66
CA CYS A 637 -18.55 -29.20 -11.59
C CYS A 637 -18.49 -28.11 -12.65
N LEU A 638 -19.19 -28.31 -13.74
CA LEU A 638 -19.26 -27.33 -14.82
C LEU A 638 -20.23 -26.21 -14.49
N GLU A 639 -21.41 -26.54 -13.98
CA GLU A 639 -22.38 -25.51 -13.62
C GLU A 639 -21.93 -24.70 -12.43
N LEU A 640 -21.09 -25.26 -11.58
CA LEU A 640 -20.54 -24.52 -10.46
C LEU A 640 -19.30 -23.73 -10.82
N PHE A 641 -18.69 -23.99 -11.96
CA PHE A 641 -17.69 -23.08 -12.48
C PHE A 641 -18.33 -21.86 -13.12
N LYS A 642 -19.65 -21.85 -13.25
CA LYS A 642 -20.31 -20.72 -13.87
C LYS A 642 -20.66 -19.63 -12.87
N PHE A 643 -20.75 -19.96 -11.58
CA PHE A 643 -20.94 -18.92 -10.58
C PHE A 643 -19.75 -17.97 -10.53
N THR A 644 -18.57 -18.47 -10.87
CA THR A 644 -17.36 -17.68 -10.75
C THR A 644 -17.12 -16.80 -11.96
N ILE A 645 -17.63 -17.20 -13.12
CA ILE A 645 -17.60 -16.37 -14.32
C ILE A 645 -18.89 -15.57 -14.49
N GLY A 646 -19.67 -15.42 -13.42
CA GLY A 646 -20.88 -14.65 -13.50
C GLY A 646 -21.95 -15.27 -14.33
N MET A 647 -22.05 -16.59 -14.37
CA MET A 647 -23.06 -17.27 -15.16
C MET A 647 -23.70 -18.42 -14.40
N GLY A 648 -23.77 -18.30 -13.09
CA GLY A 648 -24.36 -19.31 -12.25
C GLY A 648 -25.84 -19.18 -12.00
N ASP A 649 -26.58 -20.18 -12.44
CA ASP A 649 -27.99 -20.29 -12.14
C ASP A 649 -28.10 -21.00 -10.81
N LEU A 650 -28.89 -20.44 -9.89
CA LEU A 650 -29.19 -21.11 -8.64
C LEU A 650 -30.38 -22.04 -8.74
N GLU A 651 -30.83 -22.31 -9.96
CA GLU A 651 -32.00 -23.14 -10.22
C GLU A 651 -31.72 -24.05 -11.41
N PHE A 652 -30.49 -24.52 -11.53
CA PHE A 652 -30.16 -25.42 -12.63
C PHE A 652 -30.63 -26.84 -12.40
N THR A 653 -31.19 -27.15 -11.23
CA THR A 653 -31.91 -28.39 -11.03
C THR A 653 -33.12 -28.12 -10.15
N GLU A 654 -34.22 -28.76 -10.52
CA GLU A 654 -35.29 -29.08 -9.60
C GLU A 654 -35.28 -30.55 -9.24
N ASN A 655 -34.31 -31.31 -9.74
CA ASN A 655 -34.20 -32.74 -9.50
C ASN A 655 -33.37 -32.94 -8.24
N TYR A 656 -34.00 -32.71 -7.10
CA TYR A 656 -33.43 -32.95 -5.79
C TYR A 656 -34.61 -33.26 -4.87
N ASP A 657 -34.30 -33.56 -3.61
CA ASP A 657 -35.33 -33.84 -2.63
C ASP A 657 -35.43 -32.77 -1.55
N PHE A 658 -34.39 -31.97 -1.35
CA PHE A 658 -34.39 -30.96 -0.29
C PHE A 658 -33.82 -29.67 -0.83
N LYS A 659 -34.64 -28.61 -0.81
CA LYS A 659 -34.26 -27.34 -1.44
C LYS A 659 -33.36 -26.51 -0.57
N ALA A 660 -33.57 -26.51 0.74
CA ALA A 660 -32.68 -25.77 1.60
C ALA A 660 -31.26 -26.32 1.51
N VAL A 661 -31.15 -27.63 1.34
CA VAL A 661 -29.83 -28.25 1.22
C VAL A 661 -29.18 -27.79 -0.07
N PHE A 662 -29.93 -27.81 -1.16
CA PHE A 662 -29.37 -27.47 -2.46
C PHE A 662 -28.90 -26.03 -2.49
N ILE A 663 -29.61 -25.13 -1.82
CA ILE A 663 -29.32 -23.70 -1.94
C ILE A 663 -28.38 -23.22 -0.84
N ILE A 664 -28.48 -23.75 0.39
CA ILE A 664 -27.44 -23.48 1.39
C ILE A 664 -26.09 -23.93 0.88
N LEU A 665 -26.09 -24.99 0.08
CA LEU A 665 -24.87 -25.60 -0.40
C LEU A 665 -24.29 -24.87 -1.60
N LEU A 666 -25.13 -24.18 -2.37
CA LEU A 666 -24.63 -23.29 -3.41
C LEU A 666 -24.24 -21.93 -2.85
N LEU A 667 -25.08 -21.38 -1.98
CA LEU A 667 -24.72 -20.13 -1.33
C LEU A 667 -23.44 -20.28 -0.53
N ALA A 668 -23.25 -21.43 0.11
CA ALA A 668 -21.95 -21.75 0.67
C ALA A 668 -20.88 -21.76 -0.40
N TYR A 669 -21.18 -22.29 -1.58
CA TYR A 669 -20.22 -22.30 -2.66
C TYR A 669 -19.95 -20.89 -3.18
N VAL A 670 -21.02 -20.15 -3.47
CA VAL A 670 -20.90 -18.78 -3.97
C VAL A 670 -20.11 -17.94 -2.99
N ILE A 671 -20.52 -17.95 -1.73
CA ILE A 671 -19.90 -17.10 -0.73
C ILE A 671 -18.42 -17.45 -0.58
N LEU A 672 -18.11 -18.74 -0.56
CA LEU A 672 -16.73 -19.15 -0.37
C LEU A 672 -15.89 -18.95 -1.61
N THR A 673 -16.42 -19.22 -2.79
CA THR A 673 -15.67 -19.11 -4.02
C THR A 673 -15.80 -17.75 -4.69
N TYR A 674 -17.03 -17.31 -4.97
CA TYR A 674 -17.23 -16.09 -5.73
C TYR A 674 -16.97 -14.86 -4.87
N ILE A 675 -17.69 -14.74 -3.76
CA ILE A 675 -17.64 -13.51 -2.98
C ILE A 675 -16.33 -13.41 -2.25
N LEU A 676 -15.88 -14.50 -1.66
CA LEU A 676 -14.67 -14.51 -0.87
C LEU A 676 -13.42 -14.71 -1.74
N LEU A 677 -13.33 -15.86 -2.39
CA LEU A 677 -12.05 -16.36 -2.86
C LEU A 677 -11.62 -15.75 -4.18
N LEU A 678 -12.55 -15.44 -5.09
CA LEU A 678 -12.20 -14.63 -6.24
C LEU A 678 -11.81 -13.23 -5.82
N ASN A 679 -12.61 -12.61 -4.98
CA ASN A 679 -12.29 -11.26 -4.57
C ASN A 679 -11.03 -11.25 -3.73
N MET A 680 -10.77 -12.35 -3.04
CA MET A 680 -9.52 -12.53 -2.31
C MET A 680 -8.35 -12.66 -3.27
N LEU A 681 -8.55 -13.37 -4.38
CA LEU A 681 -7.53 -13.41 -5.42
C LEU A 681 -7.14 -12.02 -5.85
N ILE A 682 -8.11 -11.16 -6.12
CA ILE A 682 -7.87 -9.77 -6.48
C ILE A 682 -7.03 -9.08 -5.44
N ALA A 683 -7.21 -9.46 -4.17
CA ALA A 683 -6.46 -8.85 -3.08
C ALA A 683 -5.03 -9.39 -3.02
N LEU A 684 -4.89 -10.71 -3.03
CA LEU A 684 -3.58 -11.33 -3.19
C LEU A 684 -2.87 -10.77 -4.41
N MET A 685 -3.55 -10.85 -5.54
CA MET A 685 -3.05 -10.35 -6.82
C MET A 685 -2.73 -8.87 -6.77
N GLY A 686 -3.21 -8.13 -5.78
CA GLY A 686 -2.86 -6.74 -5.59
C GLY A 686 -1.75 -6.53 -4.59
N GLU A 687 -1.57 -7.47 -3.66
CA GLU A 687 -0.43 -7.42 -2.77
C GLU A 687 0.83 -7.86 -3.47
N THR A 688 0.69 -8.75 -4.46
CA THR A 688 1.83 -9.18 -5.25
C THR A 688 2.40 -8.02 -6.06
N VAL A 689 1.53 -7.28 -6.76
CA VAL A 689 1.97 -6.19 -7.62
C VAL A 689 2.75 -5.15 -6.82
N ASN A 690 2.34 -4.91 -5.58
CA ASN A 690 3.09 -4.02 -4.70
C ASN A 690 4.51 -4.52 -4.50
N LYS A 691 4.70 -5.84 -4.50
CA LYS A 691 6.00 -6.43 -4.22
C LYS A 691 6.87 -6.53 -5.46
N ILE A 692 6.32 -7.09 -6.54
CA ILE A 692 7.14 -7.50 -7.67
C ILE A 692 7.31 -6.37 -8.69
N ALA A 693 6.95 -5.14 -8.31
CA ALA A 693 7.12 -4.02 -9.23
C ALA A 693 8.58 -3.83 -9.59
N GLN A 694 9.47 -3.94 -8.61
CA GLN A 694 10.90 -3.80 -8.85
C GLN A 694 11.50 -5.13 -9.29
N GLU A 695 11.08 -6.22 -8.65
CA GLU A 695 11.61 -7.54 -9.00
C GLU A 695 11.30 -7.89 -10.46
N SER A 696 10.10 -7.56 -10.93
CA SER A 696 9.72 -7.94 -12.28
C SER A 696 10.43 -7.09 -13.33
N LYS A 697 10.77 -5.86 -13.01
CA LYS A 697 11.68 -5.10 -13.87
C LYS A 697 13.05 -5.76 -13.90
N ASN A 698 13.49 -6.28 -12.76
CA ASN A 698 14.78 -6.92 -12.72
C ASN A 698 14.73 -8.32 -13.31
N ILE A 699 13.56 -8.94 -13.32
CA ILE A 699 13.37 -10.16 -14.08
C ILE A 699 13.20 -9.84 -15.55
N TRP A 700 12.70 -8.65 -15.88
CA TRP A 700 12.58 -8.30 -17.29
C TRP A 700 13.95 -8.15 -17.94
N LYS A 701 14.88 -7.49 -17.27
CA LYS A 701 16.17 -7.18 -17.88
C LYS A 701 16.98 -8.43 -18.13
N LEU A 702 16.81 -9.46 -17.31
CA LEU A 702 17.47 -10.74 -17.57
C LEU A 702 16.85 -11.44 -18.75
N GLN A 703 15.53 -11.39 -18.89
CA GLN A 703 14.88 -12.00 -20.04
C GLN A 703 15.38 -11.37 -21.32
N ARG A 704 15.59 -10.05 -21.31
CA ARG A 704 16.15 -9.37 -22.46
C ARG A 704 17.63 -9.70 -22.62
N ALA A 705 18.33 -9.95 -21.51
CA ALA A 705 19.72 -10.37 -21.59
C ALA A 705 19.86 -11.69 -22.34
N ILE A 706 19.11 -12.71 -21.91
CA ILE A 706 19.11 -14.00 -22.61
C ILE A 706 18.78 -13.83 -24.07
N THR A 707 17.89 -12.88 -24.38
CA THR A 707 17.58 -12.57 -25.77
C THR A 707 18.78 -11.99 -26.48
N ILE A 708 19.52 -11.12 -25.81
CA ILE A 708 20.73 -10.55 -26.39
C ILE A 708 21.77 -11.64 -26.59
N LEU A 709 22.01 -12.44 -25.56
CA LEU A 709 23.05 -13.46 -25.62
C LEU A 709 22.74 -14.55 -26.63
N ASP A 710 21.49 -15.01 -26.68
CA ASP A 710 21.13 -16.02 -27.68
C ASP A 710 21.28 -15.48 -29.08
N THR A 711 20.95 -14.20 -29.30
CA THR A 711 21.18 -13.57 -30.59
C THR A 711 22.66 -13.58 -30.96
N GLU A 712 23.53 -13.32 -29.98
CA GLU A 712 24.97 -13.37 -30.24
C GLU A 712 25.38 -14.76 -30.71
N LYS A 713 25.09 -15.78 -29.90
CA LYS A 713 25.41 -17.15 -30.26
C LYS A 713 24.52 -17.70 -31.36
N SER A 714 23.42 -17.02 -31.69
CA SER A 714 22.51 -17.49 -32.72
C SER A 714 21.68 -16.35 -33.29
N PHE A 723 30.31 -7.84 -34.40
CA PHE A 723 29.37 -7.06 -33.61
C PHE A 723 29.98 -6.66 -32.26
N ARG A 724 31.30 -6.62 -32.19
CA ARG A 724 31.99 -6.50 -30.91
C ARG A 724 31.64 -5.19 -30.22
N SER A 725 31.13 -5.29 -29.00
CA SER A 725 30.77 -4.12 -28.22
C SER A 725 32.00 -3.44 -27.64
N GLY A 726 31.98 -2.12 -27.61
CA GLY A 726 33.08 -1.37 -27.07
C GLY A 726 34.31 -1.38 -27.97
N LYS A 727 35.14 -0.36 -27.85
CA LYS A 727 36.30 -0.19 -28.69
C LYS A 727 37.58 -0.59 -27.95
N LEU A 728 38.58 -0.96 -28.74
CA LEU A 728 39.87 -1.43 -28.23
C LEU A 728 40.72 -0.23 -27.86
N LEU A 729 40.40 0.39 -26.74
CA LEU A 729 41.10 1.58 -26.28
C LEU A 729 42.43 1.19 -25.62
N GLN A 730 43.39 2.11 -25.67
CA GLN A 730 44.62 2.01 -24.89
C GLN A 730 44.44 2.88 -23.64
N VAL A 731 44.59 2.26 -22.47
CA VAL A 731 44.23 2.89 -21.20
C VAL A 731 45.49 3.28 -20.44
N GLY A 732 46.53 2.47 -20.55
CA GLY A 732 47.72 2.64 -19.75
C GLY A 732 48.81 1.69 -20.15
N TYR A 733 49.51 1.14 -19.16
CA TYR A 733 50.68 0.32 -19.41
C TYR A 733 50.78 -0.74 -18.33
N THR A 734 50.99 -1.99 -18.74
CA THR A 734 51.36 -3.04 -17.81
C THR A 734 52.71 -2.66 -17.19
N PRO A 735 53.05 -3.22 -15.97
CA PRO A 735 54.38 -2.95 -15.40
C PRO A 735 55.50 -3.80 -15.99
N ASP A 736 55.51 -3.92 -17.32
CA ASP A 736 56.60 -4.50 -18.08
C ASP A 736 56.91 -3.69 -19.34
N GLY A 737 56.14 -2.64 -19.64
CA GLY A 737 56.49 -1.67 -20.67
C GLY A 737 55.49 -1.54 -21.81
N LYS A 738 54.51 -2.42 -21.93
CA LYS A 738 53.68 -2.51 -23.12
C LYS A 738 52.40 -1.70 -22.99
N ASP A 739 51.77 -1.44 -24.13
CA ASP A 739 50.42 -0.88 -24.15
C ASP A 739 49.43 -1.93 -23.66
N ASP A 740 48.62 -1.57 -22.66
CA ASP A 740 47.57 -2.46 -22.16
C ASP A 740 46.36 -2.28 -23.07
N TYR A 741 46.30 -3.07 -24.13
CA TYR A 741 45.16 -3.02 -25.05
C TYR A 741 43.95 -3.65 -24.36
N ARG A 742 42.82 -2.95 -24.43
CA ARG A 742 41.62 -3.36 -23.73
C ARG A 742 40.37 -2.97 -24.51
N TRP A 743 39.45 -3.92 -24.66
CA TRP A 743 38.13 -3.63 -25.18
C TRP A 743 37.29 -2.99 -24.08
N CYS A 744 36.94 -1.72 -24.25
CA CYS A 744 36.41 -0.91 -23.17
C CYS A 744 35.15 -0.18 -23.58
N PHE A 745 34.26 -0.03 -22.61
CA PHE A 745 32.92 0.51 -22.83
C PHE A 745 32.87 1.91 -22.22
N ARG A 746 32.80 2.91 -23.08
CA ARG A 746 32.79 4.29 -22.63
C ARG A 746 31.47 4.62 -21.95
N VAL A 747 31.56 5.10 -20.71
CA VAL A 747 30.43 5.62 -19.96
C VAL A 747 30.77 7.06 -19.60
N ASP A 748 29.75 7.89 -19.51
CA ASP A 748 29.91 9.32 -19.28
C ASP A 748 28.99 9.76 -18.16
N GLU A 749 29.56 9.92 -16.97
CA GLU A 749 28.83 10.39 -15.79
C GLU A 749 29.16 11.84 -15.53
N VAL A 750 28.29 12.50 -14.78
CA VAL A 750 28.39 13.94 -14.53
C VAL A 750 28.06 14.18 -13.06
N ASN A 751 29.06 14.55 -12.28
CA ASN A 751 28.92 14.90 -10.87
C ASN A 751 29.15 16.39 -10.68
N TRP A 752 28.91 16.86 -9.45
CA TRP A 752 29.05 18.28 -9.12
C TRP A 752 29.71 18.50 -7.76
N THR A 753 30.44 17.51 -7.26
CA THR A 753 31.25 17.65 -6.06
C THR A 753 32.62 16.99 -6.19
N THR A 754 32.96 16.49 -7.37
CA THR A 754 34.12 15.63 -7.57
C THR A 754 35.12 16.33 -8.48
N TRP A 755 35.42 17.59 -8.16
CA TRP A 755 36.20 18.46 -9.03
C TRP A 755 37.65 18.00 -9.04
N ASN A 756 37.90 16.94 -9.82
CA ASN A 756 39.24 16.38 -9.94
C ASN A 756 39.26 15.33 -11.06
N TYR B 201 36.24 20.90 -32.96
CA TYR B 201 35.83 20.10 -31.76
C TYR B 201 36.30 20.82 -30.50
N TYR B 202 37.61 21.00 -30.37
CA TYR B 202 38.17 21.89 -29.37
C TYR B 202 38.36 23.30 -29.90
N LYS B 203 37.61 23.68 -30.94
CA LYS B 203 37.85 24.95 -31.63
C LYS B 203 37.60 26.12 -30.68
N GLY B 204 38.39 27.18 -30.87
CA GLY B 204 38.30 28.36 -30.05
C GLY B 204 38.89 28.26 -28.67
N GLN B 205 39.23 27.05 -28.20
CA GLN B 205 39.72 26.86 -26.84
C GLN B 205 41.11 27.47 -26.72
N THR B 206 41.23 28.49 -25.87
CA THR B 206 42.49 29.15 -25.58
C THR B 206 43.16 28.50 -24.38
N ALA B 207 44.42 28.90 -24.14
CA ALA B 207 45.12 28.44 -22.94
C ALA B 207 44.49 28.99 -21.66
N LEU B 208 43.69 30.05 -21.78
CA LEU B 208 43.03 30.60 -20.61
C LEU B 208 41.88 29.72 -20.15
N HIS B 209 41.17 29.10 -21.10
CA HIS B 209 40.13 28.14 -20.73
C HIS B 209 40.74 26.94 -20.01
N ILE B 210 41.98 26.59 -20.36
CA ILE B 210 42.72 25.58 -19.60
C ILE B 210 42.94 26.08 -18.18
N ALA B 211 43.43 27.31 -18.04
CA ALA B 211 43.71 27.87 -16.73
C ALA B 211 42.47 27.95 -15.85
N ILE B 212 41.29 28.00 -16.46
CA ILE B 212 40.05 28.02 -15.69
C ILE B 212 39.61 26.60 -15.34
N GLU B 213 39.41 25.77 -16.36
CA GLU B 213 38.83 24.45 -16.14
C GLU B 213 39.69 23.59 -15.23
N ARG B 214 40.99 23.80 -15.21
CA ARG B 214 41.89 23.12 -14.29
C ARG B 214 41.86 23.73 -12.89
N ARG B 215 40.98 24.70 -12.63
CA ARG B 215 40.79 25.28 -11.30
C ARG B 215 42.07 25.94 -10.80
N ASN B 216 42.73 26.69 -11.68
CA ASN B 216 43.97 27.40 -11.39
C ASN B 216 43.71 28.89 -11.60
N MET B 217 43.34 29.58 -10.53
CA MET B 217 43.07 31.01 -10.60
C MET B 217 44.32 31.85 -10.78
N ALA B 218 45.51 31.27 -10.62
CA ALA B 218 46.73 32.06 -10.69
C ALA B 218 47.14 32.33 -12.13
N LEU B 219 47.01 31.34 -13.01
CA LEU B 219 47.40 31.51 -14.40
C LEU B 219 46.38 32.30 -15.21
N VAL B 220 45.12 32.29 -14.79
CA VAL B 220 44.12 33.14 -15.44
C VAL B 220 44.51 34.60 -15.28
N THR B 221 45.11 34.96 -14.15
CA THR B 221 45.66 36.29 -13.97
C THR B 221 46.76 36.56 -14.98
N LEU B 222 47.71 35.64 -15.11
CA LEU B 222 48.87 35.88 -15.96
C LEU B 222 48.54 35.82 -17.45
N LEU B 223 47.62 34.93 -17.85
CA LEU B 223 47.43 34.69 -19.28
C LEU B 223 46.74 35.85 -19.98
N VAL B 224 45.83 36.55 -19.31
CA VAL B 224 45.21 37.72 -19.90
C VAL B 224 46.20 38.86 -20.06
N GLU B 225 47.22 38.91 -19.19
CA GLU B 225 48.24 39.95 -19.30
C GLU B 225 49.08 39.81 -20.56
N ASN B 226 49.12 38.63 -21.15
CA ASN B 226 49.91 38.38 -22.35
C ASN B 226 49.16 38.71 -23.64
N GLY B 227 47.92 39.20 -23.55
CA GLY B 227 47.09 39.50 -24.72
C GLY B 227 45.97 38.51 -24.95
N ALA B 228 46.08 37.28 -24.45
CA ALA B 228 45.04 36.27 -24.63
C ALA B 228 43.74 36.75 -23.98
N ASP B 229 42.75 37.07 -24.80
CA ASP B 229 41.55 37.74 -24.32
C ASP B 229 40.76 36.89 -23.34
N VAL B 230 39.91 37.56 -22.55
CA VAL B 230 38.92 36.90 -21.71
C VAL B 230 37.53 36.96 -22.33
N GLN B 231 37.42 37.35 -23.61
CA GLN B 231 36.20 37.21 -24.39
C GLN B 231 36.35 36.10 -25.43
N ALA B 232 37.10 35.06 -25.07
CA ALA B 232 37.49 34.04 -26.04
C ALA B 232 36.28 33.22 -26.47
N ALA B 233 36.21 32.92 -27.76
CA ALA B 233 35.04 32.33 -28.38
C ALA B 233 35.27 30.84 -28.62
N ALA B 234 34.94 30.02 -27.63
CA ALA B 234 35.08 28.56 -27.75
C ALA B 234 33.90 27.95 -28.51
N HIS B 235 33.80 28.34 -29.78
CA HIS B 235 32.80 27.77 -30.68
C HIS B 235 33.31 26.42 -31.19
N GLY B 236 33.33 25.45 -30.29
CA GLY B 236 33.77 24.11 -30.61
C GLY B 236 32.66 23.11 -30.35
N ASP B 237 32.62 22.05 -31.16
CA ASP B 237 31.57 21.05 -31.05
C ASP B 237 31.55 20.41 -29.66
N PHE B 238 32.72 20.18 -29.06
CA PHE B 238 32.76 19.74 -27.68
C PHE B 238 32.14 20.75 -26.73
N PHE B 239 32.16 22.04 -27.10
CA PHE B 239 31.76 23.12 -26.23
C PHE B 239 30.33 23.59 -26.48
N LYS B 240 29.61 22.94 -27.39
CA LYS B 240 28.20 23.20 -27.61
C LYS B 240 27.37 22.12 -26.92
N LYS B 241 26.06 22.24 -27.01
CA LYS B 241 25.16 21.31 -26.33
C LYS B 241 25.35 19.91 -26.87
N THR B 242 25.01 18.93 -26.03
CA THR B 242 25.24 17.52 -26.37
C THR B 242 24.46 17.14 -27.61
N LYS B 243 23.13 17.08 -27.48
CA LYS B 243 22.24 16.63 -28.54
C LYS B 243 22.78 15.39 -29.26
N GLY B 244 23.26 14.42 -28.47
CA GLY B 244 23.95 13.26 -29.00
C GLY B 244 25.44 13.50 -29.14
N ARG B 245 26.06 14.09 -28.12
CA ARG B 245 27.49 14.37 -28.13
C ARG B 245 27.99 14.35 -26.70
N PRO B 246 29.05 13.59 -26.37
CA PRO B 246 29.61 13.71 -25.01
C PRO B 246 30.46 14.97 -24.84
N GLY B 247 29.77 16.09 -24.65
CA GLY B 247 30.41 17.39 -24.44
C GLY B 247 29.94 18.08 -23.19
N PHE B 248 30.25 19.36 -23.06
CA PHE B 248 29.78 20.16 -21.94
C PHE B 248 29.60 21.60 -22.42
N TYR B 249 28.42 22.15 -22.20
CA TYR B 249 28.12 23.54 -22.52
C TYR B 249 28.18 24.37 -21.25
N PHE B 250 28.82 25.54 -21.34
CA PHE B 250 28.97 26.45 -20.22
C PHE B 250 28.63 27.88 -20.55
N GLY B 251 28.64 28.28 -21.82
CA GLY B 251 28.37 29.64 -22.24
C GLY B 251 29.39 30.22 -23.18
N GLU B 252 30.34 29.45 -23.71
CA GLU B 252 31.15 29.83 -24.85
C GLU B 252 32.15 30.95 -24.53
N LEU B 253 32.31 31.29 -23.25
CA LEU B 253 33.08 32.46 -22.85
C LEU B 253 33.68 32.19 -21.47
N PRO B 254 34.87 32.74 -21.17
CA PRO B 254 35.52 32.38 -19.90
C PRO B 254 34.71 32.71 -18.66
N LEU B 255 34.23 33.95 -18.55
CA LEU B 255 33.32 34.36 -17.48
C LEU B 255 32.18 33.35 -17.30
N SER B 256 31.66 32.82 -18.40
CA SER B 256 30.60 31.82 -18.30
C SER B 256 31.14 30.48 -17.85
N LEU B 257 32.40 30.19 -18.14
CA LEU B 257 33.00 28.93 -17.70
C LEU B 257 33.09 28.87 -16.19
N ALA B 258 33.73 29.88 -15.58
CA ALA B 258 33.97 29.85 -14.14
C ALA B 258 32.67 29.88 -13.36
N ALA B 259 31.65 30.60 -13.86
CA ALA B 259 30.35 30.59 -13.22
C ALA B 259 29.76 29.19 -13.16
N CYS B 260 30.06 28.36 -14.15
CA CYS B 260 29.53 27.01 -14.25
C CYS B 260 30.55 25.94 -13.89
N THR B 261 31.45 26.22 -12.93
CA THR B 261 32.64 25.42 -12.72
C THR B 261 32.98 25.23 -11.23
N ASN B 262 32.15 25.74 -10.31
CA ASN B 262 32.53 25.84 -8.90
C ASN B 262 33.77 26.71 -8.76
N GLN B 263 33.61 27.95 -9.20
CA GLN B 263 34.67 28.96 -9.21
C GLN B 263 33.97 30.30 -9.04
N LEU B 264 33.91 30.79 -7.80
CA LEU B 264 33.41 32.14 -7.55
C LEU B 264 34.55 33.15 -7.41
N GLY B 265 35.66 32.74 -6.80
CA GLY B 265 36.79 33.64 -6.66
C GLY B 265 37.34 34.12 -8.00
N ILE B 266 37.16 33.32 -9.04
CA ILE B 266 37.67 33.68 -10.36
C ILE B 266 36.72 34.65 -11.05
N VAL B 267 35.41 34.43 -10.89
CA VAL B 267 34.40 35.17 -11.66
C VAL B 267 34.46 36.65 -11.31
N LYS B 268 34.68 36.96 -10.03
CA LYS B 268 34.87 38.35 -9.64
C LYS B 268 36.11 38.96 -10.30
N PHE B 269 37.12 38.15 -10.59
CA PHE B 269 38.32 38.70 -11.21
C PHE B 269 38.09 39.04 -12.68
N LEU B 270 37.33 38.22 -13.40
CA LEU B 270 37.11 38.45 -14.83
C LEU B 270 36.44 39.79 -15.10
N LEU B 271 35.77 40.37 -14.10
CA LEU B 271 35.23 41.72 -14.17
C LEU B 271 36.17 42.73 -13.53
N GLN B 272 36.56 42.50 -12.27
CA GLN B 272 37.34 43.47 -11.50
C GLN B 272 38.81 43.30 -11.83
N ASN B 273 39.21 43.89 -12.95
CA ASN B 273 40.62 43.97 -13.32
C ASN B 273 40.79 45.10 -14.33
N SER B 274 42.03 45.58 -14.44
CA SER B 274 42.36 46.72 -15.27
C SER B 274 42.87 46.33 -16.65
N TRP B 275 43.25 45.06 -16.84
CA TRP B 275 43.84 44.64 -18.10
C TRP B 275 42.80 44.52 -19.20
N GLN B 276 41.65 43.91 -18.91
CA GLN B 276 40.57 43.74 -19.87
C GLN B 276 39.23 44.03 -19.19
N THR B 277 38.24 44.32 -20.01
CA THR B 277 36.98 44.91 -19.59
C THR B 277 35.84 44.00 -20.05
N ALA B 278 35.95 42.72 -19.70
CA ALA B 278 35.00 41.69 -20.11
C ALA B 278 33.55 42.13 -19.90
N ASP B 279 32.82 42.26 -21.01
CA ASP B 279 31.41 42.61 -20.95
C ASP B 279 30.64 41.51 -20.24
N ILE B 280 29.74 41.93 -19.35
CA ILE B 280 28.94 40.98 -18.59
C ILE B 280 27.75 40.43 -19.38
N SER B 281 27.30 41.12 -20.42
CA SER B 281 26.25 40.57 -21.29
C SER B 281 26.85 39.53 -22.22
N ALA B 282 27.68 39.98 -23.17
CA ALA B 282 28.64 39.19 -23.93
C ALA B 282 28.04 37.88 -24.45
N ARG B 283 27.10 38.03 -25.38
CA ARG B 283 26.40 36.90 -25.94
C ARG B 283 27.37 35.98 -26.68
N ASP B 284 26.85 34.84 -27.13
CA ASP B 284 27.64 33.80 -27.79
C ASP B 284 27.03 33.44 -29.14
N SER B 285 27.51 32.34 -29.74
CA SER B 285 27.01 31.90 -31.04
C SER B 285 25.51 31.62 -31.04
N VAL B 286 24.90 31.38 -29.87
CA VAL B 286 23.47 31.16 -29.74
C VAL B 286 22.77 32.23 -28.92
N GLY B 287 23.47 33.30 -28.54
CA GLY B 287 22.87 34.40 -27.83
C GLY B 287 22.91 34.29 -26.31
N ASN B 288 23.28 33.14 -25.77
CA ASN B 288 23.22 32.94 -24.33
C ASN B 288 24.27 33.76 -23.61
N THR B 289 23.85 34.42 -22.54
CA THR B 289 24.75 35.11 -21.62
C THR B 289 25.19 34.15 -20.54
N VAL B 290 25.93 34.67 -19.56
CA VAL B 290 26.30 33.86 -18.41
C VAL B 290 25.06 33.42 -17.66
N LEU B 291 24.03 34.27 -17.60
CA LEU B 291 22.84 33.92 -16.87
C LEU B 291 22.00 32.89 -17.62
N HIS B 292 21.83 33.07 -18.93
CA HIS B 292 21.22 32.03 -19.75
C HIS B 292 21.96 30.71 -19.60
N ALA B 293 23.27 30.74 -19.85
CA ALA B 293 24.07 29.52 -19.84
C ALA B 293 24.05 28.87 -18.47
N LEU B 294 24.03 29.68 -17.42
CA LEU B 294 23.93 29.18 -16.06
C LEU B 294 22.58 28.53 -15.78
N VAL B 295 21.61 28.67 -16.68
CA VAL B 295 20.38 27.89 -16.62
C VAL B 295 20.50 26.63 -17.48
N GLU B 296 21.22 26.72 -18.60
CA GLU B 296 21.46 25.55 -19.44
C GLU B 296 22.18 24.45 -18.69
N VAL B 297 22.99 24.81 -17.69
CA VAL B 297 23.82 23.86 -16.98
C VAL B 297 23.09 23.18 -15.83
N ALA B 298 22.00 23.76 -15.35
CA ALA B 298 21.27 23.16 -14.26
C ALA B 298 20.66 21.83 -14.68
N ASP B 299 20.62 20.89 -13.73
CA ASP B 299 20.13 19.54 -13.96
C ASP B 299 19.01 19.13 -13.02
N ASN B 300 18.60 20.01 -12.11
CA ASN B 300 17.61 19.79 -11.05
C ASN B 300 18.12 18.90 -9.94
N THR B 301 19.36 18.44 -10.00
CA THR B 301 19.98 17.81 -8.85
C THR B 301 20.07 18.83 -7.72
N ALA B 302 19.77 18.39 -6.50
CA ALA B 302 19.72 19.32 -5.38
C ALA B 302 21.07 19.97 -5.14
N ASP B 303 22.17 19.23 -5.31
CA ASP B 303 23.48 19.84 -5.14
C ASP B 303 23.78 20.83 -6.26
N ASN B 304 23.20 20.61 -7.44
CA ASN B 304 23.35 21.57 -8.53
C ASN B 304 22.41 22.76 -8.34
N THR B 305 21.24 22.52 -7.75
CA THR B 305 20.29 23.60 -7.53
C THR B 305 20.84 24.62 -6.54
N LYS B 306 21.31 24.15 -5.38
CA LYS B 306 21.89 25.06 -4.39
C LYS B 306 23.05 25.85 -4.96
N PHE B 307 23.79 25.26 -5.90
CA PHE B 307 24.97 25.91 -6.44
C PHE B 307 24.59 26.98 -7.47
N VAL B 308 23.74 26.62 -8.43
CA VAL B 308 23.45 27.53 -9.53
C VAL B 308 22.70 28.76 -9.03
N THR B 309 21.79 28.57 -8.07
CA THR B 309 21.04 29.70 -7.54
C THR B 309 21.91 30.61 -6.70
N SER B 310 22.86 30.06 -5.95
CA SER B 310 23.83 30.90 -5.25
C SER B 310 24.65 31.70 -6.25
N MET B 311 25.22 31.04 -7.25
CA MET B 311 26.02 31.72 -8.25
C MET B 311 25.17 32.69 -9.07
N TYR B 312 23.99 32.25 -9.51
CA TYR B 312 23.10 33.10 -10.29
C TYR B 312 22.78 34.39 -9.55
N ASN B 313 22.76 34.36 -8.22
CA ASN B 313 22.58 35.57 -7.43
C ASN B 313 23.76 36.51 -7.58
N GLU B 314 24.98 35.96 -7.61
CA GLU B 314 26.16 36.78 -7.42
C GLU B 314 26.47 37.62 -8.67
N ILE B 315 26.25 37.07 -9.86
CA ILE B 315 26.52 37.83 -11.06
C ILE B 315 25.51 38.95 -11.23
N LEU B 316 24.29 38.78 -10.73
CA LEU B 316 23.29 39.84 -10.81
C LEU B 316 23.72 41.06 -10.02
N MET B 317 24.09 40.85 -8.76
CA MET B 317 24.60 41.94 -7.93
C MET B 317 25.81 42.59 -8.59
N LEU B 318 26.80 41.79 -8.99
CA LEU B 318 27.97 42.33 -9.68
C LEU B 318 27.57 43.07 -10.95
N GLY B 319 26.54 42.60 -11.65
CA GLY B 319 26.03 43.31 -12.80
C GLY B 319 25.35 44.61 -12.46
N ALA B 320 24.99 44.81 -11.19
CA ALA B 320 24.45 46.07 -10.70
C ALA B 320 25.49 46.95 -10.05
N LYS B 321 26.52 46.36 -9.44
CA LYS B 321 27.55 47.15 -8.78
C LYS B 321 28.35 47.97 -9.78
N LEU B 322 28.70 47.37 -10.92
CA LEU B 322 29.56 48.06 -11.87
C LEU B 322 28.81 49.13 -12.64
N HIS B 323 27.67 48.77 -13.25
CA HIS B 323 26.88 49.75 -13.99
C HIS B 323 25.43 49.29 -14.04
N PRO B 324 24.46 50.05 -13.49
CA PRO B 324 23.05 49.65 -13.61
C PRO B 324 22.47 49.76 -15.01
N THR B 325 23.22 50.22 -16.01
CA THR B 325 22.67 50.41 -17.35
C THR B 325 22.49 49.05 -18.04
N LEU B 326 21.53 48.29 -17.54
CA LEU B 326 21.26 46.90 -17.88
C LEU B 326 19.77 46.70 -17.60
N LYS B 327 19.37 45.68 -16.83
CA LYS B 327 18.28 44.72 -17.09
C LYS B 327 18.88 43.50 -17.79
N LEU B 328 19.90 42.96 -17.11
CA LEU B 328 20.52 41.68 -17.45
C LEU B 328 19.51 40.62 -17.85
N GLU B 329 18.59 40.30 -16.93
CA GLU B 329 17.71 39.15 -17.12
C GLU B 329 16.70 39.36 -18.24
N GLU B 330 16.45 40.60 -18.65
CA GLU B 330 15.58 40.88 -19.77
C GLU B 330 16.31 40.81 -21.11
N LEU B 331 17.49 40.21 -21.15
CA LEU B 331 18.18 39.90 -22.39
C LEU B 331 17.79 38.50 -22.84
N THR B 332 17.76 38.31 -24.16
CA THR B 332 17.28 37.07 -24.76
C THR B 332 18.35 36.46 -25.65
N ASN B 333 18.34 35.14 -25.71
CA ASN B 333 19.20 34.40 -26.61
C ASN B 333 18.59 34.42 -28.01
N LYS B 334 19.11 33.60 -28.91
CA LYS B 334 18.61 33.53 -30.28
C LYS B 334 17.37 32.67 -30.42
N LYS B 335 16.81 32.18 -29.31
CA LYS B 335 15.46 31.64 -29.27
C LYS B 335 14.47 32.63 -28.65
N GLY B 336 14.88 33.87 -28.42
CA GLY B 336 14.03 34.85 -27.79
C GLY B 336 13.65 34.52 -26.36
N MET B 337 14.53 33.84 -25.62
CA MET B 337 14.24 33.31 -24.31
C MET B 337 15.13 33.96 -23.27
N THR B 338 14.52 34.54 -22.24
CA THR B 338 15.25 35.02 -21.09
C THR B 338 15.65 33.84 -20.22
N PRO B 339 16.55 34.04 -19.25
CA PRO B 339 16.88 32.94 -18.35
C PRO B 339 15.71 32.47 -17.52
N LEU B 340 14.79 33.37 -17.17
CA LEU B 340 13.57 32.97 -16.50
C LEU B 340 12.77 31.99 -17.35
N ALA B 341 12.37 32.42 -18.53
CA ALA B 341 11.61 31.56 -19.42
C ALA B 341 12.41 30.34 -19.85
N LEU B 342 13.73 30.45 -19.84
CA LEU B 342 14.58 29.33 -20.24
C LEU B 342 14.63 28.26 -19.16
N ALA B 343 14.50 28.64 -17.89
CA ALA B 343 14.39 27.64 -16.83
C ALA B 343 13.01 27.04 -16.78
N ALA B 344 12.01 27.78 -17.24
CA ALA B 344 10.65 27.24 -17.33
C ALA B 344 10.47 26.36 -18.55
N GLY B 345 11.04 26.74 -19.69
CA GLY B 345 10.92 25.91 -20.88
C GLY B 345 11.77 24.66 -20.78
N THR B 346 12.99 24.80 -20.30
CA THR B 346 13.90 23.68 -20.14
C THR B 346 13.60 22.84 -18.91
N GLY B 347 12.60 23.21 -18.12
CA GLY B 347 12.17 22.38 -17.02
C GLY B 347 12.99 22.50 -15.76
N LYS B 348 13.58 23.67 -15.52
CA LYS B 348 14.51 23.86 -14.42
C LYS B 348 13.76 24.52 -13.26
N ILE B 349 13.07 23.66 -12.50
CA ILE B 349 12.22 24.11 -11.41
C ILE B 349 13.04 24.74 -10.28
N GLY B 350 14.27 24.28 -10.08
CA GLY B 350 15.07 24.82 -8.99
C GLY B 350 15.43 26.27 -9.22
N VAL B 351 15.87 26.59 -10.44
CA VAL B 351 16.19 27.96 -10.78
C VAL B 351 14.93 28.81 -10.78
N LEU B 352 13.84 28.26 -11.29
CA LEU B 352 12.59 29.00 -11.38
C LEU B 352 12.08 29.38 -10.00
N ALA B 353 12.16 28.44 -9.06
CA ALA B 353 11.82 28.75 -7.67
C ALA B 353 12.67 29.90 -7.13
N TYR B 354 13.92 30.00 -7.54
CA TYR B 354 14.76 31.10 -7.08
C TYR B 354 14.34 32.41 -7.69
N ILE B 355 14.22 32.47 -9.02
CA ILE B 355 14.04 33.74 -9.71
C ILE B 355 12.72 34.38 -9.30
N LEU B 356 11.72 33.57 -8.98
CA LEU B 356 10.42 34.09 -8.60
C LEU B 356 10.41 34.55 -7.16
N GLN B 357 10.98 33.74 -6.28
CA GLN B 357 11.09 34.06 -4.86
C GLN B 357 12.35 34.87 -4.55
N ARG B 358 12.93 35.55 -5.53
CA ARG B 358 14.21 36.20 -5.34
C ARG B 358 14.04 37.43 -4.46
N GLU B 359 14.56 37.36 -3.25
CA GLU B 359 14.64 38.51 -2.35
C GLU B 359 16.08 38.66 -1.88
N ILE B 360 16.65 39.84 -2.10
CA ILE B 360 18.01 40.18 -1.72
C ILE B 360 17.90 41.30 -0.70
N GLN B 361 18.37 41.04 0.53
CA GLN B 361 18.29 42.03 1.61
C GLN B 361 19.57 42.84 1.62
N GLU B 362 19.59 43.92 0.83
CA GLU B 362 20.58 44.97 0.98
C GLU B 362 20.10 46.17 0.18
N PRO B 363 20.55 47.39 0.51
CA PRO B 363 19.95 48.58 -0.11
C PRO B 363 20.05 48.64 -1.62
N GLU B 364 21.26 48.56 -2.18
CA GLU B 364 21.43 48.80 -3.60
C GLU B 364 20.85 47.65 -4.43
N CYS B 365 21.05 46.42 -3.99
CA CYS B 365 20.53 45.24 -4.69
C CYS B 365 19.28 44.74 -3.97
N ARG B 366 18.20 45.50 -4.14
CA ARG B 366 16.86 45.04 -3.86
C ARG B 366 15.93 45.27 -5.03
N HIS B 367 16.25 46.19 -5.94
CA HIS B 367 15.49 46.36 -7.17
C HIS B 367 15.45 45.08 -7.99
N LEU B 368 16.46 44.23 -7.85
CA LEU B 368 16.47 42.92 -8.47
C LEU B 368 15.77 41.87 -7.64
N SER B 369 15.22 42.22 -6.47
CA SER B 369 14.35 41.29 -5.79
C SER B 369 13.03 41.22 -6.53
N ARG B 370 12.39 40.06 -6.46
CA ARG B 370 11.06 39.87 -7.02
C ARG B 370 10.16 39.16 -6.00
N LYS B 371 10.43 39.40 -4.72
CA LYS B 371 9.58 38.97 -3.62
C LYS B 371 9.74 40.03 -2.53
N PHE B 372 8.87 41.02 -2.53
CA PHE B 372 8.95 42.16 -1.63
C PHE B 372 7.94 42.00 -0.50
N THR B 373 8.44 41.99 0.74
CA THR B 373 7.58 42.06 1.91
C THR B 373 7.17 43.51 2.17
N GLU B 374 5.87 43.75 2.24
CA GLU B 374 5.35 45.12 2.39
C GLU B 374 5.10 45.48 3.84
N TRP B 375 4.20 44.76 4.50
CA TRP B 375 3.79 45.06 5.87
C TRP B 375 3.87 43.80 6.71
N ALA B 376 3.99 44.01 8.02
CA ALA B 376 4.09 42.93 8.97
C ALA B 376 3.59 43.41 10.32
N TYR B 377 2.90 42.52 11.04
CA TYR B 377 2.36 42.80 12.36
C TYR B 377 2.71 41.63 13.29
N GLY B 378 3.97 41.23 13.27
CA GLY B 378 4.45 40.17 14.11
C GLY B 378 4.49 38.84 13.37
N PRO B 379 3.59 37.90 13.69
CA PRO B 379 3.59 36.65 12.93
C PRO B 379 3.12 36.82 11.51
N VAL B 380 2.29 37.83 11.25
CA VAL B 380 1.79 38.12 9.92
C VAL B 380 2.87 38.87 9.14
N HIS B 381 3.23 38.35 7.97
CA HIS B 381 4.09 39.06 7.04
C HIS B 381 3.59 38.84 5.62
N SER B 382 3.52 39.93 4.86
CA SER B 382 2.80 39.98 3.59
C SER B 382 3.77 40.30 2.45
N SER B 383 3.85 39.40 1.48
CA SER B 383 4.76 39.53 0.35
C SER B 383 4.09 40.25 -0.82
N LEU B 384 4.91 40.63 -1.79
CA LEU B 384 4.48 41.32 -3.01
C LEU B 384 5.19 40.75 -4.23
N TYR B 385 5.11 39.43 -4.40
CA TYR B 385 5.68 38.71 -5.54
C TYR B 385 5.49 39.45 -6.85
N ASP B 386 6.58 39.73 -7.55
CA ASP B 386 6.49 40.44 -8.81
C ASP B 386 5.96 39.53 -9.91
N LEU B 387 5.14 40.09 -10.79
CA LEU B 387 4.48 39.36 -11.85
C LEU B 387 4.97 39.76 -13.23
N SER B 388 6.02 40.56 -13.31
CA SER B 388 6.49 41.03 -14.60
C SER B 388 7.01 39.84 -15.39
N CYS B 389 6.24 39.45 -16.41
CA CYS B 389 6.58 38.35 -17.30
C CYS B 389 6.46 36.99 -16.59
N ILE B 390 5.42 36.85 -15.76
CA ILE B 390 4.92 35.56 -15.34
C ILE B 390 3.57 35.26 -16.00
N ASP B 391 2.70 36.26 -16.06
CA ASP B 391 1.42 36.15 -16.74
C ASP B 391 1.25 37.14 -17.87
N THR B 392 1.82 38.35 -17.74
CA THR B 392 1.81 39.37 -18.77
C THR B 392 3.23 39.51 -19.27
N CYS B 393 3.52 38.94 -20.44
CA CYS B 393 4.81 39.09 -21.09
C CYS B 393 4.54 39.26 -22.57
N GLU B 394 5.42 40.00 -23.24
CA GLU B 394 5.35 40.08 -24.68
C GLU B 394 5.76 38.76 -25.31
N LYS B 395 6.90 38.22 -24.85
CA LYS B 395 7.45 36.97 -25.36
C LYS B 395 7.64 36.01 -24.19
N ASN B 396 6.95 34.88 -24.24
CA ASN B 396 7.25 33.71 -23.42
C ASN B 396 7.13 34.03 -21.92
N SER B 397 5.89 34.30 -21.50
CA SER B 397 5.56 34.30 -20.09
C SER B 397 5.95 32.97 -19.46
N VAL B 398 6.16 32.99 -18.14
CA VAL B 398 6.47 31.76 -17.41
C VAL B 398 5.33 30.77 -17.55
N LEU B 399 4.10 31.25 -17.47
CA LEU B 399 2.96 30.35 -17.52
C LEU B 399 2.72 29.84 -18.93
N GLU B 400 2.97 30.68 -19.93
CA GLU B 400 2.85 30.27 -21.31
C GLU B 400 4.00 29.39 -21.78
N VAL B 401 4.95 29.09 -20.90
CA VAL B 401 6.08 28.22 -21.21
C VAL B 401 6.07 26.97 -20.35
N ILE B 402 5.40 26.99 -19.20
CA ILE B 402 5.21 25.78 -18.40
C ILE B 402 4.08 24.95 -18.97
N ALA B 403 2.92 25.59 -19.16
CA ALA B 403 1.73 24.88 -19.59
C ALA B 403 1.86 24.41 -21.03
N TYR B 404 2.34 25.28 -21.92
CA TYR B 404 2.45 25.01 -23.33
C TYR B 404 3.78 24.36 -23.70
N SER B 405 4.40 23.65 -22.77
CA SER B 405 5.69 23.02 -23.00
C SER B 405 5.54 21.71 -23.75
N SER B 406 6.57 21.36 -24.51
CA SER B 406 6.67 20.03 -25.07
C SER B 406 6.64 18.99 -23.97
N SER B 407 6.25 17.77 -24.33
CA SER B 407 5.93 16.76 -23.34
C SER B 407 7.12 16.34 -22.50
N GLU B 408 8.36 16.51 -22.98
CA GLU B 408 9.50 16.01 -22.22
C GLU B 408 9.87 16.97 -21.09
N THR B 409 10.46 18.14 -21.46
CA THR B 409 10.48 19.42 -20.74
C THR B 409 10.32 19.27 -19.23
N PRO B 410 11.27 18.60 -18.56
CA PRO B 410 10.95 17.89 -17.32
C PRO B 410 10.26 18.75 -16.26
N ASN B 411 9.47 18.07 -15.43
CA ASN B 411 8.78 18.68 -14.31
C ASN B 411 7.76 19.74 -14.77
N ARG B 412 7.09 19.47 -15.88
CA ARG B 412 6.00 20.32 -16.34
C ARG B 412 4.97 20.49 -15.23
N HIS B 413 4.73 19.43 -14.48
CA HIS B 413 3.65 19.37 -13.52
C HIS B 413 4.08 19.82 -12.13
N ASP B 414 5.37 20.04 -11.91
CA ASP B 414 5.87 20.60 -10.66
C ASP B 414 6.19 22.08 -10.76
N MET B 415 6.43 22.60 -11.96
CA MET B 415 6.80 24.01 -12.12
C MET B 415 5.71 24.98 -11.69
N LEU B 416 4.47 24.52 -11.53
CA LEU B 416 3.39 25.38 -11.08
C LEU B 416 3.19 25.35 -9.58
N LEU B 417 3.64 24.29 -8.90
CA LEU B 417 3.67 24.27 -7.45
C LEU B 417 4.63 25.30 -6.88
N VAL B 418 5.56 25.80 -7.70
CA VAL B 418 6.37 26.95 -7.33
C VAL B 418 5.44 28.10 -7.00
N GLU B 419 5.47 28.53 -5.75
CA GLU B 419 4.75 29.73 -5.37
C GLU B 419 5.33 30.92 -6.13
N PRO B 420 4.51 31.90 -6.55
CA PRO B 420 3.08 32.19 -6.44
C PRO B 420 2.19 31.64 -7.56
N LEU B 421 2.65 30.63 -8.30
CA LEU B 421 1.93 30.23 -9.51
C LEU B 421 0.67 29.45 -9.18
N ASN B 422 0.77 28.47 -8.29
CA ASN B 422 -0.42 27.75 -7.81
C ASN B 422 -1.43 28.72 -7.22
N ARG B 423 -0.95 29.79 -6.59
CA ARG B 423 -1.80 30.75 -5.91
C ARG B 423 -2.31 31.84 -6.83
N LEU B 424 -1.60 32.12 -7.93
CA LEU B 424 -2.06 33.13 -8.88
C LEU B 424 -3.11 32.57 -9.82
N LEU B 425 -2.91 31.34 -10.28
CA LEU B 425 -3.91 30.70 -11.13
C LEU B 425 -5.21 30.49 -10.37
N GLN B 426 -5.12 30.07 -9.11
CA GLN B 426 -6.30 29.98 -8.26
C GLN B 426 -6.96 31.33 -8.07
N ASP B 427 -6.20 32.42 -8.20
CA ASP B 427 -6.82 33.74 -8.17
C ASP B 427 -7.53 34.03 -9.48
N LYS B 428 -6.88 33.70 -10.61
CA LYS B 428 -7.54 33.85 -11.88
C LYS B 428 -8.75 32.92 -12.00
N TRP B 429 -8.66 31.75 -11.38
CA TRP B 429 -9.78 30.82 -11.38
C TRP B 429 -10.95 31.37 -10.59
N ASP B 430 -10.71 31.71 -9.33
CA ASP B 430 -11.76 32.22 -8.46
C ASP B 430 -12.32 33.56 -8.94
N ARG B 431 -11.61 34.29 -9.80
CA ARG B 431 -11.98 35.65 -10.17
C ARG B 431 -12.69 35.74 -11.51
N PHE B 432 -12.08 35.24 -12.59
CA PHE B 432 -12.63 35.46 -13.93
C PHE B 432 -12.55 34.27 -14.87
N VAL B 433 -12.35 33.04 -14.37
CA VAL B 433 -12.29 31.87 -15.24
C VAL B 433 -13.28 30.81 -14.76
N LYS B 434 -13.60 30.80 -13.47
CA LYS B 434 -14.62 29.89 -12.98
C LYS B 434 -15.98 30.22 -13.56
N ARG B 435 -16.24 31.51 -13.81
CA ARG B 435 -17.50 31.92 -14.40
C ARG B 435 -17.55 31.59 -15.88
N ILE B 436 -16.45 31.81 -16.60
CA ILE B 436 -16.43 31.56 -18.04
C ILE B 436 -16.40 30.07 -18.30
N PHE B 437 -15.58 29.33 -17.55
CA PHE B 437 -15.45 27.91 -17.75
C PHE B 437 -16.77 27.19 -17.52
N TYR B 438 -17.47 27.55 -16.45
CA TYR B 438 -18.80 27.01 -16.21
C TYR B 438 -19.81 27.49 -17.23
N PHE B 439 -19.51 28.56 -17.97
CA PHE B 439 -20.33 28.95 -19.10
C PHE B 439 -19.92 28.18 -20.35
N ASN B 440 -18.63 27.87 -20.48
CA ASN B 440 -18.21 26.96 -21.53
C ASN B 440 -18.82 25.58 -21.33
N PHE B 441 -18.96 25.16 -20.08
CA PHE B 441 -19.55 23.86 -19.78
C PHE B 441 -21.03 23.84 -20.04
N LEU B 442 -21.71 24.94 -19.73
CA LEU B 442 -23.12 25.08 -20.07
C LEU B 442 -23.34 24.91 -21.57
N VAL B 443 -22.68 25.75 -22.38
CA VAL B 443 -22.91 25.75 -23.82
C VAL B 443 -22.58 24.40 -24.42
N TYR B 444 -21.57 23.72 -23.89
CA TYR B 444 -21.23 22.42 -24.41
C TYR B 444 -22.30 21.40 -24.04
N CYS B 445 -22.80 21.46 -22.81
CA CYS B 445 -23.91 20.62 -22.41
C CYS B 445 -25.15 20.88 -23.25
N LEU B 446 -25.52 22.14 -23.41
CA LEU B 446 -26.64 22.47 -24.29
C LEU B 446 -26.39 21.98 -25.70
N TYR B 447 -25.17 22.16 -26.19
CA TYR B 447 -24.79 21.69 -27.50
C TYR B 447 -24.96 20.19 -27.61
N MET B 448 -24.52 19.45 -26.60
CA MET B 448 -24.73 18.01 -26.61
C MET B 448 -26.19 17.64 -26.46
N ILE B 449 -26.94 18.41 -25.66
CA ILE B 449 -28.38 18.20 -25.57
C ILE B 449 -29.04 18.47 -26.91
N ILE B 450 -28.47 19.38 -27.70
CA ILE B 450 -29.08 19.77 -28.97
C ILE B 450 -28.65 18.81 -30.08
N PHE B 451 -27.38 18.40 -30.09
CA PHE B 451 -26.91 17.42 -31.04
C PHE B 451 -27.44 16.02 -30.74
N THR B 452 -28.02 15.83 -29.55
CA THR B 452 -28.50 14.52 -29.17
C THR B 452 -29.93 14.30 -29.63
N MET B 453 -30.79 15.31 -29.44
CA MET B 453 -32.17 15.18 -29.87
C MET B 453 -32.30 15.33 -31.36
N ALA B 454 -31.44 16.13 -31.99
CA ALA B 454 -31.40 16.17 -33.43
C ALA B 454 -30.89 14.86 -34.01
N ALA B 455 -30.14 14.10 -33.23
CA ALA B 455 -29.68 12.78 -33.59
C ALA B 455 -30.68 11.71 -33.17
N TYR B 456 -31.29 11.87 -32.00
CA TYR B 456 -32.30 10.94 -31.53
C TYR B 456 -33.55 10.99 -32.41
N TYR B 457 -33.95 12.19 -32.82
CA TYR B 457 -35.11 12.40 -33.67
C TYR B 457 -34.71 12.50 -35.13
N ARG B 458 -33.70 11.75 -35.53
CA ARG B 458 -33.28 11.75 -36.91
C ARG B 458 -34.35 11.07 -37.76
N PRO B 459 -34.37 11.32 -39.06
CA PRO B 459 -35.24 10.55 -39.93
C PRO B 459 -34.76 9.12 -40.12
N VAL B 460 -35.72 8.26 -40.42
CA VAL B 460 -35.45 6.85 -40.72
C VAL B 460 -36.06 6.44 -42.05
N ASP B 461 -36.67 7.36 -42.79
CA ASP B 461 -37.51 7.05 -43.94
C ASP B 461 -37.03 7.89 -45.11
N GLY B 462 -36.12 7.32 -45.91
CA GLY B 462 -35.63 7.94 -47.11
C GLY B 462 -34.11 7.90 -47.18
N LEU B 463 -33.55 8.88 -47.89
CA LEU B 463 -32.12 9.12 -47.95
C LEU B 463 -31.84 10.51 -47.43
N PRO B 464 -30.60 10.81 -47.04
CA PRO B 464 -30.21 12.18 -46.78
C PRO B 464 -29.89 12.90 -48.07
N PRO B 465 -30.00 14.24 -48.12
CA PRO B 465 -30.52 15.16 -47.12
C PRO B 465 -32.03 15.20 -47.06
N PHE B 466 -32.58 14.74 -45.95
CA PHE B 466 -34.02 14.77 -45.73
C PHE B 466 -34.54 16.20 -45.78
N LYS B 467 -35.86 16.31 -45.98
CA LYS B 467 -36.50 17.57 -46.29
C LYS B 467 -37.51 17.93 -45.21
N MET B 468 -37.72 19.23 -45.03
CA MET B 468 -38.59 19.76 -43.99
C MET B 468 -40.04 19.77 -44.48
N GLU B 469 -40.91 19.07 -43.75
CA GLU B 469 -42.34 19.02 -44.06
C GLU B 469 -43.18 19.59 -42.93
N LYS B 470 -42.97 19.13 -41.70
CA LYS B 470 -43.79 19.54 -40.56
C LYS B 470 -43.04 20.54 -39.68
N THR B 471 -43.74 21.01 -38.64
CA THR B 471 -43.17 22.00 -37.73
C THR B 471 -41.99 21.42 -36.97
N GLY B 472 -42.13 20.19 -36.46
CA GLY B 472 -41.09 19.60 -35.65
C GLY B 472 -39.79 19.37 -36.39
N ASP B 473 -39.81 19.35 -37.72
CA ASP B 473 -38.58 19.28 -38.50
C ASP B 473 -37.89 20.63 -38.66
N TYR B 474 -38.58 21.73 -38.36
CA TYR B 474 -37.92 23.03 -38.32
C TYR B 474 -37.20 23.24 -36.99
N PHE B 475 -37.63 22.57 -35.93
CA PHE B 475 -36.92 22.67 -34.67
C PHE B 475 -35.65 21.84 -34.68
N ARG B 476 -35.64 20.70 -35.38
CA ARG B 476 -34.44 19.89 -35.44
C ARG B 476 -33.40 20.45 -36.39
N VAL B 477 -33.82 21.08 -37.49
CA VAL B 477 -32.84 21.53 -38.46
C VAL B 477 -31.92 22.56 -37.83
N THR B 478 -32.50 23.50 -37.07
CA THR B 478 -31.71 24.35 -36.20
C THR B 478 -30.87 23.52 -35.26
N GLY B 479 -31.44 22.46 -34.69
CA GLY B 479 -30.67 21.52 -33.92
C GLY B 479 -29.56 20.86 -34.72
N GLU B 480 -29.75 20.72 -36.02
CA GLU B 480 -28.71 20.22 -36.90
C GLU B 480 -27.77 21.33 -37.34
N ILE B 481 -28.28 22.53 -37.62
CA ILE B 481 -27.40 23.67 -37.89
C ILE B 481 -26.53 23.94 -36.67
N LEU B 482 -27.17 24.29 -35.54
CA LEU B 482 -26.45 24.58 -34.31
C LEU B 482 -25.55 23.44 -33.87
N SER B 483 -25.79 22.22 -34.35
CA SER B 483 -24.89 21.10 -34.10
C SER B 483 -23.63 21.19 -34.95
N VAL B 484 -23.78 21.37 -36.27
CA VAL B 484 -22.62 21.34 -37.16
C VAL B 484 -21.70 22.51 -36.89
N LEU B 485 -22.26 23.68 -36.55
CA LEU B 485 -21.44 24.86 -36.34
C LEU B 485 -20.45 24.67 -35.21
N GLY B 486 -20.85 24.02 -34.13
CA GLY B 486 -19.91 23.62 -33.12
C GLY B 486 -18.84 22.70 -33.66
N GLY B 487 -19.19 21.85 -34.61
CA GLY B 487 -18.21 21.03 -35.27
C GLY B 487 -17.31 21.78 -36.21
N VAL B 488 -17.72 22.98 -36.64
CA VAL B 488 -16.79 23.89 -37.29
C VAL B 488 -15.96 24.59 -36.23
N TYR B 489 -16.56 24.92 -35.09
CA TYR B 489 -15.82 25.56 -34.02
C TYR B 489 -14.74 24.65 -33.47
N PHE B 490 -15.12 23.46 -33.01
CA PHE B 490 -14.13 22.52 -32.48
C PHE B 490 -13.15 22.05 -33.54
N PHE B 491 -13.49 22.21 -34.83
CA PHE B 491 -12.53 21.96 -35.89
C PHE B 491 -11.51 23.08 -35.96
N PHE B 492 -11.97 24.32 -36.19
CA PHE B 492 -11.07 25.46 -36.24
C PHE B 492 -10.35 25.66 -34.92
N ARG B 493 -11.07 25.53 -33.80
CA ARG B 493 -10.44 25.56 -32.49
C ARG B 493 -9.39 24.47 -32.32
N GLY B 494 -9.43 23.43 -33.15
CA GLY B 494 -8.43 22.39 -33.14
C GLY B 494 -7.32 22.65 -34.14
N ILE B 495 -7.67 23.25 -35.28
CA ILE B 495 -6.64 23.63 -36.25
C ILE B 495 -5.75 24.72 -35.66
N GLN B 496 -6.34 25.69 -34.97
CA GLN B 496 -5.55 26.71 -34.29
C GLN B 496 -4.55 26.08 -33.36
N TYR B 497 -5.01 25.15 -32.51
CA TYR B 497 -4.12 24.41 -31.62
C TYR B 497 -2.98 23.72 -32.34
N PHE B 498 -3.10 23.51 -33.66
CA PHE B 498 -2.00 23.03 -34.49
C PHE B 498 -1.49 24.09 -35.47
N LEU B 499 -1.80 25.37 -35.23
CA LEU B 499 -1.19 26.47 -35.96
C LEU B 499 -0.78 27.66 -35.10
N GLN B 500 -1.28 27.80 -33.87
CA GLN B 500 -0.78 28.79 -32.92
C GLN B 500 0.05 28.16 -31.82
N ARG B 501 0.28 26.85 -31.89
CA ARG B 501 1.30 26.18 -31.08
C ARG B 501 2.22 25.37 -31.98
N ARG B 502 1.66 24.77 -33.04
CA ARG B 502 2.37 23.89 -33.94
C ARG B 502 3.17 22.81 -33.18
N PRO B 503 2.51 21.99 -32.38
CA PRO B 503 3.22 20.94 -31.66
C PRO B 503 3.74 19.87 -32.59
N SER B 504 4.89 19.30 -32.21
CA SER B 504 5.59 18.33 -33.02
C SER B 504 4.74 17.10 -33.30
N MET B 505 5.26 16.24 -34.20
CA MET B 505 4.56 15.02 -34.58
C MET B 505 4.28 14.13 -33.37
N LYS B 506 5.27 13.95 -32.50
CA LYS B 506 5.07 13.21 -31.27
C LYS B 506 4.00 13.85 -30.41
N THR B 507 4.00 15.18 -30.32
CA THR B 507 3.10 15.89 -29.43
C THR B 507 1.70 16.08 -29.99
N LEU B 508 1.33 15.31 -31.02
CA LEU B 508 -0.06 15.04 -31.30
C LEU B 508 -0.59 13.93 -30.39
N PHE B 509 0.25 12.93 -30.11
CA PHE B 509 -0.19 11.65 -29.57
C PHE B 509 0.42 11.31 -28.21
N VAL B 510 0.96 12.29 -27.46
CA VAL B 510 1.53 11.99 -26.15
C VAL B 510 1.01 12.91 -25.05
N ASP B 511 0.56 14.13 -25.40
CA ASP B 511 0.09 15.06 -24.37
C ASP B 511 -1.08 15.96 -24.78
N SER B 512 -1.65 15.80 -25.97
CA SER B 512 -2.69 16.69 -26.48
C SER B 512 -4.03 15.99 -26.57
N TYR B 513 -4.27 15.07 -25.64
CA TYR B 513 -5.29 14.05 -25.83
C TYR B 513 -6.69 14.64 -25.87
N SER B 514 -6.96 15.62 -25.02
CA SER B 514 -8.26 16.25 -25.02
C SER B 514 -8.51 17.00 -26.33
N GLU B 515 -7.58 17.88 -26.69
CA GLU B 515 -7.69 18.65 -27.92
C GLU B 515 -7.87 17.77 -29.16
N MET B 516 -7.38 16.54 -29.11
CA MET B 516 -7.64 15.60 -30.19
C MET B 516 -9.09 15.17 -30.21
N LEU B 517 -9.65 14.82 -29.05
CA LEU B 517 -10.97 14.21 -29.00
C LEU B 517 -12.09 15.19 -29.24
N PHE B 518 -11.83 16.50 -29.11
CA PHE B 518 -12.78 17.50 -29.59
C PHE B 518 -12.61 17.77 -31.07
N PHE B 519 -11.38 17.69 -31.56
CA PHE B 519 -11.15 17.80 -33.00
C PHE B 519 -11.64 16.56 -33.71
N LEU B 520 -11.36 15.40 -33.11
CA LEU B 520 -11.82 14.12 -33.64
C LEU B 520 -13.34 14.07 -33.70
N GLN B 521 -14.00 14.55 -32.65
CA GLN B 521 -15.44 14.72 -32.68
C GLN B 521 -15.88 15.59 -33.84
N SER B 522 -15.08 16.61 -34.16
CA SER B 522 -15.42 17.50 -35.26
C SER B 522 -15.23 16.82 -36.61
N LEU B 523 -14.26 15.91 -36.71
CA LEU B 523 -14.07 15.16 -37.93
C LEU B 523 -15.25 14.22 -38.18
N PHE B 524 -15.69 13.51 -37.14
CA PHE B 524 -16.88 12.70 -37.24
C PHE B 524 -18.12 13.53 -37.50
N MET B 525 -18.09 14.82 -37.15
CA MET B 525 -19.17 15.73 -37.48
C MET B 525 -19.08 16.17 -38.93
N LEU B 526 -17.91 16.58 -39.36
CA LEU B 526 -17.75 17.06 -40.72
C LEU B 526 -17.52 15.93 -41.71
N ALA B 527 -17.48 14.69 -41.23
CA ALA B 527 -17.79 13.55 -42.08
C ALA B 527 -19.29 13.30 -42.13
N THR B 528 -20.01 13.75 -41.08
CA THR B 528 -21.46 13.62 -41.01
C THR B 528 -22.17 14.70 -41.82
N VAL B 529 -21.44 15.71 -42.29
CA VAL B 529 -22.00 16.67 -43.23
C VAL B 529 -21.75 16.22 -44.66
N VAL B 530 -20.54 15.72 -44.93
CA VAL B 530 -20.20 15.24 -46.27
C VAL B 530 -21.13 14.10 -46.67
N LEU B 531 -21.45 13.23 -45.72
CA LEU B 531 -22.23 12.04 -46.03
C LEU B 531 -23.72 12.25 -45.88
N TYR B 532 -24.15 13.35 -45.26
CA TYR B 532 -25.56 13.74 -45.29
C TYR B 532 -25.92 14.47 -46.56
N PHE B 533 -24.92 14.91 -47.33
CA PHE B 533 -25.13 15.50 -48.63
C PHE B 533 -24.61 14.63 -49.76
N SER B 534 -23.86 13.57 -49.46
CA SER B 534 -23.45 12.59 -50.44
C SER B 534 -24.52 11.53 -50.71
N HIS B 535 -25.71 11.67 -50.12
CA HIS B 535 -26.79 10.71 -50.29
C HIS B 535 -26.36 9.33 -49.79
N LEU B 536 -26.06 9.28 -48.49
CA LEU B 536 -25.45 8.12 -47.87
C LEU B 536 -25.85 8.09 -46.41
N LYS B 537 -26.40 6.95 -45.95
CA LYS B 537 -26.85 6.82 -44.57
C LYS B 537 -25.71 6.54 -43.59
N GLU B 538 -24.46 6.58 -44.04
CA GLU B 538 -23.32 6.40 -43.16
C GLU B 538 -23.02 7.63 -42.32
N TYR B 539 -23.77 8.72 -42.48
CA TYR B 539 -23.61 9.85 -41.58
C TYR B 539 -23.93 9.43 -40.15
N VAL B 540 -24.87 8.50 -39.98
CA VAL B 540 -25.24 8.02 -38.66
C VAL B 540 -24.06 7.34 -38.00
N ALA B 541 -23.38 6.48 -38.74
CA ALA B 541 -22.16 5.85 -38.26
C ALA B 541 -21.17 6.87 -37.73
N SER B 542 -21.00 7.97 -38.43
CA SER B 542 -20.14 9.04 -37.95
C SER B 542 -20.81 9.83 -36.84
N MET B 543 -22.14 9.94 -36.86
CA MET B 543 -22.83 10.84 -35.96
C MET B 543 -22.94 10.29 -34.56
N VAL B 544 -23.07 8.96 -34.43
CA VAL B 544 -23.12 8.38 -33.10
C VAL B 544 -21.74 8.40 -32.46
N PHE B 545 -20.70 8.22 -33.26
CA PHE B 545 -19.34 8.40 -32.78
C PHE B 545 -19.11 9.82 -32.28
N SER B 546 -19.71 10.81 -32.93
CA SER B 546 -19.61 12.18 -32.44
C SER B 546 -20.30 12.35 -31.10
N LEU B 547 -21.48 11.77 -30.92
CA LEU B 547 -22.15 11.82 -29.63
C LEU B 547 -21.32 11.14 -28.55
N ALA B 548 -20.86 9.93 -28.82
CA ALA B 548 -20.11 9.17 -27.84
C ALA B 548 -18.85 9.90 -27.44
N LEU B 549 -18.11 10.39 -28.41
CA LEU B 549 -17.00 11.29 -28.12
C LEU B 549 -17.50 12.52 -27.38
N GLY B 550 -18.65 13.04 -27.78
CA GLY B 550 -19.11 14.30 -27.24
C GLY B 550 -19.40 14.24 -25.76
N TRP B 551 -20.21 13.29 -25.35
CA TRP B 551 -20.55 13.19 -23.94
C TRP B 551 -19.36 12.78 -23.11
N THR B 552 -18.57 11.83 -23.59
CA THR B 552 -17.32 11.47 -22.94
C THR B 552 -16.41 12.67 -22.76
N ASN B 553 -16.49 13.63 -23.65
CA ASN B 553 -15.72 14.85 -23.56
C ASN B 553 -16.26 15.83 -22.52
N MET B 554 -17.34 15.52 -21.82
CA MET B 554 -17.62 16.20 -20.56
C MET B 554 -16.49 16.00 -19.58
N LEU B 555 -15.82 14.86 -19.65
CA LEU B 555 -14.67 14.56 -18.83
C LEU B 555 -13.52 15.52 -19.07
N TYR B 556 -13.59 16.35 -20.12
CA TYR B 556 -12.80 17.57 -20.15
C TYR B 556 -13.23 18.50 -19.03
N TYR B 557 -14.46 18.97 -19.10
CA TYR B 557 -14.90 20.10 -18.31
C TYR B 557 -15.01 19.81 -16.85
N THR B 558 -14.82 18.57 -16.43
CA THR B 558 -14.77 18.23 -15.04
C THR B 558 -13.39 18.52 -14.44
N ARG B 559 -12.54 19.25 -15.17
CA ARG B 559 -11.29 19.75 -14.64
C ARG B 559 -11.43 21.09 -13.96
N GLY B 560 -12.60 21.69 -13.97
CA GLY B 560 -12.88 22.77 -13.07
C GLY B 560 -13.21 22.35 -11.66
N PHE B 561 -12.99 21.08 -11.32
CA PHE B 561 -13.33 20.52 -10.03
C PHE B 561 -12.22 19.57 -9.63
N GLN B 562 -11.71 19.76 -8.42
CA GLN B 562 -10.51 19.07 -8.00
C GLN B 562 -10.72 17.56 -7.97
N GLN B 563 -11.62 17.08 -7.12
CA GLN B 563 -11.73 15.66 -6.91
C GLN B 563 -12.26 14.95 -8.15
N MET B 564 -13.04 15.66 -8.96
CA MET B 564 -13.48 15.11 -10.22
C MET B 564 -12.45 15.25 -11.33
N GLY B 565 -11.68 16.33 -11.31
CA GLY B 565 -10.69 16.54 -12.33
C GLY B 565 -9.50 15.63 -12.14
N ILE B 566 -9.13 15.37 -10.89
CA ILE B 566 -8.13 14.35 -10.61
C ILE B 566 -8.65 12.99 -11.02
N TYR B 567 -9.94 12.75 -10.87
CA TYR B 567 -10.52 11.50 -11.30
C TYR B 567 -10.43 11.33 -12.80
N ALA B 568 -10.64 12.42 -13.55
CA ALA B 568 -10.51 12.36 -14.99
C ALA B 568 -9.07 12.12 -15.43
N VAL B 569 -8.11 12.45 -14.59
CA VAL B 569 -6.71 12.25 -14.93
C VAL B 569 -6.29 10.83 -14.61
N MET B 570 -6.76 10.28 -13.50
CA MET B 570 -6.56 8.87 -13.24
C MET B 570 -7.14 8.03 -14.37
N ILE B 571 -8.30 8.40 -14.90
CA ILE B 571 -8.87 7.70 -16.04
C ILE B 571 -7.90 7.70 -17.21
N GLU B 572 -7.30 8.86 -17.51
CA GLU B 572 -6.27 8.92 -18.55
C GLU B 572 -5.13 7.98 -18.23
N LYS B 573 -4.58 8.08 -17.03
CA LYS B 573 -3.44 7.28 -16.64
C LYS B 573 -3.76 5.82 -16.40
N MET B 574 -5.01 5.38 -16.61
CA MET B 574 -5.38 3.98 -16.67
C MET B 574 -5.61 3.50 -18.07
N ILE B 575 -6.19 4.34 -18.91
CA ILE B 575 -6.43 3.99 -20.31
C ILE B 575 -5.13 3.68 -21.02
N LEU B 576 -4.03 4.32 -20.62
CA LEU B 576 -2.79 4.30 -21.34
C LEU B 576 -1.78 3.37 -20.68
N ARG B 577 -1.76 3.37 -19.37
CA ARG B 577 -0.84 2.57 -18.59
C ARG B 577 -1.32 1.16 -18.35
N ASP B 578 -2.56 0.99 -17.88
CA ASP B 578 -3.08 -0.29 -17.42
C ASP B 578 -4.00 -0.97 -18.43
N LEU B 579 -4.77 -0.20 -19.19
CA LEU B 579 -5.72 -0.76 -20.13
C LEU B 579 -5.09 -1.06 -21.48
N CYS B 580 -4.04 -0.33 -21.85
CA CYS B 580 -3.32 -0.65 -23.07
C CYS B 580 -2.52 -1.94 -22.91
N ARG B 581 -1.76 -2.04 -21.83
CA ARG B 581 -1.06 -3.28 -21.53
C ARG B 581 -2.03 -4.44 -21.45
N PHE B 582 -3.18 -4.21 -20.82
CA PHE B 582 -4.22 -5.23 -20.72
C PHE B 582 -4.75 -5.64 -22.08
N MET B 583 -5.18 -4.65 -22.87
CA MET B 583 -5.91 -4.97 -24.08
C MET B 583 -5.01 -5.44 -25.22
N PHE B 584 -3.70 -5.31 -25.09
CA PHE B 584 -2.82 -6.04 -25.98
C PHE B 584 -2.86 -7.53 -25.65
N VAL B 585 -2.47 -7.86 -24.42
CA VAL B 585 -2.42 -9.25 -24.00
C VAL B 585 -3.79 -9.90 -24.08
N TYR B 586 -4.84 -9.14 -23.77
CA TYR B 586 -6.19 -9.70 -23.84
C TYR B 586 -6.56 -10.06 -25.26
N ILE B 587 -6.10 -9.30 -26.24
CA ILE B 587 -6.45 -9.58 -27.63
C ILE B 587 -5.61 -10.72 -28.16
N VAL B 588 -4.36 -10.84 -27.71
CA VAL B 588 -3.54 -11.99 -28.01
C VAL B 588 -4.25 -13.26 -27.56
N PHE B 589 -4.67 -13.30 -26.31
CA PHE B 589 -5.38 -14.44 -25.79
C PHE B 589 -6.69 -14.64 -26.52
N LEU B 590 -7.49 -13.58 -26.63
CA LEU B 590 -8.79 -13.68 -27.28
C LEU B 590 -8.65 -14.21 -28.70
N PHE B 591 -7.79 -13.60 -29.48
CA PHE B 591 -7.56 -14.09 -30.84
C PHE B 591 -6.78 -15.38 -30.82
N GLY B 592 -5.93 -15.57 -29.82
CA GLY B 592 -5.26 -16.85 -29.67
C GLY B 592 -6.22 -18.01 -29.52
N PHE B 593 -7.05 -17.96 -28.48
CA PHE B 593 -7.98 -19.04 -28.22
C PHE B 593 -9.17 -19.04 -29.16
N SER B 594 -9.49 -17.91 -29.78
CA SER B 594 -10.59 -17.86 -30.73
C SER B 594 -10.30 -18.71 -31.94
N THR B 595 -9.18 -18.42 -32.61
CA THR B 595 -8.67 -19.26 -33.69
C THR B 595 -8.65 -20.72 -33.30
N ALA B 596 -8.18 -20.99 -32.09
CA ALA B 596 -8.14 -22.34 -31.58
C ALA B 596 -9.53 -22.94 -31.43
N VAL B 597 -10.55 -22.12 -31.16
CA VAL B 597 -11.91 -22.64 -31.03
C VAL B 597 -12.58 -22.78 -32.39
N VAL B 598 -12.47 -21.76 -33.24
CA VAL B 598 -13.15 -21.81 -34.52
C VAL B 598 -12.47 -22.79 -35.46
N THR B 599 -11.18 -23.04 -35.26
CA THR B 599 -10.52 -24.19 -35.88
C THR B 599 -11.27 -25.47 -35.53
N LEU B 600 -11.48 -25.71 -34.24
CA LEU B 600 -12.15 -26.92 -33.81
C LEU B 600 -13.61 -26.96 -34.26
N ILE B 601 -14.24 -25.81 -34.42
CA ILE B 601 -15.62 -25.77 -34.89
C ILE B 601 -15.65 -26.13 -36.36
N GLU B 602 -16.72 -26.81 -36.75
CA GLU B 602 -16.95 -27.26 -38.11
C GLU B 602 -18.32 -26.77 -38.57
N ASP B 603 -18.64 -27.11 -39.82
CA ASP B 603 -19.90 -26.81 -40.53
C ASP B 603 -20.73 -25.62 -40.03
N SER B 629 -24.21 -20.09 -36.42
CA SER B 629 -23.09 -20.21 -37.36
C SER B 629 -21.79 -19.84 -36.68
N TYR B 630 -21.45 -20.54 -35.61
CA TYR B 630 -20.25 -20.27 -34.83
C TYR B 630 -18.97 -20.68 -35.53
N ASN B 631 -19.02 -21.22 -36.75
CA ASN B 631 -17.83 -21.44 -37.57
C ASN B 631 -17.41 -20.11 -38.21
N SER B 632 -17.08 -19.16 -37.35
CA SER B 632 -16.71 -17.82 -37.75
C SER B 632 -15.77 -17.25 -36.70
N LEU B 633 -14.81 -16.47 -37.16
CA LEU B 633 -13.83 -15.87 -36.28
C LEU B 633 -14.37 -14.67 -35.55
N TYR B 634 -15.39 -14.02 -36.10
CA TYR B 634 -15.99 -12.91 -35.39
C TYR B 634 -16.76 -13.39 -34.18
N SER B 635 -17.75 -14.24 -34.41
CA SER B 635 -18.65 -14.66 -33.35
C SER B 635 -17.92 -15.41 -32.25
N THR B 636 -16.86 -16.11 -32.60
CA THR B 636 -16.04 -16.76 -31.60
C THR B 636 -15.23 -15.76 -30.81
N CYS B 637 -14.61 -14.79 -31.48
CA CYS B 637 -13.98 -13.69 -30.78
C CYS B 637 -15.00 -12.88 -30.02
N LEU B 638 -16.23 -12.87 -30.48
CA LEU B 638 -17.32 -12.17 -29.81
C LEU B 638 -17.84 -12.97 -28.63
N GLU B 639 -18.04 -14.28 -28.78
CA GLU B 639 -18.52 -15.09 -27.68
C GLU B 639 -17.49 -15.24 -26.58
N LEU B 640 -16.21 -15.12 -26.93
CA LEU B 640 -15.15 -15.16 -25.93
C LEU B 640 -14.90 -13.82 -25.29
N PHE B 641 -15.39 -12.72 -25.87
CA PHE B 641 -15.42 -11.47 -25.14
C PHE B 641 -16.54 -11.44 -24.11
N LYS B 642 -17.41 -12.45 -24.10
CA LYS B 642 -18.50 -12.46 -23.16
C LYS B 642 -18.13 -13.11 -21.85
N PHE B 643 -17.09 -13.96 -21.81
CA PHE B 643 -16.61 -14.49 -20.55
C PHE B 643 -16.08 -13.38 -19.65
N THR B 644 -15.57 -12.31 -20.24
CA THR B 644 -14.95 -11.25 -19.47
C THR B 644 -15.95 -10.24 -18.95
N ILE B 645 -17.08 -10.09 -19.62
CA ILE B 645 -18.18 -9.26 -19.14
C ILE B 645 -19.22 -10.10 -18.39
N GLY B 646 -18.84 -11.29 -17.95
CA GLY B 646 -19.75 -12.11 -17.20
C GLY B 646 -20.91 -12.66 -17.98
N MET B 647 -20.73 -12.93 -19.27
CA MET B 647 -21.80 -13.44 -20.10
C MET B 647 -21.33 -14.56 -21.01
N GLY B 648 -20.35 -15.32 -20.55
CA GLY B 648 -19.83 -16.43 -21.29
C GLY B 648 -20.49 -17.76 -21.07
N ASP B 649 -21.06 -18.29 -22.13
CA ASP B 649 -21.61 -19.64 -22.13
C ASP B 649 -20.48 -20.57 -22.46
N LEU B 650 -20.31 -21.63 -21.68
CA LEU B 650 -19.36 -22.67 -21.98
C LEU B 650 -19.93 -23.74 -22.88
N GLU B 651 -21.11 -23.49 -23.45
CA GLU B 651 -21.82 -24.44 -24.29
C GLU B 651 -22.42 -23.72 -25.48
N PHE B 652 -21.71 -22.72 -26.01
CA PHE B 652 -22.22 -21.99 -27.16
C PHE B 652 -22.01 -22.75 -28.47
N THR B 653 -21.34 -23.89 -28.45
CA THR B 653 -21.35 -24.80 -29.57
C THR B 653 -21.40 -26.22 -29.06
N GLU B 654 -22.20 -27.02 -29.75
CA GLU B 654 -22.01 -28.47 -29.79
C GLU B 654 -21.42 -28.91 -31.12
N ASN B 655 -21.11 -27.96 -32.00
CA ASN B 655 -20.57 -28.25 -33.33
C ASN B 655 -19.06 -28.28 -33.21
N TYR B 656 -18.56 -29.38 -32.68
CA TYR B 656 -17.14 -29.68 -32.58
C TYR B 656 -17.03 -31.19 -32.62
N ASP B 657 -15.79 -31.69 -32.59
CA ASP B 657 -15.53 -33.12 -32.56
C ASP B 657 -14.96 -33.62 -31.25
N PHE B 658 -14.36 -32.75 -30.45
CA PHE B 658 -13.73 -33.16 -29.20
C PHE B 658 -14.09 -32.17 -28.10
N LYS B 659 -14.75 -32.68 -27.07
CA LYS B 659 -15.29 -31.81 -26.02
C LYS B 659 -14.25 -31.42 -25.00
N ALA B 660 -13.34 -32.31 -24.66
CA ALA B 660 -12.28 -31.94 -23.74
C ALA B 660 -11.44 -30.81 -24.32
N VAL B 661 -11.24 -30.84 -25.64
CA VAL B 661 -10.46 -29.80 -26.29
C VAL B 661 -11.20 -28.49 -26.20
N PHE B 662 -12.49 -28.50 -26.49
CA PHE B 662 -13.28 -27.27 -26.50
C PHE B 662 -13.32 -26.62 -25.14
N ILE B 663 -13.38 -27.43 -24.07
CA ILE B 663 -13.59 -26.88 -22.73
C ILE B 663 -12.27 -26.64 -22.01
N ILE B 664 -11.25 -27.49 -22.19
CA ILE B 664 -9.91 -27.14 -21.70
C ILE B 664 -9.45 -25.83 -22.29
N LEU B 665 -9.88 -25.56 -23.52
CA LEU B 665 -9.44 -24.40 -24.26
C LEU B 665 -10.20 -23.15 -23.88
N LEU B 666 -11.43 -23.30 -23.40
CA LEU B 666 -12.15 -22.17 -22.82
C LEU B 666 -11.76 -21.94 -21.37
N LEU B 667 -11.66 -23.00 -20.60
CA LEU B 667 -11.19 -22.87 -19.23
C LEU B 667 -9.79 -22.28 -19.19
N ALA B 668 -8.94 -22.66 -20.13
CA ALA B 668 -7.68 -21.96 -20.33
C ALA B 668 -7.92 -20.49 -20.65
N TYR B 669 -8.92 -20.19 -21.46
CA TYR B 669 -9.23 -18.79 -21.77
C TYR B 669 -9.77 -18.07 -20.55
N VAL B 670 -10.77 -18.65 -19.89
CA VAL B 670 -11.37 -18.05 -18.70
C VAL B 670 -10.31 -17.80 -17.64
N ILE B 671 -9.54 -18.83 -17.32
CA ILE B 671 -8.55 -18.73 -16.26
C ILE B 671 -7.53 -17.67 -16.58
N LEU B 672 -7.07 -17.63 -17.82
CA LEU B 672 -6.04 -16.68 -18.21
C LEU B 672 -6.58 -15.28 -18.35
N THR B 673 -7.78 -15.11 -18.91
CA THR B 673 -8.34 -13.80 -19.14
C THR B 673 -9.23 -13.31 -18.00
N TYR B 674 -10.23 -14.10 -17.62
CA TYR B 674 -11.20 -13.64 -16.64
C TYR B 674 -10.63 -13.70 -15.24
N ILE B 675 -10.17 -14.87 -14.81
CA ILE B 675 -9.78 -15.06 -13.43
C ILE B 675 -8.46 -14.36 -13.16
N LEU B 676 -7.52 -14.51 -14.07
CA LEU B 676 -6.19 -13.94 -13.91
C LEU B 676 -6.13 -12.48 -14.35
N LEU B 677 -6.37 -12.23 -15.62
CA LEU B 677 -5.90 -11.01 -16.26
C LEU B 677 -6.83 -9.83 -16.02
N LEU B 678 -8.14 -10.05 -15.94
CA LEU B 678 -9.02 -8.99 -15.47
C LEU B 678 -8.75 -8.67 -14.02
N ASN B 679 -8.66 -9.68 -13.17
CA ASN B 679 -8.42 -9.42 -11.78
C ASN B 679 -7.03 -8.85 -11.58
N MET B 680 -6.11 -9.20 -12.46
CA MET B 680 -4.78 -8.61 -12.48
C MET B 680 -4.85 -7.15 -12.88
N LEU B 681 -5.70 -6.81 -13.85
CA LEU B 681 -5.94 -5.42 -14.19
C LEU B 681 -6.33 -4.62 -12.95
N ILE B 682 -7.29 -5.14 -12.18
CA ILE B 682 -7.71 -4.50 -10.95
C ILE B 682 -6.53 -4.28 -10.01
N ALA B 683 -5.56 -5.18 -10.05
CA ALA B 683 -4.39 -5.05 -9.19
C ALA B 683 -3.42 -4.02 -9.72
N LEU B 684 -3.07 -4.12 -11.01
CA LEU B 684 -2.32 -3.05 -11.68
C LEU B 684 -2.99 -1.72 -11.47
N MET B 685 -4.27 -1.66 -11.83
CA MET B 685 -5.09 -0.47 -11.69
C MET B 685 -5.18 0.01 -10.25
N GLY B 686 -4.82 -0.80 -9.27
CA GLY B 686 -4.75 -0.39 -7.89
C GLY B 686 -3.36 0.02 -7.44
N GLU B 687 -2.33 -0.51 -8.11
CA GLU B 687 -0.97 -0.05 -7.85
C GLU B 687 -0.71 1.29 -8.50
N THR B 688 -1.40 1.57 -9.61
CA THR B 688 -1.29 2.86 -10.26
C THR B 688 -1.84 3.98 -9.37
N VAL B 689 -3.04 3.77 -8.81
CA VAL B 689 -3.70 4.78 -7.99
C VAL B 689 -2.82 5.15 -6.80
N ASN B 690 -2.12 4.17 -6.23
CA ASN B 690 -1.18 4.46 -5.15
C ASN B 690 -0.10 5.42 -5.62
N LYS B 691 0.28 5.36 -6.90
CA LYS B 691 1.36 6.18 -7.42
C LYS B 691 0.89 7.54 -7.86
N ILE B 692 -0.15 7.60 -8.67
CA ILE B 692 -0.52 8.82 -9.38
C ILE B 692 -1.45 9.71 -8.56
N ALA B 693 -1.60 9.40 -7.27
CA ALA B 693 -2.47 10.24 -6.43
C ALA B 693 -1.95 11.67 -6.37
N GLN B 694 -0.63 11.84 -6.24
CA GLN B 694 -0.04 13.16 -6.20
C GLN B 694 0.24 13.68 -7.60
N GLU B 695 0.71 12.81 -8.48
CA GLU B 695 1.00 13.21 -9.85
C GLU B 695 -0.26 13.69 -10.57
N SER B 696 -1.39 13.03 -10.34
CA SER B 696 -2.59 13.39 -11.06
C SER B 696 -3.20 14.69 -10.53
N LYS B 697 -3.00 15.01 -9.26
CA LYS B 697 -3.31 16.34 -8.77
C LYS B 697 -2.42 17.37 -9.45
N ASN B 698 -1.16 17.02 -9.67
CA ASN B 698 -0.25 17.95 -10.30
C ASN B 698 -0.48 18.00 -11.80
N ILE B 699 -1.02 16.94 -12.38
CA ILE B 699 -1.49 17.00 -13.76
C ILE B 699 -2.82 17.72 -13.83
N TRP B 700 -3.60 17.70 -12.75
CA TRP B 700 -4.86 18.43 -12.78
C TRP B 700 -4.63 19.93 -12.83
N LYS B 701 -3.69 20.43 -12.04
CA LYS B 701 -3.50 21.87 -11.93
C LYS B 701 -2.98 22.48 -13.22
N LEU B 702 -2.22 21.71 -13.99
CA LEU B 702 -1.80 22.18 -15.30
C LEU B 702 -2.95 22.20 -16.28
N GLN B 703 -3.82 21.20 -16.24
CA GLN B 703 -4.98 21.20 -17.11
C GLN B 703 -5.85 22.42 -16.84
N ARG B 704 -5.98 22.80 -15.58
CA ARG B 704 -6.71 24.02 -15.24
C ARG B 704 -5.92 25.25 -15.63
N ALA B 705 -4.59 25.18 -15.60
CA ALA B 705 -3.77 26.29 -16.06
C ALA B 705 -4.02 26.59 -17.52
N ILE B 706 -3.91 25.57 -18.38
CA ILE B 706 -4.19 25.74 -19.80
C ILE B 706 -5.58 26.30 -20.01
N THR B 707 -6.53 25.91 -19.16
CA THR B 707 -7.87 26.45 -19.22
C THR B 707 -7.87 27.94 -18.87
N ILE B 708 -7.09 28.32 -17.87
CA ILE B 708 -6.97 29.72 -17.49
C ILE B 708 -6.31 30.50 -18.62
N LEU B 709 -5.19 30.00 -19.14
CA LEU B 709 -4.44 30.72 -20.15
C LEU B 709 -5.20 30.83 -21.46
N ASP B 710 -5.86 29.76 -21.90
CA ASP B 710 -6.66 29.84 -23.11
C ASP B 710 -7.80 30.84 -22.97
N THR B 711 -8.41 30.89 -21.79
CA THR B 711 -9.44 31.89 -21.52
C THR B 711 -8.88 33.31 -21.65
N GLU B 712 -7.65 33.53 -21.17
CA GLU B 712 -7.02 34.83 -21.32
C GLU B 712 -6.88 35.20 -22.79
N LYS B 713 -6.20 34.34 -23.55
CA LYS B 713 -6.03 34.57 -24.98
C LYS B 713 -7.31 34.36 -25.77
N SER B 714 -8.33 33.75 -25.19
CA SER B 714 -9.58 33.50 -25.89
C SER B 714 -10.73 33.31 -24.91
N PHE B 723 -8.38 42.41 -17.18
CA PHE B 723 -8.45 41.33 -16.19
C PHE B 723 -7.12 41.16 -15.47
N ARG B 724 -6.31 42.21 -15.44
CA ARG B 724 -4.92 42.10 -15.01
C ARG B 724 -4.84 41.66 -13.56
N SER B 725 -4.14 40.56 -13.32
CA SER B 725 -3.97 40.02 -11.98
C SER B 725 -2.93 40.82 -11.20
N GLY B 726 -3.19 41.01 -9.92
CA GLY B 726 -2.28 41.74 -9.07
C GLY B 726 -2.29 43.23 -9.35
N LYS B 727 -1.92 44.02 -8.34
CA LYS B 727 -1.96 45.47 -8.44
C LYS B 727 -0.56 46.03 -8.65
N LEU B 728 -0.53 47.23 -9.23
CA LEU B 728 0.71 47.92 -9.59
C LEU B 728 1.24 48.63 -8.35
N LEU B 729 1.83 47.85 -7.45
CA LEU B 729 2.36 48.37 -6.20
C LEU B 729 3.72 49.02 -6.43
N GLN B 730 4.04 50.00 -5.57
CA GLN B 730 5.39 50.56 -5.49
C GLN B 730 6.10 49.87 -4.33
N VAL B 731 7.24 49.25 -4.62
CA VAL B 731 7.92 48.36 -3.68
C VAL B 731 9.16 49.04 -3.13
N GLY B 732 9.83 49.82 -3.97
CA GLY B 732 11.12 50.38 -3.61
C GLY B 732 11.62 51.33 -4.67
N TYR B 733 12.92 51.28 -4.94
CA TYR B 733 13.56 52.23 -5.84
C TYR B 733 14.68 51.54 -6.58
N THR B 734 14.72 51.74 -7.89
CA THR B 734 15.89 51.36 -8.67
C THR B 734 17.08 52.17 -8.18
N PRO B 735 18.36 51.70 -8.40
CA PRO B 735 19.53 52.51 -8.02
C PRO B 735 19.86 53.61 -9.02
N ASP B 736 18.84 54.32 -9.48
CA ASP B 736 18.97 55.54 -10.26
C ASP B 736 17.99 56.62 -9.83
N GLY B 737 17.10 56.35 -8.86
CA GLY B 737 16.28 57.35 -8.21
C GLY B 737 14.78 57.18 -8.36
N LYS B 738 14.30 56.29 -9.22
CA LYS B 738 12.89 56.26 -9.59
C LYS B 738 12.11 55.26 -8.75
N ASP B 739 10.79 55.42 -8.78
CA ASP B 739 9.88 54.42 -8.22
C ASP B 739 9.92 53.17 -9.09
N ASP B 740 10.17 52.02 -8.46
CA ASP B 740 10.15 50.74 -9.16
C ASP B 740 8.69 50.26 -9.20
N TYR B 741 7.97 50.67 -10.24
CA TYR B 741 6.59 50.25 -10.41
C TYR B 741 6.56 48.78 -10.80
N ARG B 742 5.72 48.00 -10.13
CA ARG B 742 5.67 46.56 -10.32
C ARG B 742 4.26 46.04 -10.12
N TRP B 743 3.80 45.20 -11.05
CA TRP B 743 2.57 44.46 -10.87
C TRP B 743 2.84 43.27 -9.95
N CYS B 744 2.24 43.29 -8.77
CA CYS B 744 2.64 42.41 -7.70
C CYS B 744 1.44 41.73 -7.07
N PHE B 745 1.66 40.49 -6.65
CA PHE B 745 0.62 39.60 -6.16
C PHE B 745 0.79 39.45 -4.66
N ARG B 746 -0.13 40.04 -3.90
CA ARG B 746 -0.06 40.01 -2.45
C ARG B 746 -0.34 38.61 -1.93
N VAL B 747 0.60 38.08 -1.15
CA VAL B 747 0.44 36.84 -0.43
C VAL B 747 0.64 37.15 1.05
N ASP B 748 -0.05 36.40 1.91
CA ASP B 748 -0.07 36.65 3.35
C ASP B 748 0.21 35.34 4.07
N GLU B 749 1.45 35.19 4.53
CA GLU B 749 1.88 34.02 5.29
C GLU B 749 1.97 34.39 6.77
N VAL B 750 1.94 33.38 7.62
CA VAL B 750 1.91 33.56 9.08
C VAL B 750 2.83 32.52 9.69
N ASN B 751 3.97 32.98 10.22
CA ASN B 751 4.92 32.14 10.94
C ASN B 751 4.90 32.49 12.43
N TRP B 752 5.64 31.69 13.20
CA TRP B 752 5.70 31.86 14.65
C TRP B 752 7.11 31.69 15.20
N THR B 753 8.14 31.84 14.36
CA THR B 753 9.53 31.86 14.79
C THR B 753 10.33 32.95 14.09
N THR B 754 9.69 33.80 13.29
CA THR B 754 10.38 34.73 12.39
C THR B 754 10.10 36.16 12.81
N TRP B 755 10.26 36.44 14.10
CA TRP B 755 9.83 37.70 14.69
C TRP B 755 10.75 38.82 14.21
N ASN B 756 10.50 39.27 12.99
CA ASN B 756 11.28 40.34 12.38
C ASN B 756 10.62 40.79 11.08
N TYR C 201 -9.62 51.27 10.82
CA TYR C 201 -8.74 50.16 10.36
C TYR C 201 -7.62 49.97 11.37
N TYR C 202 -6.79 51.00 11.55
CA TYR C 202 -5.85 51.06 12.66
C TYR C 202 -6.45 51.73 13.89
N LYS C 203 -7.78 51.76 13.99
CA LYS C 203 -8.46 52.53 15.03
C LYS C 203 -8.08 52.02 16.41
N GLY C 204 -7.98 52.95 17.37
CA GLY C 204 -7.63 52.62 18.73
C GLY C 204 -6.16 52.32 18.97
N GLN C 205 -5.37 52.13 17.92
CA GLN C 205 -3.97 51.77 18.07
C GLN C 205 -3.19 52.94 18.67
N THR C 206 -2.66 52.74 19.87
CA THR C 206 -1.85 53.72 20.55
C THR C 206 -0.36 53.51 20.23
N ALA C 207 0.46 54.47 20.65
CA ALA C 207 1.91 54.30 20.49
C ALA C 207 2.46 53.20 21.37
N LEU C 208 1.70 52.77 22.38
CA LEU C 208 2.14 51.67 23.23
C LEU C 208 2.01 50.34 22.52
N HIS C 209 0.98 50.17 21.69
CA HIS C 209 0.88 48.97 20.89
C HIS C 209 2.03 48.88 19.91
N ILE C 210 2.54 50.02 19.46
CA ILE C 210 3.76 50.03 18.66
C ILE C 210 4.92 49.52 19.49
N ALA C 211 5.06 50.05 20.71
CA ALA C 211 6.16 49.65 21.60
C ALA C 211 6.12 48.17 21.92
N ILE C 212 4.95 47.54 21.84
CA ILE C 212 4.86 46.10 22.09
C ILE C 212 5.16 45.33 20.82
N GLU C 213 4.40 45.58 19.75
CA GLU C 213 4.51 44.76 18.54
C GLU C 213 5.91 44.82 17.94
N ARG C 214 6.62 45.93 18.12
CA ARG C 214 8.00 46.03 17.67
C ARG C 214 8.98 45.34 18.63
N ARG C 215 8.48 44.64 19.65
CA ARG C 215 9.32 43.85 20.56
C ARG C 215 10.32 44.73 21.30
N ASN C 216 9.84 45.88 21.78
CA ASN C 216 10.65 46.86 22.51
C ASN C 216 10.03 47.01 23.90
N MET C 217 10.53 46.23 24.86
CA MET C 217 10.01 46.29 26.23
C MET C 217 10.43 47.56 26.97
N ALA C 218 11.36 48.33 26.43
CA ALA C 218 11.85 49.51 27.14
C ALA C 218 10.88 50.68 27.02
N LEU C 219 10.31 50.90 25.83
CA LEU C 219 9.39 52.01 25.63
C LEU C 219 8.01 51.75 26.20
N VAL C 220 7.60 50.49 26.33
CA VAL C 220 6.36 50.16 27.01
C VAL C 220 6.41 50.64 28.45
N THR C 221 7.58 50.56 29.06
CA THR C 221 7.77 51.14 30.40
C THR C 221 7.55 52.64 30.37
N LEU C 222 8.18 53.34 29.42
CA LEU C 222 8.12 54.80 29.41
C LEU C 222 6.75 55.32 28.98
N LEU C 223 6.09 54.65 28.03
CA LEU C 223 4.89 55.23 27.43
C LEU C 223 3.71 55.25 28.38
N VAL C 224 3.58 54.24 29.25
CA VAL C 224 2.51 54.26 30.23
C VAL C 224 2.73 55.36 31.27
N GLU C 225 3.99 55.73 31.54
CA GLU C 225 4.29 56.78 32.49
C GLU C 225 3.80 58.15 32.00
N ASN C 226 3.58 58.30 30.70
CA ASN C 226 3.12 59.56 30.14
C ASN C 226 1.60 59.71 30.14
N GLY C 227 0.86 58.73 30.67
CA GLY C 227 -0.59 58.74 30.66
C GLY C 227 -1.22 57.78 29.67
N ALA C 228 -0.51 57.39 28.62
CA ALA C 228 -1.06 56.48 27.62
C ALA C 228 -1.36 55.14 28.27
N ASP C 229 -2.65 54.82 28.40
CA ASP C 229 -3.09 53.69 29.19
C ASP C 229 -2.60 52.36 28.64
N VAL C 230 -2.59 51.35 29.52
CA VAL C 230 -2.37 49.96 29.12
C VAL C 230 -3.67 49.17 29.05
N GLN C 231 -4.82 49.86 29.09
CA GLN C 231 -6.12 49.27 28.79
C GLN C 231 -6.62 49.76 27.44
N ALA C 232 -5.70 50.02 26.52
CA ALA C 232 -6.04 50.69 25.27
C ALA C 232 -6.91 49.80 24.39
N ALA C 233 -7.92 50.41 23.77
CA ALA C 233 -8.96 49.68 23.05
C ALA C 233 -8.72 49.76 21.55
N ALA C 234 -7.95 48.81 21.02
CA ALA C 234 -7.68 48.75 19.59
C ALA C 234 -8.84 48.10 18.83
N HIS C 235 -10.00 48.76 18.88
CA HIS C 235 -11.16 48.34 18.10
C HIS C 235 -11.00 48.84 16.66
N GLY C 236 -10.08 48.20 15.96
CA GLY C 236 -9.81 48.49 14.57
C GLY C 236 -10.05 47.27 13.70
N ASP C 237 -10.50 47.52 12.46
CA ASP C 237 -10.81 46.43 11.55
C ASP C 237 -9.59 45.54 11.30
N PHE C 238 -8.40 46.14 11.20
CA PHE C 238 -7.18 45.34 11.14
C PHE C 238 -6.98 44.48 12.38
N PHE C 239 -7.53 44.91 13.52
CA PHE C 239 -7.29 44.29 14.80
C PHE C 239 -8.40 43.34 15.22
N LYS C 240 -9.41 43.13 14.37
CA LYS C 240 -10.45 42.14 14.59
C LYS C 240 -10.15 40.90 13.75
N LYS C 241 -11.01 39.89 13.87
CA LYS C 241 -10.79 38.64 13.17
C LYS C 241 -10.81 38.85 11.67
N THR C 242 -10.16 37.95 10.95
CA THR C 242 -10.00 38.09 9.51
C THR C 242 -11.37 38.07 8.82
N LYS C 243 -12.02 36.90 8.83
CA LYS C 243 -13.28 36.67 8.13
C LYS C 243 -13.29 37.30 6.75
N GLY C 244 -12.19 37.11 6.01
CA GLY C 244 -11.99 37.77 4.73
C GLY C 244 -11.30 39.11 4.89
N ARG C 245 -10.24 39.15 5.72
CA ARG C 245 -9.49 40.38 5.95
C ARG C 245 -8.06 40.00 6.29
N PRO C 246 -7.03 40.56 5.61
CA PRO C 246 -5.66 40.29 6.08
C PRO C 246 -5.29 41.10 7.32
N GLY C 247 -5.76 40.62 8.47
CA GLY C 247 -5.49 41.25 9.75
C GLY C 247 -4.90 40.28 10.75
N PHE C 248 -4.88 40.68 12.02
CA PHE C 248 -4.43 39.81 13.10
C PHE C 248 -5.19 40.17 14.36
N TYR C 249 -5.81 39.18 14.98
CA TYR C 249 -6.50 39.34 16.25
C TYR C 249 -5.64 38.83 17.38
N PHE C 250 -5.57 39.59 18.47
CA PHE C 250 -4.78 39.25 19.63
C PHE C 250 -5.53 39.40 20.95
N GLY C 251 -6.61 40.16 20.98
CA GLY C 251 -7.37 40.41 22.21
C GLY C 251 -7.65 41.86 22.50
N GLU C 252 -7.37 42.79 21.60
CA GLU C 252 -7.89 44.16 21.65
C GLU C 252 -7.28 44.97 22.78
N LEU C 253 -6.24 44.46 23.44
CA LEU C 253 -5.72 45.06 24.66
C LEU C 253 -4.22 44.76 24.75
N PRO C 254 -3.42 45.66 25.33
CA PRO C 254 -1.95 45.43 25.31
C PRO C 254 -1.50 44.14 25.96
N LEU C 255 -1.94 43.90 27.19
CA LEU C 255 -1.69 42.64 27.88
C LEU C 255 -2.00 41.44 26.98
N SER C 256 -3.07 41.53 26.19
CA SER C 256 -3.40 40.44 25.29
C SER C 256 -2.47 40.40 24.10
N LEU C 257 -1.91 41.55 23.72
CA LEU C 257 -0.97 41.58 22.60
C LEU C 257 0.31 40.83 22.93
N ALA C 258 0.94 41.18 24.05
CA ALA C 258 2.22 40.58 24.39
C ALA C 258 2.10 39.09 24.65
N ALA C 259 0.98 38.66 25.23
CA ALA C 259 0.74 37.23 25.43
C ALA C 259 0.73 36.49 24.10
N CYS C 260 0.29 37.14 23.03
CA CYS C 260 0.17 36.55 21.72
C CYS C 260 1.26 37.00 20.75
N THR C 261 2.48 37.24 21.24
CA THR C 261 3.49 37.98 20.50
C THR C 261 4.91 37.41 20.70
N ASN C 262 5.07 36.31 21.46
CA ASN C 262 6.38 35.86 21.91
C ASN C 262 7.03 36.95 22.76
N GLN C 263 6.33 37.27 23.85
CA GLN C 263 6.73 38.30 24.79
C GLN C 263 6.20 37.85 26.15
N LEU C 264 7.04 37.21 26.95
CA LEU C 264 6.69 36.88 28.33
C LEU C 264 7.25 37.91 29.31
N GLY C 265 8.44 38.42 29.05
CA GLY C 265 9.03 39.42 29.93
C GLY C 265 8.19 40.68 30.03
N ILE C 266 7.42 40.98 28.99
CA ILE C 266 6.59 42.18 28.99
C ILE C 266 5.30 41.93 29.76
N VAL C 267 4.72 40.74 29.62
CA VAL C 267 3.39 40.46 30.16
C VAL C 267 3.39 40.55 31.68
N LYS C 268 4.47 40.09 32.31
CA LYS C 268 4.61 40.26 33.75
C LYS C 268 4.69 41.73 34.13
N PHE C 269 5.19 42.60 33.25
CA PHE C 269 5.27 44.01 33.59
C PHE C 269 3.91 44.69 33.55
N LEU C 270 3.07 44.31 32.59
CA LEU C 270 1.76 44.96 32.44
C LEU C 270 0.89 44.78 33.68
N LEU C 271 1.18 43.79 34.51
CA LEU C 271 0.55 43.60 35.81
C LEU C 271 1.39 44.19 36.94
N GLN C 272 2.66 43.78 37.03
CA GLN C 272 3.53 44.15 38.15
C GLN C 272 4.14 45.52 37.87
N ASN C 273 3.36 46.56 38.14
CA ASN C 273 3.86 47.93 38.09
C ASN C 273 2.94 48.81 38.92
N SER C 274 3.46 49.96 39.32
CA SER C 274 2.76 50.88 40.20
C SER C 274 2.03 52.00 39.44
N TRP C 275 2.36 52.20 38.17
CA TRP C 275 1.77 53.31 37.42
C TRP C 275 0.32 53.03 37.04
N GLN C 276 0.02 51.83 36.55
CA GLN C 276 -1.32 51.44 36.16
C GLN C 276 -1.60 50.03 36.65
N THR C 277 -2.89 49.71 36.74
CA THR C 277 -3.39 48.54 37.44
C THR C 277 -4.23 47.71 36.48
N ALA C 278 -3.64 47.39 35.33
CA ALA C 278 -4.30 46.67 34.25
C ALA C 278 -5.05 45.44 34.76
N ASP C 279 -6.37 45.47 34.60
CA ASP C 279 -7.20 44.35 34.99
C ASP C 279 -6.85 43.14 34.14
N ILE C 280 -6.76 41.98 34.79
CA ILE C 280 -6.42 40.75 34.09
C ILE C 280 -7.62 40.13 33.37
N SER C 281 -8.85 40.44 33.78
CA SER C 281 -10.01 39.97 33.05
C SER C 281 -10.21 40.79 31.79
N ALA C 282 -10.58 42.07 31.97
CA ALA C 282 -10.47 43.14 30.97
C ALA C 282 -10.97 42.70 29.59
N ARG C 283 -12.28 42.48 29.52
CA ARG C 283 -12.90 42.02 28.30
C ARG C 283 -12.75 43.07 27.19
N ASP C 284 -13.17 42.71 25.98
CA ASP C 284 -13.03 43.53 24.80
C ASP C 284 -14.38 43.73 24.11
N SER C 285 -14.36 44.25 22.88
CA SER C 285 -15.60 44.49 22.14
C SER C 285 -16.40 43.21 21.90
N VAL C 286 -15.77 42.04 21.98
CA VAL C 286 -16.44 40.76 21.83
C VAL C 286 -16.41 39.92 23.10
N GLY C 287 -15.91 40.45 24.21
CA GLY C 287 -15.91 39.75 25.47
C GLY C 287 -14.67 38.94 25.76
N ASN C 288 -13.79 38.75 24.77
CA ASN C 288 -12.64 37.88 24.96
C ASN C 288 -11.64 38.49 25.92
N THR C 289 -11.15 37.66 26.84
CA THR C 289 -10.06 38.00 27.73
C THR C 289 -8.74 37.62 27.07
N VAL C 290 -7.64 37.78 27.81
CA VAL C 290 -6.36 37.31 27.32
C VAL C 290 -6.39 35.81 27.12
N LEU C 291 -7.10 35.08 27.98
CA LEU C 291 -7.13 33.64 27.86
C LEU C 291 -8.00 33.19 26.68
N HIS C 292 -9.17 33.80 26.52
CA HIS C 292 -9.97 33.58 25.31
C HIS C 292 -9.15 33.89 24.07
N ALA C 293 -8.61 35.10 24.00
CA ALA C 293 -7.90 35.55 22.80
C ALA C 293 -6.69 34.67 22.54
N LEU C 294 -6.03 34.22 23.59
CA LEU C 294 -4.91 33.30 23.46
C LEU C 294 -5.33 31.93 22.94
N VAL C 295 -6.63 31.65 22.86
CA VAL C 295 -7.13 30.49 22.14
C VAL C 295 -7.49 30.85 20.71
N GLU C 296 -7.99 32.07 20.49
CA GLU C 296 -8.28 32.53 19.14
C GLU C 296 -7.05 32.52 18.26
N VAL C 297 -5.87 32.70 18.85
CA VAL C 297 -4.63 32.84 18.09
C VAL C 297 -4.01 31.49 17.75
N ALA C 298 -4.37 30.42 18.46
CA ALA C 298 -3.79 29.13 18.18
C ALA C 298 -4.21 28.64 16.79
N ASP C 299 -3.30 27.92 16.14
CA ASP C 299 -3.48 27.43 14.78
C ASP C 299 -3.30 25.93 14.67
N ASN C 300 -2.99 25.24 15.77
CA ASN C 300 -2.67 23.81 15.83
C ASN C 300 -1.31 23.47 15.26
N THR C 301 -0.55 24.45 14.76
CA THR C 301 0.84 24.21 14.45
C THR C 301 1.58 23.84 15.72
N ALA C 302 2.47 22.84 15.62
CA ALA C 302 3.15 22.35 16.81
C ALA C 302 3.98 23.43 17.48
N ASP C 303 4.61 24.30 16.70
CA ASP C 303 5.38 25.39 17.28
C ASP C 303 4.47 26.41 17.95
N ASN C 304 3.24 26.55 17.45
CA ASN C 304 2.27 27.42 18.10
C ASN C 304 1.65 26.75 19.30
N THR C 305 1.49 25.43 19.26
CA THR C 305 0.90 24.71 20.37
C THR C 305 1.80 24.78 21.61
N LYS C 306 3.09 24.46 21.44
CA LYS C 306 4.02 24.54 22.56
C LYS C 306 4.07 25.94 23.15
N PHE C 307 3.86 26.95 22.32
CA PHE C 307 3.97 28.32 22.78
C PHE C 307 2.74 28.76 23.57
N VAL C 308 1.56 28.53 22.98
CA VAL C 308 0.33 29.04 23.58
C VAL C 308 0.06 28.36 24.91
N THR C 309 0.33 27.07 24.99
CA THR C 309 0.10 26.34 26.23
C THR C 309 1.08 26.74 27.32
N SER C 310 2.33 27.03 26.96
CA SER C 310 3.27 27.58 27.93
C SER C 310 2.79 28.92 28.43
N MET C 311 2.45 29.84 27.51
CA MET C 311 1.97 31.15 27.90
C MET C 311 0.65 31.06 28.64
N TYR C 312 -0.29 30.27 28.12
CA TYR C 312 -1.59 30.10 28.77
C TYR C 312 -1.45 29.65 30.22
N ASN C 313 -0.38 28.89 30.52
CA ASN C 313 -0.11 28.51 31.91
C ASN C 313 0.26 29.73 32.76
N GLU C 314 1.04 30.65 32.19
CA GLU C 314 1.70 31.66 33.00
C GLU C 314 0.73 32.72 33.48
N ILE C 315 -0.24 33.10 32.64
CA ILE C 315 -1.20 34.12 33.06
C ILE C 315 -2.13 33.56 34.12
N LEU C 316 -2.39 32.26 34.11
CA LEU C 316 -3.26 31.67 35.13
C LEU C 316 -2.62 31.79 36.51
N MET C 317 -1.36 31.36 36.62
CA MET C 317 -0.64 31.52 37.87
C MET C 317 -0.59 32.98 38.31
N LEU C 318 -0.17 33.87 37.41
CA LEU C 318 -0.17 35.29 37.73
C LEU C 318 -1.55 35.79 38.13
N GLY C 319 -2.60 35.24 37.51
CA GLY C 319 -3.96 35.58 37.90
C GLY C 319 -4.33 35.06 39.27
N ALA C 320 -3.57 34.09 39.79
CA ALA C 320 -3.75 33.59 41.14
C ALA C 320 -2.81 34.24 42.14
N LYS C 321 -1.62 34.64 41.70
CA LYS C 321 -0.65 35.26 42.62
C LYS C 321 -1.17 36.60 43.14
N LEU C 322 -1.74 37.41 42.26
CA LEU C 322 -2.14 38.75 42.65
C LEU C 322 -3.41 38.73 43.50
N HIS C 323 -4.46 38.08 43.02
CA HIS C 323 -5.70 38.00 43.79
C HIS C 323 -6.49 36.76 43.36
N PRO C 324 -6.76 35.80 44.28
CA PRO C 324 -7.57 34.64 43.88
C PRO C 324 -9.05 34.94 43.64
N THR C 325 -9.51 36.19 43.81
CA THR C 325 -10.91 36.50 43.65
C THR C 325 -11.30 36.52 42.17
N LEU C 326 -11.30 35.33 41.58
CA LEU C 326 -11.44 35.06 40.15
C LEU C 326 -12.03 33.65 40.07
N LYS C 327 -11.45 32.73 39.28
CA LYS C 327 -12.08 31.82 38.32
C LYS C 327 -12.06 32.49 36.95
N LEU C 328 -10.82 32.86 36.58
CA LEU C 328 -10.48 33.35 35.25
C LEU C 328 -11.16 32.56 34.14
N GLU C 329 -10.90 31.25 34.09
CA GLU C 329 -11.32 30.44 32.94
C GLU C 329 -12.83 30.27 32.88
N GLU C 330 -13.54 30.50 33.98
CA GLU C 330 -14.99 30.45 33.98
C GLU C 330 -15.63 31.76 33.55
N LEU C 331 -14.86 32.66 32.92
CA LEU C 331 -15.40 33.85 32.29
C LEU C 331 -15.69 33.55 30.83
N THR C 332 -16.71 34.21 30.31
CA THR C 332 -17.22 33.93 28.97
C THR C 332 -17.19 35.20 28.13
N ASN C 333 -16.98 35.01 26.83
CA ASN C 333 -17.06 36.09 25.87
C ASN C 333 -18.53 36.36 25.54
N LYS C 334 -18.77 37.13 24.49
CA LYS C 334 -20.13 37.47 24.09
C LYS C 334 -20.78 36.38 23.25
N LYS C 335 -20.12 35.23 23.07
CA LYS C 335 -20.76 34.02 22.60
C LYS C 335 -21.03 33.03 23.72
N GLY C 336 -20.85 33.45 24.98
CA GLY C 336 -21.04 32.56 26.11
C GLY C 336 -20.06 31.41 26.16
N MET C 337 -18.83 31.62 25.69
CA MET C 337 -17.85 30.57 25.52
C MET C 337 -16.64 30.84 26.41
N THR C 338 -16.29 29.87 27.24
CA THR C 338 -15.06 29.93 27.99
C THR C 338 -13.90 29.56 27.06
N PRO C 339 -12.65 29.81 27.49
CA PRO C 339 -11.52 29.41 26.66
C PRO C 339 -11.45 27.91 26.43
N LEU C 340 -11.87 27.12 27.42
CA LEU C 340 -11.96 25.67 27.24
C LEU C 340 -12.90 25.32 26.10
N ALA C 341 -14.15 25.73 26.20
CA ALA C 341 -15.12 25.45 25.15
C ALA C 341 -14.77 26.14 23.86
N LEU C 342 -14.02 27.23 23.93
CA LEU C 342 -13.62 27.96 22.73
C LEU C 342 -12.52 27.23 21.97
N ALA C 343 -11.66 26.49 22.68
CA ALA C 343 -10.69 25.66 21.99
C ALA C 343 -11.31 24.39 21.45
N ALA C 344 -12.40 23.95 22.06
CA ALA C 344 -13.14 22.80 21.55
C ALA C 344 -14.04 23.18 20.39
N GLY C 345 -14.69 24.34 20.45
CA GLY C 345 -15.53 24.74 19.34
C GLY C 345 -14.72 25.17 18.14
N THR C 346 -13.67 25.94 18.37
CA THR C 346 -12.79 26.41 17.31
C THR C 346 -11.83 25.35 16.82
N GLY C 347 -11.84 24.16 17.42
CA GLY C 347 -11.05 23.06 16.90
C GLY C 347 -9.61 23.06 17.34
N LYS C 348 -9.31 23.61 18.51
CA LYS C 348 -7.93 23.80 18.96
C LYS C 348 -7.58 22.66 19.91
N ILE C 349 -7.20 21.53 19.30
CA ILE C 349 -6.90 20.31 20.04
C ILE C 349 -5.67 20.47 20.91
N GLY C 350 -4.71 21.28 20.50
CA GLY C 350 -3.49 21.43 21.29
C GLY C 350 -3.76 22.10 22.61
N VAL C 351 -4.54 23.18 22.60
CA VAL C 351 -4.90 23.86 23.83
C VAL C 351 -5.80 22.97 24.67
N LEU C 352 -6.72 22.26 24.04
CA LEU C 352 -7.66 21.41 24.76
C LEU C 352 -6.93 20.29 25.49
N ALA C 353 -5.94 19.69 24.84
CA ALA C 353 -5.10 18.71 25.49
C ALA C 353 -4.42 19.29 26.73
N TYR C 354 -4.05 20.57 26.68
CA TYR C 354 -3.41 21.18 27.84
C TYR C 354 -4.41 21.38 28.97
N ILE C 355 -5.54 22.03 28.69
CA ILE C 355 -6.46 22.47 29.73
C ILE C 355 -7.01 21.28 30.48
N LEU C 356 -7.17 20.15 29.80
CA LEU C 356 -7.72 18.95 30.44
C LEU C 356 -6.66 18.23 31.26
N GLN C 357 -5.48 18.08 30.69
CA GLN C 357 -4.35 17.45 31.36
C GLN C 357 -3.55 18.44 32.21
N ARG C 358 -4.13 19.57 32.58
CA ARG C 358 -3.37 20.63 33.23
C ARG C 358 -3.02 20.21 34.65
N GLU C 359 -1.74 19.95 34.90
CA GLU C 359 -1.21 19.72 36.24
C GLU C 359 -0.04 20.66 36.48
N ILE C 360 -0.14 21.44 37.54
CA ILE C 360 0.88 22.40 37.93
C ILE C 360 1.41 21.95 39.29
N GLN C 361 2.70 21.61 39.34
CA GLN C 361 3.31 21.12 40.58
C GLN C 361 3.90 22.30 41.34
N GLU C 362 3.06 22.92 42.18
CA GLU C 362 3.54 23.83 43.21
C GLU C 362 2.39 24.07 44.18
N PRO C 363 2.67 24.47 45.42
CA PRO C 363 1.58 24.50 46.42
C PRO C 363 0.43 25.44 46.08
N GLU C 364 0.70 26.71 45.84
CA GLU C 364 -0.38 27.68 45.69
C GLU C 364 -1.14 27.46 44.39
N CYS C 365 -0.43 27.18 43.30
CA CYS C 365 -1.05 26.94 42.00
C CYS C 365 -1.09 25.44 41.73
N ARG C 366 -1.99 24.78 42.44
CA ARG C 366 -2.46 23.45 42.09
C ARG C 366 -3.97 23.36 42.03
N HIS C 367 -4.69 24.28 42.68
CA HIS C 367 -6.13 24.36 42.54
C HIS C 367 -6.54 24.57 41.10
N LEU C 368 -5.68 25.18 40.29
CA LEU C 368 -5.93 25.31 38.87
C LEU C 368 -5.44 24.10 38.08
N SER C 369 -4.90 23.08 38.73
CA SER C 369 -4.67 21.83 38.03
C SER C 369 -6.01 21.14 37.81
N ARG C 370 -6.09 20.39 36.71
CA ARG C 370 -7.25 19.57 36.41
C ARG C 370 -6.81 18.17 36.01
N LYS C 371 -5.69 17.72 36.57
CA LYS C 371 -5.22 16.33 36.47
C LYS C 371 -4.47 16.05 37.76
N PHE C 372 -5.17 15.50 38.74
CA PHE C 372 -4.63 15.27 40.07
C PHE C 372 -4.28 13.79 40.24
N THR C 373 -3.01 13.52 40.54
CA THR C 373 -2.57 12.18 40.92
C THR C 373 -2.90 11.95 42.39
N GLU C 374 -3.65 10.88 42.69
CA GLU C 374 -4.09 10.61 44.04
C GLU C 374 -3.16 9.66 44.79
N TRP C 375 -3.00 8.43 44.28
CA TRP C 375 -2.21 7.41 44.93
C TRP C 375 -1.24 6.79 43.94
N ALA C 376 -0.19 6.20 44.48
CA ALA C 376 0.85 5.60 43.67
C ALA C 376 1.55 4.52 44.50
N TYR C 377 1.89 3.43 43.85
CA TYR C 377 2.58 2.30 44.46
C TYR C 377 3.74 1.87 43.58
N GLY C 378 4.54 2.85 43.16
CA GLY C 378 5.70 2.61 42.33
C GLY C 378 5.39 2.83 40.87
N PRO C 379 5.33 1.76 40.06
CA PRO C 379 4.98 1.96 38.65
C PRO C 379 3.54 2.40 38.47
N VAL C 380 2.66 2.02 39.38
CA VAL C 380 1.25 2.39 39.33
C VAL C 380 1.11 3.83 39.82
N HIS C 381 0.48 4.68 39.02
CA HIS C 381 0.09 6.02 39.44
C HIS C 381 -1.28 6.34 38.87
N SER C 382 -2.15 6.88 39.73
CA SER C 382 -3.58 7.00 39.46
C SER C 382 -3.99 8.47 39.46
N SER C 383 -4.52 8.93 38.32
CA SER C 383 -4.93 10.31 38.14
C SER C 383 -6.39 10.52 38.54
N LEU C 384 -6.77 11.79 38.64
CA LEU C 384 -8.12 12.22 39.00
C LEU C 384 -8.57 13.38 38.12
N TYR C 385 -8.49 13.20 36.80
CA TYR C 385 -8.92 14.17 35.80
C TYR C 385 -10.23 14.84 36.17
N ASP C 386 -10.21 16.17 36.24
CA ASP C 386 -11.40 16.91 36.60
C ASP C 386 -12.40 16.92 35.44
N LEU C 387 -13.68 16.84 35.78
CA LEU C 387 -14.76 16.75 34.81
C LEU C 387 -15.65 17.98 34.83
N SER C 388 -15.27 19.01 35.57
CA SER C 388 -16.13 20.19 35.66
C SER C 388 -16.22 20.84 34.30
N CYS C 389 -17.38 20.71 33.67
CA CYS C 389 -17.68 21.29 32.36
C CYS C 389 -16.91 20.58 31.25
N ILE C 390 -16.82 19.25 31.35
CA ILE C 390 -16.51 18.39 30.22
C ILE C 390 -17.74 17.59 29.80
N ASP C 391 -18.50 17.09 30.76
CA ASP C 391 -19.75 16.39 30.52
C ASP C 391 -20.94 17.05 31.18
N THR C 392 -20.75 17.62 32.36
CA THR C 392 -21.78 18.36 33.08
C THR C 392 -21.40 19.83 33.06
N CYS C 393 -22.04 20.60 32.18
CA CYS C 393 -21.86 22.04 32.15
C CYS C 393 -23.22 22.66 31.93
N GLU C 394 -23.39 23.87 32.45
CA GLU C 394 -24.60 24.62 32.16
C GLU C 394 -24.58 25.08 30.71
N LYS C 395 -23.48 25.67 30.28
CA LYS C 395 -23.30 26.20 28.93
C LYS C 395 -22.07 25.56 28.31
N ASN C 396 -22.29 24.83 27.21
CA ASN C 396 -21.22 24.42 26.30
C ASN C 396 -20.16 23.56 27.00
N SER C 397 -20.60 22.36 27.39
CA SER C 397 -19.66 21.32 27.77
C SER C 397 -18.68 21.06 26.63
N VAL C 398 -17.51 20.52 26.99
CA VAL C 398 -16.51 20.17 25.99
C VAL C 398 -17.07 19.15 25.02
N LEU C 399 -17.81 18.17 25.54
CA LEU C 399 -18.32 17.11 24.68
C LEU C 399 -19.47 17.61 23.82
N GLU C 400 -20.29 18.50 24.37
CA GLU C 400 -21.39 19.10 23.62
C GLU C 400 -20.92 20.14 22.62
N VAL C 401 -19.61 20.39 22.54
CA VAL C 401 -19.05 21.34 21.60
C VAL C 401 -18.10 20.66 20.61
N ILE C 402 -17.59 19.48 20.93
CA ILE C 402 -16.81 18.68 19.98
C ILE C 402 -17.76 17.94 19.06
N ALA C 403 -18.69 17.19 19.65
CA ALA C 403 -19.58 16.34 18.89
C ALA C 403 -20.54 17.16 18.05
N TYR C 404 -21.15 18.18 18.66
CA TYR C 404 -22.16 19.01 18.01
C TYR C 404 -21.56 20.18 17.26
N SER C 405 -20.32 20.06 16.81
CA SER C 405 -19.64 21.13 16.12
C SER C 405 -20.05 21.20 14.66
N SER C 406 -20.00 22.41 14.10
CA SER C 406 -20.13 22.59 12.67
C SER C 406 -19.05 21.78 11.95
N SER C 407 -19.33 21.46 10.69
CA SER C 407 -18.52 20.48 9.96
C SER C 407 -17.08 20.93 9.76
N GLU C 408 -16.78 22.23 9.77
CA GLU C 408 -15.43 22.67 9.46
C GLU C 408 -14.51 22.52 10.68
N THR C 409 -14.70 23.39 11.70
CA THR C 409 -14.37 23.23 13.12
C THR C 409 -13.23 22.24 13.37
N PRO C 410 -12.03 22.54 12.88
CA PRO C 410 -11.08 21.48 12.53
C PRO C 410 -10.80 20.47 13.64
N ASN C 411 -10.46 19.26 13.21
CA ASN C 411 -10.09 18.17 14.12
C ASN C 411 -11.25 17.77 15.04
N ARG C 412 -12.47 17.79 14.50
CA ARG C 412 -13.62 17.28 15.24
C ARG C 412 -13.37 15.86 15.71
N HIS C 413 -12.70 15.08 14.88
CA HIS C 413 -12.55 13.66 15.11
C HIS C 413 -11.29 13.32 15.88
N ASP C 414 -10.41 14.30 16.13
CA ASP C 414 -9.25 14.11 16.98
C ASP C 414 -9.44 14.68 18.38
N MET C 415 -10.36 15.62 18.56
CA MET C 415 -10.56 16.24 19.87
C MET C 415 -11.04 15.28 20.94
N LEU C 416 -11.53 14.10 20.57
CA LEU C 416 -11.96 13.11 21.54
C LEU C 416 -10.87 12.11 21.90
N LEU C 417 -9.86 11.94 21.06
CA LEU C 417 -8.69 11.16 21.41
C LEU C 417 -7.89 11.81 22.53
N VAL C 418 -8.12 13.10 22.78
CA VAL C 418 -7.59 13.75 23.96
C VAL C 418 -8.09 13.00 25.18
N GLU C 419 -7.16 12.40 25.92
CA GLU C 419 -7.51 11.81 27.20
C GLU C 419 -8.02 12.91 28.13
N PRO C 420 -9.02 12.62 28.98
CA PRO C 420 -9.83 11.44 29.33
C PRO C 420 -11.12 11.23 28.53
N LEU C 421 -11.23 11.84 27.34
CA LEU C 421 -12.53 11.86 26.66
C LEU C 421 -12.83 10.51 26.02
N ASN C 422 -11.86 9.93 25.30
CA ASN C 422 -12.02 8.58 24.77
C ASN C 422 -12.34 7.60 25.87
N ARG C 423 -11.77 7.82 27.05
CA ARG C 423 -11.90 6.91 28.18
C ARG C 423 -13.15 7.18 29.01
N LEU C 424 -13.66 8.40 28.98
CA LEU C 424 -14.88 8.73 29.71
C LEU C 424 -16.13 8.29 28.95
N LEU C 425 -16.13 8.49 27.63
CA LEU C 425 -17.25 8.04 26.82
C LEU C 425 -17.36 6.53 26.85
N GLN C 426 -16.21 5.83 26.76
CA GLN C 426 -16.19 4.39 26.93
C GLN C 426 -16.69 3.96 28.30
N ASP C 427 -16.58 4.84 29.30
CA ASP C 427 -17.18 4.54 30.59
C ASP C 427 -18.68 4.73 30.55
N LYS C 428 -19.14 5.81 29.92
CA LYS C 428 -20.57 6.01 29.74
C LYS C 428 -21.16 4.92 28.85
N TRP C 429 -20.38 4.46 27.87
CA TRP C 429 -20.84 3.39 27.00
C TRP C 429 -20.99 2.10 27.77
N ASP C 430 -19.92 1.65 28.41
CA ASP C 430 -19.94 0.41 29.16
C ASP C 430 -20.91 0.42 30.34
N ARG C 431 -21.32 1.60 30.80
CA ARG C 431 -22.10 1.72 32.02
C ARG C 431 -23.60 1.88 31.78
N PHE C 432 -24.01 2.90 31.02
CA PHE C 432 -25.43 3.22 30.89
C PHE C 432 -25.88 3.61 29.48
N VAL C 433 -25.14 3.30 28.43
CA VAL C 433 -25.54 3.63 27.07
C VAL C 433 -25.52 2.38 26.19
N LYS C 434 -24.68 1.41 26.53
CA LYS C 434 -24.69 0.14 25.80
C LYS C 434 -26.00 -0.59 26.00
N ARG C 435 -26.61 -0.46 27.18
CA ARG C 435 -27.89 -1.10 27.45
C ARG C 435 -29.02 -0.38 26.75
N ILE C 436 -29.01 0.95 26.76
CA ILE C 436 -30.08 1.71 26.13
C ILE C 436 -29.98 1.64 24.63
N PHE C 437 -28.77 1.78 24.10
CA PHE C 437 -28.57 1.75 22.67
C PHE C 437 -28.99 0.42 22.07
N TYR C 438 -28.62 -0.68 22.70
CA TYR C 438 -29.07 -1.99 22.27
C TYR C 438 -30.57 -2.17 22.49
N PHE C 439 -31.18 -1.35 23.32
CA PHE C 439 -32.64 -1.33 23.43
C PHE C 439 -33.24 -0.44 22.35
N ASN C 440 -32.55 0.63 21.98
CA ASN C 440 -32.96 1.40 20.82
C ASN C 440 -32.87 0.57 19.56
N PHE C 441 -31.87 -0.30 19.48
CA PHE C 441 -31.71 -1.16 18.32
C PHE C 441 -32.77 -2.24 18.27
N LEU C 442 -33.14 -2.78 19.41
CA LEU C 442 -34.23 -3.72 19.50
C LEU C 442 -35.52 -3.11 18.95
N VAL C 443 -35.95 -1.99 19.54
CA VAL C 443 -37.23 -1.38 19.17
C VAL C 443 -37.24 -1.01 17.70
N TYR C 444 -36.11 -0.59 17.17
CA TYR C 444 -36.07 -0.24 15.76
C TYR C 444 -36.18 -1.49 14.89
N CYS C 445 -35.50 -2.57 15.29
CA CYS C 445 -35.64 -3.84 14.61
C CYS C 445 -37.08 -4.35 14.65
N LEU C 446 -37.68 -4.35 15.84
CA LEU C 446 -39.08 -4.72 15.96
C LEU C 446 -39.96 -3.82 15.12
N TYR C 447 -39.68 -2.54 15.14
CA TYR C 447 -40.42 -1.58 14.33
C TYR C 447 -40.30 -1.91 12.86
N MET C 448 -39.10 -2.22 12.40
CA MET C 448 -38.94 -2.63 11.01
C MET C 448 -39.58 -3.97 10.73
N ILE C 449 -39.53 -4.90 11.68
CA ILE C 449 -40.24 -6.16 11.54
C ILE C 449 -41.74 -5.92 11.47
N ILE C 450 -42.22 -4.88 12.13
CA ILE C 450 -43.65 -4.60 12.18
C ILE C 450 -44.09 -3.81 10.96
N PHE C 451 -43.29 -2.84 10.54
CA PHE C 451 -43.59 -2.09 9.34
C PHE C 451 -43.36 -2.92 8.08
N THR C 452 -42.73 -4.07 8.21
CA THR C 452 -42.43 -4.90 7.06
C THR C 452 -43.58 -5.86 6.76
N MET C 453 -44.12 -6.50 7.80
CA MET C 453 -45.21 -7.41 7.59
C MET C 453 -46.52 -6.68 7.36
N ALA C 454 -46.68 -5.49 7.95
CA ALA C 454 -47.81 -4.66 7.61
C ALA C 454 -47.71 -4.14 6.18
N ALA C 455 -46.51 -4.09 5.64
CA ALA C 455 -46.26 -3.74 4.25
C ALA C 455 -46.29 -4.96 3.35
N TYR C 456 -45.75 -6.08 3.83
CA TYR C 456 -45.77 -7.31 3.06
C TYR C 456 -47.18 -7.84 2.92
N TYR C 457 -47.98 -7.75 3.99
CA TYR C 457 -49.36 -8.20 3.99
C TYR C 457 -50.31 -7.05 3.70
N ARG C 458 -49.90 -6.12 2.85
CA ARG C 458 -50.77 -5.03 2.48
C ARG C 458 -51.91 -5.55 1.62
N PRO C 459 -53.01 -4.81 1.53
CA PRO C 459 -54.05 -5.17 0.57
C PRO C 459 -53.62 -4.91 -0.86
N VAL C 460 -54.24 -5.68 -1.75
CA VAL C 460 -54.06 -5.53 -3.19
C VAL C 460 -55.37 -5.37 -3.93
N ASP C 461 -56.49 -5.31 -3.22
CA ASP C 461 -57.83 -5.41 -3.80
C ASP C 461 -58.65 -4.24 -3.30
N GLY C 462 -58.65 -3.16 -4.08
CA GLY C 462 -59.45 -1.98 -3.79
C GLY C 462 -58.63 -0.71 -3.89
N LEU C 463 -59.06 0.29 -3.15
CA LEU C 463 -58.34 1.53 -2.95
C LEU C 463 -58.04 1.72 -1.47
N PRO C 464 -57.08 2.57 -1.13
CA PRO C 464 -56.94 2.97 0.27
C PRO C 464 -57.92 4.07 0.61
N PRO C 465 -58.29 4.22 1.89
CA PRO C 465 -57.97 3.40 3.06
C PRO C 465 -58.81 2.14 3.15
N PHE C 466 -58.14 1.00 3.01
CA PHE C 466 -58.79 -0.29 3.11
C PHE C 466 -59.43 -0.45 4.49
N LYS C 467 -60.36 -1.40 4.58
CA LYS C 467 -61.23 -1.56 5.73
C LYS C 467 -61.02 -2.92 6.39
N MET C 468 -61.26 -2.97 7.69
CA MET C 468 -61.03 -4.16 8.48
C MET C 468 -62.25 -5.08 8.40
N GLU C 469 -62.03 -6.31 7.94
CA GLU C 469 -63.09 -7.31 7.84
C GLU C 469 -62.79 -8.53 8.71
N LYS C 470 -61.61 -9.12 8.58
CA LYS C 470 -61.24 -10.34 9.28
C LYS C 470 -60.32 -10.04 10.46
N THR C 471 -60.00 -11.10 11.20
CA THR C 471 -59.14 -10.98 12.38
C THR C 471 -57.74 -10.52 11.99
N GLY C 472 -57.17 -11.12 10.94
CA GLY C 472 -55.81 -10.81 10.54
C GLY C 472 -55.61 -9.38 10.11
N ASP C 473 -56.68 -8.67 9.76
CA ASP C 473 -56.58 -7.25 9.44
C ASP C 473 -56.58 -6.36 10.69
N TYR C 474 -56.95 -6.91 11.85
CA TYR C 474 -56.80 -6.18 13.10
C TYR C 474 -55.38 -6.27 13.64
N PHE C 475 -54.64 -7.33 13.27
CA PHE C 475 -53.25 -7.43 13.68
C PHE C 475 -52.36 -6.52 12.85
N ARG C 476 -52.69 -6.31 11.57
CA ARG C 476 -51.89 -5.43 10.75
C ARG C 476 -52.16 -3.97 11.02
N VAL C 477 -53.40 -3.60 11.35
CA VAL C 477 -53.71 -2.18 11.51
C VAL C 477 -52.88 -1.62 12.65
N THR C 478 -52.79 -2.35 13.76
CA THR C 478 -51.83 -2.04 14.80
C THR C 478 -50.43 -2.00 14.22
N GLY C 479 -50.10 -2.96 13.36
CA GLY C 479 -48.85 -2.91 12.62
C GLY C 479 -48.72 -1.67 11.77
N GLU C 480 -49.83 -1.14 11.29
CA GLU C 480 -49.84 0.12 10.55
C GLU C 480 -49.87 1.33 11.50
N ILE C 481 -50.63 1.26 12.59
CA ILE C 481 -50.56 2.31 13.60
C ILE C 481 -49.15 2.39 14.16
N LEU C 482 -48.70 1.31 14.81
CA LEU C 482 -47.35 1.27 15.39
C LEU C 482 -46.26 1.58 14.38
N SER C 483 -46.53 1.45 13.09
CA SER C 483 -45.60 1.87 12.06
C SER C 483 -45.57 3.38 11.88
N VAL C 484 -46.73 4.00 11.72
CA VAL C 484 -46.77 5.43 11.44
C VAL C 484 -46.27 6.24 12.62
N LEU C 485 -46.55 5.79 13.84
CA LEU C 485 -46.16 6.55 15.03
C LEU C 485 -44.65 6.71 15.11
N GLY C 486 -43.90 5.66 14.77
CA GLY C 486 -42.46 5.82 14.63
C GLY C 486 -42.10 6.85 13.58
N GLY C 487 -42.89 6.92 12.51
CA GLY C 487 -42.68 7.96 11.52
C GLY C 487 -43.07 9.34 11.99
N VAL C 488 -43.87 9.44 13.05
CA VAL C 488 -44.05 10.71 13.74
C VAL C 488 -42.87 10.93 14.67
N TYR C 489 -42.39 9.86 15.30
CA TYR C 489 -41.24 9.98 16.18
C TYR C 489 -40.00 10.43 15.42
N PHE C 490 -39.61 9.67 14.40
CA PHE C 490 -38.44 10.02 13.61
C PHE C 490 -38.63 11.33 12.86
N PHE C 491 -39.86 11.78 12.69
CA PHE C 491 -40.12 13.11 12.14
C PHE C 491 -39.80 14.17 13.19
N PHE C 492 -40.50 14.12 14.32
CA PHE C 492 -40.25 15.09 15.39
C PHE C 492 -38.83 14.98 15.93
N ARG C 493 -38.33 13.75 16.10
CA ARG C 493 -36.93 13.55 16.46
C ARG C 493 -35.98 14.14 15.42
N GLY C 494 -36.45 14.39 14.20
CA GLY C 494 -35.65 15.04 13.18
C GLY C 494 -35.88 16.54 13.14
N ILE C 495 -37.10 16.98 13.43
CA ILE C 495 -37.36 18.41 13.53
C ILE C 495 -36.60 19.00 14.71
N GLN C 496 -36.59 18.30 15.84
CA GLN C 496 -35.80 18.74 16.99
C GLN C 496 -34.35 18.94 16.60
N TYR C 497 -33.76 17.95 15.94
CA TYR C 497 -32.39 18.06 15.43
C TYR C 497 -32.18 19.28 14.55
N PHE C 498 -33.24 19.88 14.01
CA PHE C 498 -33.18 21.14 13.31
C PHE C 498 -33.89 22.27 14.07
N LEU C 499 -34.11 22.10 15.37
CA LEU C 499 -34.57 23.18 16.23
C LEU C 499 -33.89 23.25 17.59
N GLN C 500 -33.24 22.18 18.06
CA GLN C 500 -32.40 22.24 19.25
C GLN C 500 -30.91 22.21 18.91
N ARG C 501 -30.57 22.22 17.61
CA ARG C 501 -29.22 22.51 17.16
C ARG C 501 -29.24 23.62 16.13
N ARG C 502 -30.28 23.63 15.29
CA ARG C 502 -30.41 24.57 14.18
C ARG C 502 -29.13 24.64 13.33
N PRO C 503 -28.72 23.51 12.75
CA PRO C 503 -27.51 23.52 11.91
C PRO C 503 -27.75 24.28 10.62
N SER C 504 -26.67 24.92 10.15
CA SER C 504 -26.71 25.78 8.99
C SER C 504 -27.18 25.03 7.74
N MET C 505 -27.43 25.80 6.67
CA MET C 505 -27.88 25.24 5.41
C MET C 505 -26.91 24.20 4.87
N LYS C 506 -25.61 24.50 4.90
CA LYS C 506 -24.60 23.54 4.50
C LYS C 506 -24.66 22.29 5.37
N THR C 507 -24.86 22.46 6.68
CA THR C 507 -24.80 21.36 7.62
C THR C 507 -26.09 20.55 7.68
N LEU C 508 -26.96 20.69 6.67
CA LEU C 508 -27.92 19.65 6.38
C LEU C 508 -27.29 18.53 5.56
N PHE C 509 -26.38 18.90 4.65
CA PHE C 509 -25.95 18.03 3.56
C PHE C 509 -24.45 17.73 3.58
N VAL C 510 -23.75 17.92 4.70
CA VAL C 510 -22.31 17.62 4.74
C VAL C 510 -21.93 16.75 5.93
N ASP C 511 -22.71 16.78 7.02
CA ASP C 511 -22.34 15.98 8.20
C ASP C 511 -23.51 15.39 8.98
N SER C 512 -24.76 15.55 8.54
CA SER C 512 -25.94 15.14 9.28
C SER C 512 -26.63 13.96 8.62
N TYR C 513 -25.85 13.11 7.98
CA TYR C 513 -26.38 12.20 6.96
C TYR C 513 -27.33 11.18 7.54
N SER C 514 -27.01 10.66 8.72
CA SER C 514 -27.89 9.70 9.36
C SER C 514 -29.21 10.33 9.74
N GLU C 515 -29.15 11.44 10.48
CA GLU C 515 -30.35 12.15 10.91
C GLU C 515 -31.25 12.53 9.75
N MET C 516 -30.68 12.70 8.55
CA MET C 516 -31.50 12.93 7.38
C MET C 516 -32.26 11.68 6.98
N LEU C 517 -31.59 10.53 6.96
CA LEU C 517 -32.19 9.33 6.42
C LEU C 517 -33.22 8.70 7.33
N PHE C 518 -33.23 9.06 8.62
CA PHE C 518 -34.35 8.70 9.48
C PHE C 518 -35.48 9.70 9.34
N PHE C 519 -35.16 10.97 9.12
CA PHE C 519 -36.17 11.97 8.85
C PHE C 519 -36.78 11.75 7.47
N LEU C 520 -35.92 11.46 6.50
CA LEU C 520 -36.34 11.15 5.15
C LEU C 520 -37.25 9.93 5.12
N GLN C 521 -36.89 8.90 5.86
CA GLN C 521 -37.77 7.76 6.06
C GLN C 521 -39.12 8.18 6.61
N SER C 522 -39.13 9.19 7.48
CA SER C 522 -40.37 9.66 8.06
C SER C 522 -41.20 10.46 7.06
N LEU C 523 -40.54 11.14 6.13
CA LEU C 523 -41.25 11.84 5.08
C LEU C 523 -41.93 10.85 4.14
N PHE C 524 -41.22 9.80 3.73
CA PHE C 524 -41.82 8.75 2.95
C PHE C 524 -42.90 8.01 3.72
N MET C 525 -42.86 8.06 5.05
CA MET C 525 -43.93 7.50 5.86
C MET C 525 -45.12 8.45 5.91
N LEU C 526 -44.87 9.72 6.16
CA LEU C 526 -45.95 10.68 6.28
C LEU C 526 -46.38 11.21 4.92
N ALA C 527 -45.73 10.78 3.84
CA ALA C 527 -46.36 10.80 2.53
C ALA C 527 -47.20 9.55 2.32
N THR C 528 -46.87 8.46 3.03
CA THR C 528 -47.62 7.22 2.96
C THR C 528 -48.89 7.26 3.81
N VAL C 529 -49.04 8.28 4.65
CA VAL C 529 -50.30 8.50 5.35
C VAL C 529 -51.21 9.42 4.53
N VAL C 530 -50.63 10.46 3.95
CA VAL C 530 -51.40 11.40 3.13
C VAL C 530 -52.03 10.68 1.95
N LEU C 531 -51.29 9.75 1.36
CA LEU C 531 -51.73 9.07 0.14
C LEU C 531 -52.51 7.80 0.41
N TYR C 532 -52.49 7.30 1.65
CA TYR C 532 -53.39 6.23 2.05
C TYR C 532 -54.75 6.75 2.45
N PHE C 533 -54.89 8.06 2.64
CA PHE C 533 -56.16 8.70 2.87
C PHE C 533 -56.58 9.61 1.72
N SER C 534 -55.70 9.87 0.77
CA SER C 534 -56.05 10.59 -0.45
C SER C 534 -56.66 9.69 -1.51
N HIS C 535 -56.91 8.41 -1.19
CA HIS C 535 -57.46 7.45 -2.15
C HIS C 535 -56.54 7.30 -3.36
N LEU C 536 -55.33 6.83 -3.07
CA LEU C 536 -54.25 6.79 -4.05
C LEU C 536 -53.31 5.66 -3.69
N LYS C 537 -53.04 4.77 -4.66
CA LYS C 537 -52.18 3.63 -4.41
C LYS C 537 -50.69 3.97 -4.46
N GLU C 538 -50.34 5.25 -4.55
CA GLU C 538 -48.94 5.67 -4.53
C GLU C 538 -48.35 5.66 -3.13
N TYR C 539 -49.13 5.33 -2.11
CA TYR C 539 -48.55 5.14 -0.79
C TYR C 539 -47.51 4.02 -0.81
N VAL C 540 -47.73 3.00 -1.64
CA VAL C 540 -46.80 1.90 -1.76
C VAL C 540 -45.45 2.39 -2.26
N ALA C 541 -45.48 3.21 -3.30
CA ALA C 541 -44.27 3.84 -3.82
C ALA C 541 -43.49 4.53 -2.71
N SER C 542 -44.18 5.24 -1.83
CA SER C 542 -43.51 5.85 -0.69
C SER C 542 -43.17 4.83 0.37
N MET C 543 -43.97 3.78 0.50
CA MET C 543 -43.84 2.86 1.62
C MET C 543 -42.67 1.91 1.44
N VAL C 544 -42.38 1.51 0.21
CA VAL C 544 -41.23 0.65 -0.01
C VAL C 544 -39.94 1.42 0.15
N PHE C 545 -39.95 2.68 -0.26
CA PHE C 545 -38.82 3.57 0.01
C PHE C 545 -38.58 3.72 1.50
N SER C 546 -39.63 3.75 2.31
CA SER C 546 -39.47 3.79 3.75
C SER C 546 -38.82 2.52 4.28
N LEU C 547 -39.25 1.36 3.79
CA LEU C 547 -38.61 0.10 4.19
C LEU C 547 -37.15 0.08 3.80
N ALA C 548 -36.86 0.40 2.55
CA ALA C 548 -35.49 0.35 2.05
C ALA C 548 -34.60 1.29 2.83
N LEU C 549 -35.04 2.52 3.04
CA LEU C 549 -34.36 3.41 3.96
C LEU C 549 -34.29 2.80 5.35
N GLY C 550 -35.38 2.16 5.77
CA GLY C 550 -35.47 1.70 7.14
C GLY C 550 -34.46 0.64 7.48
N TRP C 551 -34.39 -0.41 6.68
CA TRP C 551 -33.45 -1.48 6.96
C TRP C 551 -32.01 -1.03 6.76
N THR C 552 -31.76 -0.28 5.69
CA THR C 552 -30.46 0.34 5.48
C THR C 552 -30.03 1.18 6.67
N ASN C 553 -30.98 1.76 7.37
CA ASN C 553 -30.71 2.54 8.55
C ASN C 553 -30.40 1.70 9.78
N MET C 554 -30.39 0.37 9.68
CA MET C 554 -29.68 -0.43 10.68
C MET C 554 -28.22 -0.07 10.71
N LEU C 555 -27.67 0.33 9.57
CA LEU C 555 -26.29 0.76 9.48
C LEU C 555 -26.02 1.99 10.32
N TYR C 556 -27.06 2.65 10.85
CA TYR C 556 -26.87 3.51 12.00
C TYR C 556 -26.42 2.71 13.19
N TYR C 557 -27.27 1.81 13.66
CA TYR C 557 -27.13 1.21 14.96
C TYR C 557 -25.97 0.26 15.07
N THR C 558 -25.29 -0.01 13.97
CA THR C 558 -24.07 -0.78 14.01
C THR C 558 -22.87 0.07 14.41
N ARG C 559 -23.11 1.27 14.91
CA ARG C 559 -22.08 2.10 15.50
C ARG C 559 -21.87 1.84 16.97
N GLY C 560 -22.68 0.98 17.58
CA GLY C 560 -22.34 0.44 18.87
C GLY C 560 -21.33 -0.68 18.83
N PHE C 561 -20.68 -0.90 17.69
CA PHE C 561 -19.74 -1.97 17.48
C PHE C 561 -18.59 -1.45 16.65
N GLN C 562 -17.38 -1.66 17.14
CA GLN C 562 -16.20 -1.03 16.55
C GLN C 562 -16.00 -1.46 15.11
N GLN C 563 -15.75 -2.74 14.89
CA GLN C 563 -15.36 -3.19 13.57
C GLN C 563 -16.51 -3.06 12.58
N MET C 564 -17.74 -3.13 13.07
CA MET C 564 -18.89 -2.90 12.21
C MET C 564 -19.20 -1.42 12.05
N GLY C 565 -18.96 -0.62 13.07
CA GLY C 565 -19.24 0.79 12.99
C GLY C 565 -18.24 1.52 12.13
N ILE C 566 -16.98 1.08 12.20
CA ILE C 566 -15.97 1.57 11.27
C ILE C 566 -16.33 1.16 9.86
N TYR C 567 -16.90 -0.03 9.70
CA TYR C 567 -17.33 -0.48 8.38
C TYR C 567 -18.43 0.40 7.84
N ALA C 568 -19.35 0.81 8.69
CA ALA C 568 -20.42 1.70 8.26
C ALA C 568 -19.90 3.08 7.88
N VAL C 569 -18.74 3.46 8.40
CA VAL C 569 -18.17 4.76 8.08
C VAL C 569 -17.40 4.70 6.79
N MET C 570 -16.68 3.60 6.56
CA MET C 570 -16.07 3.40 5.26
C MET C 570 -17.13 3.40 4.17
N ILE C 571 -18.28 2.79 4.42
CA ILE C 571 -19.39 2.85 3.44
C ILE C 571 -19.76 4.28 3.13
N GLU C 572 -19.88 5.13 4.15
CA GLU C 572 -20.13 6.54 3.92
C GLU C 572 -19.03 7.15 3.06
N LYS C 573 -17.79 6.96 3.46
CA LYS C 573 -16.66 7.56 2.78
C LYS C 573 -16.36 6.91 1.43
N MET C 574 -17.15 5.94 0.99
CA MET C 574 -17.12 5.43 -0.38
C MET C 574 -18.28 5.93 -1.21
N ILE C 575 -19.45 6.07 -0.59
CA ILE C 575 -20.62 6.57 -1.29
C ILE C 575 -20.39 7.98 -1.80
N LEU C 576 -19.57 8.74 -1.11
CA LEU C 576 -19.42 10.18 -1.34
C LEU C 576 -18.14 10.48 -2.09
N ARG C 577 -17.08 9.77 -1.75
CA ARG C 577 -15.77 9.97 -2.34
C ARG C 577 -15.58 9.21 -3.63
N ASP C 578 -15.87 7.91 -3.64
CA ASP C 578 -15.56 7.02 -4.75
C ASP C 578 -16.74 6.71 -5.64
N LEU C 579 -17.94 6.62 -5.08
CA LEU C 579 -19.12 6.27 -5.85
C LEU C 579 -19.77 7.47 -6.50
N CYS C 580 -19.62 8.65 -5.91
CA CYS C 580 -20.10 9.86 -6.56
C CYS C 580 -19.27 10.21 -7.77
N ARG C 581 -17.95 10.23 -7.62
CA ARG C 581 -17.06 10.43 -8.75
C ARG C 581 -17.32 9.40 -9.82
N PHE C 582 -17.53 8.15 -9.42
CA PHE C 582 -17.83 7.08 -10.35
C PHE C 582 -19.15 7.33 -11.08
N MET C 583 -20.21 7.56 -10.34
CA MET C 583 -21.54 7.58 -10.93
C MET C 583 -21.82 8.85 -11.70
N PHE C 584 -21.00 9.88 -11.57
CA PHE C 584 -21.05 10.97 -12.54
C PHE C 584 -20.51 10.51 -13.88
N VAL C 585 -19.25 10.09 -13.89
CA VAL C 585 -18.60 9.67 -15.13
C VAL C 585 -19.32 8.49 -15.73
N TYR C 586 -19.83 7.59 -14.91
CA TYR C 586 -20.54 6.43 -15.43
C TYR C 586 -21.81 6.83 -16.14
N ILE C 587 -22.49 7.88 -15.66
CA ILE C 587 -23.73 8.31 -16.30
C ILE C 587 -23.45 9.11 -17.56
N VAL C 588 -22.35 9.85 -17.57
CA VAL C 588 -21.89 10.51 -18.79
C VAL C 588 -21.68 9.47 -19.88
N PHE C 589 -20.91 8.43 -19.58
CA PHE C 589 -20.67 7.37 -20.54
C PHE C 589 -21.97 6.66 -20.88
N LEU C 590 -22.73 6.24 -19.87
CA LEU C 590 -23.98 5.52 -20.12
C LEU C 590 -24.91 6.33 -20.99
N PHE C 591 -25.17 7.57 -20.63
CA PHE C 591 -26.01 8.41 -21.45
C PHE C 591 -25.30 8.83 -22.72
N GLY C 592 -23.97 8.94 -22.66
CA GLY C 592 -23.21 9.20 -23.86
C GLY C 592 -23.41 8.14 -24.93
N PHE C 593 -23.07 6.90 -24.60
CA PHE C 593 -23.18 5.82 -25.55
C PHE C 593 -24.61 5.36 -25.77
N SER C 594 -25.51 5.63 -24.83
CA SER C 594 -26.91 5.24 -25.01
C SER C 594 -27.53 6.01 -26.15
N THR C 595 -27.47 7.34 -26.07
CA THR C 595 -27.88 8.20 -27.16
C THR C 595 -27.26 7.78 -28.47
N ALA C 596 -25.98 7.44 -28.43
CA ALA C 596 -25.28 6.97 -29.60
C ALA C 596 -25.84 5.66 -30.11
N VAL C 597 -26.37 4.80 -29.23
CA VAL C 597 -26.94 3.53 -29.66
C VAL C 597 -28.37 3.72 -30.14
N VAL C 598 -29.19 4.43 -29.38
CA VAL C 598 -30.60 4.58 -29.74
C VAL C 598 -30.76 5.49 -30.96
N THR C 599 -29.81 6.39 -31.16
CA THR C 599 -29.69 7.06 -32.45
C THR C 599 -29.59 6.05 -33.58
N LEU C 600 -28.64 5.14 -33.47
CA LEU C 600 -28.43 4.14 -34.51
C LEU C 600 -29.61 3.20 -34.64
N ILE C 601 -30.33 2.96 -33.54
CA ILE C 601 -31.50 2.09 -33.61
C ILE C 601 -32.62 2.80 -34.34
N GLU C 602 -33.40 2.04 -35.07
CA GLU C 602 -34.52 2.52 -35.86
C GLU C 602 -35.77 1.72 -35.48
N ASP C 603 -36.88 2.10 -36.11
CA ASP C 603 -38.23 1.50 -35.99
C ASP C 603 -38.54 0.75 -34.69
N SER C 629 -38.78 -3.16 -28.34
CA SER C 629 -38.86 -1.75 -28.72
C SER C 629 -37.66 -0.99 -28.20
N TYR C 630 -36.47 -1.42 -28.62
CA TYR C 630 -35.22 -0.82 -28.18
C TYR C 630 -34.95 0.55 -28.79
N ASN C 631 -35.86 1.08 -29.62
CA ASN C 631 -35.77 2.48 -30.07
C ASN C 631 -36.30 3.39 -28.97
N SER C 632 -35.62 3.34 -27.83
CA SER C 632 -36.00 4.09 -26.65
C SER C 632 -34.74 4.38 -25.84
N LEU C 633 -34.72 5.54 -25.24
CA LEU C 633 -33.57 5.96 -24.45
C LEU C 633 -33.54 5.33 -23.09
N TYR C 634 -34.69 4.90 -22.59
CA TYR C 634 -34.69 4.20 -21.31
C TYR C 634 -34.08 2.82 -21.44
N SER C 635 -34.66 2.00 -22.31
CA SER C 635 -34.25 0.61 -22.42
C SER C 635 -32.81 0.48 -22.87
N THR C 636 -32.34 1.43 -23.66
CA THR C 636 -30.94 1.44 -24.05
C THR C 636 -30.05 1.83 -22.89
N CYS C 637 -30.42 2.86 -22.15
CA CYS C 637 -29.72 3.19 -20.91
C CYS C 637 -29.86 2.07 -19.91
N LEU C 638 -30.94 1.32 -19.99
CA LEU C 638 -31.18 0.18 -19.13
C LEU C 638 -30.37 -1.04 -19.58
N GLU C 639 -30.35 -1.33 -20.87
CA GLU C 639 -29.58 -2.47 -21.36
C GLU C 639 -28.09 -2.24 -21.25
N LEU C 640 -27.66 -0.99 -21.24
CA LEU C 640 -26.25 -0.68 -21.05
C LEU C 640 -25.87 -0.60 -19.58
N PHE C 641 -26.82 -0.51 -18.67
CA PHE C 641 -26.51 -0.72 -17.28
C PHE C 641 -26.34 -2.19 -16.96
N LYS C 642 -26.63 -3.07 -17.90
CA LYS C 642 -26.50 -4.49 -17.65
C LYS C 642 -25.12 -5.02 -17.95
N PHE C 643 -24.33 -4.32 -18.77
CA PHE C 643 -22.94 -4.71 -18.97
C PHE C 643 -22.15 -4.59 -17.68
N THR C 644 -22.54 -3.67 -16.80
CA THR C 644 -21.79 -3.40 -15.60
C THR C 644 -22.15 -4.34 -14.47
N ILE C 645 -23.37 -4.87 -14.47
CA ILE C 645 -23.77 -5.90 -13.53
C ILE C 645 -23.60 -7.31 -14.12
N GLY C 646 -22.80 -7.44 -15.16
CA GLY C 646 -22.56 -8.73 -15.74
C GLY C 646 -23.73 -9.35 -16.43
N MET C 647 -24.59 -8.54 -17.03
CA MET C 647 -25.77 -9.03 -17.73
C MET C 647 -26.00 -8.34 -19.06
N GLY C 648 -24.92 -7.92 -19.69
CA GLY C 648 -24.99 -7.26 -20.97
C GLY C 648 -24.93 -8.15 -22.17
N ASP C 649 -25.99 -8.12 -22.96
CA ASP C 649 -26.03 -8.80 -24.23
C ASP C 649 -25.46 -7.84 -25.26
N LEU C 650 -24.53 -8.31 -26.06
CA LEU C 650 -24.01 -7.53 -27.18
C LEU C 650 -24.84 -7.71 -28.43
N GLU C 651 -26.02 -8.31 -28.32
CA GLU C 651 -26.91 -8.59 -29.43
C GLU C 651 -28.34 -8.30 -29.03
N PHE C 652 -28.55 -7.26 -28.21
CA PHE C 652 -29.90 -6.92 -27.81
C PHE C 652 -30.67 -6.17 -28.88
N THR C 653 -30.04 -5.82 -29.99
CA THR C 653 -30.76 -5.36 -31.17
C THR C 653 -30.09 -5.91 -32.41
N GLU C 654 -30.93 -6.32 -33.34
CA GLU C 654 -30.58 -6.40 -34.75
C GLU C 654 -31.21 -5.25 -35.53
N ASN C 655 -31.92 -4.35 -34.85
CA ASN C 655 -32.60 -3.23 -35.48
C ASN C 655 -31.63 -2.06 -35.53
N TYR C 656 -30.71 -2.13 -36.47
CA TYR C 656 -29.75 -1.07 -36.75
C TYR C 656 -29.41 -1.21 -38.23
N ASP C 657 -28.58 -0.29 -38.72
CA ASP C 657 -28.14 -0.33 -40.11
C ASP C 657 -26.66 -0.67 -40.26
N PHE C 658 -25.86 -0.47 -39.22
CA PHE C 658 -24.42 -0.70 -39.31
C PHE C 658 -23.95 -1.44 -38.06
N LYS C 659 -23.40 -2.64 -38.26
CA LYS C 659 -23.05 -3.51 -37.15
C LYS C 659 -21.72 -3.15 -36.52
N ALA C 660 -20.75 -2.74 -37.32
CA ALA C 660 -19.49 -2.31 -36.73
C ALA C 660 -19.70 -1.12 -35.83
N VAL C 661 -20.63 -0.24 -36.20
CA VAL C 661 -20.91 0.93 -35.38
C VAL C 661 -21.52 0.49 -34.07
N PHE C 662 -22.49 -0.41 -34.13
CA PHE C 662 -23.20 -0.84 -32.93
C PHE C 662 -22.26 -1.51 -31.95
N ILE C 663 -21.29 -2.29 -32.45
CA ILE C 663 -20.47 -3.11 -31.57
C ILE C 663 -19.18 -2.38 -31.18
N ILE C 664 -18.57 -1.59 -32.06
CA ILE C 664 -17.48 -0.70 -31.63
C ILE C 664 -17.96 0.22 -30.53
N LEU C 665 -19.22 0.60 -30.58
CA LEU C 665 -19.80 1.56 -29.66
C LEU C 665 -20.17 0.93 -28.34
N LEU C 666 -20.48 -0.37 -28.33
CA LEU C 666 -20.66 -1.09 -27.08
C LEU C 666 -19.33 -1.53 -26.48
N LEU C 667 -18.43 -2.05 -27.31
CA LEU C 667 -17.10 -2.39 -26.83
C LEU C 667 -16.39 -1.16 -26.28
N ALA C 668 -16.58 -0.02 -26.92
CA ALA C 668 -16.16 1.24 -26.32
C ALA C 668 -16.83 1.46 -24.98
N TYR C 669 -18.11 1.14 -24.87
CA TYR C 669 -18.81 1.29 -23.61
C TYR C 669 -18.30 0.30 -22.57
N VAL C 670 -18.23 -0.98 -22.95
CA VAL C 670 -17.75 -2.03 -22.04
C VAL C 670 -16.35 -1.70 -21.55
N ILE C 671 -15.45 -1.42 -22.47
CA ILE C 671 -14.06 -1.18 -22.13
C ILE C 671 -13.95 0.02 -21.21
N LEU C 672 -14.69 1.09 -21.51
CA LEU C 672 -14.58 2.29 -20.71
C LEU C 672 -15.29 2.17 -19.38
N THR C 673 -16.45 1.52 -19.34
CA THR C 673 -17.22 1.40 -18.11
C THR C 673 -16.92 0.13 -17.33
N TYR C 674 -17.04 -1.03 -17.97
CA TYR C 674 -16.91 -2.28 -17.25
C TYR C 674 -15.45 -2.60 -16.96
N ILE C 675 -14.62 -2.65 -17.99
CA ILE C 675 -13.26 -3.12 -17.82
C ILE C 675 -12.43 -2.07 -17.10
N LEU C 676 -12.59 -0.81 -17.51
CA LEU C 676 -11.81 0.27 -16.94
C LEU C 676 -12.41 0.80 -15.65
N LEU C 677 -13.61 1.36 -15.74
CA LEU C 677 -14.10 2.28 -14.74
C LEU C 677 -14.68 1.59 -13.52
N LEU C 678 -15.33 0.44 -13.67
CA LEU C 678 -15.66 -0.37 -12.52
C LEU C 678 -14.42 -0.88 -11.82
N ASN C 679 -13.49 -1.45 -12.59
CA ASN C 679 -12.30 -1.98 -11.98
C ASN C 679 -11.46 -0.85 -11.40
N MET C 680 -11.56 0.33 -12.00
CA MET C 680 -10.93 1.52 -11.46
C MET C 680 -11.58 1.93 -10.14
N LEU C 681 -12.91 1.82 -10.06
CA LEU C 681 -13.59 2.04 -8.79
C LEU C 681 -13.00 1.18 -7.70
N ILE C 682 -12.83 -0.11 -7.97
CA ILE C 682 -12.21 -1.03 -7.02
C ILE C 682 -10.85 -0.54 -6.59
N ALA C 683 -10.13 0.13 -7.49
CA ALA C 683 -8.80 0.63 -7.18
C ALA C 683 -8.88 1.90 -6.34
N LEU C 684 -9.69 2.87 -6.78
CA LEU C 684 -10.00 4.02 -5.94
C LEU C 684 -10.49 3.58 -4.58
N MET C 685 -11.52 2.75 -4.59
CA MET C 685 -12.12 2.20 -3.39
C MET C 685 -11.12 1.41 -2.54
N GLY C 686 -9.97 1.04 -3.09
CA GLY C 686 -8.91 0.41 -2.34
C GLY C 686 -7.85 1.37 -1.86
N GLU C 687 -7.68 2.49 -2.56
CA GLU C 687 -6.79 3.54 -2.08
C GLU C 687 -7.43 4.33 -0.96
N THR C 688 -8.76 4.41 -0.96
CA THR C 688 -9.47 5.07 0.12
C THR C 688 -9.30 4.32 1.43
N VAL C 689 -9.51 3.00 1.40
CA VAL C 689 -9.44 2.18 2.61
C VAL C 689 -8.06 2.30 3.26
N ASN C 690 -7.02 2.41 2.45
CA ASN C 690 -5.67 2.64 2.98
C ASN C 690 -5.62 3.94 3.78
N LYS C 691 -6.41 4.93 3.37
CA LYS C 691 -6.35 6.25 3.99
C LYS C 691 -7.26 6.34 5.21
N ILE C 692 -8.52 5.92 5.08
CA ILE C 692 -9.52 6.22 6.08
C ILE C 692 -9.58 5.16 7.17
N ALA C 693 -8.59 4.27 7.22
CA ALA C 693 -8.58 3.24 8.26
C ALA C 693 -8.52 3.87 9.65
N GLN C 694 -7.69 4.90 9.81
CA GLN C 694 -7.59 5.59 11.09
C GLN C 694 -8.66 6.67 11.22
N GLU C 695 -8.90 7.40 10.14
CA GLU C 695 -9.91 8.46 10.16
C GLU C 695 -11.30 7.90 10.47
N SER C 696 -11.63 6.74 9.91
CA SER C 696 -12.97 6.20 10.11
C SER C 696 -13.15 5.63 11.51
N LYS C 697 -12.09 5.15 12.13
CA LYS C 697 -12.15 4.85 13.56
C LYS C 697 -12.38 6.12 14.36
N ASN C 698 -11.77 7.21 13.93
CA ASN C 698 -11.93 8.46 14.65
C ASN C 698 -13.27 9.10 14.31
N ILE C 699 -13.83 8.80 13.15
CA ILE C 699 -15.20 9.19 12.86
C ILE C 699 -16.17 8.25 13.57
N TRP C 700 -15.76 7.02 13.84
CA TRP C 700 -16.65 6.13 14.57
C TRP C 700 -16.85 6.59 15.99
N LYS C 701 -15.79 7.00 16.68
CA LYS C 701 -15.88 7.33 18.09
C LYS C 701 -16.73 8.58 18.32
N LEU C 702 -16.75 9.50 17.36
CA LEU C 702 -17.65 10.64 17.46
C LEU C 702 -19.09 10.23 17.26
N GLN C 703 -19.36 9.33 16.32
CA GLN C 703 -20.71 8.86 16.13
C GLN C 703 -21.24 8.21 17.39
N ARG C 704 -20.39 7.47 18.08
CA ARG C 704 -20.78 6.89 19.36
C ARG C 704 -20.88 7.95 20.45
N ALA C 705 -20.08 9.00 20.35
CA ALA C 705 -20.20 10.11 21.28
C ALA C 705 -21.57 10.77 21.19
N ILE C 706 -21.98 11.17 19.98
CA ILE C 706 -23.31 11.74 19.78
C ILE C 706 -24.38 10.81 20.31
N THR C 707 -24.17 9.51 20.16
CA THR C 707 -25.09 8.53 20.71
C THR C 707 -25.12 8.58 22.24
N ILE C 708 -23.95 8.74 22.85
CA ILE C 708 -23.87 8.87 24.29
C ILE C 708 -24.54 10.15 24.74
N LEU C 709 -24.20 11.26 24.10
CA LEU C 709 -24.73 12.56 24.51
C LEU C 709 -26.23 12.68 24.29
N ASP C 710 -26.74 12.20 23.16
CA ASP C 710 -28.18 12.21 22.94
C ASP C 710 -28.91 11.38 23.97
N THR C 711 -28.34 10.23 24.34
CA THR C 711 -28.91 9.42 25.40
C THR C 711 -28.98 10.17 26.72
N GLU C 712 -27.94 10.95 27.04
CA GLU C 712 -27.96 11.77 28.24
C GLU C 712 -29.11 12.75 28.20
N LYS C 713 -29.17 13.58 27.16
CA LYS C 713 -30.25 14.55 27.01
C LYS C 713 -31.57 13.90 26.63
N SER C 714 -31.56 12.63 26.21
CA SER C 714 -32.80 11.96 25.81
C SER C 714 -32.64 10.45 25.91
N PHE C 723 -26.97 9.64 36.66
CA PHE C 723 -26.01 8.87 35.88
C PHE C 723 -24.64 9.52 35.86
N ARG C 724 -24.37 10.35 36.88
CA ARG C 724 -23.20 11.24 36.85
C ARG C 724 -21.91 10.43 36.80
N SER C 725 -21.10 10.70 35.77
CA SER C 725 -19.84 10.01 35.60
C SER C 725 -18.79 10.57 36.55
N GLY C 726 -17.94 9.68 37.07
CA GLY C 726 -16.90 10.08 37.98
C GLY C 726 -17.42 10.48 39.35
N LYS C 727 -16.57 10.35 40.36
CA LYS C 727 -16.96 10.62 41.74
C LYS C 727 -16.44 11.97 42.21
N LEU C 728 -17.13 12.51 43.21
CA LEU C 728 -16.84 13.84 43.75
C LEU C 728 -15.69 13.71 44.74
N LEU C 729 -14.48 13.57 44.21
CA LEU C 729 -13.29 13.41 45.02
C LEU C 729 -12.83 14.75 45.57
N GLN C 730 -12.15 14.72 46.72
CA GLN C 730 -11.42 15.86 47.25
C GLN C 730 -9.96 15.69 46.88
N VAL C 731 -9.42 16.69 46.18
CA VAL C 731 -8.10 16.58 45.55
C VAL C 731 -7.09 17.41 46.32
N GLY C 732 -7.53 18.55 46.85
CA GLY C 732 -6.62 19.50 47.44
C GLY C 732 -7.36 20.65 48.08
N TYR C 733 -6.83 21.85 47.93
CA TYR C 733 -7.35 23.03 48.61
C TYR C 733 -7.16 24.24 47.72
N THR C 734 -8.23 25.03 47.56
CA THR C 734 -8.10 26.34 46.97
C THR C 734 -7.19 27.19 47.86
N PRO C 735 -6.54 28.27 47.31
CA PRO C 735 -5.73 29.15 48.16
C PRO C 735 -6.56 30.17 48.97
N ASP C 736 -7.65 29.69 49.56
CA ASP C 736 -8.44 30.44 50.52
C ASP C 736 -8.87 29.57 51.70
N GLY C 737 -8.55 28.27 51.71
CA GLY C 737 -8.71 27.41 52.86
C GLY C 737 -9.66 26.23 52.70
N LYS C 738 -10.43 26.16 51.62
CA LYS C 738 -11.54 25.21 51.53
C LYS C 738 -11.11 23.94 50.80
N ASP C 739 -11.93 22.90 50.97
CA ASP C 739 -11.80 21.69 50.17
C ASP C 739 -12.21 21.99 48.74
N ASP C 740 -11.34 21.66 47.78
CA ASP C 740 -11.66 21.81 46.37
C ASP C 740 -12.42 20.56 45.93
N TYR C 741 -13.74 20.60 46.08
CA TYR C 741 -14.59 19.50 45.65
C TYR C 741 -14.62 19.44 44.13
N ARG C 742 -14.41 18.26 43.57
CA ARG C 742 -14.30 18.08 42.14
C ARG C 742 -14.84 16.72 41.72
N TRP C 743 -15.68 16.72 40.68
CA TRP C 743 -16.10 15.49 40.03
C TRP C 743 -14.98 15.01 39.13
N CYS C 744 -14.37 13.88 39.46
CA CYS C 744 -13.12 13.47 38.87
C CYS C 744 -13.17 12.03 38.40
N PHE C 745 -12.46 11.77 37.32
CA PHE C 745 -12.48 10.50 36.61
C PHE C 745 -11.17 9.79 36.85
N ARG C 746 -11.22 8.72 37.63
CA ARG C 746 -10.02 7.98 37.98
C ARG C 746 -9.49 7.23 36.77
N VAL C 747 -8.21 7.48 36.45
CA VAL C 747 -7.48 6.75 35.44
C VAL C 747 -6.26 6.15 36.11
N ASP C 748 -5.83 4.99 35.62
CA ASP C 748 -4.74 4.23 36.24
C ASP C 748 -3.74 3.84 35.17
N GLU C 749 -2.64 4.58 35.10
CA GLU C 749 -1.55 4.32 34.17
C GLU C 749 -0.40 3.66 34.91
N VAL C 750 0.46 2.98 34.15
CA VAL C 750 1.56 2.19 34.70
C VAL C 750 2.79 2.45 33.84
N ASN C 751 3.77 3.15 34.40
CA ASN C 751 5.06 3.40 33.76
C ASN C 751 6.15 2.63 34.47
N TRP C 752 7.35 2.68 33.89
CA TRP C 752 8.50 1.95 34.43
C TRP C 752 9.79 2.78 34.38
N THR C 753 9.69 4.11 34.28
CA THR C 753 10.82 5.01 34.38
C THR C 753 10.50 6.24 35.23
N THR C 754 9.33 6.29 35.86
CA THR C 754 8.81 7.51 36.50
C THR C 754 8.70 7.28 37.99
N TRP C 755 9.76 6.76 38.60
CA TRP C 755 9.74 6.29 39.99
C TRP C 755 9.66 7.49 40.92
N ASN C 756 8.45 8.03 41.05
CA ASN C 756 8.20 9.18 41.90
C ASN C 756 6.70 9.43 42.01
N TYR D 201 -7.20 -5.26 52.48
CA TYR D 201 -6.83 -4.48 51.27
C TYR D 201 -5.34 -4.16 51.32
N TYR D 202 -4.94 -3.39 52.34
CA TYR D 202 -3.53 -3.24 52.67
C TYR D 202 -3.03 -4.28 53.66
N LYS D 203 -3.72 -5.43 53.74
CA LYS D 203 -3.43 -6.42 54.77
C LYS D 203 -2.02 -6.96 54.62
N GLY D 204 -1.39 -7.25 55.77
CA GLY D 204 -0.04 -7.76 55.79
C GLY D 204 1.05 -6.75 55.54
N GLN D 205 0.72 -5.54 55.08
CA GLN D 205 1.71 -4.55 54.72
C GLN D 205 2.40 -4.05 55.99
N THR D 206 3.70 -4.31 56.09
CA THR D 206 4.51 -3.84 57.21
C THR D 206 5.14 -2.49 56.89
N ALA D 207 5.75 -1.88 57.90
CA ALA D 207 6.50 -0.65 57.67
C ALA D 207 7.73 -0.87 56.81
N LEU D 208 8.19 -2.12 56.69
CA LEU D 208 9.34 -2.40 55.84
C LEU D 208 8.96 -2.34 54.37
N HIS D 209 7.75 -2.76 54.02
CA HIS D 209 7.29 -2.61 52.64
C HIS D 209 7.19 -1.13 52.27
N ILE D 210 6.90 -0.27 53.24
CA ILE D 210 6.96 1.17 53.02
C ILE D 210 8.39 1.57 52.73
N ALA D 211 9.34 1.10 53.55
CA ALA D 211 10.74 1.45 53.37
C ALA D 211 11.29 0.99 52.02
N ILE D 212 10.68 -0.02 51.42
CA ILE D 212 11.10 -0.49 50.10
C ILE D 212 10.43 0.34 49.01
N GLU D 213 9.09 0.36 49.00
CA GLU D 213 8.36 0.96 47.89
C GLU D 213 8.67 2.45 47.76
N ARG D 214 9.00 3.11 48.86
CA ARG D 214 9.43 4.50 48.82
C ARG D 214 10.88 4.66 48.38
N ARG D 215 11.55 3.58 47.97
CA ARG D 215 12.91 3.63 47.43
C ARG D 215 13.89 4.19 48.45
N ASN D 216 13.77 3.73 49.69
CA ASN D 216 14.61 4.15 50.82
C ASN D 216 15.33 2.90 51.33
N MET D 217 16.53 2.66 50.82
CA MET D 217 17.31 1.50 51.24
C MET D 217 17.88 1.64 52.65
N ALA D 218 17.83 2.83 53.24
CA ALA D 218 18.44 3.03 54.55
C ALA D 218 17.55 2.50 55.67
N LEU D 219 16.24 2.72 55.58
CA LEU D 219 15.33 2.27 56.62
C LEU D 219 15.05 0.78 56.55
N VAL D 220 15.17 0.18 55.37
CA VAL D 220 15.05 -1.28 55.27
C VAL D 220 16.13 -1.95 56.10
N THR D 221 17.31 -1.34 56.16
CA THR D 221 18.36 -1.82 57.05
C THR D 221 17.91 -1.74 58.51
N LEU D 222 17.38 -0.59 58.92
CA LEU D 222 17.04 -0.39 60.33
C LEU D 222 15.80 -1.18 60.75
N LEU D 223 14.81 -1.32 59.87
CA LEU D 223 13.53 -1.86 60.30
C LEU D 223 13.61 -3.35 60.60
N VAL D 224 14.43 -4.10 59.86
CA VAL D 224 14.59 -5.52 60.14
C VAL D 224 15.32 -5.72 61.48
N GLU D 225 16.18 -4.77 61.86
CA GLU D 225 16.88 -4.88 63.13
C GLU D 225 15.95 -4.79 64.32
N ASN D 226 14.76 -4.22 64.15
CA ASN D 226 13.80 -4.07 65.22
C ASN D 226 12.89 -5.29 65.40
N GLY D 227 13.09 -6.35 64.61
CA GLY D 227 12.25 -7.54 64.66
C GLY D 227 11.30 -7.68 63.48
N ALA D 228 10.94 -6.57 62.82
CA ALA D 228 10.01 -6.62 61.69
C ALA D 228 10.63 -7.46 60.57
N ASP D 229 10.05 -8.64 60.34
CA ASP D 229 10.65 -9.63 59.45
C ASP D 229 10.76 -9.14 58.02
N VAL D 230 11.67 -9.78 57.27
CA VAL D 230 11.76 -9.61 55.82
C VAL D 230 11.12 -10.77 55.07
N GLN D 231 10.36 -11.62 55.76
CA GLN D 231 9.49 -12.62 55.14
C GLN D 231 8.03 -12.21 55.28
N ALA D 232 7.77 -10.91 55.27
CA ALA D 232 6.45 -10.39 55.60
C ALA D 232 5.43 -10.76 54.53
N ALA D 233 4.23 -11.13 54.98
CA ALA D 233 3.21 -11.72 54.12
C ALA D 233 2.15 -10.69 53.80
N ALA D 234 2.35 -9.93 52.72
CA ALA D 234 1.39 -8.91 52.29
C ALA D 234 0.25 -9.56 51.49
N HIS D 235 -0.51 -10.43 52.17
CA HIS D 235 -1.71 -11.03 51.59
C HIS D 235 -2.85 -10.02 51.68
N GLY D 236 -2.76 -8.98 50.86
CA GLY D 236 -3.77 -7.95 50.79
C GLY D 236 -4.35 -7.87 49.38
N ASP D 237 -5.64 -7.52 49.31
CA ASP D 237 -6.32 -7.45 48.03
C ASP D 237 -5.65 -6.46 47.08
N PHE D 238 -5.16 -5.34 47.60
CA PHE D 238 -4.35 -4.43 46.79
C PHE D 238 -3.08 -5.10 46.28
N PHE D 239 -2.58 -6.10 47.00
CA PHE D 239 -1.29 -6.71 46.73
C PHE D 239 -1.40 -8.01 45.94
N LYS D 240 -2.61 -8.40 45.55
CA LYS D 240 -2.83 -9.54 44.67
C LYS D 240 -3.09 -9.04 43.25
N LYS D 241 -3.29 -9.98 42.33
CA LYS D 241 -3.46 -9.63 40.92
C LYS D 241 -4.72 -8.79 40.74
N THR D 242 -4.72 -8.00 39.67
CA THR D 242 -5.82 -7.07 39.43
C THR D 242 -7.13 -7.80 39.26
N LYS D 243 -7.27 -8.53 38.15
CA LYS D 243 -8.49 -9.23 37.78
C LYS D 243 -9.73 -8.36 38.02
N GLY D 244 -9.65 -7.09 37.61
CA GLY D 244 -10.67 -6.12 37.91
C GLY D 244 -10.42 -5.41 39.24
N ARG D 245 -9.17 -5.00 39.47
CA ARG D 245 -8.79 -4.30 40.69
C ARG D 245 -7.62 -3.38 40.39
N PRO D 246 -7.68 -2.08 40.73
CA PRO D 246 -6.47 -1.25 40.57
C PRO D 246 -5.45 -1.50 41.66
N GLY D 247 -4.70 -2.59 41.51
CA GLY D 247 -3.65 -2.98 42.44
C GLY D 247 -2.33 -3.21 41.76
N PHE D 248 -1.38 -3.82 42.47
CA PHE D 248 -0.09 -4.18 41.90
C PHE D 248 0.39 -5.44 42.60
N TYR D 249 0.74 -6.46 41.80
CA TYR D 249 1.30 -7.70 42.32
C TYR D 249 2.80 -7.70 42.09
N PHE D 250 3.54 -8.11 43.11
CA PHE D 250 5.00 -8.16 43.06
C PHE D 250 5.58 -9.48 43.56
N GLY D 251 4.84 -10.25 44.34
CA GLY D 251 5.33 -11.50 44.91
C GLY D 251 5.11 -11.66 46.39
N GLU D 252 4.35 -10.76 47.05
CA GLU D 252 3.83 -11.00 48.39
C GLU D 252 4.91 -10.99 49.46
N LEU D 253 6.13 -10.59 49.11
CA LEU D 253 7.28 -10.73 50.00
C LEU D 253 8.26 -9.60 49.69
N PRO D 254 9.01 -9.11 50.69
CA PRO D 254 9.88 -7.93 50.45
C PRO D 254 10.92 -8.14 49.36
N LEU D 255 11.70 -9.21 49.45
CA LEU D 255 12.63 -9.61 48.40
C LEU D 255 11.99 -9.57 47.02
N SER D 256 10.73 -9.99 46.93
CA SER D 256 10.04 -9.95 45.65
C SER D 256 9.64 -8.53 45.28
N LEU D 257 9.43 -7.67 46.28
CA LEU D 257 9.07 -6.28 46.00
C LEU D 257 10.22 -5.55 45.33
N ALA D 258 11.39 -5.58 45.95
CA ALA D 258 12.52 -4.82 45.43
C ALA D 258 12.96 -5.32 44.06
N ALA D 259 12.86 -6.63 43.82
CA ALA D 259 13.17 -7.17 42.50
C ALA D 259 12.26 -6.57 41.44
N CYS D 260 11.03 -6.24 41.80
CA CYS D 260 10.03 -5.71 40.88
C CYS D 260 9.81 -4.21 41.05
N THR D 261 10.85 -3.44 41.38
CA THR D 261 10.69 -2.08 41.87
C THR D 261 11.78 -1.13 41.35
N ASN D 262 12.68 -1.60 40.48
CA ASN D 262 13.90 -0.85 40.13
C ASN D 262 14.72 -0.60 41.39
N GLN D 263 15.11 -1.71 42.00
CA GLN D 263 15.89 -1.74 43.24
C GLN D 263 16.75 -3.00 43.17
N LEU D 264 18.00 -2.85 42.74
CA LEU D 264 18.96 -3.95 42.78
C LEU D 264 19.86 -3.87 44.01
N GLY D 265 20.23 -2.66 44.42
CA GLY D 265 21.06 -2.50 45.60
C GLY D 265 20.41 -3.02 46.86
N ILE D 266 19.08 -3.04 46.89
CA ILE D 266 18.37 -3.51 48.07
C ILE D 266 18.29 -5.04 48.06
N VAL D 267 18.08 -5.63 46.88
CA VAL D 267 17.81 -7.06 46.78
C VAL D 267 18.99 -7.87 47.27
N LYS D 268 20.20 -7.42 46.97
CA LYS D 268 21.39 -8.07 47.51
C LYS D 268 21.44 -7.97 49.02
N PHE D 269 20.86 -6.93 49.61
CA PHE D 269 20.90 -6.82 51.07
C PHE D 269 19.94 -7.79 51.73
N LEU D 270 18.77 -8.01 51.14
CA LEU D 270 17.77 -8.90 51.76
C LEU D 270 18.29 -10.32 51.93
N LEU D 271 19.32 -10.70 51.17
CA LEU D 271 20.02 -11.97 51.36
C LEU D 271 21.28 -11.80 52.20
N GLN D 272 22.17 -10.88 51.80
CA GLN D 272 23.47 -10.72 52.43
C GLN D 272 23.34 -9.84 53.66
N ASN D 273 22.89 -10.45 54.76
CA ASN D 273 22.86 -9.79 56.05
C ASN D 273 22.82 -10.85 57.14
N SER D 274 23.20 -10.45 58.34
CA SER D 274 23.32 -11.36 59.47
C SER D 274 22.08 -11.35 60.36
N TRP D 275 21.21 -10.36 60.23
CA TRP D 275 20.06 -10.23 61.11
C TRP D 275 18.97 -11.25 60.78
N GLN D 276 18.66 -11.43 59.50
CA GLN D 276 17.65 -12.39 59.06
C GLN D 276 18.16 -13.12 57.83
N THR D 277 17.56 -14.28 57.57
CA THR D 277 18.07 -15.28 56.63
C THR D 277 16.97 -15.56 55.60
N ALA D 278 16.47 -14.49 54.98
CA ALA D 278 15.38 -14.56 54.01
C ALA D 278 15.60 -15.66 52.98
N ASP D 279 14.71 -16.66 53.00
CA ASP D 279 14.77 -17.73 52.03
C ASP D 279 14.53 -17.19 50.64
N ILE D 280 15.33 -17.67 49.68
CA ILE D 280 15.22 -17.20 48.31
C ILE D 280 14.09 -17.88 47.55
N SER D 281 13.65 -19.07 47.99
CA SER D 281 12.49 -19.70 47.36
C SER D 281 11.21 -19.03 47.84
N ALA D 282 10.89 -19.22 49.13
CA ALA D 282 9.95 -18.40 49.90
C ALA D 282 8.65 -18.12 49.13
N ARG D 283 7.89 -19.20 48.93
CA ARG D 283 6.65 -19.10 48.18
C ARG D 283 5.66 -18.19 48.90
N ASP D 284 4.53 -17.94 48.24
CA ASP D 284 3.50 -17.03 48.73
C ASP D 284 2.14 -17.73 48.77
N SER D 285 1.06 -16.96 48.95
CA SER D 285 -0.28 -17.51 49.01
C SER D 285 -0.68 -18.25 47.73
N VAL D 286 -0.01 -17.98 46.61
CA VAL D 286 -0.26 -18.67 45.35
C VAL D 286 0.93 -19.48 44.87
N GLY D 287 1.99 -19.59 45.66
CA GLY D 287 3.13 -20.40 45.32
C GLY D 287 4.24 -19.67 44.57
N ASN D 288 4.00 -18.45 44.12
CA ASN D 288 4.99 -17.76 43.30
C ASN D 288 6.20 -17.36 44.11
N THR D 289 7.38 -17.60 43.54
CA THR D 289 8.64 -17.14 44.09
C THR D 289 8.95 -15.76 43.51
N VAL D 290 10.13 -15.25 43.83
CA VAL D 290 10.58 -14.00 43.23
C VAL D 290 10.70 -14.17 41.73
N LEU D 291 11.12 -15.34 41.26
CA LEU D 291 11.30 -15.54 39.83
C LEU D 291 9.95 -15.68 39.13
N HIS D 292 9.02 -16.46 39.70
CA HIS D 292 7.66 -16.48 39.19
C HIS D 292 7.08 -15.08 39.15
N ALA D 293 7.09 -14.39 40.28
CA ALA D 293 6.47 -13.08 40.38
C ALA D 293 7.12 -12.09 39.43
N LEU D 294 8.43 -12.21 39.26
CA LEU D 294 9.15 -11.37 38.32
C LEU D 294 8.77 -11.64 36.87
N VAL D 295 8.02 -12.72 36.60
CA VAL D 295 7.39 -12.94 35.31
C VAL D 295 5.97 -12.37 35.29
N GLU D 296 5.27 -12.46 36.42
CA GLU D 296 3.94 -11.88 36.53
C GLU D 296 3.95 -10.38 36.26
N VAL D 297 5.06 -9.72 36.56
CA VAL D 297 5.14 -8.27 36.47
C VAL D 297 5.50 -7.79 35.07
N ALA D 298 6.07 -8.65 34.24
CA ALA D 298 6.44 -8.25 32.89
C ALA D 298 5.19 -7.91 32.07
N ASP D 299 5.34 -6.92 31.20
CA ASP D 299 4.26 -6.41 30.36
C ASP D 299 4.58 -6.45 28.88
N ASN D 300 5.77 -6.91 28.49
CA ASN D 300 6.29 -6.93 27.12
C ASN D 300 6.68 -5.55 26.61
N THR D 301 6.53 -4.50 27.41
CA THR D 301 7.12 -3.22 27.08
C THR D 301 8.64 -3.38 27.03
N ALA D 302 9.26 -2.77 26.03
CA ALA D 302 10.70 -2.95 25.84
C ALA D 302 11.49 -2.46 27.04
N ASP D 303 11.06 -1.36 27.66
CA ASP D 303 11.75 -0.87 28.85
C ASP D 303 11.55 -1.81 30.02
N ASN D 304 10.41 -2.52 30.05
CA ASN D 304 10.19 -3.52 31.09
C ASN D 304 10.93 -4.81 30.77
N THR D 305 11.07 -5.13 29.48
CA THR D 305 11.77 -6.35 29.09
C THR D 305 13.23 -6.28 29.46
N LYS D 306 13.91 -5.19 29.08
CA LYS D 306 15.33 -5.02 29.43
C LYS D 306 15.54 -5.08 30.93
N PHE D 307 14.56 -4.62 31.70
CA PHE D 307 14.72 -4.56 33.14
C PHE D 307 14.54 -5.92 33.78
N VAL D 308 13.45 -6.61 33.44
CA VAL D 308 13.10 -7.85 34.12
C VAL D 308 14.14 -8.92 33.82
N THR D 309 14.63 -8.97 32.58
CA THR D 309 15.63 -9.95 32.21
C THR D 309 16.97 -9.68 32.85
N SER D 310 17.35 -8.42 33.01
CA SER D 310 18.54 -8.09 33.77
C SER D 310 18.39 -8.53 35.21
N MET D 311 17.30 -8.14 35.86
CA MET D 311 17.06 -8.53 37.25
C MET D 311 16.91 -10.04 37.39
N TYR D 312 16.11 -10.66 36.50
CA TYR D 312 15.91 -12.10 36.54
C TYR D 312 17.23 -12.85 36.48
N ASN D 313 18.24 -12.29 35.81
CA ASN D 313 19.57 -12.88 35.79
C ASN D 313 20.21 -12.84 37.17
N GLU D 314 20.03 -11.74 37.89
CA GLU D 314 20.86 -11.48 39.06
C GLU D 314 20.46 -12.35 40.24
N ILE D 315 19.16 -12.63 40.41
CA ILE D 315 18.74 -13.46 41.53
C ILE D 315 19.15 -14.91 41.28
N LEU D 316 19.26 -15.33 40.03
CA LEU D 316 19.69 -16.70 39.74
C LEU D 316 21.12 -16.92 40.20
N MET D 317 22.02 -16.02 39.80
CA MET D 317 23.41 -16.09 40.25
C MET D 317 23.49 -16.05 41.77
N LEU D 318 22.83 -15.07 42.39
CA LEU D 318 22.80 -15.00 43.85
C LEU D 318 22.22 -16.27 44.46
N GLY D 319 21.24 -16.88 43.80
CA GLY D 319 20.71 -18.14 44.25
C GLY D 319 21.67 -19.30 44.11
N ALA D 320 22.73 -19.12 43.31
CA ALA D 320 23.80 -20.09 43.18
C ALA D 320 25.00 -19.77 44.04
N LYS D 321 25.26 -18.48 44.29
CA LYS D 321 26.41 -18.10 45.10
C LYS D 321 26.26 -18.58 46.54
N LEU D 322 25.07 -18.43 47.10
CA LEU D 322 24.88 -18.74 48.51
C LEU D 322 24.83 -20.25 48.75
N HIS D 323 23.97 -20.96 48.02
CA HIS D 323 23.89 -22.42 48.16
C HIS D 323 23.35 -23.03 46.87
N PRO D 324 24.11 -23.90 46.18
CA PRO D 324 23.56 -24.55 44.98
C PRO D 324 22.46 -25.58 45.25
N THR D 325 22.08 -25.83 46.50
CA THR D 325 21.08 -26.85 46.80
C THR D 325 19.68 -26.34 46.43
N LEU D 326 19.46 -26.22 45.13
CA LEU D 326 18.29 -25.60 44.51
C LEU D 326 18.17 -26.27 43.14
N LYS D 327 18.08 -25.52 42.03
CA LYS D 327 17.12 -25.66 40.92
C LYS D 327 15.92 -24.76 41.21
N LEU D 328 16.26 -23.49 41.45
CA LEU D 328 15.30 -22.40 41.55
C LEU D 328 14.19 -22.49 40.52
N GLU D 329 14.56 -22.46 39.24
CA GLU D 329 13.57 -22.31 38.18
C GLU D 329 12.69 -23.54 38.02
N GLU D 330 13.10 -24.69 38.54
CA GLU D 330 12.28 -25.88 38.52
C GLU D 330 11.31 -25.94 39.70
N LEU D 331 11.08 -24.83 40.38
CA LEU D 331 10.04 -24.71 41.38
C LEU D 331 8.76 -24.21 40.71
N THR D 332 7.63 -24.64 41.24
CA THR D 332 6.32 -24.37 40.64
C THR D 332 5.42 -23.66 41.64
N ASN D 333 4.56 -22.81 41.10
CA ASN D 333 3.53 -22.16 41.91
C ASN D 333 2.37 -23.14 42.11
N LYS D 334 1.24 -22.64 42.61
CA LYS D 334 0.08 -23.47 42.84
C LYS D 334 -0.75 -23.72 41.59
N LYS D 335 -0.29 -23.28 40.43
CA LYS D 335 -0.78 -23.74 39.14
C LYS D 335 0.16 -24.75 38.49
N GLY D 336 1.17 -25.22 39.21
CA GLY D 336 2.14 -26.15 38.66
C GLY D 336 2.98 -25.56 37.55
N MET D 337 3.26 -24.26 37.60
CA MET D 337 3.90 -23.55 36.50
C MET D 337 5.25 -23.00 36.97
N THR D 338 6.30 -23.33 36.24
CA THR D 338 7.60 -22.73 36.46
C THR D 338 7.60 -21.32 35.86
N PRO D 339 8.60 -20.51 36.17
CA PRO D 339 8.67 -19.18 35.53
C PRO D 339 8.84 -19.25 34.04
N LEU D 340 9.54 -20.27 33.54
CA LEU D 340 9.63 -20.49 32.10
C LEU D 340 8.25 -20.68 31.48
N ALA D 341 7.53 -21.71 31.94
CA ALA D 341 6.21 -21.97 31.40
C ALA D 341 5.24 -20.84 31.73
N LEU D 342 5.51 -20.09 32.79
CA LEU D 342 4.65 -18.99 33.17
C LEU D 342 4.81 -17.80 32.24
N ALA D 343 6.02 -17.60 31.69
CA ALA D 343 6.20 -16.55 30.69
C ALA D 343 5.67 -16.99 29.34
N ALA D 344 5.62 -18.30 29.09
CA ALA D 344 5.02 -18.81 27.87
C ALA D 344 3.50 -18.84 27.95
N GLY D 345 2.94 -19.21 29.10
CA GLY D 345 1.50 -19.23 29.23
C GLY D 345 0.92 -17.83 29.31
N THR D 346 1.56 -16.96 30.08
CA THR D 346 1.12 -15.59 30.24
C THR D 346 1.51 -14.71 29.06
N GLY D 347 2.21 -15.24 28.08
CA GLY D 347 2.48 -14.50 26.87
C GLY D 347 3.64 -13.55 26.95
N LYS D 348 4.64 -13.87 27.77
CA LYS D 348 5.75 -12.96 28.04
C LYS D 348 6.94 -13.38 27.18
N ILE D 349 6.90 -12.92 25.93
CA ILE D 349 7.89 -13.29 24.94
C ILE D 349 9.27 -12.74 25.28
N GLY D 350 9.33 -11.59 25.94
CA GLY D 350 10.62 -11.00 26.26
C GLY D 350 11.39 -11.83 27.27
N VAL D 351 10.71 -12.29 28.31
CA VAL D 351 11.34 -13.15 29.30
C VAL D 351 11.69 -14.49 28.68
N LEU D 352 10.78 -15.01 27.85
CA LEU D 352 10.99 -16.31 27.24
C LEU D 352 12.21 -16.31 26.34
N ALA D 353 12.38 -15.25 25.56
CA ALA D 353 13.59 -15.08 24.77
C ALA D 353 14.84 -15.10 25.63
N TYR D 354 14.76 -14.56 26.84
CA TYR D 354 15.92 -14.58 27.73
C TYR D 354 16.20 -15.99 28.24
N ILE D 355 15.20 -16.63 28.81
CA ILE D 355 15.41 -17.89 29.53
C ILE D 355 15.93 -18.96 28.58
N LEU D 356 15.54 -18.90 27.32
CA LEU D 356 15.95 -19.90 26.35
C LEU D 356 17.35 -19.61 25.84
N GLN D 357 17.62 -18.36 25.52
CA GLN D 357 18.92 -17.91 25.07
C GLN D 357 19.86 -17.54 26.21
N ARG D 358 19.59 -18.04 27.42
CA ARG D 358 20.34 -17.60 28.59
C ARG D 358 21.75 -18.17 28.55
N GLU D 359 22.73 -17.29 28.34
CA GLU D 359 24.14 -17.64 28.45
C GLU D 359 24.81 -16.66 29.39
N ILE D 360 25.45 -17.19 30.43
CA ILE D 360 26.15 -16.41 31.44
C ILE D 360 27.61 -16.80 31.34
N GLN D 361 28.47 -15.84 31.00
CA GLN D 361 29.90 -16.08 30.83
C GLN D 361 30.61 -15.83 32.15
N GLU D 362 30.67 -16.87 32.99
CA GLU D 362 31.58 -16.90 34.12
C GLU D 362 31.63 -18.33 34.64
N PRO D 363 32.71 -18.72 35.33
CA PRO D 363 32.87 -20.16 35.66
C PRO D 363 31.75 -20.75 36.49
N GLU D 364 31.45 -20.18 37.65
CA GLU D 364 30.52 -20.83 38.58
C GLU D 364 29.10 -20.78 38.05
N CYS D 365 28.69 -19.63 37.47
CA CYS D 365 27.36 -19.46 36.92
C CYS D 365 27.42 -19.60 35.40
N ARG D 366 27.60 -20.84 34.96
CA ARG D 366 27.32 -21.25 33.60
C ARG D 366 26.43 -22.47 33.53
N HIS D 367 26.34 -23.26 34.61
CA HIS D 367 25.38 -24.36 34.68
C HIS D 367 23.96 -23.86 34.51
N LEU D 368 23.69 -22.62 34.87
CA LEU D 368 22.40 -22.00 34.63
C LEU D 368 22.29 -21.38 33.25
N SER D 369 23.33 -21.46 32.43
CA SER D 369 23.15 -21.10 31.03
C SER D 369 22.34 -22.19 30.34
N ARG D 370 21.58 -21.77 29.33
CA ARG D 370 20.84 -22.70 28.49
C ARG D 370 21.05 -22.36 27.02
N LYS D 371 22.24 -21.81 26.71
CA LYS D 371 22.70 -21.61 25.34
C LYS D 371 24.22 -21.75 25.38
N PHE D 372 24.70 -22.96 25.12
CA PHE D 372 26.12 -23.28 25.22
C PHE D 372 26.75 -23.34 23.84
N THR D 373 27.76 -22.52 23.62
CA THR D 373 28.58 -22.59 22.42
C THR D 373 29.62 -23.71 22.58
N GLU D 374 29.63 -24.65 21.65
CA GLU D 374 30.51 -25.82 21.74
C GLU D 374 31.82 -25.61 21.01
N TRP D 375 31.75 -25.41 19.69
CA TRP D 375 32.93 -25.30 18.85
C TRP D 375 32.83 -24.05 17.98
N ALA D 376 33.98 -23.59 17.52
CA ALA D 376 34.06 -22.39 16.70
C ALA D 376 35.33 -22.47 15.87
N TYR D 377 35.24 -22.01 14.63
CA TYR D 377 36.34 -21.97 13.69
C TYR D 377 36.39 -20.60 13.02
N GLY D 378 36.32 -19.56 13.85
CA GLY D 378 36.38 -18.20 13.37
C GLY D 378 34.99 -17.60 13.20
N PRO D 379 34.53 -17.40 11.96
CA PRO D 379 33.17 -16.87 11.80
C PRO D 379 32.11 -17.87 12.20
N VAL D 380 32.41 -19.16 12.09
CA VAL D 380 31.48 -20.22 12.47
C VAL D 380 31.50 -20.36 13.99
N HIS D 381 30.33 -20.30 14.62
CA HIS D 381 30.18 -20.62 16.03
C HIS D 381 28.87 -21.38 16.22
N SER D 382 28.95 -22.47 16.99
CA SER D 382 27.89 -23.47 17.07
C SER D 382 27.35 -23.56 18.48
N SER D 383 26.06 -23.30 18.65
CA SER D 383 25.40 -23.30 19.94
C SER D 383 24.84 -24.68 20.29
N LEU D 384 24.44 -24.83 21.55
CA LEU D 384 23.87 -26.06 22.09
C LEU D 384 22.68 -25.75 22.99
N TYR D 385 21.72 -24.99 22.46
CA TYR D 385 20.48 -24.64 23.14
C TYR D 385 19.89 -25.80 23.92
N ASP D 386 19.69 -25.60 25.23
CA ASP D 386 19.14 -26.65 26.06
C ASP D 386 17.65 -26.82 25.79
N LEU D 387 17.20 -28.07 25.82
CA LEU D 387 15.83 -28.43 25.51
C LEU D 387 15.08 -28.97 26.72
N SER D 388 15.67 -28.89 27.91
CA SER D 388 15.03 -29.46 29.09
C SER D 388 13.75 -28.66 29.36
N CYS D 389 12.62 -29.29 29.10
CA CYS D 389 11.29 -28.72 29.33
C CYS D 389 11.00 -27.60 28.33
N ILE D 390 11.39 -27.80 27.08
CA ILE D 390 10.85 -27.07 25.94
C ILE D 390 9.96 -27.97 25.10
N ASP D 391 10.39 -29.21 24.87
CA ASP D 391 9.62 -30.21 24.16
C ASP D 391 9.34 -31.45 25.00
N THR D 392 10.26 -31.84 25.86
CA THR D 392 10.09 -32.96 26.77
C THR D 392 10.01 -32.39 28.19
N CYS D 393 8.79 -32.31 28.72
CA CYS D 393 8.57 -31.89 30.09
C CYS D 393 7.49 -32.78 30.66
N GLU D 394 7.56 -33.01 31.97
CA GLU D 394 6.49 -33.71 32.65
C GLU D 394 5.25 -32.83 32.71
N LYS D 395 5.43 -31.58 33.15
CA LYS D 395 4.36 -30.61 33.30
C LYS D 395 4.69 -29.37 32.49
N ASN D 396 3.85 -29.06 31.51
CA ASN D 396 3.82 -27.76 30.85
C ASN D 396 5.14 -27.42 30.17
N SER D 397 5.46 -28.20 29.13
CA SER D 397 6.50 -27.81 28.20
C SER D 397 6.22 -26.42 27.64
N VAL D 398 7.28 -25.76 27.19
CA VAL D 398 7.13 -24.44 26.56
C VAL D 398 6.25 -24.54 25.33
N LEU D 399 6.42 -25.59 24.54
CA LEU D 399 5.66 -25.72 23.30
C LEU D 399 4.22 -26.11 23.60
N GLU D 400 4.00 -26.93 24.61
CA GLU D 400 2.66 -27.31 25.02
C GLU D 400 1.93 -26.20 25.75
N VAL D 401 2.56 -25.05 25.95
CA VAL D 401 1.96 -23.90 26.60
C VAL D 401 1.84 -22.71 25.66
N ILE D 402 2.64 -22.66 24.60
CA ILE D 402 2.49 -21.64 23.57
C ILE D 402 1.37 -22.03 22.62
N ALA D 403 1.45 -23.24 22.09
CA ALA D 403 0.50 -23.69 21.09
C ALA D 403 -0.89 -23.89 21.68
N TYR D 404 -0.96 -24.55 22.83
CA TYR D 404 -2.21 -24.88 23.49
C TYR D 404 -2.70 -23.78 24.42
N SER D 405 -2.31 -22.53 24.16
CA SER D 405 -2.69 -21.41 25.00
C SER D 405 -4.11 -20.94 24.69
N SER D 406 -4.76 -20.39 25.72
CA SER D 406 -6.01 -19.67 25.51
C SER D 406 -5.79 -18.54 24.52
N SER D 407 -6.89 -18.12 23.89
CA SER D 407 -6.80 -17.23 22.74
C SER D 407 -6.23 -15.85 23.08
N GLU D 408 -6.31 -15.41 24.33
CA GLU D 408 -5.87 -14.05 24.65
C GLU D 408 -4.34 -14.00 24.80
N THR D 409 -3.82 -14.57 25.91
CA THR D 409 -2.47 -15.11 26.12
C THR D 409 -1.42 -14.48 25.21
N PRO D 410 -1.17 -13.18 25.34
CA PRO D 410 -0.69 -12.38 24.20
C PRO D 410 0.55 -12.94 23.51
N ASN D 411 0.65 -12.63 22.23
CA ASN D 411 1.80 -13.00 21.41
C ASN D 411 1.94 -14.52 21.29
N ARG D 412 0.80 -15.22 21.19
CA ARG D 412 0.83 -16.65 20.91
C ARG D 412 1.63 -16.94 19.66
N HIS D 413 1.52 -16.07 18.67
CA HIS D 413 2.07 -16.30 17.35
C HIS D 413 3.48 -15.76 17.20
N ASP D 414 3.98 -15.01 18.19
CA ASP D 414 5.37 -14.56 18.20
C ASP D 414 6.25 -15.39 19.12
N MET D 415 5.67 -16.08 20.11
CA MET D 415 6.47 -16.86 21.05
C MET D 415 7.24 -18.00 20.41
N LEU D 416 6.91 -18.39 19.18
CA LEU D 416 7.63 -19.46 18.48
C LEU D 416 8.74 -18.93 17.59
N LEU D 417 8.68 -17.67 17.18
CA LEU D 417 9.79 -17.04 16.50
C LEU D 417 11.01 -16.89 17.40
N VAL D 418 10.82 -16.99 18.71
CA VAL D 418 11.94 -17.10 19.64
C VAL D 418 12.77 -18.30 19.25
N GLU D 419 14.01 -18.06 18.84
CA GLU D 419 14.93 -19.14 18.61
C GLU D 419 15.16 -19.90 19.91
N PRO D 420 15.32 -21.23 19.88
CA PRO D 420 15.37 -22.27 18.85
C PRO D 420 14.03 -22.92 18.46
N LEU D 421 12.91 -22.26 18.76
CA LEU D 421 11.63 -22.94 18.62
C LEU D 421 11.20 -23.06 17.17
N ASN D 422 11.31 -21.98 16.40
CA ASN D 422 11.05 -22.04 14.96
C ASN D 422 11.96 -23.07 14.30
N ARG D 423 13.17 -23.23 14.81
CA ARG D 423 14.17 -24.10 14.24
C ARG D 423 14.05 -25.53 14.73
N LEU D 424 13.49 -25.73 15.92
CA LEU D 424 13.31 -27.08 16.44
C LEU D 424 12.08 -27.74 15.86
N LEU D 425 10.99 -26.99 15.70
CA LEU D 425 9.80 -27.54 15.08
C LEU D 425 10.06 -27.89 13.63
N GLN D 426 10.79 -27.02 12.91
CA GLN D 426 11.22 -27.34 11.56
C GLN D 426 12.11 -28.57 11.52
N ASP D 427 12.78 -28.89 12.62
CA ASP D 427 13.53 -30.14 12.68
C ASP D 427 12.60 -31.31 12.89
N LYS D 428 11.62 -31.16 13.79
CA LYS D 428 10.62 -32.20 13.95
C LYS D 428 9.79 -32.37 12.69
N TRP D 429 9.55 -31.28 11.97
CA TRP D 429 8.81 -31.35 10.72
C TRP D 429 9.59 -32.12 9.67
N ASP D 430 10.82 -31.66 9.39
CA ASP D 430 11.64 -32.30 8.38
C ASP D 430 12.01 -33.74 8.72
N ARG D 431 11.91 -34.14 9.99
CA ARG D 431 12.40 -35.42 10.45
C ARG D 431 11.32 -36.48 10.57
N PHE D 432 10.27 -36.22 11.37
CA PHE D 432 9.29 -37.26 11.68
C PHE D 432 7.84 -36.81 11.69
N VAL D 433 7.50 -35.66 11.10
CA VAL D 433 6.11 -35.20 11.07
C VAL D 433 5.68 -34.91 9.63
N LYS D 434 6.63 -34.57 8.77
CA LYS D 434 6.31 -34.38 7.36
C LYS D 434 5.85 -35.69 6.73
N ARG D 435 6.42 -36.80 7.19
CA ARG D 435 6.02 -38.11 6.66
C ARG D 435 4.67 -38.54 7.20
N ILE D 436 4.42 -38.30 8.49
CA ILE D 436 3.16 -38.72 9.09
C ILE D 436 2.04 -37.82 8.62
N PHE D 437 2.28 -36.51 8.59
CA PHE D 437 1.26 -35.56 8.18
C PHE D 437 0.81 -35.80 6.76
N TYR D 438 1.75 -36.03 5.85
CA TYR D 438 1.40 -36.38 4.49
C TYR D 438 0.77 -37.76 4.40
N PHE D 439 0.90 -38.58 5.43
CA PHE D 439 0.14 -39.82 5.50
C PHE D 439 -1.23 -39.58 6.10
N ASN D 440 -1.35 -38.63 7.02
CA ASN D 440 -2.65 -38.20 7.48
C ASN D 440 -3.44 -37.57 6.34
N PHE D 441 -2.75 -36.86 5.45
CA PHE D 441 -3.41 -36.23 4.32
C PHE D 441 -3.84 -37.25 3.29
N LEU D 442 -3.03 -38.28 3.06
CA LEU D 442 -3.42 -39.37 2.20
C LEU D 442 -4.70 -40.02 2.68
N VAL D 443 -4.72 -40.51 3.93
CA VAL D 443 -5.86 -41.25 4.44
C VAL D 443 -7.11 -40.40 4.42
N TYR D 444 -6.97 -39.10 4.67
CA TYR D 444 -8.13 -38.23 4.63
C TYR D 444 -8.64 -38.06 3.21
N CYS D 445 -7.71 -37.90 2.26
CA CYS D 445 -8.08 -37.86 0.86
C CYS D 445 -8.75 -39.14 0.40
N LEU D 446 -8.17 -40.29 0.73
CA LEU D 446 -8.80 -41.55 0.42
C LEU D 446 -10.16 -41.66 1.09
N TYR D 447 -10.24 -41.24 2.34
CA TYR D 447 -11.49 -41.23 3.06
C TYR D 447 -12.53 -40.38 2.36
N MET D 448 -12.14 -39.20 1.91
CA MET D 448 -13.07 -38.37 1.16
C MET D 448 -13.39 -38.96 -0.20
N ILE D 449 -12.42 -39.60 -0.85
CA ILE D 449 -12.69 -40.32 -2.08
C ILE D 449 -13.66 -41.47 -1.84
N ILE D 450 -13.61 -42.05 -0.64
CA ILE D 450 -14.45 -43.21 -0.34
C ILE D 450 -15.83 -42.77 0.12
N PHE D 451 -15.90 -41.71 0.94
CA PHE D 451 -17.18 -41.16 1.35
C PHE D 451 -17.88 -40.43 0.22
N THR D 452 -17.17 -40.17 -0.88
CA THR D 452 -17.75 -39.43 -1.98
C THR D 452 -18.45 -40.37 -2.95
N MET D 453 -17.81 -41.49 -3.29
CA MET D 453 -18.43 -42.43 -4.20
C MET D 453 -19.50 -43.24 -3.53
N ALA D 454 -19.37 -43.50 -2.23
CA ALA D 454 -20.46 -44.09 -1.48
C ALA D 454 -21.63 -43.15 -1.36
N ALA D 455 -21.38 -41.85 -1.48
CA ALA D 455 -22.42 -40.84 -1.50
C ALA D 455 -22.90 -40.56 -2.92
N TYR D 456 -21.98 -40.57 -3.88
CA TYR D 456 -22.36 -40.37 -5.27
C TYR D 456 -23.18 -41.54 -5.79
N TYR D 457 -22.82 -42.76 -5.41
CA TYR D 457 -23.51 -43.97 -5.81
C TYR D 457 -24.52 -44.40 -4.76
N ARG D 458 -25.14 -43.44 -4.09
CA ARG D 458 -26.15 -43.76 -3.11
C ARG D 458 -27.39 -44.32 -3.81
N PRO D 459 -28.23 -45.04 -3.09
CA PRO D 459 -29.52 -45.43 -3.68
C PRO D 459 -30.46 -44.25 -3.81
N VAL D 460 -31.37 -44.39 -4.76
CA VAL D 460 -32.43 -43.42 -5.00
C VAL D 460 -33.81 -44.06 -5.01
N ASP D 461 -33.91 -45.36 -4.74
CA ASP D 461 -35.12 -46.15 -4.97
C ASP D 461 -35.43 -46.90 -3.68
N GLY D 462 -36.25 -46.29 -2.84
CA GLY D 462 -36.73 -46.91 -1.61
C GLY D 462 -36.59 -45.97 -0.42
N LEU D 463 -36.44 -46.57 0.75
CA LEU D 463 -36.13 -45.87 1.98
C LEU D 463 -34.82 -46.42 2.54
N PRO D 464 -34.17 -45.68 3.43
CA PRO D 464 -33.06 -46.25 4.17
C PRO D 464 -33.57 -47.06 5.34
N PRO D 465 -32.79 -48.05 5.84
CA PRO D 465 -31.52 -48.57 5.34
C PRO D 465 -31.68 -49.51 4.16
N PHE D 466 -31.18 -49.08 3.01
CA PHE D 466 -31.21 -49.89 1.81
C PHE D 466 -30.45 -51.19 2.03
N LYS D 467 -30.72 -52.16 1.15
CA LYS D 467 -30.28 -53.53 1.32
C LYS D 467 -29.37 -53.95 0.17
N MET D 468 -28.46 -54.87 0.46
CA MET D 468 -27.46 -55.33 -0.48
C MET D 468 -28.05 -56.43 -1.36
N GLU D 469 -28.04 -56.19 -2.68
CA GLU D 469 -28.52 -57.17 -3.65
C GLU D 469 -27.42 -57.61 -4.61
N LYS D 470 -26.72 -56.67 -5.23
CA LYS D 470 -25.70 -56.96 -6.23
C LYS D 470 -24.29 -56.81 -5.66
N THR D 471 -23.32 -57.13 -6.50
CA THR D 471 -21.91 -57.05 -6.10
C THR D 471 -21.51 -55.62 -5.78
N GLY D 472 -21.88 -54.68 -6.65
CA GLY D 472 -21.49 -53.30 -6.48
C GLY D 472 -22.01 -52.64 -5.21
N ASP D 473 -23.04 -53.21 -4.59
CA ASP D 473 -23.53 -52.72 -3.31
C ASP D 473 -22.71 -53.25 -2.13
N TYR D 474 -21.89 -54.30 -2.36
CA TYR D 474 -20.95 -54.73 -1.32
C TYR D 474 -19.69 -53.88 -1.31
N PHE D 475 -19.35 -53.25 -2.43
CA PHE D 475 -18.20 -52.36 -2.46
C PHE D 475 -18.54 -51.02 -1.81
N ARG D 476 -19.78 -50.56 -1.95
CA ARG D 476 -20.15 -49.29 -1.33
C ARG D 476 -20.39 -49.42 0.16
N VAL D 477 -20.91 -50.56 0.63
CA VAL D 477 -21.24 -50.65 2.04
C VAL D 477 -19.97 -50.52 2.87
N THR D 478 -18.90 -51.18 2.46
CA THR D 478 -17.58 -50.90 3.00
C THR D 478 -17.25 -49.43 2.86
N GLY D 479 -17.55 -48.85 1.70
CA GLY D 479 -17.42 -47.42 1.53
C GLY D 479 -18.28 -46.63 2.50
N GLU D 480 -19.41 -47.20 2.92
CA GLU D 480 -20.24 -46.58 3.94
C GLU D 480 -19.75 -46.92 5.35
N ILE D 481 -19.31 -48.16 5.58
CA ILE D 481 -18.68 -48.48 6.86
C ILE D 481 -17.44 -47.62 7.05
N LEU D 482 -16.45 -47.78 6.17
CA LEU D 482 -15.21 -47.02 6.25
C LEU D 482 -15.43 -45.51 6.26
N SER D 483 -16.60 -45.05 5.80
CA SER D 483 -16.97 -43.65 5.92
C SER D 483 -17.38 -43.28 7.33
N VAL D 484 -18.31 -44.03 7.92
CA VAL D 484 -18.85 -43.67 9.23
C VAL D 484 -17.77 -43.77 10.30
N LEU D 485 -16.87 -44.75 10.19
CA LEU D 485 -15.87 -44.96 11.22
C LEU D 485 -14.97 -43.74 11.37
N GLY D 486 -14.59 -43.11 10.25
CA GLY D 486 -13.91 -41.84 10.34
C GLY D 486 -14.74 -40.79 11.04
N GLY D 487 -16.06 -40.83 10.86
CA GLY D 487 -16.93 -39.95 11.60
C GLY D 487 -17.06 -40.28 13.06
N VAL D 488 -16.70 -41.52 13.44
CA VAL D 488 -16.51 -41.83 14.85
C VAL D 488 -15.14 -41.33 15.29
N TYR D 489 -14.16 -41.46 14.41
CA TYR D 489 -12.81 -40.99 14.73
C TYR D 489 -12.80 -39.48 14.93
N PHE D 490 -13.23 -38.74 13.92
CA PHE D 490 -13.25 -37.28 14.04
C PHE D 490 -14.22 -36.79 15.10
N PHE D 491 -15.16 -37.64 15.52
CA PHE D 491 -16.00 -37.33 16.67
C PHE D 491 -15.20 -37.47 17.97
N PHE D 492 -14.69 -38.67 18.23
CA PHE D 492 -13.89 -38.90 19.43
C PHE D 492 -12.64 -38.04 19.43
N ARG D 493 -11.97 -37.93 18.28
CA ARG D 493 -10.84 -37.02 18.15
C ARG D 493 -11.22 -35.57 18.43
N GLY D 494 -12.52 -35.25 18.36
CA GLY D 494 -13.00 -33.93 18.71
C GLY D 494 -13.46 -33.84 20.14
N ILE D 495 -14.02 -34.93 20.67
CA ILE D 495 -14.38 -34.95 22.09
C ILE D 495 -13.13 -34.88 22.95
N GLN D 496 -12.08 -35.60 22.56
CA GLN D 496 -10.80 -35.52 23.27
C GLN D 496 -10.32 -34.09 23.33
N TYR D 497 -10.31 -33.40 22.19
CA TYR D 497 -9.94 -31.99 22.13
C TYR D 497 -10.77 -31.12 23.08
N PHE D 498 -11.93 -31.60 23.53
CA PHE D 498 -12.70 -30.95 24.58
C PHE D 498 -12.74 -31.75 25.88
N LEU D 499 -11.80 -32.69 26.06
CA LEU D 499 -11.59 -33.36 27.34
C LEU D 499 -10.14 -33.54 27.73
N GLN D 500 -9.17 -33.43 26.82
CA GLN D 500 -7.76 -33.39 27.16
C GLN D 500 -7.17 -31.99 27.02
N ARG D 501 -8.00 -31.00 26.69
CA ARG D 501 -7.65 -29.59 26.80
C ARG D 501 -8.70 -28.86 27.61
N ARG D 502 -9.97 -29.24 27.43
CA ARG D 502 -11.10 -28.59 28.05
C ARG D 502 -11.07 -27.06 27.86
N PRO D 503 -11.05 -26.59 26.62
CA PRO D 503 -11.04 -25.15 26.38
C PRO D 503 -12.34 -24.50 26.78
N SER D 504 -12.23 -23.26 27.24
CA SER D 504 -13.35 -22.51 27.78
C SER D 504 -14.46 -22.32 26.74
N MET D 505 -15.60 -21.82 27.22
CA MET D 505 -16.75 -21.59 26.35
C MET D 505 -16.41 -20.67 25.19
N LYS D 506 -15.70 -19.57 25.47
CA LYS D 506 -15.24 -18.69 24.41
C LYS D 506 -14.34 -19.41 23.43
N THR D 507 -13.45 -20.26 23.94
CA THR D 507 -12.45 -20.93 23.12
C THR D 507 -12.98 -22.15 22.38
N LEU D 508 -14.31 -22.29 22.28
CA LEU D 508 -14.89 -23.09 21.21
C LEU D 508 -14.95 -22.30 19.91
N PHE D 509 -15.23 -21.00 20.01
CA PHE D 509 -15.66 -20.19 18.87
C PHE D 509 -14.73 -19.02 18.55
N VAL D 510 -13.47 -19.03 19.02
CA VAL D 510 -12.56 -17.93 18.71
C VAL D 510 -11.21 -18.42 18.16
N ASP D 511 -10.80 -19.65 18.49
CA ASP D 511 -9.50 -20.13 18.03
C ASP D 511 -9.44 -21.62 17.68
N SER D 512 -10.54 -22.36 17.75
CA SER D 512 -10.54 -23.81 17.57
C SER D 512 -11.23 -24.21 16.27
N TYR D 513 -11.12 -23.36 15.26
CA TYR D 513 -12.05 -23.39 14.14
C TYR D 513 -11.92 -24.66 13.33
N SER D 514 -10.70 -25.13 13.12
CA SER D 514 -10.50 -26.36 12.38
C SER D 514 -11.08 -27.55 13.12
N GLU D 515 -10.68 -27.72 14.39
CA GLU D 515 -11.18 -28.81 15.21
C GLU D 515 -12.70 -28.85 15.29
N MET D 516 -13.35 -27.71 15.13
CA MET D 516 -14.81 -27.69 15.07
C MET D 516 -15.31 -28.31 13.77
N LEU D 517 -14.70 -27.94 12.66
CA LEU D 517 -15.23 -28.32 11.36
C LEU D 517 -14.98 -29.78 11.01
N PHE D 518 -14.03 -30.43 11.68
CA PHE D 518 -13.93 -31.89 11.60
C PHE D 518 -14.88 -32.57 12.55
N PHE D 519 -15.12 -31.97 13.70
CA PHE D 519 -16.12 -32.49 14.62
C PHE D 519 -17.52 -32.25 14.07
N LEU D 520 -17.74 -31.06 13.52
CA LEU D 520 -19.00 -30.72 12.87
C LEU D 520 -19.30 -31.65 11.72
N GLN D 521 -18.29 -31.94 10.90
CA GLN D 521 -18.41 -32.95 9.87
C GLN D 521 -18.84 -34.30 10.46
N SER D 522 -18.35 -34.61 11.65
CA SER D 522 -18.70 -35.87 12.29
C SER D 522 -20.12 -35.86 12.81
N LEU D 523 -20.62 -34.70 13.21
CA LEU D 523 -22.01 -34.60 13.64
C LEU D 523 -22.95 -34.78 12.46
N PHE D 524 -22.65 -34.15 11.32
CA PHE D 524 -23.41 -34.39 10.11
C PHE D 524 -23.27 -35.82 9.61
N MET D 525 -22.20 -36.51 10.01
CA MET D 525 -22.06 -37.93 9.71
C MET D 525 -22.89 -38.77 10.66
N LEU D 526 -22.79 -38.50 11.95
CA LEU D 526 -23.52 -39.29 12.93
C LEU D 526 -24.95 -38.81 13.11
N ALA D 527 -25.34 -37.75 12.40
CA ALA D 527 -26.75 -37.53 12.08
C ALA D 527 -27.15 -38.32 10.84
N THR D 528 -26.19 -38.62 9.97
CA THR D 528 -26.42 -39.40 8.76
C THR D 528 -26.48 -40.90 9.05
N VAL D 529 -26.12 -41.32 10.26
CA VAL D 529 -26.33 -42.70 10.69
C VAL D 529 -27.68 -42.84 11.38
N VAL D 530 -28.02 -41.87 12.22
CA VAL D 530 -29.29 -41.90 12.92
C VAL D 530 -30.44 -41.88 11.94
N LEU D 531 -30.31 -41.10 10.87
CA LEU D 531 -31.38 -40.90 9.92
C LEU D 531 -31.37 -41.91 8.78
N TYR D 532 -30.27 -42.65 8.61
CA TYR D 532 -30.25 -43.79 7.70
C TYR D 532 -30.84 -45.04 8.34
N PHE D 533 -31.02 -45.03 9.66
CA PHE D 533 -31.69 -46.10 10.38
C PHE D 533 -33.02 -45.66 10.95
N SER D 534 -33.33 -44.36 10.94
CA SER D 534 -34.63 -43.86 11.32
C SER D 534 -35.66 -43.93 10.19
N HIS D 535 -35.29 -44.52 9.04
CA HIS D 535 -36.18 -44.61 7.88
C HIS D 535 -36.57 -43.21 7.40
N LEU D 536 -35.56 -42.45 7.00
CA LEU D 536 -35.71 -41.05 6.67
C LEU D 536 -34.66 -40.67 5.65
N LYS D 537 -35.08 -40.05 4.55
CA LYS D 537 -34.16 -39.68 3.49
C LYS D 537 -33.42 -38.38 3.77
N GLU D 538 -33.54 -37.81 4.97
CA GLU D 538 -32.80 -36.63 5.35
C GLU D 538 -31.36 -36.91 5.69
N TYR D 539 -30.92 -38.17 5.66
CA TYR D 539 -29.51 -38.45 5.80
C TYR D 539 -28.71 -37.77 4.70
N VAL D 540 -29.29 -37.67 3.50
CA VAL D 540 -28.62 -37.03 2.39
C VAL D 540 -28.35 -35.57 2.70
N ALA D 541 -29.35 -34.88 3.22
CA ALA D 541 -29.21 -33.50 3.67
C ALA D 541 -28.01 -33.35 4.60
N SER D 542 -27.85 -34.28 5.53
CA SER D 542 -26.69 -34.26 6.40
C SER D 542 -25.44 -34.73 5.68
N MET D 543 -25.58 -35.65 4.73
CA MET D 543 -24.44 -36.31 4.13
C MET D 543 -23.71 -35.41 3.14
N VAL D 544 -24.44 -34.56 2.43
CA VAL D 544 -23.79 -33.64 1.51
C VAL D 544 -23.08 -32.54 2.27
N PHE D 545 -23.65 -32.11 3.38
CA PHE D 545 -22.97 -31.19 4.27
C PHE D 545 -21.68 -31.78 4.81
N SER D 546 -21.65 -33.08 5.06
CA SER D 546 -20.42 -33.74 5.48
C SER D 546 -19.37 -33.71 4.38
N LEU D 547 -19.77 -33.98 3.13
CA LEU D 547 -18.84 -33.89 2.01
C LEU D 547 -18.30 -32.49 1.86
N ALA D 548 -19.19 -31.50 1.83
CA ALA D 548 -18.79 -30.12 1.62
C ALA D 548 -17.85 -29.66 2.72
N LEU D 549 -18.20 -29.95 3.97
CA LEU D 549 -17.25 -29.74 5.04
C LEU D 549 -15.99 -30.55 4.82
N GLY D 550 -16.14 -31.78 4.34
CA GLY D 550 -15.01 -32.68 4.26
C GLY D 550 -13.95 -32.21 3.30
N TRP D 551 -14.33 -31.89 2.07
CA TRP D 551 -13.36 -31.46 1.09
C TRP D 551 -12.79 -30.10 1.44
N THR D 552 -13.65 -29.18 1.88
CA THR D 552 -13.18 -27.90 2.39
C THR D 552 -12.16 -28.06 3.50
N ASN D 553 -12.27 -29.12 4.27
CA ASN D 553 -11.32 -29.43 5.33
C ASN D 553 -10.00 -29.98 4.83
N MET D 554 -9.82 -30.15 3.52
CA MET D 554 -8.46 -30.25 3.00
C MET D 554 -7.66 -29.01 3.30
N LEU D 555 -8.33 -27.87 3.39
CA LEU D 555 -7.70 -26.62 3.75
C LEU D 555 -7.12 -26.65 5.16
N TYR D 556 -7.43 -27.68 5.95
CA TYR D 556 -6.59 -28.02 7.07
C TYR D 556 -5.22 -28.43 6.60
N TYR D 557 -5.16 -29.54 5.88
CA TYR D 557 -3.91 -30.24 5.63
C TYR D 557 -2.98 -29.50 4.71
N THR D 558 -3.40 -28.39 4.15
CA THR D 558 -2.52 -27.55 3.38
C THR D 558 -1.68 -26.64 4.28
N ARG D 559 -1.67 -26.91 5.58
CA ARG D 559 -0.77 -26.25 6.52
C ARG D 559 0.57 -26.94 6.63
N GLY D 560 0.76 -28.07 5.99
CA GLY D 560 2.08 -28.60 5.79
C GLY D 560 2.87 -27.93 4.68
N PHE D 561 2.37 -26.82 4.15
CA PHE D 561 2.97 -26.11 3.05
C PHE D 561 2.86 -24.63 3.31
N GLN D 562 3.99 -23.93 3.20
CA GLN D 562 4.06 -22.55 3.64
C GLN D 562 3.12 -21.66 2.85
N GLN D 563 3.35 -21.55 1.54
CA GLN D 563 2.61 -20.57 0.76
C GLN D 563 1.15 -20.95 0.64
N MET D 564 0.85 -22.24 0.73
CA MET D 564 -0.54 -22.66 0.76
C MET D 564 -1.15 -22.59 2.15
N GLY D 565 -0.36 -22.82 3.18
CA GLY D 565 -0.88 -22.78 4.54
C GLY D 565 -1.12 -21.35 4.99
N ILE D 566 -0.26 -20.44 4.55
CA ILE D 566 -0.52 -19.03 4.77
C ILE D 566 -1.76 -18.60 4.01
N TYR D 567 -1.97 -19.18 2.84
CA TYR D 567 -3.17 -18.88 2.06
C TYR D 567 -4.41 -19.33 2.80
N ALA D 568 -4.35 -20.49 3.44
CA ALA D 568 -5.48 -20.98 4.21
C ALA D 568 -5.77 -20.12 5.42
N VAL D 569 -4.77 -19.39 5.90
CA VAL D 569 -4.95 -18.53 7.07
C VAL D 569 -5.51 -17.20 6.64
N MET D 570 -5.06 -16.67 5.52
CA MET D 570 -5.70 -15.49 4.97
C MET D 570 -7.18 -15.75 4.71
N ILE D 571 -7.53 -16.94 4.22
CA ILE D 571 -8.94 -17.29 4.04
C ILE D 571 -9.69 -17.18 5.35
N GLU D 572 -9.12 -17.71 6.43
CA GLU D 572 -9.73 -17.54 7.75
C GLU D 572 -9.90 -16.08 8.09
N LYS D 573 -8.83 -15.31 7.98
CA LYS D 573 -8.86 -13.91 8.35
C LYS D 573 -9.61 -13.04 7.36
N MET D 574 -10.23 -13.60 6.33
CA MET D 574 -11.19 -12.91 5.49
C MET D 574 -12.62 -13.32 5.78
N ILE D 575 -12.83 -14.59 6.09
CA ILE D 575 -14.16 -15.08 6.43
C ILE D 575 -14.71 -14.37 7.65
N LEU D 576 -13.84 -13.96 8.56
CA LEU D 576 -14.23 -13.47 9.87
C LEU D 576 -14.14 -11.95 9.95
N ARG D 577 -13.13 -11.39 9.32
CA ARG D 577 -12.88 -9.97 9.33
C ARG D 577 -13.64 -9.23 8.25
N ASP D 578 -13.56 -9.67 7.00
CA ASP D 578 -14.09 -8.96 5.85
C ASP D 578 -15.41 -9.49 5.34
N LEU D 579 -15.64 -10.80 5.43
CA LEU D 579 -16.85 -11.39 4.91
C LEU D 579 -17.98 -11.37 5.92
N CYS D 580 -17.67 -11.36 7.22
CA CYS D 580 -18.70 -11.21 8.22
C CYS D 580 -19.26 -9.80 8.23
N ARG D 581 -18.37 -8.81 8.26
CA ARG D 581 -18.79 -7.43 8.13
C ARG D 581 -19.60 -7.22 6.87
N PHE D 582 -19.14 -7.82 5.77
CA PHE D 582 -19.84 -7.73 4.50
C PHE D 582 -21.23 -8.36 4.57
N MET D 583 -21.30 -9.61 5.03
CA MET D 583 -22.53 -10.36 4.91
C MET D 583 -23.57 -9.96 5.95
N PHE D 584 -23.20 -9.18 6.96
CA PHE D 584 -24.21 -8.51 7.76
C PHE D 584 -24.87 -7.41 6.96
N VAL D 585 -24.07 -6.43 6.53
CA VAL D 585 -24.59 -5.30 5.78
C VAL D 585 -25.25 -5.75 4.50
N TYR D 586 -24.71 -6.78 3.85
CA TYR D 586 -25.30 -7.26 2.62
C TYR D 586 -26.68 -7.85 2.85
N ILE D 587 -26.90 -8.49 4.00
CA ILE D 587 -28.20 -9.08 4.28
C ILE D 587 -29.19 -8.02 4.72
N VAL D 588 -28.72 -6.99 5.40
CA VAL D 588 -29.56 -5.83 5.70
C VAL D 588 -30.10 -5.24 4.42
N PHE D 589 -29.21 -4.95 3.48
CA PHE D 589 -29.61 -4.41 2.19
C PHE D 589 -30.50 -5.39 1.44
N LEU D 590 -30.06 -6.64 1.32
CA LEU D 590 -30.81 -7.65 0.60
C LEU D 590 -32.20 -7.80 1.17
N PHE D 591 -32.32 -8.00 2.47
CA PHE D 591 -33.62 -8.10 3.09
C PHE D 591 -34.29 -6.74 3.15
N GLY D 592 -33.52 -5.67 3.23
CA GLY D 592 -34.09 -4.34 3.15
C GLY D 592 -34.83 -4.11 1.86
N PHE D 593 -34.13 -4.22 0.74
CA PHE D 593 -34.73 -3.96 -0.56
C PHE D 593 -35.63 -5.09 -1.02
N SER D 594 -35.45 -6.30 -0.51
CA SER D 594 -36.32 -7.40 -0.88
C SER D 594 -37.74 -7.15 -0.43
N THR D 595 -37.90 -6.94 0.87
CA THR D 595 -39.18 -6.52 1.44
C THR D 595 -39.78 -5.36 0.67
N ALA D 596 -38.94 -4.40 0.33
CA ALA D 596 -39.38 -3.26 -0.45
C ALA D 596 -39.84 -3.65 -1.83
N VAL D 597 -39.28 -4.72 -2.41
CA VAL D 597 -39.69 -5.16 -3.74
C VAL D 597 -40.93 -6.03 -3.66
N VAL D 598 -40.94 -7.01 -2.75
CA VAL D 598 -42.07 -7.93 -2.68
C VAL D 598 -43.30 -7.24 -2.11
N THR D 599 -43.10 -6.20 -1.31
CA THR D 599 -44.19 -5.28 -1.00
C THR D 599 -44.83 -4.75 -2.26
N LEU D 600 -44.01 -4.18 -3.15
CA LEU D 600 -44.51 -3.61 -4.39
C LEU D 600 -45.11 -4.66 -5.30
N ILE D 601 -44.62 -5.89 -5.23
CA ILE D 601 -45.15 -6.95 -6.06
C ILE D 601 -46.52 -7.35 -5.53
N GLU D 602 -47.40 -7.72 -6.45
CA GLU D 602 -48.76 -8.13 -6.16
C GLU D 602 -49.01 -9.49 -6.80
N ASP D 603 -50.24 -9.99 -6.58
CA ASP D 603 -50.78 -11.26 -7.09
C ASP D 603 -49.79 -12.35 -7.48
N SER D 629 -44.10 -16.70 -9.60
CA SER D 629 -44.74 -16.32 -8.33
C SER D 629 -43.78 -15.48 -7.50
N TYR D 630 -43.35 -14.35 -8.04
CA TYR D 630 -42.40 -13.48 -7.37
C TYR D 630 -43.00 -12.70 -6.22
N ASN D 631 -44.29 -12.89 -5.90
CA ASN D 631 -44.87 -12.33 -4.67
C ASN D 631 -44.49 -13.23 -3.49
N SER D 632 -43.18 -13.30 -3.25
CA SER D 632 -42.61 -14.13 -2.22
C SER D 632 -41.31 -13.50 -1.76
N LEU D 633 -41.05 -13.62 -0.47
CA LEU D 633 -39.86 -13.04 0.11
C LEU D 633 -38.64 -13.87 -0.16
N TYR D 634 -38.79 -15.16 -0.42
CA TYR D 634 -37.65 -15.99 -0.75
C TYR D 634 -37.12 -15.64 -2.13
N SER D 635 -37.98 -15.77 -3.13
CA SER D 635 -37.55 -15.61 -4.52
C SER D 635 -37.06 -14.21 -4.79
N THR D 636 -37.61 -13.23 -4.10
CA THR D 636 -37.12 -11.86 -4.22
C THR D 636 -35.76 -11.70 -3.55
N CYS D 637 -35.60 -12.24 -2.35
CA CYS D 637 -34.29 -12.30 -1.73
C CYS D 637 -33.33 -13.16 -2.55
N LEU D 638 -33.88 -14.12 -3.27
CA LEU D 638 -33.09 -14.98 -4.15
C LEU D 638 -32.74 -14.28 -5.45
N GLU D 639 -33.70 -13.59 -6.08
CA GLU D 639 -33.41 -12.89 -7.32
C GLU D 639 -32.52 -11.69 -7.10
N LEU D 640 -32.52 -11.13 -5.90
CA LEU D 640 -31.62 -10.03 -5.58
C LEU D 640 -30.25 -10.51 -5.13
N PHE D 641 -30.10 -11.78 -4.79
CA PHE D 641 -28.77 -12.33 -4.63
C PHE D 641 -28.11 -12.61 -5.98
N LYS D 642 -28.86 -12.47 -7.07
CA LYS D 642 -28.30 -12.75 -8.37
C LYS D 642 -27.63 -11.54 -8.98
N PHE D 643 -27.98 -10.32 -8.56
CA PHE D 643 -27.25 -9.14 -9.01
C PHE D 643 -25.80 -9.18 -8.57
N THR D 644 -25.51 -9.83 -7.45
CA THR D 644 -24.18 -9.82 -6.89
C THR D 644 -23.31 -10.90 -7.50
N ILE D 645 -23.90 -11.98 -7.99
CA ILE D 645 -23.18 -13.01 -8.73
C ILE D 645 -23.26 -12.79 -10.24
N GLY D 646 -23.61 -11.58 -10.65
CA GLY D 646 -23.67 -11.27 -12.06
C GLY D 646 -24.77 -11.95 -12.80
N MET D 647 -25.90 -12.19 -12.16
CA MET D 647 -27.03 -12.86 -12.80
C MET D 647 -28.35 -12.20 -12.47
N GLY D 648 -28.32 -10.90 -12.25
CA GLY D 648 -29.50 -10.15 -11.95
C GLY D 648 -30.24 -9.58 -13.12
N ASP D 649 -31.49 -10.02 -13.27
CA ASP D 649 -32.39 -9.45 -14.26
C ASP D 649 -33.07 -8.26 -13.61
N LEU D 650 -33.08 -7.14 -14.30
CA LEU D 650 -33.82 -5.98 -13.85
C LEU D 650 -35.26 -6.00 -14.32
N GLU D 651 -35.72 -7.12 -14.83
CA GLU D 651 -37.05 -7.28 -15.38
C GLU D 651 -37.62 -8.62 -14.97
N PHE D 652 -37.30 -9.07 -13.75
CA PHE D 652 -37.83 -10.35 -13.29
C PHE D 652 -39.26 -10.26 -12.82
N THR D 653 -39.86 -9.07 -12.79
CA THR D 653 -41.29 -8.94 -12.63
C THR D 653 -41.78 -7.81 -13.50
N GLU D 654 -42.94 -8.05 -14.13
CA GLU D 654 -43.83 -7.00 -14.57
C GLU D 654 -45.04 -6.89 -13.66
N ASN D 655 -45.09 -7.70 -12.59
CA ASN D 655 -46.21 -7.72 -11.66
C ASN D 655 -45.92 -6.70 -10.56
N TYR D 656 -46.12 -5.45 -10.90
CA TYR D 656 -46.01 -4.33 -9.97
C TYR D 656 -46.96 -3.26 -10.50
N ASP D 657 -47.05 -2.15 -9.76
CA ASP D 657 -47.89 -1.04 -10.17
C ASP D 657 -47.10 0.20 -10.57
N PHE D 658 -45.85 0.31 -10.12
CA PHE D 658 -45.05 1.50 -10.40
C PHE D 658 -43.65 1.08 -10.79
N LYS D 659 -43.25 1.44 -12.02
CA LYS D 659 -41.98 0.96 -12.58
C LYS D 659 -40.80 1.76 -12.09
N ALA D 660 -40.96 3.07 -11.92
CA ALA D 660 -39.86 3.85 -11.39
C ALA D 660 -39.49 3.38 -10.00
N VAL D 661 -40.50 2.98 -9.22
CA VAL D 661 -40.24 2.49 -7.88
C VAL D 661 -39.47 1.19 -7.95
N PHE D 662 -39.89 0.29 -8.81
CA PHE D 662 -39.26 -1.02 -8.90
C PHE D 662 -37.81 -0.91 -9.32
N ILE D 663 -37.49 0.02 -10.20
CA ILE D 663 -36.15 0.08 -10.79
C ILE D 663 -35.25 1.05 -10.02
N ILE D 664 -35.76 2.15 -9.50
CA ILE D 664 -34.97 2.96 -8.57
C ILE D 664 -34.55 2.11 -7.37
N LEU D 665 -35.40 1.17 -6.99
CA LEU D 665 -35.19 0.36 -5.81
C LEU D 665 -34.23 -0.78 -6.07
N LEU D 666 -34.14 -1.25 -7.31
CA LEU D 666 -33.10 -2.21 -7.68
C LEU D 666 -31.79 -1.52 -7.97
N LEU D 667 -31.83 -0.42 -8.71
CA LEU D 667 -30.61 0.35 -8.94
C LEU D 667 -30.01 0.83 -7.63
N ALA D 668 -30.86 1.22 -6.68
CA ALA D 668 -30.40 1.45 -5.33
C ALA D 668 -29.75 0.20 -4.75
N TYR D 669 -30.34 -0.97 -5.01
CA TYR D 669 -29.76 -2.21 -4.52
C TYR D 669 -28.45 -2.53 -5.22
N VAL D 670 -28.45 -2.48 -6.55
CA VAL D 670 -27.26 -2.75 -7.33
C VAL D 670 -26.13 -1.83 -6.92
N ILE D 671 -26.41 -0.53 -6.91
CA ILE D 671 -25.37 0.45 -6.62
C ILE D 671 -24.82 0.24 -5.22
N LEU D 672 -25.69 -0.03 -4.26
CA LEU D 672 -25.24 -0.17 -2.89
C LEU D 672 -24.56 -1.51 -2.64
N THR D 673 -25.07 -2.59 -3.23
CA THR D 673 -24.52 -3.91 -3.02
C THR D 673 -23.47 -4.31 -4.04
N TYR D 674 -23.81 -4.25 -5.33
CA TYR D 674 -22.91 -4.74 -6.35
C TYR D 674 -21.78 -3.77 -6.61
N ILE D 675 -22.11 -2.53 -6.95
CA ILE D 675 -21.10 -1.59 -7.38
C ILE D 675 -20.26 -1.13 -6.21
N LEU D 676 -20.93 -0.82 -5.10
CA LEU D 676 -20.25 -0.31 -3.93
C LEU D 676 -19.67 -1.43 -3.07
N LEU D 677 -20.55 -2.27 -2.53
CA LEU D 677 -20.23 -3.07 -1.36
C LEU D 677 -19.44 -4.33 -1.69
N LEU D 678 -19.71 -4.96 -2.83
CA LEU D 678 -18.82 -6.01 -3.31
C LEU D 678 -17.46 -5.45 -3.65
N ASN D 679 -17.42 -4.38 -4.41
CA ASN D 679 -16.14 -3.82 -4.78
C ASN D 679 -15.43 -3.27 -3.58
N MET D 680 -16.20 -2.82 -2.58
CA MET D 680 -15.65 -2.41 -1.31
C MET D 680 -15.06 -3.59 -0.55
N LEU D 681 -15.73 -4.74 -0.61
CA LEU D 681 -15.16 -5.96 -0.05
C LEU D 681 -13.78 -6.23 -0.62
N ILE D 682 -13.64 -6.15 -1.94
CA ILE D 682 -12.35 -6.32 -2.59
C ILE D 682 -11.33 -5.36 -2.04
N ALA D 683 -11.76 -4.16 -1.64
CA ALA D 683 -10.86 -3.17 -1.09
C ALA D 683 -10.48 -3.48 0.34
N LEU D 684 -11.48 -3.73 1.19
CA LEU D 684 -11.24 -4.25 2.52
C LEU D 684 -10.35 -5.48 2.46
N MET D 685 -10.78 -6.46 1.67
CA MET D 685 -10.06 -7.70 1.47
C MET D 685 -8.66 -7.48 0.91
N GLY D 686 -8.35 -6.30 0.38
CA GLY D 686 -7.02 -5.96 -0.05
C GLY D 686 -6.22 -5.19 0.98
N GLU D 687 -6.90 -4.47 1.86
CA GLU D 687 -6.23 -3.84 2.98
C GLU D 687 -5.87 -4.84 4.05
N THR D 688 -6.64 -5.92 4.16
CA THR D 688 -6.33 -6.98 5.10
C THR D 688 -5.04 -7.69 4.71
N VAL D 689 -4.91 -8.07 3.43
CA VAL D 689 -3.75 -8.80 2.95
C VAL D 689 -2.46 -8.02 3.21
N ASN D 690 -2.53 -6.69 3.07
CA ASN D 690 -1.39 -5.86 3.41
C ASN D 690 -0.99 -6.03 4.86
N LYS D 691 -1.96 -6.28 5.74
CA LYS D 691 -1.70 -6.37 7.17
C LYS D 691 -1.27 -7.75 7.59
N ILE D 692 -2.02 -8.77 7.19
CA ILE D 692 -1.86 -10.11 7.75
C ILE D 692 -0.82 -10.93 7.01
N ALA D 693 -0.03 -10.30 6.14
CA ALA D 693 1.01 -11.03 5.43
C ALA D 693 2.02 -11.65 6.40
N GLN D 694 2.41 -10.89 7.42
CA GLN D 694 3.35 -11.39 8.41
C GLN D 694 2.63 -12.15 9.51
N GLU D 695 1.47 -11.64 9.94
CA GLU D 695 0.70 -12.30 10.99
C GLU D 695 0.26 -13.69 10.56
N SER D 696 -0.13 -13.86 9.30
CA SER D 696 -0.64 -15.15 8.87
C SER D 696 0.47 -16.17 8.69
N LYS D 697 1.69 -15.72 8.36
CA LYS D 697 2.84 -16.60 8.44
C LYS D 697 3.08 -17.02 9.88
N ASN D 698 2.89 -16.10 10.81
CA ASN D 698 3.10 -16.42 12.21
C ASN D 698 1.94 -17.22 12.77
N ILE D 699 0.76 -17.09 12.19
CA ILE D 699 -0.33 -17.99 12.51
C ILE D 699 -0.14 -19.33 11.82
N TRP D 700 0.56 -19.35 10.68
CA TRP D 700 0.80 -20.63 10.03
C TRP D 700 1.72 -21.51 10.86
N LYS D 701 2.80 -20.93 11.41
CA LYS D 701 3.79 -21.73 12.10
C LYS D 701 3.25 -22.34 13.38
N LEU D 702 2.28 -21.69 14.02
CA LEU D 702 1.62 -22.28 15.17
C LEU D 702 0.71 -23.42 14.76
N GLN D 703 0.00 -23.26 13.65
CA GLN D 703 -0.85 -24.35 13.16
C GLN D 703 -0.02 -25.59 12.89
N ARG D 704 1.18 -25.40 12.33
CA ARG D 704 2.08 -26.51 12.11
C ARG D 704 2.67 -27.01 13.42
N ALA D 705 2.84 -26.14 14.40
CA ALA D 705 3.29 -26.56 15.71
C ALA D 705 2.30 -27.52 16.36
N ILE D 706 1.03 -27.13 16.44
CA ILE D 706 -0.01 -28.01 16.97
C ILE D 706 -0.02 -29.33 16.22
N THR D 707 0.25 -29.30 14.93
CA THR D 707 0.34 -30.52 14.14
C THR D 707 1.52 -31.36 14.59
N ILE D 708 2.66 -30.71 14.87
CA ILE D 708 3.82 -31.42 15.38
C ILE D 708 3.53 -32.00 16.75
N LEU D 709 2.99 -31.19 17.65
CA LEU D 709 2.77 -31.63 19.01
C LEU D 709 1.71 -32.71 19.10
N ASP D 710 0.60 -32.59 18.35
CA ASP D 710 -0.40 -33.65 18.35
C ASP D 710 0.17 -34.95 17.82
N THR D 711 1.02 -34.88 16.81
CA THR D 711 1.69 -36.07 16.31
C THR D 711 2.55 -36.73 17.38
N GLU D 712 3.24 -35.91 18.18
CA GLU D 712 4.02 -36.46 19.29
C GLU D 712 3.13 -37.22 20.26
N LYS D 713 2.11 -36.56 20.79
CA LYS D 713 1.18 -37.19 21.71
C LYS D 713 0.25 -38.17 21.01
N SER D 714 0.17 -38.15 19.69
CA SER D 714 -0.71 -39.04 18.95
C SER D 714 -0.24 -39.23 17.52
N PHE D 723 11.70 -40.63 19.41
CA PHE D 723 11.79 -39.55 18.43
C PHE D 723 12.44 -38.31 19.04
N ARG D 724 13.23 -38.50 20.09
CA ARG D 724 13.69 -37.39 20.91
C ARG D 724 14.55 -36.43 20.08
N SER D 725 14.16 -35.16 20.06
CA SER D 725 14.89 -34.15 19.32
C SER D 725 16.13 -33.72 20.09
N GLY D 726 17.20 -33.47 19.35
CA GLY D 726 18.45 -33.05 19.95
C GLY D 726 19.15 -34.16 20.70
N LYS D 727 20.47 -34.04 20.83
CA LYS D 727 21.29 -35.07 21.44
C LYS D 727 21.68 -34.67 22.86
N LEU D 728 21.98 -35.70 23.67
CA LEU D 728 22.30 -35.54 25.08
C LEU D 728 23.77 -35.16 25.19
N LEU D 729 24.08 -33.91 24.89
CA LEU D 729 25.44 -33.41 24.91
C LEU D 729 25.87 -33.11 26.34
N GLN D 730 27.18 -33.19 26.59
CA GLN D 730 27.79 -32.70 27.82
C GLN D 730 28.36 -31.32 27.53
N VAL D 731 27.92 -30.33 28.29
CA VAL D 731 28.21 -28.92 28.00
C VAL D 731 29.24 -28.37 28.97
N GLY D 732 29.16 -28.83 30.22
CA GLY D 732 29.97 -28.26 31.26
C GLY D 732 29.83 -29.02 32.56
N TYR D 733 29.77 -28.31 33.68
CA TYR D 733 29.76 -28.91 34.99
C TYR D 733 28.93 -28.07 35.93
N THR D 734 28.03 -28.71 36.68
CA THR D 734 27.37 -28.07 37.79
C THR D 734 28.43 -27.68 38.82
N PRO D 735 28.16 -26.65 39.71
CA PRO D 735 29.12 -26.31 40.76
C PRO D 735 29.09 -27.26 41.97
N ASP D 736 29.02 -28.57 41.68
CA ASP D 736 29.18 -29.62 42.68
C ASP D 736 30.04 -30.77 42.16
N GLY D 737 30.49 -30.73 40.89
CA GLY D 737 31.49 -31.63 40.37
C GLY D 737 31.05 -32.51 39.21
N LYS D 738 29.76 -32.57 38.88
CA LYS D 738 29.25 -33.58 37.96
C LYS D 738 29.16 -33.04 36.53
N ASP D 739 29.04 -33.98 35.58
CA ASP D 739 28.72 -33.65 34.21
C ASP D 739 27.29 -33.14 34.13
N ASP D 740 27.10 -31.96 33.55
CA ASP D 740 25.77 -31.41 33.33
C ASP D 740 25.23 -32.00 32.04
N TYR D 741 24.57 -33.16 32.14
CA TYR D 741 23.97 -33.81 30.98
C TYR D 741 22.77 -33.00 30.53
N ARG D 742 22.68 -32.72 29.24
CA ARG D 742 21.64 -31.87 28.70
C ARG D 742 21.26 -32.31 27.29
N TRP D 743 19.96 -32.41 27.03
CA TRP D 743 19.46 -32.61 25.69
C TRP D 743 19.47 -31.27 24.97
N CYS D 744 20.31 -31.16 23.95
CA CYS D 744 20.65 -29.87 23.37
C CYS D 744 20.54 -29.90 21.85
N PHE D 745 20.14 -28.76 21.31
CA PHE D 745 19.81 -28.60 19.90
C PHE D 745 20.90 -27.78 19.25
N ARG D 746 21.71 -28.43 18.42
CA ARG D 746 22.81 -27.77 17.77
C ARG D 746 22.32 -26.78 16.72
N VAL D 747 22.74 -25.54 16.85
CA VAL D 747 22.50 -24.49 15.86
C VAL D 747 23.87 -23.97 15.43
N ASP D 748 23.96 -23.54 14.18
CA ASP D 748 25.22 -23.12 13.58
C ASP D 748 25.02 -21.78 12.90
N GLU D 749 25.46 -20.70 13.57
CA GLU D 749 25.39 -19.35 13.05
C GLU D 749 26.77 -18.93 12.58
N VAL D 750 26.80 -17.92 11.72
CA VAL D 750 28.03 -17.46 11.07
C VAL D 750 28.00 -15.94 11.06
N ASN D 751 28.87 -15.32 11.86
CA ASN D 751 29.04 -13.87 11.92
C ASN D 751 30.40 -13.50 11.33
N TRP D 752 30.62 -12.18 11.19
CA TRP D 752 31.84 -11.66 10.62
C TRP D 752 32.38 -10.44 11.36
N THR D 753 31.98 -10.25 12.63
CA THR D 753 32.53 -9.24 13.50
C THR D 753 32.77 -9.76 14.91
N THR D 754 32.59 -11.05 15.16
CA THR D 754 32.56 -11.62 16.50
C THR D 754 33.72 -12.57 16.68
N TRP D 755 34.92 -12.12 16.30
CA TRP D 755 36.09 -12.99 16.22
C TRP D 755 36.55 -13.36 17.62
N ASN D 756 35.85 -14.33 18.20
CA ASN D 756 36.16 -14.81 19.54
C ASN D 756 35.33 -16.06 19.84
N POV E . -21.00 -37.42 -17.72
P POV E . -19.04 -35.71 -20.98
C1 POV E . -16.76 -34.43 -21.45
C2 POV E . -15.52 -34.64 -20.65
C3 POV E . -15.83 -35.14 -19.27
C210 POV E . -8.11 -25.79 -17.58
C310 POV E . -15.02 -29.79 -15.10
C11 POV E . -18.94 -37.72 -19.25
O11 POV E . -17.52 -35.66 -21.48
C211 POV E . -6.65 -25.56 -17.43
C311 POV E . -14.03 -28.65 -15.19
C12 POV E . -20.37 -38.09 -18.93
O12 POV E . -18.81 -36.31 -19.51
C212 POV E . -5.94 -25.56 -18.78
C312 POV E . -14.60 -27.31 -14.79
C13 POV E . -22.21 -38.23 -17.34
O13 POV E . -19.59 -34.35 -20.89
C213 POV E . -4.44 -25.35 -18.73
C313 POV E . -13.89 -26.70 -13.60
C14 POV E . -20.06 -37.39 -16.55
O14 POV E . -19.74 -36.73 -21.79
C214 POV E . -3.98 -23.90 -18.77
C314 POV E . -12.53 -26.15 -13.94
C15 POV E . -21.43 -36.03 -18.05
C215 POV E . -4.61 -23.04 -17.68
C315 POV E . -11.83 -25.57 -12.76
C216 POV E . -3.98 -21.70 -17.50
C316 POV E . -10.38 -25.50 -12.94
C217 POV E . -2.57 -21.78 -16.99
C218 POV E . -2.16 -20.60 -16.21
C21 POV E . -13.53 -33.39 -20.19
O21 POV E . -14.84 -33.37 -20.46
C22 POV E . -13.03 -32.04 -19.84
O22 POV E . -12.86 -34.40 -20.21
C23 POV E . -11.88 -32.09 -18.86
C24 POV E . -11.58 -30.74 -18.31
C25 POV E . -10.28 -30.66 -17.57
C26 POV E . -10.27 -29.49 -16.64
C27 POV E . -8.90 -29.04 -16.24
C28 POV E . -8.15 -28.28 -17.31
C29 POV E . -8.74 -26.93 -17.56
C31 POV E . -15.48 -37.22 -18.03
O31 POV E . -15.34 -36.50 -19.16
C32 POV E . -16.23 -36.53 -16.91
O32 POV E . -15.03 -38.33 -17.91
C33 POV E . -16.09 -37.25 -15.58
C34 POV E . -14.82 -36.81 -14.88
C35 POV E . -15.00 -35.58 -13.99
C36 POV E . -14.27 -34.36 -14.50
C37 POV E . -14.24 -33.23 -13.50
C38 POV E . -15.05 -32.02 -13.90
C39 POV E . -14.38 -31.16 -14.95
H29 POV E . -9.70 -26.91 -17.73
H1 POV E . -17.32 -33.73 -21.07
H1A POV E . -16.49 -34.18 -22.35
H2 POV E . -14.95 -35.29 -21.10
H3 POV E . -15.41 -34.54 -18.62
H3A POV E . -16.80 -35.11 -19.14
H310 POV E . -15.62 -29.64 -14.36
H31A POV E . -15.54 -29.78 -15.93
H210 POV E . -8.64 -24.98 -17.70
H11 POV E . -18.67 -38.19 -20.07
H11A POV E . -18.31 -38.03 -18.56
H211 POV E . -6.57 -24.71 -16.98
H21A POV E . -6.23 -26.21 -16.84
H311 POV E . -13.25 -28.84 -14.62
H31B POV E . -13.70 -28.61 -16.11
H12 POV E . -20.43 -39.06 -18.76
H12A POV E . -20.94 -37.87 -19.69
H22 POV E . -12.74 -31.58 -20.65
H212 POV E . -6.13 -26.41 -19.24
H22A POV E . -13.76 -31.54 -19.44
H21B POV E . -6.34 -24.86 -19.34
H32 POV E . -15.87 -35.64 -16.71
H312 POV E . -14.53 -26.70 -15.55
H32A POV E . -17.17 -36.45 -17.16
H31C POV E . -15.55 -27.39 -14.59
H13 POV E . -21.93 -38.94 -16.74
H13A POV E . -22.86 -37.65 -16.89
H13B POV E . -22.63 -38.61 -18.14
H23 POV E . -12.10 -32.70 -18.14
H213 POV E . -4.10 -25.76 -17.91
H23A POV E . -11.08 -32.46 -19.30
H21C POV E . -4.03 -25.83 -19.48
H33 POV E . -16.87 -37.08 -15.01
H313 POV E . -14.44 -25.98 -13.22
H33A POV E . -16.07 -38.22 -15.72
H31D POV E . -13.78 -27.38 -12.92
H14 POV E . -19.44 -36.64 -16.66
H14A POV E . -20.57 -37.29 -15.73
H14B POV E . -19.57 -38.24 -16.53
H24 POV E . -11.59 -30.09 -19.04
H214 POV E . -3.01 -23.88 -18.70
H24A POV E . -12.30 -30.49 -17.70
H21D POV E . -4.21 -23.51 -19.63
H34 POV E . -14.16 -36.59 -15.56
H314 POV E . -12.01 -26.87 -14.32
H34A POV E . -14.43 -37.53 -14.36
H31E POV E . -12.62 -25.46 -14.62
H15 POV E . -22.05 -36.03 -18.80
H15A POV E . -21.90 -35.64 -17.28
H15B POV E . -20.65 -35.47 -18.23
H25 POV E . -9.56 -30.58 -18.22
H215 POV E . -5.54 -22.91 -17.89
H25A POV E . -10.15 -31.49 -17.07
H21E POV E . -4.57 -23.53 -16.84
H35 POV E . -15.94 -35.35 -13.90
H315 POV E . -12.16 -24.67 -12.59
H35A POV E . -14.69 -35.80 -13.09
H31F POV E . -12.03 -26.12 -11.97
H26 POV E . -10.77 -28.77 -17.07
H216 POV E . -3.99 -21.22 -18.35
H26A POV E . -10.78 -29.74 -15.85
H21F POV E . -4.52 -21.18 -16.87
H36 POV E . -13.36 -34.60 -14.74
H316 POV E . -10.16 -24.74 -13.52
H36A POV E . -14.72 -34.05 -15.32
H31G POV E . -9.95 -25.38 -12.08
H31H POV E . -10.03 -26.32 -13.34
H27 POV E . -8.97 -28.47 -15.45
H217 POV E . -2.49 -22.57 -16.42
H27A POV E . -8.37 -29.83 -15.99
H21G POV E . -1.96 -21.91 -17.74
H37 POV E . -14.56 -33.55 -12.63
H37A POV E . -13.31 -32.95 -13.38
H28 POV E . -7.21 -28.24 -17.03
H218 POV E . -1.24 -20.38 -16.44
H28A POV E . -8.16 -28.77 -18.15
H21H POV E . -2.73 -19.83 -16.40
H21J POV E . -2.20 -20.80 -15.26
H38 POV E . -15.91 -32.32 -14.25
H38A POV E . -15.24 -31.50 -13.10
H39 POV E . -14.44 -31.61 -15.81
H39A POV E . -13.44 -31.07 -14.74
C5 8IJ F . 12.38 -16.97 -17.07
C6 8IJ F . 11.65 -16.63 -15.78
C8 8IJ F . 12.45 -17.08 -14.57
C10 8IJ F . 13.77 -16.35 -14.47
C17 8IJ F . 8.70 -15.92 -18.66
C21 8IJ F . 4.81 -18.39 -17.55
C24 8IJ F . 3.38 -20.24 -16.61
C26 8IJ F . 3.38 -22.81 -16.63
C28 8IJ F . 4.95 -24.58 -17.49
C12 8IJ F . 14.20 -15.75 -15.80
C14 8IJ F . 13.87 -16.67 -16.98
C18 8IJ F . 7.65 -16.85 -19.18
C19 8IJ F . 6.41 -16.84 -18.34
C23 8IJ F . 4.31 -19.80 -17.71
C25 8IJ F . 2.63 -21.53 -16.94
C27 8IJ F . 4.57 -23.11 -17.51
C29 8IJ F . 6.12 -24.96 -18.36
C37 8IJ F . 0.31 -31.16 -20.74
C38 8IJ F . 1.18 -31.89 -21.72
C39 8IJ F . 0.42 -32.96 -22.46
C41 8IJ F . 6.68 -17.40 -21.28
C43 8IJ F . 6.33 -16.87 -22.65
O1 8IJ F . 10.41 -18.25 -18.64
O11 8IJ F . 14.78 -17.25 -14.02
O13 8IJ F . 13.59 -14.47 -16.01
O3 8IJ F . 11.81 -17.16 -20.49
O4 8IJ F . 11.81 -16.20 -18.15
O7 8IJ F . 11.32 -15.25 -15.71
O9 8IJ F . 11.69 -16.88 -13.39
C30 8IJ F . 6.17 -26.43 -18.71
C31 8IJ F . 5.11 -26.87 -19.71
C32 8IJ F . 4.00 -27.71 -19.11
C33 8IJ F . 4.37 -29.18 -18.91
C34 8IJ F . 3.43 -30.16 -19.60
C35 8IJ F . 1.99 -30.13 -19.08
C36 8IJ F . 0.91 -29.90 -20.13
C44 8IJ F . 4.89 -16.44 -22.71
C45 8IJ F . 3.92 -17.61 -22.75
C46 8IJ F . 2.57 -17.32 -22.18
C47 8IJ F . 2.56 -17.20 -20.67
C48 8IJ F . 1.18 -17.27 -20.04
C49 8IJ F . 0.77 -18.63 -19.52
C50 8IJ F . 0.30 -19.60 -20.57
C51 8IJ F . -0.01 -20.97 -20.01
C52 8IJ F . -1.10 -21.69 -20.75
C53 8IJ F . -0.76 -22.00 -22.18
C54 8IJ F . -1.80 -21.56 -23.16
C55 8IJ F . -3.09 -22.33 -23.13
C56 8IJ F . -2.95 -23.75 -23.62
C57 8IJ F . -4.26 -24.48 -23.78
C58 8IJ F . -4.12 -25.97 -23.65
C59 8IJ F . -3.16 -26.51 -24.62
O15 8IJ F . 14.62 -17.88 -16.87
O16 8IJ F . 9.83 -15.98 -19.54
O20 8IJ F . 5.84 -18.16 -18.36
O22 8IJ F . 4.33 -17.57 -16.81
O40 8IJ F . 7.28 -16.47 -20.54
O42 8IJ F . 6.43 -18.51 -20.89
P2 8IJ F . 10.98 -17.04 -19.27
H5 8IJ F . 12.24 -17.92 -17.25
H6 8IJ F . 10.79 -17.09 -15.79
H8 8IJ F . 12.60 -18.04 -14.65
H10 8IJ F . 13.70 -15.64 -13.80
H17B 8IJ F . 8.98 -16.18 -17.75
H17A 8IJ F . 8.32 -15.02 -18.62
H24A 8IJ F . 3.92 -20.40 -15.81
H24B 8IJ F . 2.77 -19.51 -16.38
H26A 8IJ F . 2.74 -23.55 -16.65
H26B 8IJ F . 3.69 -22.75 -15.70
H28A 8IJ F . 4.17 -25.11 -17.76
H28B 8IJ F . 5.15 -24.84 -16.57
H12 8IJ F . 15.15 -15.59 -15.78
H14 8IJ F . 14.17 -16.24 -17.81
H18 8IJ F . 8.03 -17.75 -19.16
H19B 8IJ F . 6.66 -16.66 -17.41
H19A 8IJ F . 5.76 -16.17 -18.59
H23B 8IJ F . 3.88 -19.85 -18.58
H23A 8IJ F . 5.09 -20.38 -17.73
H25A 8IJ F . 1.77 -21.57 -16.49
H25B 8IJ F . 2.43 -21.54 -17.89
H27B 8IJ F . 5.35 -22.61 -17.20
H27A 8IJ F . 4.40 -22.84 -18.43
H29A 8IJ F . 6.08 -24.42 -19.19
H29B 8IJ F . 6.95 -24.70 -17.92
H37B 8IJ F . 0.07 -31.77 -20.01
H37A 8IJ F . -0.52 -30.93 -21.20
H38B 8IJ F . 1.53 -31.25 -22.38
H38A 8IJ F . 1.96 -32.28 -21.27
H39A 8IJ F . -0.40 -33.19 -21.98
H39C 8IJ F . 0.95 -33.78 -22.55
H39B 8IJ F . 0.16 -32.67 -23.37
H43A 8IJ F . 6.94 -16.12 -22.84
H43B 8IJ F . 6.52 -17.57 -23.30
H11 8IJ F . 15.12 -17.64 -14.70
H13 8IJ F . 13.28 -14.50 -16.80
H7 8IJ F . 10.51 -15.18 -15.96
H9 8IJ F . 10.90 -16.70 -13.65
H30B 8IJ F . 7.05 -26.64 -19.08
H30A 8IJ F . 6.08 -26.95 -17.89
H31B 8IJ F . 4.70 -26.08 -20.13
H31A 8IJ F . 5.54 -27.37 -20.43
H32A 8IJ F . 3.76 -27.32 -18.25
H32B 8IJ F . 3.20 -27.66 -19.67
H33A 8IJ F . 5.26 -29.35 -19.26
H33B 8IJ F . 4.41 -29.38 -17.95
H34B 8IJ F . 3.44 -29.99 -20.56
H34A 8IJ F . 3.78 -31.06 -19.49
H35B 8IJ F . 1.79 -30.96 -18.61
H35A 8IJ F . 1.92 -29.42 -18.41
H36B 8IJ F . 0.19 -29.35 -19.76
H36A 8IJ F . 1.31 -29.37 -20.85
H44B 8IJ F . 4.70 -15.86 -21.94
H44A 8IJ F . 4.76 -15.90 -23.51
H45B 8IJ F . 3.79 -17.87 -23.68
H45A 8IJ F . 4.32 -18.36 -22.29
H46B 8IJ F . 2.20 -16.51 -22.58
H46A 8IJ F . 1.97 -18.04 -22.44
H47A 8IJ F . 3.08 -17.96 -20.32
H47B 8IJ F . 3.02 -16.40 -20.39
H48B 8IJ F . 1.13 -16.62 -19.31
H48A 8IJ F . 0.52 -16.99 -20.71
H49B 8IJ F . 1.51 -19.03 -19.04
H49A 8IJ F . 0.04 -18.53 -18.88
H50A 8IJ F . -0.50 -19.26 -21.02
H50B 8IJ F . 0.99 -19.71 -21.25
H51B 8IJ F . 0.81 -21.51 -20.03
H51A 8IJ F . -0.25 -20.89 -19.07
H52B 8IJ F . -1.31 -22.54 -20.29
H52A 8IJ F . -1.92 -21.16 -20.72
H53B 8IJ F . 0.09 -21.60 -22.43
H53A 8IJ F . -0.63 -22.97 -22.26
H54A 8IJ F . -2.00 -20.60 -23.01
H54B 8IJ F . -1.44 -21.61 -24.06
H55B 8IJ F . -3.44 -22.36 -22.21
H55A 8IJ F . -3.74 -21.89 -23.70
H56B 8IJ F . -2.46 -23.76 -24.46
H56A 8IJ F . -2.40 -24.25 -22.98
H57B 8IJ F . -4.89 -24.15 -23.11
H57A 8IJ F . -4.62 -24.27 -24.66
H58A 8IJ F . -3.81 -26.18 -22.74
H58B 8IJ F . -4.98 -26.41 -23.76
H59C 8IJ F . -2.24 -26.29 -24.38
H59B 8IJ F . -3.34 -26.17 -25.51
H59A 8IJ F . -3.23 -27.49 -24.64
H15 8IJ F . 14.17 -18.36 -16.34
N POV G . 12.60 -19.04 -28.35
P POV G . 13.72 -17.22 -32.19
C1 POV G . 11.74 -16.64 -33.85
C2 POV G . 12.06 -17.43 -35.08
C3 POV G . 12.61 -16.57 -36.17
C210 POV G . 6.81 -16.81 -41.74
C310 POV G . 9.88 -12.97 -44.24
C11 POV G . 11.85 -17.83 -30.49
O11 POV G . 12.95 -16.23 -33.18
C211 POV G . 6.48 -16.45 -43.15
C311 POV G . 10.67 -11.80 -43.68
C12 POV G . 12.32 -19.09 -29.83
O12 POV G . 12.92 -16.94 -30.85
C212 POV G . 7.67 -15.85 -43.89
C312 POV G . 9.87 -10.52 -43.51
C13 POV G . 13.87 -18.32 -28.05
O13 POV G . 13.50 -18.62 -32.59
C213 POV G . 7.85 -16.37 -45.30
C313 POV G . 9.36 -9.94 -44.82
C14 POV G . 11.49 -18.37 -27.61
O14 POV G . 15.10 -16.72 -32.02
C214 POV G . 8.73 -17.60 -45.40
C314 POV G . 7.92 -10.35 -45.16
C15 POV G . 12.72 -20.44 -27.85
C215 POV G . 9.27 -17.88 -46.79
C315 POV G . 6.88 -9.24 -45.03
C216 POV G . 10.60 -18.63 -46.79
C316 POV G . 6.88 -8.54 -43.68
C217 POV G . 10.53 -20.03 -46.22
C218 POV G . 11.90 -20.63 -45.95
C21 POV G . 10.82 -19.09 -36.28
O21 POV G . 10.79 -17.97 -35.56
C22 POV G . 9.45 -19.47 -36.75
O22 POV G . 11.81 -19.73 -36.50
C23 POV G . 9.46 -20.69 -37.66
C24 POV G . 9.89 -20.40 -39.08
C25 POV G . 9.07 -21.16 -40.11
C26 POV G . 9.45 -20.88 -41.56
C27 POV G . 9.16 -19.48 -42.03
C28 POV G . 7.68 -19.14 -42.11
C29 POV G . 7.32 -17.94 -41.30
C31 POV G . 14.47 -17.45 -37.58
O31 POV G . 14.00 -16.93 -36.42
C32 POV G . 13.43 -17.73 -38.65
O32 POV G . 15.64 -17.68 -37.76
C33 POV G . 14.01 -18.20 -39.96
C34 POV G . 14.51 -17.06 -40.83
C35 POV G . 13.41 -16.22 -41.46
C36 POV G . 13.09 -16.59 -42.89
C37 POV G . 11.64 -16.34 -43.29
C38 POV G . 11.15 -14.90 -43.12
C39 POV G . 10.71 -14.24 -44.43
H29 POV G . 7.50 -18.02 -40.35
H1 POV G . 11.22 -15.84 -34.07
H1A POV G . 11.20 -17.22 -33.29
H2 POV G . 12.71 -18.13 -34.88
H3 POV G . 11.94 -16.56 -36.88
H3A POV G . 12.65 -15.66 -35.83
H310 POV G . 9.13 -13.16 -43.64
H31A POV G . 9.50 -12.72 -45.10
H210 POV G . 6.61 -16.12 -41.08
H11 POV G . 11.46 -18.13 -31.34
H11A POV G . 11.12 -17.37 -30.04
H211 POV G . 6.18 -17.26 -43.62
H21A POV G . 5.73 -15.83 -43.20
H311 POV G . 11.05 -12.07 -42.81
H31B POV G . 11.43 -11.64 -44.27
H12 POV G . 13.14 -19.40 -30.25
H12A POV G . 11.63 -19.78 -29.94
H22 POV G . 8.90 -19.62 -35.97
H212 POV G . 7.55 -14.87 -43.93
H22A POV G . 9.09 -18.69 -37.23
H21B POV G . 8.47 -16.00 -43.37
H32 POV G . 12.80 -18.40 -38.30
H312 POV G . 9.13 -10.69 -42.90
H32A POV G . 12.97 -16.90 -38.83
H31C POV G . 10.44 -9.85 -43.07
H13 POV G . 13.91 -17.52 -28.60
H13A POV G . 13.85 -18.08 -27.10
H13B POV G . 14.64 -18.91 -28.22
H23 POV G . 10.06 -21.35 -37.27
H213 POV G . 6.97 -16.61 -45.67
H23A POV G . 8.57 -21.09 -37.66
H21C POV G . 8.20 -15.65 -45.87
H33 POV G . 14.74 -18.83 -39.79
H313 POV G . 9.42 -8.96 -44.79
H33A POV G . 13.32 -18.70 -40.45
H31D POV G . 9.94 -10.24 -45.55
H14 POV G . 11.62 -17.40 -27.70
H14A POV G . 10.68 -18.64 -28.08
H14B POV G . 11.50 -18.66 -26.68
H24 POV G . 9.85 -19.44 -39.25
H214 POV G . 9.49 -17.51 -44.78
H24A POV G . 10.83 -20.65 -39.18
H21D POV G . 8.24 -18.38 -45.10
H34 POV G . 15.07 -16.47 -40.28
H314 POV G . 7.90 -10.67 -46.09
H34A POV G . 15.09 -17.42 -41.53
H31E POV G . 7.66 -11.12 -44.61
H15 POV G . 12.91 -20.42 -26.90
H15A POV G . 11.86 -20.89 -27.98
H15B POV G . 13.41 -20.91 -28.36
H25 POV G . 9.16 -22.11 -39.94
H215 POV G . 8.61 -18.40 -47.30
H25A POV G . 8.13 -20.94 -39.98
H21E POV G . 9.39 -17.04 -47.28
H35 POV G . 12.58 -16.29 -40.93
H315 POV G . 7.03 -8.57 -45.71
H35A POV G . 13.68 -15.27 -41.42
H31F POV G . 5.99 -9.62 -45.18
H26 POV G . 10.39 -21.08 -41.69
H216 POV G . 10.92 -18.69 -47.71
H26A POV G . 8.96 -21.51 -42.13
H21F POV G . 11.25 -18.11 -46.30
H36 POV G . 13.68 -16.10 -43.49
H316 POV G . 7.66 -7.97 -43.59
H36A POV G . 13.27 -17.54 -43.01
H31G POV G . 6.92 -9.20 -42.95
H31H POV G . 6.07 -8.00 -43.56
H27 POV G . 9.60 -18.84 -41.44
H217 POV G . 10.03 -20.02 -45.37
H27A POV G . 9.55 -19.36 -42.92
H21G POV G . 10.04 -20.62 -46.83
H37 POV G . 11.53 -16.61 -44.22
H37A POV G . 11.07 -16.92 -42.77
H28 POV G . 7.43 -19.05 -43.05
H218 POV G . 12.34 -20.16 -45.21
H28A POV G . 7.15 -19.89 -41.77
H21H POV G . 11.83 -21.58 -45.73
H21J POV G . 12.47 -20.54 -46.74
H38 POV G . 10.39 -14.90 -42.51
H38A POV G . 11.84 -14.34 -42.72
H39 POV G . 10.18 -14.88 -44.95
H39A POV G . 11.49 -14.03 -44.96
C310 POV H . -0.10 -31.33 -41.93
C311 POV H . -0.36 -31.65 -40.49
C312 POV H . -0.25 -30.46 -39.56
C313 POV H . -1.56 -29.71 -39.36
C314 POV H . -1.75 -28.53 -40.28
C315 POV H . -1.39 -27.22 -39.62
C316 POV H . -1.73 -26.02 -40.40
C34 POV H . 3.13 -32.89 -48.22
C35 POV H . 3.38 -32.97 -46.72
C36 POV H . 2.38 -32.19 -45.90
C37 POV H . 2.75 -32.06 -44.44
C38 POV H . 1.73 -31.24 -43.65
C39 POV H . 1.18 -31.96 -42.44
H310 POV H . -0.84 -31.65 -42.47
H31A POV H . -0.05 -30.36 -42.07
H311 POV H . -1.26 -32.02 -40.41
H31B POV H . 0.25 -32.35 -40.18
H312 POV H . 0.08 -30.78 -38.69
H31C POV H . 0.43 -29.84 -39.89
H313 POV H . -2.32 -30.31 -39.45
H31D POV H . -1.58 -29.38 -38.43
H34 POV H . 3.91 -32.50 -48.67
H314 POV H . -1.22 -28.66 -41.08
H34A POV H . 2.37 -32.31 -48.40
H31E POV H . -2.70 -28.51 -40.57
H35 POV H . 3.37 -33.91 -46.44
H315 POV H . -1.86 -27.14 -38.77
H35A POV H . 4.29 -32.64 -46.53
H31F POV H . -0.43 -27.21 -39.40
H36 POV H . 2.27 -31.29 -46.28
H316 POV H . -1.68 -25.23 -39.83
H36A POV H . 1.50 -32.63 -45.97
H31G POV H . -1.11 -25.89 -41.15
H31H POV H . -2.64 -26.08 -40.77
H37 POV H . 2.84 -32.94 -44.03
H37A POV H . 3.62 -31.62 -44.37
H38 POV H . 2.15 -30.41 -43.36
H38A POV H . 0.99 -30.98 -44.24
H39 POV H . 1.85 -31.95 -41.74
H39A POV H . 0.99 -32.89 -42.66
N POV I . -15.05 -18.15 -44.19
P POV I . -12.52 -14.25 -42.93
C1 POV I . -9.91 -14.70 -43.19
C2 POV I . -9.28 -14.66 -41.83
C3 POV I . -9.24 -16.01 -41.17
C210 POV I . -8.23 -9.23 -33.33
C310 POV I . -4.41 -9.58 -35.38
C11 POV I . -14.51 -15.66 -43.95
O11 POV I . -11.26 -15.21 -43.10
C211 POV I . -9.08 -9.87 -32.30
C311 POV I . -5.12 -10.54 -34.45
C12 POV I . -14.01 -17.08 -44.06
O12 POV I . -13.39 -14.77 -44.15
C212 POV I . -10.21 -8.96 -31.84
C312 POV I . -4.87 -10.30 -32.97
C13 POV I . -14.45 -19.48 -43.83
O13 POV I . -13.18 -14.55 -41.63
C213 POV I . -9.74 -7.63 -31.31
C313 POV I . -3.66 -11.03 -32.42
C14 POV I . -16.22 -17.90 -43.29
O14 POV I . -12.17 -12.85 -43.25
C214 POV I . -10.02 -6.48 -32.24
C314 POV I . -3.05 -10.40 -31.20
C15 POV I . -15.53 -18.22 -45.61
C215 POV I . -9.23 -5.22 -31.96
C315 POV I . -2.51 -9.02 -31.45
C216 POV I . -7.89 -5.17 -32.65
C316 POV I . -1.22 -8.73 -30.73
C217 POV I . -7.15 -3.85 -32.49
C218 POV I . -7.84 -2.69 -33.14
C21 POV I . -10.18 -12.50 -41.13
O21 POV I . -10.10 -13.82 -40.96
C22 POV I . -8.90 -11.85 -41.57
O22 POV I . -11.20 -11.89 -40.97
C23 POV I . -8.83 -10.35 -41.34
C24 POV I . -8.20 -9.97 -40.00
C25 POV I . -8.87 -10.60 -38.81
C26 POV I . -8.95 -9.70 -37.59
C27 POV I . -7.62 -9.38 -36.94
C28 POV I . -7.73 -8.50 -35.70
C29 POV I . -8.55 -9.11 -34.60
C31 POV I . -7.51 -15.44 -39.62
O31 POV I . -7.92 -16.23 -40.62
C32 POV I . -6.12 -15.81 -39.19
O32 POV I . -8.14 -14.54 -39.16
C33 POV I . -5.08 -14.90 -39.81
C34 POV I . -4.64 -13.77 -38.90
C35 POV I . -5.38 -12.48 -39.15
C36 POV I . -5.06 -11.37 -38.17
C37 POV I . -3.59 -10.98 -38.11
C38 POV I . -2.96 -11.21 -36.74
C39 POV I . -3.03 -10.00 -35.83
H29 POV I . -9.43 -9.45 -34.85
H1 POV I . -9.93 -13.81 -43.60
H1A POV I . -9.37 -15.28 -43.76
H2 POV I . -8.34 -14.40 -41.95
H3 POV I . -9.92 -16.05 -40.47
H3A POV I . -9.40 -16.70 -41.84
H310 POV I . -4.97 -9.44 -36.17
H31A POV I . -4.35 -8.71 -34.95
H210 POV I . -7.36 -8.88 -33.04
H11 POV I . -14.87 -15.50 -43.05
H11A POV I . -15.26 -15.50 -44.57
H211 POV I . -9.47 -10.67 -32.71
H21A POV I . -8.58 -10.19 -31.53
H311 POV I . -6.08 -10.50 -34.62
H31B POV I . -4.83 -11.44 -34.67
H12 POV I . -13.49 -17.30 -43.26
H12A POV I . -13.43 -17.16 -44.83
H22 POV I . -8.17 -12.27 -41.07
H212 POV I . -10.83 -8.81 -32.58
H22A POV I . -8.76 -12.04 -42.52
H21B POV I . -10.72 -9.42 -31.14
H32 POV I . -6.08 -15.79 -38.22
H312 POV I . -4.81 -9.34 -32.82
H32A POV I . -5.97 -16.72 -39.51
H31C POV I . -5.66 -10.60 -32.48
H13 POV I . -13.59 -19.55 -44.29
H13A POV I . -14.31 -19.50 -42.86
H13B POV I . -15.04 -20.21 -44.10
H23 POV I . -8.30 -9.94 -42.06
H213 POV I . -10.19 -7.45 -30.46
H23A POV I . -9.73 -9.96 -41.40
H21C POV I . -8.78 -7.65 -31.12
H33 POV I . -4.30 -15.42 -40.08
H313 POV I . -3.92 -11.94 -32.19
H33A POV I . -5.45 -14.53 -40.62
H31D POV I . -2.98 -11.11 -33.11
H14 POV I . -16.82 -17.25 -43.71
H14A POV I . -16.70 -18.74 -43.14
H14B POV I . -15.89 -17.56 -42.44
H24 POV I . -7.25 -10.23 -40.01
H214 POV I . -9.87 -6.76 -33.17
H24A POV I . -8.22 -9.00 -39.90
H21D POV I . -10.98 -6.27 -32.17
H34 POV I . -4.71 -14.02 -37.96
H314 POV I . -2.33 -10.99 -30.88
H34A POV I . -3.69 -13.61 -39.07
H31E POV I . -3.72 -10.36 -30.49
H15 POV I . -15.53 -17.32 -46.01
H15A POV I . -14.91 -18.79 -46.12
H15B POV I . -16.42 -18.62 -45.63
H25 POV I . -8.40 -11.41 -38.56
H215 POV I . -9.10 -5.14 -30.99
H25A POV I . -9.78 -10.84 -39.04
H21E POV I . -9.75 -4.45 -32.23
H35 POV I . -5.19 -12.18 -40.06
H315 POV I . -2.40 -8.88 -32.41
H35A POV I . -6.34 -12.67 -39.12
H31F POV I . -3.19 -8.37 -31.15
H26 POV I . -9.39 -8.87 -37.84
H216 POV I . -7.32 -5.89 -32.31
H26A POV I . -9.53 -10.15 -36.95
H21F POV I . -8.02 -5.33 -33.60
H36 POV I . -5.57 -10.57 -38.42
H316 POV I . -0.84 -7.89 -31.06
H36A POV I . -5.37 -11.63 -37.28
H31G POV I . -1.36 -8.63 -29.77
H31H POV I . -0.55 -9.43 -30.88
H27 POV I . -7.18 -10.22 -36.70
H217 POV I . -7.06 -3.65 -31.53
H27A POV I . -7.05 -8.94 -37.59
H21G POV I . -6.25 -3.92 -32.86
H37 POV I . -3.08 -11.46 -38.77
H37A POV I . -3.51 -10.03 -38.34
H28 POV I . -6.84 -8.26 -35.38
H218 POV I . -7.24 -1.91 -33.21
H28A POV I . -8.15 -7.65 -35.94
H21H POV I . -8.63 -2.41 -32.63
H21J POV I . -8.13 -2.93 -34.05
H38 POV I . -3.35 -11.99 -36.31
H38A POV I . -2.02 -11.44 -36.88
H39 POV I . -2.68 -9.23 -36.32
H39A POV I . -2.44 -10.14 -35.06
N POV J . -11.27 -24.77 -47.66
P POV J . -11.13 -21.04 -49.75
C1 POV J . -9.80 -18.80 -50.04
C2 POV J . -8.54 -18.46 -49.29
C3 POV J . -8.35 -19.29 -48.05
C210 POV J . -3.80 -9.98 -41.79
C310 POV J . 2.42 -18.88 -47.98
C11 POV J . -9.69 -22.87 -48.50
O11 POV J . -9.87 -20.22 -50.30
C211 POV J . -2.47 -10.68 -41.83
C311 POV J . 2.37 -17.48 -47.42
C12 POV J . -9.87 -24.32 -48.09
O12 POV J . -10.51 -22.50 -49.64
C212 POV J . -1.28 -9.74 -42.04
C312 POV J . 3.37 -16.51 -47.99
C13 POV J . -11.81 -25.73 -48.67
O13 POV J . -11.48 -20.54 -48.40
C213 POV J . -0.63 -9.81 -43.42
C313 POV J . 4.69 -16.44 -47.24
C14 POV J . -11.14 -25.50 -46.36
O14 POV J . -12.16 -21.06 -50.80
C214 POV J . 0.83 -10.21 -43.39
C314 POV J . 5.35 -15.08 -47.34
C15 POV J . -12.27 -23.66 -47.49
C215 POV J . 1.07 -11.69 -43.18
C315 POV J . 4.94 -14.15 -46.22
C216 POV J . 0.87 -12.51 -44.45
C316 POV J . 5.68 -12.82 -46.27
C217 POV J . 0.08 -13.78 -44.25
C218 POV J . -0.15 -14.49 -45.54
C21 POV J . -7.59 -16.41 -48.41
O21 POV J . -8.67 -17.05 -48.91
C22 POV J . -7.89 -14.96 -48.15
O22 POV J . -6.54 -16.93 -48.20
C23 POV J . -8.37 -14.65 -46.74
C24 POV J . -7.31 -14.89 -45.68
C25 POV J . -7.07 -13.71 -44.73
C26 POV J . -5.87 -12.86 -45.10
C27 POV J . -5.75 -11.57 -44.31
C28 POV J . -5.26 -11.75 -42.87
C29 POV J . -4.96 -10.43 -42.24
C31 POV J . -6.51 -20.66 -47.36
O31 POV J . -6.94 -19.48 -47.84
C32 POV J . -5.03 -20.65 -47.17
O32 POV J . -7.22 -21.59 -47.09
C33 POV J . -4.67 -20.98 -45.74
C34 POV J . -3.23 -20.72 -45.33
C35 POV J . -2.69 -19.36 -45.66
C36 POV J . -1.31 -19.13 -45.10
C37 POV J . -0.30 -18.71 -46.13
C38 POV J . 0.21 -19.82 -47.04
C39 POV J . 1.72 -19.94 -47.12
H29 POV J . -5.74 -9.84 -42.14
H1 POV J . -9.82 -18.33 -50.90
H1A POV J . -10.57 -18.51 -49.50
H2 POV J . -7.75 -18.58 -49.86
H3 POV J . -8.76 -18.82 -47.30
H3A POV J . -8.80 -20.16 -48.16
H310 POV J . 2.00 -18.89 -48.87
H31A POV J . 3.35 -19.14 -48.11
H210 POV J . -3.79 -9.09 -41.38
H11 POV J . -9.91 -22.26 -47.76
H11A POV J . -8.74 -22.70 -48.68
H211 POV J . -2.37 -11.12 -40.96
H21A POV J . -2.46 -11.41 -42.48
H311 POV J . 1.46 -17.11 -47.56
H31B POV J . 2.47 -17.53 -46.45
H12 POV J . -9.27 -24.51 -47.34
H12A POV J . -9.60 -24.89 -48.84
H22 POV J . -7.07 -14.45 -48.33
H212 POV J . -1.56 -8.82 -41.89
H22A POV J . -8.58 -14.69 -48.79
H21B POV J . -0.61 -9.94 -41.37
H32 POV J . -4.63 -21.29 -47.79
H312 POV J . 3.55 -16.75 -48.92
H32A POV J . -4.75 -19.74 -47.40
H31C POV J . 2.96 -15.61 -48.01
H13 POV J . -11.83 -25.27 -49.54
H13A POV J . -11.23 -26.52 -48.71
H13B POV J . -12.71 -26.02 -48.43
H23 POV J . -8.68 -13.72 -46.72
H213 POV J . -1.11 -10.43 -44.00
H23A POV J . -9.15 -15.21 -46.54
H21C POV J . -0.71 -8.92 -43.84
H33 POV J . -5.26 -20.49 -45.14
H313 POV J . 4.54 -16.65 -46.30
H33A POV J . -4.86 -21.93 -45.59
H31D POV J . 5.29 -17.12 -47.60
H14 POV J . -10.49 -26.23 -46.46
H14A POV J . -10.84 -24.87 -45.67
H14B POV J . -12.02 -25.85 -46.11
H24 POV J . -7.54 -15.68 -45.15
H214 POV J . 1.29 -9.71 -42.68
H24A POV J . -6.46 -15.09 -46.13
H21D POV J . 1.25 -9.94 -44.23
H34 POV J . -2.63 -21.38 -45.72
H314 POV J . 5.12 -14.66 -48.19
H34A POV J . -3.16 -20.84 -44.37
H31E POV J . 6.33 -15.18 -47.34
H15 POV J . -13.08 -24.01 -47.08
H15A POV J . -11.91 -23.00 -46.86
H15B POV J . -12.45 -23.24 -48.35
H25 POV J . -7.87 -13.14 -44.68
H215 POV J . 0.45 -12.01 -42.48
H25A POV J . -6.95 -14.05 -43.82
H21E POV J . 1.97 -11.83 -42.84
H35 POV J . -2.65 -19.25 -46.63
H315 POV J . 3.98 -13.98 -46.25
H35A POV J . -3.32 -18.67 -45.34
H31F POV J . 5.13 -14.57 -45.35
H26 POV J . -5.07 -13.40 -44.96
H216 POV J . 1.75 -12.75 -44.79
H26A POV J . -5.92 -12.65 -46.06
H21F POV J . 0.44 -11.96 -45.12
H36 POV J . -1.34 -18.47 -44.39
H316 POV J . 5.65 -12.45 -47.17
H36A POV J . -1.02 -19.97 -44.69
H31G POV J . 5.27 -12.17 -45.66
H31H POV J . 6.61 -12.95 -46.01
H27 POV J . -5.13 -10.98 -44.78
H217 POV J . -0.80 -13.58 -43.86
H27A POV J . -6.61 -11.13 -44.29
H21G POV J . 0.54 -14.39 -43.63
H37 POV J . -0.68 -17.99 -46.68
H37A POV J . 0.46 -18.32 -45.66
H28 POV J . -4.49 -12.36 -42.86
H218 POV J . -0.79 -14.00 -46.10
H28A POV J . -5.95 -12.19 -42.36
H21H POV J . -0.48 -15.40 -45.40
H21J POV J . 0.70 -14.56 -46.04
H38 POV J . -0.15 -20.68 -46.72
H38A POV J . -0.15 -19.68 -47.94
H39 POV J . 1.95 -20.81 -47.46
H39A POV J . 2.09 -19.88 -46.22
N POV K . 13.70 0.46 -22.68
P POV K . 9.89 1.18 -24.76
C1 POV K . 7.56 0.38 -23.87
C2 POV K . 6.51 0.73 -24.91
C3 POV K . 5.34 -0.23 -24.88
C210 POV K . 7.43 -4.97 -34.08
C310 POV K . 1.47 -6.46 -32.35
C11 POV K . 12.21 2.13 -23.96
O11 POV K . 8.59 1.40 -23.88
C211 POV K . 7.50 -5.08 -35.57
C311 POV K . 0.73 -7.34 -33.34
C12 POV K . 12.51 1.40 -22.66
O12 POV K . 10.78 2.32 -24.09
C212 POV K . 7.09 -6.46 -36.11
C312 POV K . 1.18 -8.79 -33.29
C13 POV K . 13.32 -0.81 -23.37
O13 POV K . 9.61 1.51 -26.18
C213 POV K . 5.65 -6.88 -35.85
C313 POV K . 0.24 -9.76 -33.99
C14 POV K . 14.87 1.07 -23.38
O14 POV K . 10.49 -0.13 -24.42
C214 POV K . 4.63 -6.36 -36.85
C314 POV K . 0.37 -9.84 -35.50
C15 POV K . 14.09 0.14 -21.27
C215 POV K . 3.31 -7.11 -36.76
C315 POV K . -0.01 -8.58 -36.27
C216 POV K . 3.23 -8.32 -37.66
C316 POV K . -0.33 -8.81 -37.73
C217 POV K . 2.85 -7.99 -39.08
C218 POV K . 2.71 -9.21 -39.93
C21 POV K . 6.63 1.54 -27.17
O21 POV K . 7.16 0.74 -26.22
C22 POV K . 7.49 1.55 -28.41
O22 POV K . 5.60 2.15 -27.04
C23 POV K . 6.70 1.46 -29.70
C24 POV K . 6.93 0.14 -30.41
C25 POV K . 6.28 0.04 -31.78
C26 POV K . 6.58 -1.27 -32.50
C27 POV K . 8.03 -1.45 -32.90
C28 POV K . 8.27 -2.61 -33.87
C29 POV K . 7.74 -3.92 -33.36
C31 POV K . 4.76 -1.17 -27.01
O31 POV K . 5.44 -1.29 -25.86
C32 POV K . 4.89 -2.40 -27.84
O32 POV K . 4.16 -0.18 -27.33
C33 POV K . 3.53 -3.01 -28.16
C34 POV K . 3.60 -4.44 -28.67
C35 POV K . 4.49 -4.64 -29.89
C36 POV K . 4.28 -3.66 -31.04
C37 POV K . 2.89 -3.69 -31.69
C38 POV K . 2.84 -4.45 -33.00
C39 POV K . 2.79 -5.95 -32.85
H29 POV K . 7.58 -3.96 -32.39
H1 POV K . 7.18 0.35 -22.97
H1A POV K . 7.96 -0.49 -24.08
H2 POV K . 6.16 1.62 -24.71
H3 POV K . 5.32 -0.64 -23.98
H3A POV K . 4.52 0.27 -25.01
H310 POV K . 0.89 -5.70 -32.12
H31A POV K . 1.61 -6.97 -31.53
H210 POV K . 7.15 -5.78 -33.60
H11 POV K . 12.64 3.01 -23.94
H11A POV K . 12.58 1.65 -24.74
H211 POV K . 6.91 -4.39 -35.95
H21A POV K . 8.40 -4.86 -35.89
H311 POV K . -0.23 -7.30 -33.18
H31B POV K . 0.89 -6.97 -34.23
H12 POV K . 11.74 0.86 -22.41
H12A POV K . 12.68 2.06 -21.96
H22 POV K . 8.02 2.38 -28.40
H212 POV K . 7.27 -6.50 -37.07
H22A POV K . 8.11 0.80 -28.34
H21B POV K . 7.67 -7.14 -35.70
H32 POV K . 5.36 -2.18 -28.67
H312 POV K . 2.06 -8.87 -33.68
H32A POV K . 5.42 -3.05 -27.34
H31C POV K . 1.25 -9.08 -32.35
H13 POV K . 14.12 -1.37 -23.43
H13A POV K . 12.63 -1.26 -22.83
H13B POV K . 12.97 -0.62 -24.26
H23 POV K . 5.75 1.58 -29.51
H213 POV K . 5.60 -7.85 -35.81
H23A POV K . 6.96 2.19 -30.29
H21C POV K . 5.38 -6.55 -34.97
H33 POV K . 2.98 -3.00 -27.36
H313 POV K . 0.39 -10.65 -33.61
H33A POV K . 3.08 -2.45 -28.82
H31D POV K . -0.68 -9.51 -33.76
H14 POV K . 14.91 2.01 -23.16
H14A POV K . 15.69 0.62 -23.07
H14B POV K . 14.76 0.95 -24.35
H24 POV K . 6.58 -0.57 -29.85
H214 POV K . 4.98 -6.44 -37.76
H24A POV K . 7.89 0.00 -30.51
H21D POV K . 4.47 -5.42 -36.68
H34 POV K . 2.71 -4.74 -28.88
H314 POV K . -0.18 -10.58 -35.82
H34A POV K . 3.94 -5.01 -27.95
H31E POV K . 1.29 -10.07 -35.72
H15 POV K . 13.33 -0.20 -20.76
H15A POV K . 14.78 -0.56 -21.29
H15B POV K . 14.47 0.95 -20.85
H25 POV K . 5.31 0.13 -31.68
H215 POV K . 2.58 -6.50 -36.96
H25A POV K . 6.58 0.79 -32.33
H21E POV K . 3.17 -7.39 -35.83
H35 POV K . 5.42 -4.58 -29.59
H315 POV K . -0.76 -8.13 -35.83
H35A POV K . 4.37 -5.56 -30.21
H31F POV K . 0.75 -7.95 -36.24
H26 POV K . 6.34 -2.00 -31.89
H216 POV K . 2.59 -8.96 -37.29
H26A POV K . 6.00 -1.36 -33.27
H21F POV K . 4.10 -8.77 -37.67
H36 POV K . 4.46 -2.75 -30.75
H316 POV K . -1.01 -9.50 -37.83
H36A POV K . 4.95 -3.86 -31.73
H31G POV K . -0.68 -7.98 -38.14
H31H POV K . 0.46 -9.08 -38.23
H27 POV K . 8.36 -0.62 -33.31
H217 POV K . 3.52 -7.40 -39.49
H27A POV K . 8.57 -1.58 -32.10
H21G POV K . 1.99 -7.51 -39.09
H37 POV K . 2.25 -4.08 -31.07
H37A POV K . 2.61 -2.77 -31.84
H28 POV K . 7.90 -2.39 -34.74
H218 POV K . 2.43 -9.98 -39.41
H28A POV K . 9.23 -2.72 -34.00
H21H POV K . 3.53 -9.42 -40.40
H21J POV K . 2.01 -9.05 -40.61
H38 POV K . 3.62 -4.20 -33.56
H38A POV K . 2.05 -4.15 -33.51
H39 POV K . 3.47 -6.19 -32.19
H39A POV K . 3.04 -6.38 -33.68
N POV L . -7.53 -40.96 -29.01
P POV L . -3.53 -40.25 -29.73
C1 POV L . -3.05 -39.34 -27.32
C2 POV L . -1.79 -38.51 -27.34
C3 POV L . -2.07 -37.05 -27.16
C210 POV L . 5.96 -36.08 -26.82
C310 POV L . 4.63 -32.03 -22.69
C11 POV L . -5.45 -41.97 -30.22
O11 POV L . -3.75 -39.17 -28.57
C211 POV L . 6.14 -36.16 -25.35
C311 POV L . 5.54 -32.55 -21.59
C12 POV L . -6.78 -41.25 -30.33
O12 POV L . -4.58 -41.34 -29.25
C212 POV L . 7.53 -35.75 -24.93
C312 POV L . 6.31 -31.46 -20.86
C13 POV L . -7.55 -42.17 -28.12
O13 POV L . -2.16 -40.81 -29.66
C213 POV L . 7.60 -35.08 -23.57
C313 POV L . 7.81 -31.66 -20.86
C14 POV L . -6.90 -39.82 -28.27
O14 POV L . -4.02 -39.66 -30.98
C214 POV L . 9.00 -35.07 -22.94
C314 POV L . 8.49 -31.26 -22.15
C15 POV L . -8.95 -40.60 -29.34
C215 POV L . 10.06 -34.34 -23.76
C315 POV L . 10.02 -31.30 -22.14
C216 POV L . 10.72 -35.17 -24.85
C316 POV L . 10.65 -32.13 -21.06
C217 POV L . 12.04 -34.62 -25.31
C218 POV L . 12.35 -35.01 -26.73
C21 POV L . 0.22 -38.49 -28.68
O21 POV L . -1.10 -38.71 -28.61
C22 POV L . 0.76 -38.75 -30.05
O22 POV L . 0.87 -38.12 -27.73
C23 POV L . 2.25 -39.04 -30.09
C24 POV L . 2.99 -38.19 -31.11
C25 POV L . 4.51 -38.32 -31.03
C26 POV L . 5.27 -37.00 -31.17
C27 POV L . 5.71 -36.40 -29.83
C28 POV L . 4.56 -35.94 -28.92
C29 POV L . 4.81 -36.01 -27.45
C31 POV L . -3.75 -35.42 -27.93
O31 POV L . -3.24 -36.68 -27.94
C32 POV L . -3.05 -34.43 -27.04
O32 POV L . -4.70 -35.11 -28.60
C33 POV L . -1.74 -33.90 -27.60
C34 POV L . -0.55 -34.05 -26.66
C35 POV L . 0.79 -34.05 -27.37
C36 POV L . 1.83 -33.15 -26.74
C37 POV L . 2.36 -33.62 -25.41
C38 POV L . 3.20 -32.58 -24.69
C39 POV L . 3.90 -33.11 -23.45
H29 POV L . 3.99 -36.00 -26.90
H1 POV L . -2.86 -40.29 -27.20
H1A POV L . -3.63 -39.04 -26.59
H2 POV L . -1.20 -38.79 -26.60
H3 POV L . -2.18 -36.89 -26.20
H3A POV L . -1.30 -36.56 -27.50
H310 POV L . 3.97 -31.44 -22.28
H31A POV L . 5.15 -31.49 -23.31
H210 POV L . 6.79 -36.07 -27.34
H11 POV L . -5.60 -42.90 -29.93
H11A POV L . -5.03 -42.03 -31.09
H211 POV L . 5.47 -35.58 -24.92
H21A POV L . 5.94 -37.06 -25.01
H311 POV L . 5.00 -33.05 -20.94
H31B POV L . 6.17 -33.20 -21.97
H12 POV L . -7.38 -41.80 -30.87
H12A POV L . -6.65 -40.39 -30.78
H22 POV L . 0.27 -39.51 -30.43
H212 POV L . 8.13 -36.53 -24.94
H22A POV L . 0.56 -37.95 -30.60
H21B POV L . 7.89 -35.12 -25.58
H32 POV L . -3.65 -33.67 -26.98
H312 POV L . 6.10 -30.59 -21.26
H32A POV L . -2.96 -34.75 -26.12
H31C POV L . 6.01 -31.42 -19.93
H13 POV L . -6.65 -42.36 -27.80
H13A POV L . -8.12 -41.99 -27.36
H13B POV L . -7.89 -42.95 -28.61
H23 POV L . 2.65 -38.91 -29.21
H213 POV L . 7.30 -34.16 -23.67
H23A POV L . 2.38 -39.99 -30.32
H21C POV L . 6.98 -35.53 -22.95
H33 POV L . -1.55 -34.36 -28.45
H313 POV L . 8.20 -31.15 -20.12
H33A POV L . -1.87 -32.96 -27.83
H31D POV L . 7.99 -32.61 -20.67
H14 POV L . -6.62 -39.13 -28.91
H14A POV L . -7.58 -39.44 -27.67
H14B POV L . -6.14 -40.14 -27.76
H24 POV L . 2.68 -38.44 -32.00
H214 POV L . 8.94 -34.65 -22.07
H24A POV L . 2.73 -37.25 -30.98
H21D POV L . 9.29 -35.99 -22.79
H34 POV L . -0.64 -34.87 -26.14
H314 POV L . 8.21 -30.35 -22.38
H34A POV L . -0.57 -33.33 -25.99
H31E POV L . 8.17 -31.83 -22.88
H15 POV L . -9.37 -41.27 -29.93
H15A POV L . -9.47 -40.56 -28.52
H15B POV L . -8.95 -39.72 -29.76
H25 POV L . 4.75 -38.73 -30.17
H215 POV L . 9.65 -33.56 -24.19
H25A POV L . 4.81 -38.93 -31.73
H21E POV L . 10.75 -34.00 -23.16
H35 POV L . 1.14 -34.97 -27.37
H315 POV L . 10.37 -30.39 -22.08
H35A POV L . 0.67 -33.81 -28.31
H31F POV L . 10.35 -31.65 -23.00
H26 POV L . 6.06 -37.14 -31.71
H216 POV L . 10.14 -35.25 -25.63
H26A POV L . 4.72 -36.34 -31.64
H21F POV L . 10.86 -36.09 -24.51
H36 POV L . 2.59 -33.06 -27.36
H316 POV L . 10.30 -33.05 -21.08
H36A POV L . 1.45 -32.25 -26.63
H31G POV L . 11.62 -32.18 -21.19
H31H POV L . 10.48 -31.75 -20.18
H27 POV L . 6.29 -35.65 -30.01
H217 POV L . 12.77 -34.93 -24.74
H27A POV L . 6.25 -37.07 -29.37
H21G POV L . 12.03 -33.63 -25.25
H37 POV L . 1.60 -33.88 -24.84
H37A POV L . 2.90 -34.43 -25.55
H28 POV L . 4.31 -35.03 -29.18
H218 POV L . 11.68 -34.63 -27.35
H28A POV L . 3.77 -36.48 -29.09
H21H POV L . 12.34 -35.97 -26.84
H21J POV L . 13.22 -34.68 -27.00
H38 POV L . 3.86 -32.22 -25.31
H38A POV L . 2.62 -31.84 -24.43
H39 POV L . 4.54 -33.81 -23.72
H39A POV L . 3.25 -33.53 -22.87
N POV M . 6.69 6.84 -20.24
P POV M . 4.40 4.29 -17.47
C1 POV M . 2.64 4.88 -19.37
C2 POV M . 2.46 4.57 -20.83
C3 POV M . 1.41 5.42 -21.48
C210 POV M . -3.84 -1.24 -27.28
C310 POV M . -7.03 3.79 -25.96
C11 POV M . 6.40 4.50 -19.21
O11 POV M . 3.59 3.96 -18.81
C211 POV M . -4.33 -1.81 -28.56
C311 POV M . -7.21 2.39 -26.57
C12 POV M . 6.88 5.93 -19.04
O12 POV M . 5.89 3.98 -17.96
C212 POV M . -4.18 -3.31 -28.59
C312 POV M . -7.19 1.24 -25.57
C13 POV M . 7.14 6.18 -21.50
O13 POV M . 4.02 3.32 -16.42
C213 POV M . -4.21 -3.90 -29.99
C313 POV M . -8.15 0.12 -25.93
C14 POV M . 5.25 7.23 -20.37
O14 POV M . 4.30 5.73 -17.18
C214 POV M . -3.53 -5.25 -30.13
C314 POV M . -7.81 -0.64 -27.20
C15 POV M . 7.50 8.08 -20.01
C215 POV M . -2.88 -5.42 -31.48
C315 POV M . -9.05 -1.08 -27.96
C216 POV M . -3.86 -5.29 -32.61
C316 POV M . -8.82 -2.19 -28.94
C217 POV M . -3.45 -5.96 -33.91
C218 POV M . -4.56 -5.94 -34.92
C21 POV M . 2.64 2.33 -21.76
O21 POV M . 2.02 3.17 -20.90
C22 POV M . 2.05 0.96 -21.66
O22 POV M . 3.53 2.65 -22.48
C23 POV M . 2.42 0.07 -22.83
C24 POV M . 1.72 0.43 -24.14
C25 POV M . 1.34 -0.78 -24.98
C26 POV M . 0.44 -0.46 -26.16
C27 POV M . -0.15 -1.69 -26.83
C28 POV M . -1.36 -1.41 -27.72
C29 POV M . -2.58 -1.08 -26.92
C31 POV M . 2.20 6.29 -23.67
O31 POV M . 2.01 6.43 -22.33
C32 POV M . 1.84 4.96 -24.30
O32 POV M . 2.63 7.19 -24.35
C33 POV M . 0.45 4.95 -24.91
C34 POV M . 0.13 3.67 -25.69
C35 POV M . -1.05 3.77 -26.66
C36 POV M . -2.08 4.83 -26.31
C37 POV M . -3.41 4.73 -27.06
C38 POV M . -4.53 4.05 -26.28
C39 POV M . -5.90 4.60 -26.58
H29 POV M . -2.42 -0.71 -26.03
H1 POV M . 2.95 5.79 -19.25
H1A POV M . 1.78 4.78 -18.91
H2 POV M . 3.30 4.72 -21.31
H3 POV M . 0.72 4.86 -21.90
H3A POV M . 0.97 5.93 -20.77
H310 POV M . -7.87 4.29 -26.06
H31A POV M . -6.85 3.71 -25.00
H210 POV M . -4.54 -0.95 -26.66
H11 POV M . 5.70 4.45 -19.89
H11A POV M . 7.14 3.94 -19.55
H211 POV M . -5.27 -1.58 -28.65
H21A POV M . -3.88 -1.40 -29.33
H311 POV M . -8.06 2.38 -27.05
H31B POV M . -6.51 2.25 -27.24
H12 POV M . 7.84 5.93 -18.86
H12A POV M . 6.42 6.34 -18.29
H22 POV M . 2.36 0.55 -20.84
H212 POV M . -3.35 -3.57 -28.13
H22A POV M . 1.07 1.05 -21.63
H21B POV M . -4.92 -3.70 -28.08
H32 POV M . 2.47 4.85 -25.03
H312 POV M . -6.28 0.88 -25.51
H32A POV M . 1.97 4.19 -23.72
H31C POV M . -7.41 1.56 -24.67
H13 POV M . 7.97 5.69 -21.32
H13A POV M . 6.45 5.55 -21.81
H13B POV M . 7.29 6.85 -22.20
H23 POV M . 3.39 0.13 -22.97
H213 POV M . -5.15 -3.98 -30.28
H23A POV M . 2.24 -0.86 -22.61
H21C POV M . -3.79 -3.28 -30.62
H33 POV M . -0.21 5.05 -24.21
H313 POV M . -8.17 -0.51 -25.19
H33A POV M . 0.38 5.73 -25.51
H31D POV M . -9.05 0.49 -26.01
H14 POV M . 4.71 6.44 -20.55
H14A POV M . 4.95 7.65 -19.54
H14B POV M . 5.16 7.86 -21.12
H24 POV M . 0.91 0.95 -23.95
H214 POV M . -2.85 -5.37 -29.44
H24A POV M . 2.29 1.01 -24.67
H21D POV M . -4.19 -5.96 -30.00
H34 POV M . 0.92 3.41 -26.21
H314 POV M . -7.25 -0.08 -27.79
H34A POV M . -0.01 2.95 -25.06
H31E POV M . -7.27 -1.42 -26.98
H15 POV M . 7.13 8.83 -20.51
H15A POV M . 7.47 8.30 -19.06
H15B POV M . 8.42 7.89 -20.28
H25 POV M . 2.15 -1.22 -25.30
H215 POV M . -2.19 -4.72 -31.58
H25A POV M . 0.87 -1.43 -24.41
H21E POV M . -2.42 -6.28 -31.53
H35 POV M . -0.72 3.94 -27.56
H315 POV M . -9.74 -1.36 -27.32
H35A POV M . -1.49 2.90 -26.70
H31F POV M . -9.42 -0.31 -28.44
H26 POV M . -0.27 0.14 -25.88
H216 POV M . -4.73 -5.64 -32.34
H26A POV M . 0.97 0.02 -26.83
H21F POV M . -4.00 -4.33 -32.79
H36 POV M . -2.24 4.79 -25.35
H316 POV M . -9.63 -2.32 -29.49
H36A POV M . -1.70 5.70 -26.50
H31G POV M . -8.07 -2.00 -29.53
H31H POV M . -8.65 -3.04 -28.48
H27 POV M . 0.55 -2.12 -27.37
H217 POV M . -2.67 -5.51 -34.29
H27A POV M . -0.40 -2.33 -26.14
H21G POV M . -3.20 -6.89 -33.73
H37 POV M . -3.70 5.63 -27.32
H37A POV M . -3.26 4.24 -27.90
H28 POV M . -1.13 -0.70 -28.34
H218 POV M . -5.33 -6.47 -34.59
H28A POV M . -1.55 -2.20 -28.25
H21H POV M . -4.88 -5.02 -35.08
H21J POV M . -4.27 -6.30 -35.77
H38 POV M . -4.51 3.09 -26.46
H38A POV M . -4.39 4.16 -25.32
H39 POV M . -6.03 4.70 -27.53
H39A POV M . -5.95 5.50 -26.19
N POV N . -39.86 -27.19 -2.16
P POV N . -37.95 -26.49 2.36
C1 POV N . -36.11 -28.06 3.42
C2 POV N . -36.03 -28.77 4.74
C3 POV N . -36.53 -27.96 5.93
C210 POV N . -26.81 -25.37 8.58
C310 POV N . -27.76 -21.09 8.00
C11 POV N . -38.72 -27.65 0.12
O11 POV N . -37.49 -27.84 3.08
C211 POV N . -25.57 -26.00 8.07
C311 POV N . -26.67 -21.94 7.36
C12 POV N . -39.15 -26.64 -0.93
O12 POV N . -39.07 -27.13 1.43
C212 POV N . -24.29 -25.19 8.31
C312 POV N . -25.36 -21.92 8.14
C13 POV N . -41.14 -27.91 -1.80
O13 POV N . -38.57 -25.59 3.36
C213 POV N . -23.10 -26.05 8.70
C313 POV N . -24.88 -20.53 8.52
C14 POV N . -40.21 -26.04 -3.07
O14 POV N . -36.86 -26.00 1.51
C214 POV N . -21.75 -25.49 8.30
C314 POV N . -23.53 -20.51 9.18
C15 POV N . -38.97 -28.15 -2.90
C215 POV N . -21.29 -24.31 9.13
C315 POV N . -23.16 -19.13 9.66
C216 POV N . -19.82 -24.01 8.99
C316 POV N . -21.82 -19.12 10.30
C217 POV N . -19.38 -22.77 9.73
C218 POV N . -19.44 -21.53 8.87
C21 POV N . -34.40 -30.27 5.67
O21 POV N . -34.64 -29.15 4.98
C22 POV N . -32.92 -30.49 5.85
O22 POV N . -35.24 -31.01 6.09
C23 POV N . -32.37 -29.81 7.10
C24 POV N . -32.39 -28.29 7.03
C25 POV N . -31.23 -27.70 6.26
C26 POV N . -30.22 -26.94 7.11
C27 POV N . -29.68 -27.73 8.26
C28 POV N . -28.25 -27.41 8.63
C29 POV N . -27.97 -25.95 8.77
C31 POV N . -36.48 -25.51 5.46
O31 POV N . -37.12 -26.69 5.51
C32 POV N . -34.99 -25.53 5.74
O32 POV N . -37.04 -24.48 5.20
C33 POV N . -34.64 -25.27 7.20
C34 POV N . -34.07 -23.87 7.42
C35 POV N . -32.67 -23.68 6.89
C36 POV N . -32.16 -22.26 7.00
C37 POV N . -31.48 -21.96 8.31
C38 POV N . -30.00 -22.30 8.33
C39 POV N . -29.16 -21.36 7.48
H29 POV N . -28.74 -25.41 9.02
H1 POV N . -35.70 -28.60 2.71
H1A POV N . -35.62 -27.21 3.47
H2 POV N . -36.60 -29.57 4.69
H3 POV N . -37.24 -28.49 6.33
H3A POV N . -35.84 -27.86 6.61
H310 POV N . -27.72 -21.22 8.97
H31A POV N . -27.55 -20.15 7.84
H210 POV N . -26.74 -24.41 8.83
H11 POV N . -39.18 -28.51 0.02
H11A POV N . -37.77 -27.84 0.06
H211 POV N . -25.49 -26.88 8.49
H21A POV N . -25.64 -26.18 7.10
H311 POV N . -26.99 -22.85 7.25
H31B POV N . -26.49 -21.61 6.46
H12 POV N . -38.35 -26.19 -1.26
H12A POV N . -39.74 -25.98 -0.54
H22 POV N . -32.76 -31.45 5.91
H212 POV N . -24.07 -24.69 7.50
H22A POV N . -32.47 -30.13 5.06
H21B POV N . -24.45 -24.54 9.02
H32 POV N . -34.54 -26.32 5.41
H312 POV N . -25.47 -22.44 8.96
H32A POV N . -34.65 -24.77 5.23
H31C POV N . -24.67 -22.36 7.60
H13 POV N . -41.63 -27.35 -1.16
H13A POV N . -41.67 -28.04 -2.61
H13B POV N . -40.94 -28.78 -1.42
H23 POV N . -32.90 -30.10 7.87
H213 POV N . -23.10 -26.19 9.67
H23A POV N . -31.46 -30.12 7.26
H21C POV N . -23.20 -26.95 8.32
H33 POV N . -35.42 -25.38 7.77
H313 POV N . -24.85 -19.96 7.72
H33A POV N . -33.98 -25.92 7.49
H31D POV N . -25.51 -20.11 9.15
H14 POV N . -39.69 -25.25 -2.81
H14A POV N . -41.16 -25.84 -2.99
H14B POV N . -40.00 -26.29 -4.00
H24 POV N . -33.22 -27.97 6.61
H214 POV N . -21.07 -26.19 8.35
H24A POV N . -32.39 -27.92 7.93
H21D POV N . -21.79 -25.20 7.37
H34 POV N . -34.66 -23.21 6.98
H314 POV N . -23.51 -21.13 9.92
H34A POV N . -34.09 -23.65 8.37
H31E POV N . -22.84 -20.81 8.54
H15 POV N . -38.71 -28.89 -2.34
H15A POV N . -39.46 -28.50 -3.67
H15B POV N . -38.20 -27.64 -3.22
H25 POV N . -30.76 -28.43 5.80
H215 POV N . -21.81 -23.52 8.89
H25A POV N . -31.57 -27.12 5.56
H21E POV N . -21.46 -24.49 10.08
H35 POV N . -32.06 -24.26 7.39
H315 POV N . -23.17 -18.50 8.92
H35A POV N . -32.62 -23.97 5.96
H31F POV N . -23.82 -18.82 10.31
H26 POV N . -29.48 -26.65 6.54
H216 POV N . -19.31 -24.78 9.31
H26A POV N . -30.64 -26.14 7.46
H21F POV N . -19.61 -23.92 8.04
H36 POV N . -31.55 -22.08 6.27
H316 POV N . -21.62 -18.23 10.66
H36A POV N . -32.92 -21.65 6.90
H31G POV N . -21.78 -19.77 11.04
H31H POV N . -21.13 -19.36 9.65
H27 POV N . -30.25 -27.56 9.05
H217 POV N . -19.96 -22.64 10.51
H27A POV N . -29.76 -28.68 8.06
H21G POV N . -18.47 -22.88 10.06
H37 POV N . -31.59 -21.02 8.52
H37A POV N . -31.92 -22.46 9.02
H28 POV N . -28.00 -27.90 9.44
H218 POV N . -19.22 -20.74 9.40
H28A POV N . -27.66 -27.77 7.93
H21H POV N . -18.81 -21.60 8.13
H21J POV N . -20.34 -21.42 8.50
H38 POV N . -29.69 -22.28 9.25
H38A POV N . -29.88 -23.21 8.01
H39 POV N . -29.63 -20.52 7.38
H39A POV N . -29.09 -21.75 6.58
NA NA O . -24.08 -12.97 -16.22
NA NA P . -20.21 -10.89 -13.61
N POV Q . -19.10 -35.98 -25.96
P POV Q . -14.56 -36.79 -24.13
C1 POV Q . -12.34 -36.11 -25.42
C2 POV Q . -11.10 -36.90 -25.77
C3 POV Q . -10.62 -37.82 -24.67
C210 POV Q . -3.45 -30.90 -21.68
C310 POV Q . -5.33 -30.65 -17.68
C11 POV Q . -16.54 -36.37 -25.82
O11 POV Q . -13.46 -37.01 -25.26
C211 POV Q . -3.03 -29.69 -22.45
C311 POV Q . -5.04 -29.55 -18.68
C12 POV Q . -17.83 -35.98 -25.11
O12 POV Q . -15.81 -37.29 -24.96
C212 POV Q . -2.26 -28.66 -21.63
C312 POV Q . -3.67 -28.90 -18.50
C13 POV Q . -19.39 -37.34 -26.53
O13 POV Q . -14.29 -37.69 -22.99
C213 POV Q . -1.09 -28.03 -22.39
C313 POV Q . -3.38 -28.48 -17.06
C14 POV Q . -20.26 -35.58 -25.08
O14 POV Q . -14.69 -35.34 -23.89
C214 POV Q . -0.75 -26.62 -21.97
C314 POV Q . -2.08 -27.72 -16.90
C15 POV Q . -18.99 -34.99 -27.08
C215 POV Q . -0.07 -26.51 -20.63
C315 POV Q . -1.76 -27.47 -15.46
C216 POV Q . 0.60 -25.17 -20.42
C316 POV Q . -0.49 -26.73 -15.30
C217 POV Q . 1.19 -25.02 -19.03
C218 POV Q . 0.23 -24.40 -18.05
C21 POV Q . -9.13 -36.32 -27.01
O21 POV Q . -10.04 -35.96 -26.10
C22 POV Q . -8.10 -35.25 -27.20
O22 POV Q . -9.13 -37.37 -27.59
C23 POV Q . -6.92 -35.38 -26.23
C24 POV Q . -7.30 -35.10 -24.78
C25 POV Q . -7.36 -33.62 -24.44
C26 POV Q . -6.26 -33.14 -23.51
C27 POV Q . -4.87 -33.46 -23.99
C28 POV Q . -3.83 -32.43 -23.61
C29 POV Q . -3.85 -32.04 -22.17
C31 POV Q . -11.45 -37.13 -22.42
O31 POV Q . -11.54 -37.89 -23.55
C32 POV Q . -10.37 -36.07 -22.40
O32 POV Q . -12.19 -37.28 -21.48
C33 POV Q . -9.06 -36.52 -21.78
C34 POV Q . -8.85 -35.96 -20.38
C35 POV Q . -8.50 -34.48 -20.36
C36 POV Q . -8.41 -33.91 -18.97
C37 POV Q . -7.04 -34.01 -18.36
C38 POV Q . -6.11 -32.87 -18.71
C39 POV Q . -6.50 -31.55 -18.04
H29 POV Q . -4.21 -32.72 -21.57
H1 POV Q . -12.56 -35.48 -26.14
H1A POV Q . -12.20 -35.60 -24.60
H2 POV Q . -11.32 -37.47 -26.54
H3 POV Q . -10.59 -38.72 -25.06
H3A POV Q . -9.70 -37.61 -24.41
H310 POV Q . -4.51 -31.18 -17.55
H31A POV Q . -5.52 -30.24 -16.82
H210 POV Q . -3.41 -30.81 -20.70
H11 POV Q . -16.70 -36.82 -26.67
H11A POV Q . -16.01 -35.57 -26.03
H211 POV Q . -2.47 -30.02 -23.17
H21A POV Q . -3.79 -29.27 -22.87
H311 POV Q . -5.13 -29.91 -19.59
H31B POV Q . -5.72 -28.85 -18.61
H12 POV Q . -17.73 -35.06 -24.78
H12A POV Q . -17.99 -36.58 -24.36
H22 POV Q . -7.76 -35.30 -28.12
H212 POV Q . -2.88 -27.95 -21.36
H22A POV Q . -8.53 -34.38 -27.07
H21B POV Q . -1.92 -29.07 -20.81
H32 POV Q . -10.22 -35.64 -23.26
H312 POV Q . -2.98 -29.53 -18.78
H32A POV Q . -10.74 -35.38 -21.81
H31C POV Q . -3.62 -28.12 -19.07
H13 POV Q . -19.29 -38.00 -25.81
H13A POV Q . -20.31 -37.35 -26.86
H13B POV Q . -18.78 -37.54 -27.27
H23 POV Q . -6.55 -36.27 -26.30
H213 POV Q . -0.31 -28.60 -22.26
H23A POV Q . -6.21 -34.77 -26.51
H21C POV Q . -1.28 -28.07 -23.35
H33 POV Q . -9.04 -37.50 -21.72
H313 POV Q . -4.11 -27.94 -16.72
H33A POV Q . -8.32 -36.25 -22.35
H31D POV Q . -3.32 -29.28 -16.49
H14 POV Q . -19.92 -35.17 -24.25
H14A POV Q . -20.79 -36.37 -24.86
H14B POV Q . -20.82 -34.94 -25.56
H24 POV Q . -8.17 -35.49 -24.57
H214 POV Q . -0.18 -26.21 -22.66
H24A POV Q . -6.66 -35.54 -24.19
H21D POV Q . -1.58 -26.10 -21.95
H34 POV Q . -9.66 -36.09 -19.86
H314 POV Q . -1.36 -28.23 -17.31
H34A POV Q . -8.14 -36.46 -19.92
H31E POV Q . -2.14 -26.87 -17.37
H15 POV Q . -18.23 -35.22 -27.66
H15A POV Q . -19.80 -35.04 -27.62
H15B POV Q . -18.89 -34.11 -26.70
H25 POV Q . -7.32 -33.11 -25.27
H215 POV Q . -0.73 -26.67 -19.91
H25A POV Q . -8.23 -33.43 -24.04
H21E POV Q . 0.61 -27.20 -20.55
H35 POV Q . -7.64 -34.36 -20.81
H315 POV Q . -2.48 -26.96 -15.03
H35A POV Q . -9.16 -33.98 -20.87
H31F POV Q . -1.70 -28.32 -14.97
H26 POV Q . -6.35 -32.17 -23.40
H216 POV Q . 1.30 -25.06 -21.09
H26A POV Q . -6.40 -33.54 -22.63
H21F POV Q . -0.06 -24.46 -20.57
H36 POV Q . -8.68 -32.97 -19.00
H316 POV Q . -0.27 -26.61 -14.36
H36A POV Q . -9.05 -34.36 -18.40
H31G POV Q . 0.25 -27.21 -15.73
H31H POV Q . -0.56 -25.84 -15.71
H27 POV Q . -4.61 -34.32 -23.61
H217 POV Q . 1.46 -25.89 -18.70
H27A POV Q . -4.90 -33.57 -24.96
H21G POV Q . 2.00 -24.47 -19.07
H37 POV Q . -7.13 -34.05 -17.38
H37A POV Q . -6.63 -34.85 -18.64
H28 POV Q . -2.95 -32.76 -23.87
H218 POV Q . 0.62 -24.38 -17.15
H28A POV Q . -3.97 -31.63 -24.14
H21H POV Q . 0.03 -23.47 -18.31
H21J POV Q . -0.60 -24.90 -18.02
H38 POV Q . -5.19 -33.12 -18.46
H38A POV Q . -6.10 -32.75 -19.68
H39 POV Q . -7.01 -31.75 -17.25
H39A POV Q . -7.08 -31.07 -18.66
N POV R . -18.59 -13.70 -40.27
P POV R . -20.40 -10.01 -39.52
C1 POV R . -19.73 -7.68 -38.45
C2 POV R . -18.35 -7.14 -38.47
C3 POV R . -17.32 -8.23 -38.59
C210 POV R . -13.43 -1.27 -29.30
C310 POV R . -14.61 -8.96 -32.36
C11 POV R . -18.57 -11.21 -41.01
O11 POV R . -19.94 -8.49 -39.64
C211 POV R . -12.53 -0.13 -29.07
C311 POV R . -14.34 -7.91 -31.30
C12 POV R . -19.05 -12.63 -41.25
O12 POV R . -18.99 -10.73 -39.71
C212 POV R . -13.20 1.20 -29.42
C312 POV R . -14.63 -8.37 -29.89
C13 POV R . -18.82 -15.03 -40.92
O13 POV R . -20.91 -10.29 -38.16
C213 POV R . -12.33 2.44 -29.25
C313 POV R . -13.41 -8.34 -29.00
C14 POV R . -17.13 -13.56 -39.96
O14 POV R . -21.24 -10.31 -40.70
C214 POV R . -12.39 3.07 -27.86
C314 POV R . -13.00 -6.96 -28.60
C15 POV R . -19.38 -13.64 -38.99
C215 POV R . -12.05 2.11 -26.75
C315 POV R . -11.77 -6.94 -27.75
C216 POV R . -11.82 2.74 -25.41
C316 POV R . -11.10 -5.64 -27.74
C217 POV R . -10.59 3.60 -25.39
C218 POV R . -9.98 3.71 -24.05
C21 POV R . -17.09 -5.55 -37.20
O21 POV R . -18.06 -6.46 -37.20
C22 POV R . -16.80 -5.09 -35.80
O22 POV R . -16.51 -5.17 -38.18
C23 POV R . -15.34 -4.70 -35.63
C24 POV R . -15.01 -4.55 -34.19
C25 POV R . -13.70 -3.87 -33.95
C26 POV R . -13.19 -4.18 -32.58
C27 POV R . -12.17 -3.20 -32.07
C28 POV R . -12.73 -1.87 -31.63
C29 POV R . -13.54 -1.99 -30.38
C31 POV R . -15.71 -8.97 -40.27
O31 POV R . -16.68 -8.11 -39.87
C32 POV R . -15.40 -10.08 -39.30
O32 POV R . -15.14 -8.85 -41.33
C33 POV R . -14.11 -10.81 -39.66
C34 POV R . -12.92 -10.09 -39.07
C35 POV R . -12.56 -10.51 -37.66
C36 POV R . -12.79 -9.43 -36.62
C37 POV R . -12.20 -9.78 -35.28
C38 POV R . -13.23 -10.02 -34.20
C39 POV R . -13.85 -8.76 -33.66
H29 POV R . -14.24 -2.68 -30.38
H1 POV R . -19.89 -8.24 -37.66
H1A POV R . -20.35 -6.93 -38.44
H2 POV R . -18.24 -6.53 -39.23
H3 POV R . -16.68 -8.14 -37.84
H3A POV R . -17.78 -9.09 -38.50
H310 POV R . -14.41 -9.85 -32.00
H31A POV R . -15.57 -8.93 -32.55
H210 POV R . -14.00 -1.51 -28.53
H11 POV R . -18.97 -10.63 -41.68
H11A POV R . -17.59 -11.14 -41.13
H211 POV R . -12.29 -0.17 -28.13
H21A POV R . -11.69 -0.20 -29.56
H311 POV R . -13.41 -7.61 -31.35
H31B POV R . -14.89 -7.13 -31.51
H12 POV R . -18.76 -12.93 -42.13
H12A POV R . -20.03 -12.64 -41.22
H22 POV R . -17.37 -4.34 -35.59
H212 POV R . -13.50 1.17 -30.36
H22A POV R . -17.00 -5.82 -35.20
H21B POV R . -14.01 1.30 -28.89
H32 POV R . -15.21 -9.75 -38.40
H312 POV R . -15.31 -7.79 -29.49
H32A POV R . -16.15 -10.70 -39.28
H31C POV R . -14.99 -9.28 -29.90
H13 POV R . -18.03 -15.24 -41.46
H13A POV R . -18.94 -15.71 -40.24
H13B POV R . -19.61 -14.99 -41.49
H23 POV R . -14.77 -5.39 -36.02
H213 POV R . -11.40 2.20 -29.43
H23A POV R . -15.16 -3.88 -36.11
H21C POV R . -12.60 3.10 -29.91
H33 POV R . -14.15 -11.73 -39.33
H313 POV R . -13.56 -8.88 -28.20
H33A POV R . -14.02 -10.89 -40.63
H31D POV R . -12.66 -8.75 -29.48
H14 POV R . -17.01 -12.88 -39.28
H14A POV R . -16.79 -14.42 -39.62
H14B POV R . -16.65 -13.31 -40.77
H24 POV R . -15.71 -4.04 -33.75
H214 POV R . -11.78 3.83 -27.85
H24A POV R . -14.99 -5.43 -33.77
H21D POV R . -13.28 3.43 -27.70
H34 POV R . -13.13 -9.13 -39.06
H314 POV R . -12.85 -6.44 -29.41
H34A POV R . -12.14 -10.16 -39.65
H31E POV R . -13.72 -6.54 -28.10
H15 POV R . -20.33 -13.72 -39.18
H15A POV R . -19.12 -14.37 -38.42
H15B POV R . -19.19 -12.80 -38.52
H25 POV R . -13.80 -2.91 -34.06
H215 POV R . -12.78 1.47 -26.64
H25A POV R . -13.05 -4.17 -34.61
H21E POV R . -11.26 1.59 -27.00
H35 POV R . -13.07 -11.31 -37.40
H315 POV R . -12.01 -7.15 -26.82
H35A POV R . -11.62 -10.78 -37.64
H31F POV R . -11.14 -7.62 -28.06
H26 POV R . -13.95 -4.23 -31.97
H216 POV R . -12.60 3.28 -25.16
H26A POV R . -12.80 -5.07 -32.60
H21F POV R . -11.73 2.04 -24.73
H36 POV R . -12.41 -8.59 -36.94
H316 POV R . -11.60 -5.01 -27.17
H36A POV R . -13.76 -9.31 -36.53
H31G POV R . -10.20 -5.73 -27.41
H31H POV R . -11.05 -5.27 -28.65
H27 POV R . -11.70 -3.60 -31.31
H217 POV R . -9.93 3.22 -26.00
H27A POV R . -11.51 -3.04 -32.77
H21G POV R . -10.81 4.50 -25.71
H37 POV R . -11.63 -10.57 -35.35
H37A POV R . -11.63 -9.04 -34.99
H28 POV R . -11.99 -1.26 -31.54
H218 POV R . -9.67 4.63 -23.91
H28A POV R . -13.31 -1.50 -32.32
H21H POV R . -10.62 3.49 -23.34
H21J POV R . -9.21 3.12 -23.99
H38 POV R . -13.94 -10.59 -34.55
H38A POV R . -12.80 -10.51 -33.47
H39 POV R . -14.48 -8.40 -34.32
H39A POV R . -13.16 -8.08 -33.54
C5 8IJ S . -3.06 16.70 -21.08
C6 8IJ S . -2.53 15.45 -20.40
C8 8IJ S . -1.01 15.36 -20.54
C10 8IJ S . -0.32 16.52 -19.84
C17 8IJ S . -6.64 14.73 -20.41
C21 8IJ S . -7.50 10.52 -22.41
C24 8IJ S . -7.19 8.52 -23.93
C26 8IJ S . -6.68 8.11 -26.41
C28 8IJ S . -6.12 9.56 -28.38
C12 8IJ S . -1.26 17.69 -19.61
C14 8IJ S . -2.19 17.92 -20.80
C18 8IJ S . -7.46 13.99 -21.42
C19 8IJ S . -7.51 12.52 -21.16
C23 8IJ S . -7.61 9.97 -23.80
C25 8IJ S . -7.62 7.87 -25.24
C27 8IJ S . -6.64 9.52 -26.96
C29 8IJ S . -6.07 10.95 -28.99
C37 8IJ S . -10.02 6.46 -35.47
C38 8IJ S . -10.16 7.60 -36.47
C39 8IJ S . -10.97 7.20 -37.67
C41 8IJ S . -9.59 14.27 -22.47
C43 8IJ S . -10.97 14.82 -22.31
O1 8IJ S . -5.18 15.74 -22.69
O11 8IJ S . 0.79 16.95 -20.61
O13 8IJ S . -2.02 17.52 -18.42
O3 8IJ S . -6.06 18.07 -22.14
O4 8IJ S . -4.40 16.95 -20.62
O7 8IJ S . -2.94 15.37 -19.05
O9 8IJ S . -0.55 14.12 -20.02
C30 8IJ S . -6.02 10.94 -30.51
C31 8IJ S . -7.33 10.54 -31.17
C32 8IJ S . -7.32 9.16 -31.81
C33 8IJ S . -6.65 9.11 -33.17
C34 8IJ S . -7.54 8.55 -34.28
C35 8IJ S . -7.95 7.10 -34.08
C36 8IJ S . -9.46 6.83 -34.11
C44 8IJ S . -11.94 13.75 -21.88
C45 8IJ S . -12.28 12.78 -22.99
C46 8IJ S . -12.67 11.40 -22.54
C47 8IJ S . -11.50 10.59 -22.04
C48 8IJ S . -11.78 9.10 -21.91
C49 8IJ S . -11.33 8.26 -23.08
C50 8IJ S . -12.22 8.29 -24.28
C51 8IJ S . -11.68 7.50 -25.45
C52 8IJ S . -12.75 6.89 -26.31
C53 8IJ S . -13.63 7.90 -27.00
C54 8IJ S . -15.11 7.66 -26.79
C55 8IJ S . -15.65 6.45 -27.52
C56 8IJ S . -15.67 6.61 -29.01
C57 8IJ S . -16.40 5.51 -29.72
C58 8IJ S . -15.92 5.29 -31.13
C59 8IJ S . -16.03 6.52 -31.93
O15 8IJ S . -1.43 18.27 -21.95
O16 8IJ S . -6.69 16.13 -20.71
O20 8IJ S . -7.58 11.84 -22.43
O22 8IJ S . -7.35 9.87 -21.43
O40 8IJ S . -8.83 14.51 -21.39
O42 8IJ S . -9.20 13.67 -23.43
P2 8IJ S . -5.58 16.74 -21.69
H5 8IJ S . -3.09 16.52 -22.04
H6 8IJ S . -2.93 14.67 -20.83
H8 8IJ S . -0.78 15.37 -21.50
H10 8IJ S . 0.03 16.21 -18.99
H17B 8IJ S . -5.71 14.42 -20.42
H17A 8IJ S . -7.01 14.55 -19.52
H24A 8IJ S . -6.22 8.51 -23.88
H24B 8IJ S . -7.49 8.02 -23.15
H26A 8IJ S . -6.93 7.48 -27.12
H26B 8IJ S . -5.78 7.86 -26.12
H28A 8IJ S . -6.68 8.99 -28.94
H28B 8IJ S . -5.22 9.18 -28.40
H12 8IJ S . -0.72 18.50 -19.48
H14 8IJ S . -2.76 18.68 -20.61
H18 8IJ S . -7.05 14.15 -22.29
H19B 8IJ S . -6.67 12.25 -20.75
H19A 8IJ S . -8.23 12.24 -20.56
H23B 8IJ S . -8.54 10.09 -24.09
H23A 8IJ S . -7.08 10.53 -24.40
H25A 8IJ S . -7.75 6.91 -25.14
H25B 8IJ S . -8.49 8.23 -25.50
H27B 8IJ S . -6.05 10.06 -26.41
H27A 8IJ S . -7.53 9.92 -26.94
H29A 8IJ S . -6.85 11.45 -28.69
H29B 8IJ S . -5.29 11.43 -28.66
H37B 8IJ S . -9.47 5.76 -35.87
H37A 8IJ S . -10.92 6.07 -35.37
H38B 8IJ S . -10.61 8.34 -36.01
H38A 8IJ S . -9.28 7.92 -36.73
H39A 8IJ S . -11.01 6.23 -37.75
H39C 8IJ S . -10.58 7.54 -38.49
H39B 8IJ S . -11.90 7.52 -37.61
H43A 8IJ S . -10.94 15.55 -21.65
H43B 8IJ S . -11.24 15.22 -23.16
H11 8IJ S . 0.53 17.54 -21.17
H13 8IJ S . -2.82 17.70 -18.66
H7 8IJ S . -3.61 14.86 -19.03
H9 8IJ S . -1.24 13.64 -19.91
H30B 8IJ S . -5.75 11.83 -30.81
H30A 8IJ S . -5.31 10.32 -30.80
H31B 8IJ S . -8.05 10.57 -30.51
H31A 8IJ S . -7.55 11.20 -31.85
H32A 8IJ S . -6.85 8.55 -31.20
H32B 8IJ S . -8.23 8.83 -31.87
H33A 8IJ S . -6.39 10.01 -33.44
H33B 8IJ S . -5.82 8.59 -33.12
H34B 8IJ S . -8.33 9.12 -34.37
H34A 8IJ S . -7.07 8.63 -35.13
H35B 8IJ S . -7.52 6.54 -34.76
H35A 8IJ S . -7.61 6.78 -33.22
H36B 8IJ S . -9.69 6.13 -33.47
H36A 8IJ S . -9.91 7.64 -33.80
H44B 8IJ S . -11.55 13.27 -21.12
H44A 8IJ S . -12.76 14.17 -21.57
H45B 8IJ S . -13.05 13.14 -23.49
H45A 8IJ S . -11.54 12.73 -23.62
H46B 8IJ S . -13.36 11.46 -21.86
H46A 8IJ S . -13.07 10.93 -23.29
H47A 8IJ S . -10.77 10.71 -22.68
H47B 8IJ S . -11.18 10.95 -21.20
H48B 8IJ S . -11.36 8.77 -21.09
H48A 8IJ S . -12.74 8.98 -21.80
H49B 8IJ S . -10.44 8.54 -23.35
H49A 8IJ S . -11.25 7.33 -22.80
H50A 8IJ S . -13.10 7.93 -24.05
H50B 8IJ S . -12.36 9.21 -24.57
H51B 8IJ S . -11.12 8.09 -25.99
H51A 8IJ S . -11.09 6.81 -25.11
H52B 8IJ S . -12.34 6.34 -27.00
H52A 8IJ S . -13.30 6.29 -25.77
H53B 8IJ S . -13.43 8.79 -26.68
H53A 8IJ S . -13.43 7.89 -27.95
H54A 8IJ S . -15.28 7.57 -25.83
H54B 8IJ S . -15.59 8.44 -27.09
H55B 8IJ S . -15.12 5.67 -27.29
H55A 8IJ S . -16.56 6.31 -27.21
H56B 8IJ S . -16.07 7.47 -29.25
H56A 8IJ S . -14.76 6.62 -29.34
H57B 8IJ S . -16.30 4.67 -29.21
H57A 8IJ S . -17.36 5.72 -29.75
H58A 8IJ S . -14.98 5.02 -31.10
H58B 8IJ S . -16.42 4.57 -31.57
H59C 8IJ S . -15.37 7.19 -31.67
H59B 8IJ S . -16.91 6.92 -31.83
H59A 8IJ S . -15.90 6.31 -32.87
H15 8IJ S . -1.17 17.53 -22.26
N POV T . -11.47 22.73 -26.03
P POV T . -14.25 26.07 -25.29
C1 POV T . -16.81 25.44 -25.13
C2 POV T . -17.45 26.24 -26.22
C3 POV T . -18.18 27.44 -25.69
C210 POV T . -25.88 25.70 -27.24
C310 POV T . -26.88 30.22 -24.26
C11 POV T . -13.86 23.48 -25.41
O11 POV T . -15.68 26.13 -24.59
C211 POV T . -27.26 26.27 -27.26
C311 POV T . -26.21 30.76 -22.99
C12 POV T . -12.79 23.30 -26.46
O12 POV T . -13.70 24.71 -24.66
C212 POV T . -27.29 27.75 -26.89
C312 POV T . -26.79 30.23 -21.70
C13 POV T . -10.65 23.73 -25.28
O13 POV T . -14.41 25.87 -26.75
C213 POV T . -28.20 28.58 -27.76
C313 POV T . -28.25 30.62 -21.47
C14 POV T . -11.66 21.53 -25.16
O14 POV T . -13.41 27.18 -24.80
C214 POV T . -27.52 29.16 -29.00
C314 POV T . -29.26 29.57 -21.92
C15 POV T . -10.73 22.31 -27.25
C215 POV T . -28.27 30.32 -29.64
C315 POV T . -29.97 28.82 -20.80
C216 POV T . -27.35 31.28 -30.40
C316 POV T . -29.04 28.20 -19.76
C217 POV T . -26.65 30.67 -31.59
C218 POV T . -25.53 31.54 -32.13
C21 POV T . -18.78 25.61 -28.10
O21 POV T . -18.45 25.39 -26.83
C22 POV T . -19.86 24.68 -28.56
O22 POV T . -18.26 26.44 -28.79
C23 POV T . -20.33 24.99 -29.97
C24 POV T . -21.26 26.18 -30.07
C25 POV T . -22.41 25.94 -31.06
C26 POV T . -23.40 27.09 -31.18
C27 POV T . -24.22 27.34 -29.94
C28 POV T . -25.20 26.23 -29.61
C29 POV T . -25.01 25.69 -28.22
C31 POV T . -18.05 29.58 -26.94
O31 POV T . -17.50 28.65 -26.13
C32 POV T . -19.43 29.28 -27.47
O32 POV T . -17.48 30.60 -27.23
C33 POV T . -20.06 30.39 -28.28
C34 POV T . -20.69 31.47 -27.40
C35 POV T . -21.99 31.05 -26.74
C36 POV T . -23.23 31.51 -27.46
C37 POV T . -24.43 30.59 -27.29
C38 POV T . -24.88 30.34 -25.84
C39 POV T . -26.30 30.80 -25.55
H29 POV T . -24.13 25.31 -28.06
H1 POV T . -17.45 25.26 -24.41
H1A POV T . -16.56 24.59 -25.53
H2 POV T . -16.78 26.55 -26.85
H3 POV T . -19.12 27.28 -25.85
H3A POV T . -18.06 27.43 -24.72
H310 POV T . -26.80 29.25 -24.26
H31A POV T . -27.83 30.43 -24.21
H210 POV T . -25.61 25.30 -26.39
H11 POV T . -14.69 23.58 -25.90
H11A POV T . -14.00 22.72 -24.83
H211 POV T . -27.64 26.14 -28.15
H21A POV T . -27.85 25.78 -26.65
H311 POV T . -25.26 30.56 -23.02
H31B POV T . -26.28 31.74 -23.00
H12 POV T . -12.60 24.15 -26.89
H12A POV T . -13.14 22.68 -27.14
H22 POV T . -19.52 23.77 -28.50
H212 POV T . -27.58 27.83 -25.96
H22A POV T . -20.61 24.78 -27.93
H21B POV T . -26.38 28.10 -26.92
H32 POV T . -19.38 28.46 -28.00
H312 POV T . -26.70 29.26 -21.68
H32A POV T . -20.01 29.14 -26.70
H31C POV T . -26.27 30.57 -20.94
H13 POV T . -11.23 24.20 -24.65
H13A POV T . -9.97 23.22 -24.79
H13B POV T . -10.23 24.35 -25.91
H23 POV T . -19.55 25.15 -30.53
H213 POV T . -28.94 28.02 -28.07
H23A POV T . -20.76 24.19 -30.35
H21C POV T . -28.59 29.30 -27.23
H33 POV T . -19.38 30.80 -28.85
H313 POV T . -28.39 30.81 -20.52
H33A POV T . -20.74 30.02 -28.87
H31D POV T . -28.43 31.45 -21.95
H14 POV T . -11.85 21.85 -24.25
H14A POV T . -12.43 21.06 -25.52
H14B POV T . -10.85 20.97 -25.19
H24 POV T . -21.62 26.38 -29.19
H214 POV T . -26.62 29.45 -28.77
H24A POV T . -20.76 26.95 -30.37
H21D POV T . -27.41 28.45 -29.67
H34 POV T . -20.04 31.72 -26.71
H314 POV T . -29.94 30.01 -22.48
H34A POV T . -20.85 32.27 -27.94
H31E POV T . -28.82 28.93 -22.50
H15 POV T . -9.86 21.94 -26.98
H15A POV T . -11.24 21.60 -27.69
H15B POV T . -10.64 23.07 -27.85
H25 POV T . -22.04 25.75 -31.94
H215 POV T . -28.94 29.96 -30.26
H25A POV T . -22.89 25.13 -30.79
H21E POV T . -28.75 30.82 -28.95
H35 POV T . -22.03 30.08 -26.64
H315 POV T . -30.58 29.43 -20.32
H35A POV T . -22.00 31.41 -25.82
H31F POV T . -30.52 28.11 -21.17
H26 POV T . -22.92 27.90 -31.42
H216 POV T . -27.88 32.03 -30.70
H26A POV T . -24.01 26.90 -31.92
H21F POV T . -26.69 31.62 -29.77
H36 POV T . -23.47 32.41 -27.16
H316 POV T . -28.64 28.89 -19.20
H36A POV T . -23.03 31.58 -28.41
H31G POV T . -28.31 27.72 -20.21
H31H POV T . -29.51 27.57 -19.20
H27 POV T . -23.63 27.48 -29.18
H217 POV T . -26.26 29.80 -31.35
H27A POV T . -24.74 28.17 -30.06
H21G POV T . -27.30 30.51 -32.31
H37 POV T . -25.18 30.96 -27.79
H37A POV T . -24.23 29.73 -27.71
H28 POV T . -26.11 26.55 -29.75
H218 POV T . -24.79 31.57 -31.50
H28A POV T . -25.08 25.48 -30.23
H21H POV T . -25.21 31.21 -32.99
H21J POV T . -25.86 32.46 -32.26
H38 POV T . -24.82 29.38 -25.67
H38A POV T . -24.27 30.78 -25.22
H39 POV T . -26.88 30.55 -26.29
H39A POV T . -26.31 31.77 -25.49
C310 POV U . -27.06 17.74 -41.15
C311 POV U . -26.00 16.67 -41.07
C312 POV U . -25.44 16.45 -39.70
C313 POV U . -26.17 15.40 -38.88
C314 POV U . -27.26 15.93 -37.98
C315 POV U . -26.79 16.09 -36.56
C316 POV U . -27.86 16.44 -35.59
C34 POV U . -29.89 23.56 -44.37
C35 POV U . -28.55 22.94 -44.06
C36 POV U . -28.62 21.79 -43.07
C37 POV U . -27.28 21.31 -42.56
C38 POV U . -27.40 20.19 -41.56
C39 POV U . -26.61 18.96 -41.92
H310 POV U . -27.85 17.36 -41.59
H31A POV U . -27.34 18.00 -40.26
H311 POV U . -26.38 15.83 -41.40
H31B POV U . -25.27 16.88 -41.69
H312 POV U . -24.50 16.19 -39.78
H31C POV U . -25.44 17.29 -39.19
H313 POV U . -26.57 14.72 -39.47
H31D POV U . -25.51 14.93 -38.33
H34 POV U . -29.87 24.52 -44.12
H314 POV U . -27.57 16.79 -38.33
H34A POV U . -30.58 23.14 -43.83
H31E POV U . -28.04 15.33 -38.02
H35 POV U . -28.14 22.62 -44.89
H315 POV U . -26.40 15.26 -36.24
H35A POV U . -27.94 23.63 -43.71
H31F POV U . -26.07 16.75 -36.51
H36 POV U . -29.16 22.06 -42.30
H316 POV U . -27.54 16.30 -34.68
H36A POV U . -29.08 21.04 -43.49
H31G POV U . -28.12 17.38 -35.68
H31H POV U . -28.65 15.88 -35.73
H37 POV U . -26.72 21.02 -43.31
H37A POV U . -26.80 22.07 -42.15
H38 POV U . -27.09 20.51 -40.69
H38A POV U . -28.34 19.95 -41.44
H39 POV U . -25.67 19.12 -41.75
H39A POV U . -26.70 18.76 -42.87
N POV V . -40.08 8.92 -28.70
P POV V . -38.41 10.94 -24.66
C1 POV V . -37.04 13.15 -25.21
C2 POV V . -35.60 12.94 -24.85
C3 POV V . -34.78 12.39 -25.97
C210 POV V . -29.35 10.04 -17.40
C310 POV V . -28.72 14.23 -18.35
C11 POV V . -40.09 9.65 -26.24
O11 POV V . -37.63 11.92 -25.66
C211 POV V . -28.88 8.66 -17.73
C311 POV V . -28.19 12.98 -19.02
C12 POV V . -39.59 9.88 -27.65
O12 POV V . -39.79 10.82 -25.46
C212 POV V . -29.34 7.63 -16.72
C312 POV V . -26.93 12.42 -18.41
C13 POV V . -39.18 9.00 -29.90
O13 POV V . -37.71 9.64 -24.60
C213 POV V . -28.93 7.95 -15.30
C313 POV V . -25.65 12.98 -19.00
C14 POV V . -40.08 7.51 -28.20
O14 POV V . -38.74 11.64 -23.40
C214 POV V . -30.07 8.42 -14.44
C314 POV V . -24.45 12.91 -18.09
C15 POV V . -41.47 9.29 -29.12
C215 POV V . -29.64 9.12 -13.16
C315 POV V . -24.61 13.72 -16.82
C216 POV V . -29.42 10.61 -13.32
C316 POV V . -23.37 14.44 -16.39
C217 POV V . -29.14 11.34 -12.02
C218 POV V . -30.28 11.34 -11.05
C21 POV V . -35.99 12.16 -22.55
O21 POV V . -35.54 11.92 -23.80
C22 POV V . -35.75 13.56 -22.07
O22 POV V . -36.57 11.33 -21.89
C23 POV V . -35.82 13.74 -20.56
C24 POV V . -34.48 13.59 -19.85
C25 POV V . -33.78 12.28 -20.13
C26 POV V . -33.06 11.70 -18.95
C27 POV V . -31.83 12.48 -18.50
C28 POV V . -31.08 11.86 -17.32
C29 POV V . -30.56 10.49 -17.61
C31 POV V . -32.68 13.04 -25.06
O31 POV V . -33.54 13.12 -26.07
C32 POV V . -31.47 13.88 -25.32
O32 POV V . -32.86 12.42 -24.05
C33 POV V . -31.53 15.23 -24.64
C34 POV V . -30.80 15.28 -23.32
C35 POV V . -31.68 15.00 -22.13
C36 POV V . -30.94 14.92 -20.80
C37 POV V . -30.13 16.15 -20.44
C38 POV V . -28.64 15.90 -20.31
C39 POV V . -28.20 15.54 -18.90
H29 POV V . -31.19 9.85 -17.98
H1 POV V . -37.56 13.50 -24.46
H1A POV V . -37.06 13.81 -25.94
H2 POV V . -35.21 13.81 -24.63
H3 POV V . -34.62 11.43 -25.82
H3A POV V . -35.27 12.50 -26.81
H310 POV V . -29.70 14.22 -18.42
H31A POV V . -28.52 14.19 -17.40
H210 POV V . -28.68 10.64 -17.01
H11 POV V . -39.60 8.89 -25.85
H11A POV V . -41.03 9.40 -26.23
H211 POV V . -29.27 8.43 -18.60
H21A POV V . -27.92 8.60 -17.86
H311 POV V . -28.88 12.29 -19.01
H31B POV V . -28.01 13.19 -19.96
H12 POV V . -38.62 9.83 -27.67
H12A POV V . -39.88 10.77 -27.94
H22 POV V . -34.84 13.82 -22.35
H212 POV V . -30.32 7.55 -16.76
H22A POV V . -36.39 14.16 -22.50
H21B POV V . -28.98 6.76 -16.97
H32 POV V . -30.68 13.39 -25.05
H312 POV V . -26.96 12.55 -17.44
H32A POV V . -31.45 14.02 -26.29
H31C POV V . -26.93 11.44 -18.54
H13 POV V . -39.05 9.94 -30.10
H13A POV V . -38.34 8.57 -29.66
H13B POV V . -39.59 8.55 -30.67
H23 POV V . -36.18 14.63 -20.36
H213 POV V . -28.55 7.14 -14.90
H23A POV V . -36.46 13.10 -20.19
H21C POV V . -28.23 8.63 -15.30
H33 POV V . -31.20 15.93 -25.23
H313 POV V . -25.42 12.49 -19.82
H33A POV V . -32.48 15.44 -24.48
H31D POV V . -25.79 13.91 -19.27
H14 POV V . -40.89 7.37 -27.67
H14A POV V . -40.07 6.90 -28.96
H14B POV V . -39.28 7.38 -27.65
H24 POV V . -33.90 14.33 -20.14
H214 POV V . -30.65 9.02 -14.95
H24A POV V . -34.61 13.69 -18.89
H21D POV V . -30.60 7.64 -14.20
H34 POV V . -30.04 14.68 -23.30
H314 POV V . -23.67 13.23 -18.58
H34A POV V . -30.44 16.18 -23.22
H31E POV V . -24.28 11.98 -17.85
H15 POV V . -41.97 9.67 -28.36
H15A POV V . -41.40 9.98 -29.81
H15B POV V . -41.91 8.50 -29.49
H25 POV V . -33.14 12.40 -20.87
H215 POV V . -28.82 8.71 -12.83
H25A POV V . -34.44 11.62 -20.43
H21E POV V . -30.32 8.98 -12.48
H35 POV V . -32.36 15.71 -22.07
H315 POV V . -25.35 14.35 -16.95
H35A POV V . -32.16 14.17 -22.29
H31F POV V . -24.90 13.11 -16.12
H26 POV V . -33.68 11.62 -18.20
H216 POV V . -28.69 10.77 -13.95
H26A POV V . -32.79 10.80 -19.21
H21F POV V . -30.23 11.00 -13.73
H36 POV V . -31.59 14.77 -20.08
H316 POV V . -23.58 15.06 -15.67
H36A POV V . -30.35 14.14 -20.82
H31G POV V . -22.71 13.81 -16.03
H31H POV V . -22.96 14.95 -17.12
H27 POV V . -31.22 12.57 -19.26
H217 POV V . -28.36 10.93 -11.58
H27A POV V . -32.10 13.39 -18.26
H21G POV V . -28.90 12.27 -12.20
H37 POV V . -30.27 16.87 -21.09
H37A POV V . -30.46 16.50 -19.59
H28 POV V . -30.37 12.46 -17.03
H218 POV V . -30.15 11.99 -10.33
H28A POV V . -31.69 11.79 -16.57
H21H POV V . -30.39 10.45 -10.63
H21J POV V . -31.12 11.56 -11.51
H38 POV V . -28.36 15.21 -20.95
H38A POV V . -28.18 16.71 -20.59
H39 POV V . -28.53 16.22 -18.30
H39A POV V . -27.23 15.58 -18.85
N POV W . -39.34 12.81 -36.07
P POV W . -41.67 14.70 -33.01
C1 POV W . -41.59 16.33 -30.97
C2 POV W . -40.33 17.00 -30.46
C3 POV W . -39.09 16.33 -30.95
C210 POV W . -33.38 18.18 -20.44
C310 POV W . -32.93 25.19 -30.78
C11 POV W . -39.48 14.89 -34.49
O11 POV W . -41.55 16.17 -32.40
C211 POV W . -32.51 19.16 -21.15
C311 POV W . -32.80 25.06 -29.27
C12 POV W . -38.97 14.28 -35.78
O12 POV W . -40.93 14.91 -34.41
C212 POV W . -32.18 20.42 -20.32
C312 POV W . -32.87 26.37 -28.50
C13 POV W . -40.26 12.77 -37.25
O13 POV W . -40.89 13.76 -32.17
C213 POV W . -32.89 21.70 -20.75
C313 POV W . -31.53 27.05 -28.27
C14 POV W . -38.09 12.09 -36.43
O14 POV W . -43.09 14.43 -33.29
C214 POV W . -31.94 22.81 -21.16
C314 POV W . -31.50 27.87 -26.99
C15 POV W . -40.00 12.09 -34.93
C215 POV W . -31.34 22.64 -22.55
C315 POV W . -31.04 27.07 -25.79
C216 POV W . -32.29 23.04 -23.66
C316 POV W . -30.92 27.92 -24.55
C217 POV W . -32.34 22.07 -24.82
C218 POV W . -33.35 22.48 -25.84
C21 POV W . -39.51 17.63 -28.28
O21 POV W . -40.39 16.92 -29.00
C22 POV W . -39.77 17.48 -26.81
O22 POV W . -38.63 18.30 -28.75
C23 POV W . -38.99 16.38 -26.13
C24 POV W . -37.48 16.62 -26.10
C25 POV W . -36.83 16.48 -24.72
C26 POV W . -36.62 17.81 -24.03
C27 POV W . -36.17 17.70 -22.58
C28 POV W . -34.72 17.28 -22.40
C29 POV W . -34.30 17.39 -20.95
C31 POV W . -37.20 17.23 -32.12
O31 POV W . -38.06 17.34 -31.11
C32 POV W . -36.20 18.34 -32.10
O32 POV W . -37.20 16.35 -32.93
C33 POV W . -34.79 17.80 -32.06
C34 POV W . -33.70 18.80 -31.73
C35 POV W . -33.92 19.65 -30.51
C36 POV W . -32.74 20.51 -30.19
C37 POV W . -33.06 21.97 -30.06
C38 POV W . -33.26 22.70 -31.38
C39 POV W . -32.43 23.97 -31.55
H29 POV W . -34.79 16.80 -20.34
H1 POV W . -42.38 16.85 -30.74
H1A POV W . -41.66 15.45 -30.53
H2 POV W . -40.31 17.94 -30.75
H3 POV W . -38.81 15.66 -30.29
H3A POV W . -39.25 15.88 -31.81
H310 POV W . -33.87 25.33 -30.99
H31A POV W . -32.45 25.98 -31.07
H210 POV W . -33.22 18.10 -19.47
H11 POV W . -39.14 14.41 -33.71
H11A POV W . -39.12 15.79 -34.40
H211 POV W . -31.66 18.71 -21.35
H21A POV W . -32.88 19.42 -22.02
H311 POV W . -33.50 24.47 -28.93
H31B POV W . -31.95 24.61 -29.07
H12 POV W . -37.99 14.33 -35.78
H12A POV W . -39.29 14.81 -36.53
H22 POV W . -39.54 18.34 -26.38
H212 POV W . -32.40 20.25 -19.37
H22A POV W . -40.73 17.33 -26.69
H21B POV W . -31.22 20.56 -20.34
H32 POV W . -36.33 18.91 -32.89
H312 POV W . -33.46 26.98 -28.98
H32A POV W . -36.41 18.85 -31.29
H31C POV W . -33.30 26.19 -27.63
H13 POV W . -41.05 13.32 -37.04
H13A POV W . -39.79 13.14 -38.03
H13B POV W . -40.53 11.85 -37.44
H23 POV W . -39.33 16.26 -25.22
H213 POV W . -33.49 21.52 -21.49
H23A POV W . -39.16 15.53 -26.59
H21C POV W . -33.44 22.02 -20.01
H33 POV W . -34.76 17.06 -31.41
H313 POV W . -30.82 26.38 -28.22
H33A POV W . -34.60 17.40 -32.94
H31D POV W . -31.33 27.63 -29.03
H14 POV W . -37.65 12.55 -37.18
H14A POV W . -37.49 12.06 -35.65
H14B POV W . -38.32 11.18 -36.69
H24 POV W . -37.05 16.01 -26.72
H214 POV W . -31.22 22.88 -20.50
H24A POV W . -37.31 17.53 -26.43
H21D POV W . -32.42 23.67 -21.13
H34 POV W . -33.53 19.39 -32.48
H314 POV W . -32.40 28.22 -26.81
H34A POV W . -32.86 18.31 -31.59
H31E POV W . -30.92 28.65 -27.11
H15 POV W . -40.07 11.14 -35.16
H15A POV W . -39.43 12.16 -34.15
H15B POV W . -40.88 12.48 -34.76
H25 POV W . -37.37 15.90 -24.14
H215 POV W . -31.07 21.71 -22.67
H25A POV W . -35.97 16.03 -24.82
H21E POV W . -30.52 23.18 -22.61
H35 POV W . -34.69 20.24 -30.66
H315 POV W . -31.65 26.33 -25.62
H35A POV W . -34.15 19.07 -29.76
H31F POV W . -30.17 26.68 -25.98
H26 POV W . -35.93 18.31 -24.52
H216 POV W . -32.02 23.92 -24.00
H26A POV W . -37.44 18.34 -24.07
H21F POV W . -33.19 23.14 -23.30
H36 POV W . -32.32 20.21 -29.36
H316 POV W . -31.73 28.46 -24.42
H36A POV W . -32.07 20.38 -30.89
H31G POV W . -30.80 27.37 -23.75
H31H POV W . -30.16 28.53 -24.62
H27 POV W . -36.31 18.56 -22.14
H217 POV W . -32.57 21.17 -24.51
H27A POV W . -36.74 17.05 -22.13
H21G POV W . -31.46 22.02 -25.25
H37 POV W . -33.85 22.09 -29.50
H37A POV W . -32.32 22.40 -29.58
H28 POV W . -34.15 17.80 -22.99
H218 POV W . -34.26 22.34 -25.50
H28A POV W . -34.62 16.35 -22.66
H21H POV W . -33.25 21.97 -26.67
H21J POV W . -33.26 23.43 -26.05
H38 POV W . -33.05 22.08 -32.12
H38A POV W . -34.21 22.93 -31.47
H39 POV W . -32.39 24.19 -32.49
H39A POV W . -31.52 23.79 -31.27
N POV X . -10.26 23.76 -5.75
P POV X . -14.25 21.91 -5.51
C1 POV X . -14.71 19.38 -6.01
C2 POV X . -16.21 19.14 -5.92
C3 POV X . -16.66 18.01 -6.81
C210 POV X . -21.82 23.98 -13.83
C310 POV X . -23.57 17.90 -14.68
C11 POV X . -12.47 23.53 -4.45
O11 POV X . -14.34 20.38 -5.05
C211 POV X . -22.94 24.83 -14.32
C311 POV X . -24.60 17.69 -15.78
C12 POV X . -11.13 22.94 -4.81
O12 POV X . -13.43 22.46 -4.26
C212 POV X . -23.33 24.57 -15.78
C312 POV X . -24.00 17.79 -17.18
C13 POV X . -10.78 23.62 -7.15
O13 POV X . -15.60 22.51 -5.56
C213 POV X . -23.86 23.17 -16.09
C313 POV X . -24.91 17.23 -18.27
C14 POV X . -10.27 25.20 -5.37
O14 POV X . -13.37 21.99 -6.70
C214 POV X . -25.34 22.97 -15.83
C314 POV X . -26.02 18.17 -18.74
C15 POV X . -8.86 23.26 -5.70
C215 POV X . -25.88 21.72 -16.50
C315 POV X . -27.10 18.49 -17.72
C216 POV X . -26.40 21.95 -17.90
C316 POV X . -28.40 18.99 -18.31
C217 POV X . -27.82 22.47 -17.95
C218 POV X . -28.33 22.63 -19.35
C21 POV X . -18.11 20.62 -5.73
O21 POV X . -16.89 20.40 -6.26
C22 POV X . -18.60 22.00 -6.05
O22 POV X . -18.72 19.80 -5.09
C23 POV X . -20.06 22.05 -6.47
C24 POV X . -20.23 22.40 -7.93
C25 POV X . -21.67 22.61 -8.37
C26 POV X . -21.80 23.02 -9.82
C27 POV X . -21.26 24.41 -10.13
C28 POV X . -21.65 24.94 -11.52
C29 POV X . -21.29 24.01 -12.63
C31 POV X . -18.50 18.55 -8.26
O31 POV X . -17.18 18.44 -8.10
C32 POV X . -18.85 18.90 -9.67
O32 POV X . -19.30 18.39 -7.38
C33 POV X . -19.75 17.87 -10.31
C34 POV X . -19.83 17.97 -11.82
C35 POV X . -20.24 19.33 -12.35
C36 POV X . -21.49 19.94 -11.70
C37 POV X . -22.78 19.17 -11.87
C38 POV X . -23.72 19.72 -12.94
C39 POV X . -23.31 19.34 -14.34
H29 POV X . -20.60 23.36 -12.42
H1 POV X . -14.21 18.56 -5.80
H1A POV X . -14.49 19.67 -6.91
H2 POV X . -16.43 18.89 -5.01
H3 POV X . -15.89 17.44 -6.98
H3A POV X . -17.34 17.49 -6.35
H310 POV X . -23.86 17.43 -13.88
H31A POV X . -22.73 17.49 -14.97
H210 POV X . -21.45 23.35 -14.48
H11 POV X . -12.39 24.01 -3.59
H11A POV X . -12.78 24.17 -5.11
H211 POV X . -23.72 24.67 -13.74
H21A POV X . -22.73 25.78 -14.22
H311 POV X . -25.04 16.83 -15.66
H31B POV X . -25.28 18.37 -15.66
H12 POV X . -11.25 22.07 -5.25
H12A POV X . -10.60 22.80 -4.00
H22 POV X . -18.46 22.56 -5.26
H212 POV X . -23.99 25.23 -16.08
H22A POV X . -18.04 22.35 -6.78
H21B POV X . -22.54 24.71 -16.34
H32 POV X . -19.28 19.78 -9.68
H312 POV X . -23.80 18.72 -17.37
H32A POV X . -18.01 18.96 -10.17
H31C POV X . -23.17 17.30 -17.21
H13 POV X . -10.26 24.21 -7.73
H13A POV X . -10.66 22.69 -7.43
H13B POV X . -11.73 23.85 -7.20
H23 POV X . -20.49 21.19 -6.28
H213 POV X . -23.66 22.95 -17.02
H23A POV X . -20.54 22.71 -5.92
H21C POV X . -23.39 22.53 -15.54
H33 POV X . -19.42 16.97 -10.08
H313 POV X . -24.36 17.01 -19.03
H33A POV X . -20.65 17.95 -9.93
H31D POV X . -25.31 16.42 -17.95
H14 POV X . -10.26 25.27 -4.40
H14A POV X . -9.48 25.63 -5.75
H14B POV X . -11.08 25.63 -5.74
H24 POV X . -19.83 21.69 -8.46
H214 POV X . -25.85 23.74 -16.15
H24A POV X . -19.72 23.22 -8.11
H21D POV X . -25.51 22.90 -14.86
H34 POV X . -20.45 17.29 -12.16
H314 POV X . -26.44 17.77 -19.53
H34A POV X . -18.95 17.74 -12.19
H31E POV X . -25.62 19.01 -19.05
H15 POV X . -8.82 22.30 -5.88
H15A POV X . -8.34 23.72 -6.40
H15B POV X . -8.48 23.46 -4.82
H25 POV X . -22.16 21.78 -8.23
H215 POV X . -26.59 21.33 -15.95
H25A POV X . -22.08 23.28 -7.79
H21E POV X . -25.16 21.05 -16.53
H35 POV X . -19.50 19.94 -12.24
H315 POV X . -27.27 17.71 -17.16
H35A POV X . -20.38 19.24 -13.32
H31F POV X . -26.77 19.20 -17.12
H26 POV X . -21.31 22.38 -10.37
H216 POV X . -26.34 21.12 -18.42
H26A POV X . -22.73 22.97 -10.10
H21F POV X . -25.82 22.59 -18.35
H36 POV X . -21.32 20.08 -10.75
H316 POV X . -28.73 18.38 -18.99
H36A POV X . -21.61 20.83 -12.09
H31G POV X . -29.09 19.07 -17.62
H31H POV X . -28.30 19.87 -18.72
H27 POV X . -21.56 25.04 -9.45
H217 POV X . -27.86 23.34 -17.50
H27A POV X . -20.28 24.39 -10.07
H21G POV X . -28.41 21.86 -17.46
H37 POV X . -22.58 18.24 -12.07
H37A POV X . -23.25 19.16 -11.01
H28 POV X . -22.60 25.16 -11.52
H218 POV X . -27.91 21.98 -19.95
H28A POV X . -21.18 25.78 -11.68
H21H POV X . -28.18 23.53 -19.69
H21J POV X . -29.30 22.45 -19.35
H38 POV X . -23.75 20.69 -12.86
H38A POV X . -24.61 19.39 -12.78
H39 POV X . -22.35 19.50 -14.43
H39A POV X . -23.75 19.94 -14.98
N POV Y . -19.13 2.95 -46.93
P POV Y . -17.54 6.74 -46.51
C1 POV Y . -15.54 5.95 -45.01
C2 POV Y . -14.99 7.14 -44.25
C3 POV Y . -15.30 7.06 -42.77
C210 POV Y . -10.63 13.60 -41.93
C310 POV Y . -8.92 10.92 -36.91
C11 POV Y . -18.69 5.13 -48.26
O11 POV Y . -16.97 6.10 -45.17
C211 POV Y . -9.34 12.92 -41.63
C311 POV Y . -7.43 10.98 -37.15
C12 POV Y . -19.67 4.23 -47.55
O12 POV Y . -17.55 5.43 -47.42
C212 POV Y . -8.28 13.91 -41.15
C312 POV Y . -6.63 11.39 -35.93
C13 POV Y . -18.18 2.24 -47.86
O13 POV Y . -16.59 7.72 -47.06
C213 POV Y . -7.30 13.33 -40.16
C313 POV Y . -5.72 12.58 -36.15
C14 POV Y . -18.41 3.24 -45.64
O14 POV Y . -18.94 7.13 -46.26
C214 POV Y . -6.02 14.13 -40.01
C314 POV Y . -6.45 13.93 -36.12
C15 POV Y . -20.27 2.03 -46.63
C215 POV Y . -6.20 15.57 -39.55
C315 POV Y . -5.55 15.16 -36.19
C216 POV Y . -6.51 16.58 -40.65
C316 POV Y . -4.16 14.95 -36.73
C217 POV Y . -6.24 18.00 -40.26
C218 POV Y . -7.11 18.96 -41.01
C21 POV Y . -14.91 9.52 -44.61
O21 POV Y . -15.58 8.36 -44.79
C22 POV Y . -15.64 10.67 -45.23
O22 POV Y . -13.86 9.60 -44.03
C23 POV Y . -14.76 11.87 -45.56
C24 POV Y . -15.31 13.18 -45.02
C25 POV Y . -14.36 14.35 -45.15
C26 POV Y . -14.29 15.27 -43.93
C27 POV Y . -13.10 14.99 -43.03
C28 POV Y . -13.13 13.64 -42.31
C29 POV Y . -11.81 13.02 -42.01
C31 POV Y . -17.21 6.37 -41.38
O31 POV Y . -16.67 6.60 -42.60
C32 POV Y . -16.30 6.62 -40.20
O32 POV Y . -18.34 6.01 -41.23
C33 POV Y . -16.11 8.09 -39.87
C34 POV Y . -14.64 8.53 -39.78
C35 POV Y . -14.43 10.01 -40.01
C36 POV Y . -13.53 10.67 -39.00
C37 POV Y . -12.07 10.29 -39.11
C38 POV Y . -11.23 10.76 -37.94
C39 POV Y . -9.74 10.57 -38.14
H29 POV Y . -11.84 12.06 -41.84
H1 POV Y . -15.14 5.89 -45.90
H1A POV Y . -15.34 5.13 -44.51
H2 POV Y . -14.02 7.16 -44.33
H3 POV Y . -14.65 6.46 -42.37
H3A POV Y . -15.24 7.95 -42.42
H310 POV Y . -9.11 10.26 -36.22
H31A POV Y . -9.22 11.78 -36.57
H210 POV Y . -10.58 14.57 -42.08
H11 POV Y . -18.35 4.71 -49.07
H11A POV Y . -19.13 5.96 -48.55
H211 POV Y . -9.50 12.25 -40.94
H21A POV Y . -9.00 12.44 -42.40
H311 POV Y . -7.11 10.09 -37.45
H31B POV Y . -7.23 11.60 -37.89
H12 POV Y . -20.34 3.95 -48.21
H12A POV Y . -20.13 4.73 -46.86
H22 POV Y . -16.06 10.35 -46.05
H212 POV Y . -7.80 14.27 -41.92
H22A POV Y . -16.34 10.95 -44.61
H21B POV Y . -8.74 14.66 -40.72
H32 POV Y . -16.76 6.22 -39.44
H312 POV Y . -7.23 11.58 -35.18
H32A POV Y . -15.44 6.15 -40.27
H31C POV Y . -6.07 10.63 -35.64
H13 POV Y . -17.37 2.78 -47.98
H13A POV Y . -17.94 1.37 -47.47
H13B POV Y . -18.61 2.10 -48.72
H23 POV Y . -13.86 11.73 -45.21
H213 POV Y . -7.74 13.30 -39.29
H23A POV Y . -14.67 11.94 -46.53
H21C POV Y . -7.09 12.41 -40.42
H33 POV Y . -16.57 8.63 -40.53
H313 POV Y . -5.01 12.58 -35.48
H33A POV Y . -16.55 8.27 -39.01
H31D POV Y . -5.29 12.47 -37.02
H14 POV Y . -18.89 3.94 -45.15
H14A POV Y . -18.38 2.42 -45.11
H14B POV Y . -17.49 3.53 -45.83
H24 POV Y . -16.14 13.38 -45.49
H214 POV Y . -5.43 13.67 -39.37
H24A POV Y . -15.54 13.05 -44.08
H21D POV Y . -5.54 14.13 -40.87
H34 POV Y . -14.11 8.04 -40.44
H314 POV Y . -6.97 13.98 -35.30
H34A POV Y . -14.27 8.26 -38.92
H31E POV Y . -7.10 13.96 -36.86
H15 POV Y . -20.84 1.89 -47.42
H15A POV Y . -19.92 1.16 -46.36
H15B POV Y . -20.78 2.40 -45.89
H25 POV Y . -13.46 14.01 -45.34
H215 POV Y . -6.93 15.60 -38.89
H25A POV Y . -14.61 14.88 -45.93
H21E POV Y . -5.40 15.86 -39.07
H35 POV Y . -14.05 10.14 -40.90
H315 POV Y . -5.47 15.56 -35.30
H35A POV Y . -15.29 10.47 -40.01
H31F POV Y . -5.97 15.84 -36.76
H26 POV Y . -14.24 16.19 -44.23
H216 POV Y . -7.45 16.51 -40.91
H26A POV Y . -15.12 15.19 -43.41
H21F POV Y . -5.98 16.35 -41.44
H36 POV Y . -13.60 11.65 -39.09
H316 POV Y . -4.19 14.52 -37.60
H36A POV Y . -13.84 10.45 -38.09
H31G POV Y . -3.69 15.80 -36.82
H31H POV Y . -3.63 14.38 -36.12
H27 POV Y . -13.05 15.71 -42.35
H217 POV Y . -5.31 18.22 -40.43
H27A POV Y . -12.29 15.07 -43.57
H21G POV Y . -6.39 18.12 -39.30
H37 POV Y . -12.00 9.31 -39.19
H37A POV Y . -11.71 10.67 -39.94
H28 POV Y . -13.67 13.73 -41.51
H218 POV Y . -8.06 18.82 -40.79
H28A POV Y . -13.60 12.98 -42.87
H21H POV Y . -7.01 18.86 -41.98
H21J POV Y . -6.88 19.89 -40.78
H38 POV Y . -11.42 11.70 -37.77
H38A POV Y . -11.50 10.27 -37.15
H39 POV Y . -9.44 11.12 -38.89
H39A POV Y . -9.57 9.64 -38.38
N POV Z . -13.63 17.75 1.18
P POV Z . -12.22 13.93 -0.51
C1 POV Z . -14.87 13.63 -0.39
C2 POV Z . -16.07 14.24 -1.07
C3 POV Z . -17.36 13.87 -0.38
C210 POV Z . -23.63 11.64 -8.21
C310 POV Z . -25.42 9.15 -2.95
C11 POV Z . -12.50 16.57 -0.80
O11 POV Z . -13.68 13.95 -1.16
C211 POV Z . -24.82 11.85 -9.08
C311 POV Z . -25.72 9.10 -4.45
C12 POV Z . -12.38 17.09 0.61
O12 POV Z . -11.69 15.37 -0.96
C212 POV Z . -24.46 11.74 -10.55
C312 POV Z . -24.69 8.37 -5.30
C13 POV Z . -14.24 18.70 0.21
O13 POV Z . -11.42 12.88 -1.15
C213 POV Z . -25.46 12.39 -11.48
C313 POV Z . -25.30 7.60 -6.44
C14 POV Z . -14.64 16.71 1.56
O14 POV Z . -12.35 13.93 0.97
C214 POV Z . -24.91 12.79 -12.82
C314 POV Z . -25.97 8.44 -7.52
C15 POV Z . -13.23 18.50 2.43
C215 POV Z . -25.58 14.04 -13.36
C315 POV Z . -27.19 7.76 -8.12
C216 POV Z . -27.08 13.88 -13.50
C316 POV Z . -27.61 8.31 -9.45
C217 POV Z . -27.72 14.81 -14.49
C218 POV Z . -29.17 14.46 -14.71
C21 POV Z . -16.24 14.50 -3.47
O21 POV Z . -16.09 13.68 -2.43
C22 POV Z . -16.24 13.74 -4.75
O22 POV Z . -16.37 15.70 -3.37
C23 POV Z . -16.79 14.54 -5.93
C24 POV Z . -18.29 14.74 -5.91
C25 POV Z . -18.94 14.69 -7.28
C26 POV Z . -20.44 14.67 -7.27
C27 POV Z . -21.06 14.34 -8.62
C28 POV Z . -22.51 13.88 -8.54
C29 POV Z . -22.65 12.50 -7.99
C31 POV Z . -18.82 15.87 -0.14
O31 POV Z . -17.89 15.00 0.35
C32 POV Z . -19.24 15.69 -1.57
O32 POV Z . -19.30 16.74 0.54
C33 POV Z . -20.54 14.89 -1.72
C34 POV Z . -21.08 14.85 -3.14
C35 POV Z . -22.54 14.42 -3.28
C36 POV Z . -23.07 13.55 -2.14
C37 POV Z . -24.41 12.87 -2.40
C38 POV Z . -24.29 11.41 -2.83
C39 POV Z . -25.43 10.53 -2.35
H29 POV Z . -21.92 12.20 -7.41
H1 POV Z . -14.77 13.98 0.52
H1A POV Z . -14.98 12.66 -0.35
H2 POV Z . -15.98 15.21 -1.06
H3 POV Z . -17.96 13.45 -1.02
H3A POV Z . -17.14 13.20 0.31
H310 POV Z . -26.08 8.60 -2.47
H31A POV Z . -24.55 8.75 -2.78
H210 POV Z . -23.59 10.77 -7.77
H11 POV Z . -13.43 16.35 -1.01
H11A POV Z . -12.24 17.26 -1.44
H211 POV Z . -25.47 11.16 -8.86
H21A POV Z . -25.24 12.70 -8.90
H311 POV Z . -26.59 8.67 -4.57
H31B POV Z . -25.83 10.02 -4.78
H12 POV Z . -11.69 17.78 0.64
H12A POV Z . -12.13 16.38 1.22
H22 POV Z . -15.32 13.47 -4.94
H212 POV Z . -23.56 12.12 -10.70
H22A POV Z . -16.79 12.94 -4.63
H21B POV Z . -24.38 10.79 -10.79
H32 POV Z . -19.45 16.59 -1.89
H312 POV Z . -24.05 9.02 -5.65
H32A POV Z . -18.56 15.35 -2.18
H31C POV Z . -24.17 7.75 -4.75
H13 POV Z . -13.52 19.19 -0.22
H13A POV Z . -14.75 18.20 -0.45
H13B POV Z . -14.85 19.32 0.68
H23 POV Z . -16.35 15.42 -5.92
H213 POV Z . -26.21 11.76 -11.62
H23A POV Z . -16.51 14.12 -6.77
H21C POV Z . -25.85 13.17 -11.04
H33 POV Z . -20.38 13.97 -1.41
H313 POV Z . -24.60 7.06 -6.87
H33A POV Z . -21.20 15.28 -1.11
H31D POV Z . -25.96 6.97 -6.10
H14 POV Z . -14.91 16.23 0.76
H14A POV Z . -14.23 16.08 2.20
H14B POV Z . -15.41 17.15 1.98
H24 POV Z . -18.70 14.06 -5.33
H214 POV Z . -23.95 12.94 -12.78
H24A POV Z . -18.49 15.60 -5.50
H21D POV Z . -25.05 12.08 -13.47
H34 POV Z . -20.98 15.73 -3.55
H314 POV Z . -26.22 9.32 -7.15
H34A POV Z . -20.51 14.24 -3.67
H31E POV Z . -25.32 8.63 -8.23
H15 POV Z . -13.99 18.60 3.03
H15A POV Z . -12.53 17.99 2.88
H15B POV Z . -12.88 19.38 2.16
H25 POV Z . -18.63 15.46 -7.81
H215 POV Z . -25.41 14.77 -12.73
H25A POV Z . -18.62 13.88 -7.74
H21E POV Z . -25.19 14.30 -14.20
H35 POV Z . -23.11 15.22 -3.36
H315 POV Z . -27.02 6.80 -8.21
H35A POV Z . -22.65 13.93 -4.12
H31F POV Z . -27.94 7.86 -7.50
H26 POV Z . -20.75 14.03 -6.59
H216 POV Z . -27.27 12.96 -13.76
H26A POV Z . -20.76 15.55 -6.97
H21F POV Z . -27.48 14.02 -12.63
H36 POV Z . -22.40 12.89 -1.92
H316 POV Z . -28.49 7.94 -9.71
H36A POV Z . -23.18 14.13 -1.36
H31G POV Z . -27.68 9.28 -9.44
H31H POV Z . -26.98 8.05 -10.16
H27 POV Z . -21.01 15.13 -9.19
H217 POV Z . -27.67 15.74 -14.18
H27A POV Z . -20.53 13.65 -9.05
H21G POV Z . -27.25 14.77 -15.35
H37 POV Z . -24.96 12.92 -1.59
H37A POV Z . -24.89 13.37 -3.09
H28 POV Z . -23.04 14.53 -8.03
H218 POV Z . -29.25 13.58 -15.13
H28A POV Z . -22.90 13.90 -9.44
H21H POV Z . -29.66 14.44 -13.87
H21J POV Z . -29.61 15.12 -15.30
H38 POV Z . -24.23 11.36 -3.79
H38A POV Z . -23.48 11.02 -2.46
H39 POV Z . -26.28 10.99 -2.49
H39A POV Z . -25.33 10.44 -1.38
N POV AA . -24.33 -7.38 -41.08
P POV AA . -20.12 -4.78 -41.47
C1 POV AA . -20.01 -2.16 -41.21
C2 POV AA . -19.41 -1.08 -42.09
C3 POV AA . -18.07 -1.44 -42.69
C210 POV AA . -12.99 3.93 -35.38
C310 POV AA . -10.93 0.24 -34.07
C11 POV AA . -22.68 -5.42 -41.47
O11 POV AA . -20.34 -3.30 -42.02
C211 POV AA . -13.59 4.91 -34.43
C311 POV AA . -11.79 1.21 -33.27
C12 POV AA . -22.93 -6.79 -40.88
O12 POV AA . -21.40 -5.45 -42.15
C212 POV AA . -12.71 5.26 -33.24
C312 POV AA . -10.99 2.34 -32.63
C13 POV AA . -24.68 -7.54 -42.52
O13 POV AA . -18.88 -5.36 -42.05
C213 POV AA . -12.78 6.74 -32.87
C313 POV AA . -9.76 1.87 -31.86
C14 POV AA . -24.37 -8.74 -40.43
O14 POV AA . -20.31 -4.79 -40.01
C214 POV AA . -12.54 7.03 -31.40
C314 POV AA . -9.04 2.96 -31.11
C15 POV AA . -25.36 -6.50 -40.41
C215 POV AA . -11.10 6.87 -30.95
C315 POV AA . -7.76 2.48 -30.50
C216 POV AA . -10.81 7.51 -29.62
C316 POV AA . -7.07 3.57 -29.77
C217 POV AA . -9.41 7.27 -29.11
C218 POV AA . -9.30 6.05 -28.24
C21 POV AA . -19.38 1.32 -41.89
O21 POV AA . -19.25 0.13 -41.28
C22 POV AA . -19.15 2.44 -40.92
O22 POV AA . -19.64 1.45 -43.06
C23 POV AA . -17.68 2.85 -40.81
C24 POV AA . -16.80 1.79 -40.16
C25 POV AA . -16.87 1.80 -38.66
C26 POV AA . -15.60 2.26 -37.97
C27 POV AA . -15.12 3.61 -38.44
C28 POV AA . -14.43 4.43 -37.36
C29 POV AA . -13.38 3.69 -36.62
C31 POV AA . -16.91 -3.24 -41.41
O31 POV AA . -17.69 -2.83 -42.44
C32 POV AA . -16.49 -2.19 -40.41
O32 POV AA . -16.56 -4.39 -41.29
C33 POV AA . -15.15 -1.54 -40.72
C34 POV AA . -14.03 -2.04 -39.81
C35 POV AA . -14.11 -1.52 -38.39
C36 POV AA . -13.07 -2.11 -37.47
C37 POV AA . -11.77 -1.34 -37.45
C38 POV AA . -11.75 -0.19 -36.46
C39 POV AA . -11.71 -0.65 -35.00
H29 POV AA . -12.96 2.95 -37.10
H1 POV AA . -20.83 -1.84 -40.77
H1A POV AA . -19.37 -2.40 -40.50
H2 POV AA . -20.03 -0.93 -42.82
H3 POV AA . -18.19 -1.36 -43.67
H3A POV AA . -17.38 -0.80 -42.45
H310 POV AA . -10.26 0.76 -34.56
H31A POV AA . -10.44 -0.31 -33.44
H210 POV AA . -12.20 3.45 -35.05
H11 POV AA . -23.36 -5.17 -42.13
H11A POV AA . -22.71 -4.73 -40.78
H211 POV AA . -13.79 5.71 -34.95
H21A POV AA . -14.45 4.60 -34.11
H311 POV AA . -12.49 1.58 -33.84
H31B POV AA . -12.25 0.74 -32.56
H12 POV AA . -22.80 -6.74 -39.91
H12A POV AA . -22.31 -7.43 -41.26
H22 POV AA . -19.68 3.21 -41.22
H212 POV AA . -12.99 4.73 -32.47
H22A POV AA . -19.48 2.15 -40.04
H21B POV AA . -11.78 5.03 -33.43
H32 POV AA . -17.17 -1.52 -40.23
H312 POV AA . -10.69 2.97 -33.31
H32A POV AA . -16.36 -2.70 -39.58
H31C POV AA . -11.57 2.84 -32.02
H13 POV AA . -23.92 -7.94 -42.98
H13A POV AA . -25.46 -8.11 -42.60
H13B POV AA . -24.89 -6.66 -42.92
H23 POV AA . -17.35 3.05 -41.71
H213 POV AA . -12.10 7.22 -33.38
H23A POV AA . -17.62 3.68 -40.32
H21C POV AA . -13.64 7.11 -33.13
H33 POV AA . -14.90 -1.71 -41.66
H313 POV AA . -10.02 1.17 -31.22
H33A POV AA . -15.23 -0.57 -40.63
H31D POV AA . -9.11 1.47 -32.47
H14 POV AA . -23.61 -8.84 -39.82
H14A POV AA . -24.33 -9.42 -41.12
H14B POV AA . -25.20 -8.83 -39.92
H24 POV AA . -17.06 0.90 -40.47
H214 POV AA . -12.82 7.94 -31.19
H24A POV AA . -15.88 1.92 -40.45
H21D POV AA . -13.08 6.43 -30.86
H34 POV AA . -14.06 -3.01 -39.78
H314 POV AA . -8.85 3.71 -31.72
H34A POV AA . -13.16 -1.80 -40.19
H31E POV AA . -9.63 3.32 -30.41
H15 POV AA . -25.36 -5.60 -40.80
H15A POV AA . -26.24 -6.89 -40.58
H15B POV AA . -25.18 -6.49 -39.45
H25 POV AA . -17.61 2.38 -38.38
H215 POV AA . -10.87 5.92 -30.90
H25A POV AA . -17.09 0.90 -38.35
H21E POV AA . -10.51 7.27 -31.60
H35 POV AA . -13.99 -0.55 -38.41
H315 POV AA . -7.95 1.75 -29.88
H35A POV AA . -15.00 -1.69 -38.03
H31F POV AA . -7.17 2.13 -31.19
H26 POV AA . -15.75 2.30 -37.01
H216 POV AA . -10.96 8.48 -29.70
H26A POV AA . -14.90 1.61 -38.12
H21F POV AA . -11.45 7.18 -28.96
H36 POV AA . -13.43 -2.16 -36.57
H316 POV AA . -6.21 3.24 -29.41
H36A POV AA . -12.89 -3.03 -37.76
H31G POV AA . -6.89 4.32 -30.35
H31H POV AA . -7.61 3.87 -29.01
H27 POV AA . -14.49 3.47 -39.18
H217 POV AA . -8.81 7.15 -29.89
H27A POV AA . -15.87 4.12 -38.79
H21G POV AA . -9.08 8.04 -28.62
H37 POV AA . -11.04 -1.95 -37.24
H37A POV AA . -11.61 -0.98 -38.34
H28 POV AA . -14.06 5.25 -37.77
H218 POV AA . -8.37 5.86 -28.00
H28A POV AA . -15.10 4.74 -36.72
H21H POV AA . -9.81 6.18 -27.43
H21J POV AA . -9.66 5.27 -28.71
H38 POV AA . -10.98 0.38 -36.66
H38A POV AA . -12.55 0.36 -36.59
H39 POV AA . -11.33 -1.55 -34.97
H39A POV AA . -12.63 -0.73 -34.68
N POV BA . -39.91 4.62 -23.29
P POV BA . -41.08 3.35 -19.49
C1 POV BA . -40.31 3.70 -16.98
C2 POV BA . -39.64 4.94 -16.49
C3 POV BA . -38.93 5.65 -17.60
C210 POV BA . -30.71 4.88 -8.56
C310 POV BA . -32.28 4.32 -16.75
C11 POV BA . -40.97 5.46 -21.09
O11 POV BA . -41.21 4.05 -18.06
C211 POV BA . -30.23 5.69 -7.41
C311 POV BA . -31.51 4.13 -15.47
C12 POV BA . -41.16 4.95 -22.50
O12 POV BA . -40.28 4.49 -20.27
C212 POV BA . -31.18 5.57 -6.21
C312 POV BA . -30.45 3.05 -15.55
C13 POV BA . -40.29 4.57 -24.74
O13 POV BA . -40.24 2.13 -19.40
C213 POV BA . -30.78 6.38 -4.99
C313 POV BA . -29.05 3.57 -15.31
C14 POV BA . -38.85 5.66 -23.10
O14 POV BA . -42.44 3.24 -20.06
C214 POV BA . -29.85 5.67 -4.02
C314 POV BA . -28.77 3.90 -13.88
C15 POV BA . -39.36 3.28 -22.88
C215 POV BA . -28.58 5.18 -4.66
C315 POV BA . -27.40 4.45 -13.67
C216 POV BA . -27.51 4.74 -3.70
C316 POV BA . -27.29 5.21 -12.42
C217 POV BA . -26.97 5.88 -2.91
C218 POV BA . -25.58 5.67 -2.46
C21 POV BA . -38.21 5.53 -14.67
O21 POV BA . -38.60 4.58 -15.53
C22 POV BA . -37.03 5.07 -13.87
O22 POV BA . -38.75 6.60 -14.55
C23 POV BA . -36.14 6.23 -13.48
C24 POV BA . -34.84 5.75 -12.96
C25 POV BA . -34.03 6.79 -12.27
C26 POV BA . -32.59 6.41 -12.21
C27 POV BA . -31.80 7.12 -11.15
C28 POV BA . -32.05 6.62 -9.76
C29 POV BA . -31.50 5.26 -9.53
C31 POV BA . -39.21 7.77 -18.79
O31 POV BA . -39.61 6.90 -17.84
C32 POV BA . -38.03 7.31 -19.62
O32 POV BA . -39.74 8.84 -18.97
C33 POV BA . -37.43 8.44 -20.45
C34 POV BA . -36.42 9.20 -19.62
C35 POV BA . -35.01 8.66 -19.68
C36 POV BA . -34.54 8.07 -18.37
C37 POV BA . -33.06 7.75 -18.36
C38 POV BA . -32.74 6.29 -18.28
C39 POV BA . -32.92 5.69 -16.90
H29 POV BA . -31.76 4.58 -10.17
H1 POV BA . -39.67 3.04 -17.30
H1A POV BA . -40.81 3.33 -16.23
H2 POV BA . -40.30 5.54 -16.11
H3 POV BA . -37.99 5.79 -17.34
H3A POV BA . -38.95 5.09 -18.40
H310 POV BA . -31.71 4.14 -17.51
H31A POV BA . -32.99 3.65 -16.76
H210 POV BA . -30.37 3.96 -8.58
H11 POV BA . -41.85 5.59 -20.68
H11A POV BA . -40.54 6.34 -21.06
H211 POV BA . -29.35 5.35 -7.22
H21A POV BA . -30.11 6.63 -7.64
H311 POV BA . -31.06 4.97 -15.22
H31B POV BA . -32.14 3.92 -14.76
H12 POV BA . -41.63 5.63 -23.02
H12A POV BA . -41.70 4.13 -22.47
H22 POV BA . -37.33 4.60 -13.08
H212 POV BA . -32.07 5.84 -6.49
H22A POV BA . -36.52 4.46 -14.43
H21B POV BA . -31.25 4.62 -5.96
H32 POV BA . -37.28 7.02 -19.08
H312 POV BA . -30.65 2.36 -14.88
H32A POV BA . -38.33 6.58 -20.20
H31C POV BA . -30.48 2.60 -16.41
H13 POV BA . -40.23 5.47 -25.10
H13A POV BA . -39.67 3.97 -25.22
H13B POV BA . -41.20 4.22 -24.83
H23 POV BA . -35.99 6.80 -14.25
H213 POV BA . -30.35 7.20 -5.29
H23A POV BA . -36.59 6.78 -12.81
H21C POV BA . -31.60 6.65 -4.53
H33 POV BA . -37.00 8.07 -21.25
H313 POV BA . -28.40 2.91 -15.62
H33A POV BA . -38.12 9.04 -20.77
H31D POV BA . -28.93 4.37 -15.84
H14 POV BA . -38.37 5.49 -22.27
H14A POV BA . -38.22 5.63 -23.86
H14B POV BA . -39.27 6.54 -23.08
H24 POV BA . -34.99 5.00 -12.34
H214 POV BA . -29.64 6.30 -3.29
H24A POV BA . -34.31 5.38 -13.70
H21D POV BA . -30.32 4.92 -3.61
H34 POV BA . -36.72 9.19 -18.69
H314 POV BA . -29.44 4.55 -13.58
H34A POV BA . -36.42 10.15 -19.86
H31E POV BA . -28.88 3.11 -13.33
H15 POV BA . -40.04 2.59 -23.00
H15A POV BA . -38.60 3.06 -23.45
H15B POV BA . -39.05 3.32 -21.96
H25 POV BA . -34.37 6.93 -11.37
H215 POV BA . -28.80 4.41 -5.23
H25A POV BA . -34.12 7.64 -12.75
H21E POV BA . -28.22 5.87 -5.24
H35 POV BA . -34.94 7.97 -20.36
H315 POV BA . -26.77 3.71 -13.62
H35A POV BA . -34.40 9.37 -19.95
H31F POV BA . -27.15 5.01 -14.42
H26 POV BA . -32.55 5.44 -12.09
H216 POV BA . -27.87 4.06 -3.10
H26A POV BA . -32.20 6.58 -13.09
H21F POV BA . -26.79 4.32 -4.22
H36 POV BA . -34.74 8.68 -17.64
H316 POV BA . -27.24 4.60 -11.66
H36A POV BA . -35.04 7.24 -18.20
H31G POV BA . -26.47 5.76 -12.44
H31H POV BA . -28.05 5.81 -12.30
H27 POV BA . -30.85 7.03 -11.36
H217 POV BA . -27.00 6.69 -3.45
H27A POV BA . -32.02 8.07 -11.20
H21G POV BA . -27.52 6.03 -2.12
H37 POV BA . -32.64 8.13 -19.15
H37A POV BA . -32.66 8.20 -17.58
H28 POV BA . -31.68 7.28 -9.13
H218 POV BA . -25.47 5.99 -1.55
H28A POV BA . -33.01 6.60 -9.57
H21H POV BA . -25.31 4.73 -2.50
H21J POV BA . -24.97 6.18 -3.03
H38 POV BA . -33.31 5.81 -18.92
H38A POV BA . -31.82 6.16 -18.58
H39 POV BA . -33.88 5.60 -16.73
H39A POV BA . -32.57 6.31 -16.24
C5 8IJ CA . -21.86 11.87 10.70
C6 8IJ CA . -20.78 11.73 9.65
C8 8IJ CA . -20.00 13.02 9.50
C10 8IJ CA . -19.27 13.40 10.79
C17 8IJ CA . -22.98 8.24 9.05
C21 8IJ CA . -24.23 7.94 4.48
C24 8IJ CA . -24.85 8.68 2.16
C26 8IJ CA . -26.44 10.39 1.10
C28 8IJ CA . -27.98 12.18 1.99
C12 8IJ CA . -19.87 12.69 12.00
C14 8IJ CA . -21.38 12.62 11.93
C18 8IJ CA . -24.11 7.99 8.10
C19 8IJ CA . -23.63 7.57 6.75
C23 8IJ CA . -25.29 8.51 3.60
C25 8IJ CA . -26.01 8.94 1.20
C27 8IJ CA . -27.15 10.96 2.31
C29 8IJ CA . -28.72 12.78 3.16
C37 8IJ CA . -35.23 12.36 -2.78
C38 8IJ CA . -36.32 12.97 -1.93
C39 8IJ CA . -37.67 12.90 -2.61
C41 8IJ CA . -26.22 6.88 8.14
C43 8IJ CA . -26.99 5.75 8.74
O1 8IJ CA . -24.16 10.85 9.40
O11 8IJ CA . -19.33 14.81 10.98
O13 8IJ CA . -19.32 11.39 12.16
O3 8IJ CA . -24.70 10.22 11.82
O4 8IJ CA . -22.31 10.55 11.09
O7 8IJ CA . -19.90 10.63 9.94
O9 8IJ CA . -19.07 12.91 8.43
C30 8IJ CA . -29.89 13.66 2.76
C31 8IJ CA . -31.08 12.88 2.23
C32 8IJ CA . -31.31 13.01 0.73
C33 8IJ CA . -32.00 14.30 0.31
C34 8IJ CA . -33.28 14.08 -0.49
C35 8IJ CA . -33.07 13.39 -1.84
C36 8IJ CA . -33.90 12.13 -2.07
C44 8IJ CA . -26.99 4.54 7.83
C45 8IJ CA . -27.89 4.70 6.63
C46 8IJ CA . -27.46 3.92 5.42
C47 8IJ CA . -26.23 4.46 4.73
C48 8IJ CA . -25.98 3.91 3.35
C49 8IJ CA . -26.49 4.77 2.20
C50 8IJ CA . -27.97 4.70 1.95
C51 8IJ CA . -28.41 5.66 0.87
C52 8IJ CA . -29.61 5.16 0.08
C53 8IJ CA . -30.85 4.98 0.90
C54 8IJ CA . -31.48 3.62 0.76
C55 8IJ CA . -32.14 3.37 -0.58
C56 8IJ CA . -33.35 4.20 -0.83
C57 8IJ CA . -34.12 3.81 -2.06
C58 8IJ CA . -34.92 4.94 -2.64
C59 8IJ CA . -35.87 5.50 -1.66
O15 8IJ CA . -21.94 13.94 11.96
O16 8IJ CA . -23.54 8.60 10.33
O20 8IJ CA . -24.56 8.09 5.77
O22 8IJ CA . -23.22 7.40 4.11
O40 8IJ CA . -24.98 6.94 8.64
O42 8IJ CA . -26.64 7.62 7.30
P2 8IJ CA . -23.81 10.14 10.64
H5 8IJ CA . -22.60 12.34 10.28
H6 8IJ CA . -21.19 11.50 8.80
H8 8IJ CA . -20.62 13.73 9.26
H10 8IJ CA . -18.33 13.16 10.71
H17B 8IJ CA . -22.40 8.95 8.74
H17A 8IJ CA . -22.45 7.41 9.12
H24A 8IJ CA . -24.25 9.45 2.14
H24B 8IJ CA . -24.31 7.92 1.88
H26A 8IJ CA . -27.02 10.47 0.32
H26B 8IJ CA . -25.65 10.93 0.92
H28A 8IJ CA . -28.63 11.93 1.29
H28B 8IJ CA . -27.41 12.86 1.59
H12 8IJ CA . -19.61 13.20 12.80
H14 8IJ CA . -21.72 12.18 12.74
H18 8IJ CA . -24.60 8.84 8.01
H19B 8IJ CA . -22.77 7.98 6.57
H19A 8IJ CA . -23.51 6.61 6.65
H23B 8IJ CA . -26.06 7.92 3.66
H23A 8IJ CA . -25.56 9.36 3.97
H25A 8IJ CA . -25.81 8.62 0.30
H25B 8IJ CA . -26.79 8.43 1.49
H27B 8IJ CA . -26.48 11.23 2.98
H27A 8IJ CA . -27.72 10.29 2.74
H29A 8IJ CA . -29.03 12.06 3.74
H29B 8IJ CA . -28.09 13.32 3.70
H37B 8IJ CA . -35.08 12.91 -3.56
H37A 8IJ CA . -35.57 11.50 -3.10
H38B 8IJ CA . -36.38 12.48 -1.08
H38A 8IJ CA . -36.10 13.89 -1.70
H39A 8IJ CA . -37.55 12.75 -3.57
H39C 8IJ CA . -38.16 13.74 -2.49
H39B 8IJ CA . -38.21 12.17 -2.26
H43A 8IJ CA . -26.60 5.53 9.61
H43B 8IJ CA . -27.90 6.06 8.90
H11 8IJ CA . -20.04 14.99 11.40
H13 8IJ CA . -20.00 10.89 12.30
H7 8IJ CA . -20.18 9.98 9.47
H9 8IJ CA . -19.28 12.20 8.01
H30B 8IJ CA . -30.17 14.19 3.53
H30A 8IJ CA . -29.59 14.30 2.07
H31B 8IJ CA . -30.98 11.93 2.44
H31A 8IJ CA . -31.89 13.18 2.69
H32A 8IJ CA . -30.43 12.96 0.30
H32B 8IJ CA . -31.82 12.24 0.41
H33A 8IJ CA . -32.25 14.81 1.10
H33B 8IJ CA . -31.38 14.86 -0.19
H34B 8IJ CA . -33.91 13.58 0.05
H34A 8IJ CA . -33.70 14.96 -0.64
H35B 8IJ CA . -33.26 14.03 -2.56
H35A 8IJ CA . -32.12 13.16 -1.93
H36B 8IJ CA . -33.37 11.48 -2.58
H36A 8IJ CA . -34.07 11.73 -1.20
H44B 8IJ CA . -26.08 4.35 7.56
H44A 8IJ CA . -27.30 3.76 8.35
H45B 8IJ CA . -28.78 4.42 6.86
H45A 8IJ CA . -27.93 5.65 6.40
H46B 8IJ CA . -27.33 2.98 5.67
H46A 8IJ CA . -28.21 3.92 4.78
H47A 8IJ CA . -26.35 5.43 4.66
H47B 8IJ CA . -25.45 4.32 5.30
H48B 8IJ CA . -25.03 3.74 3.23
H48A 8IJ CA . -26.43 3.04 3.27
H49B 8IJ CA . -26.26 5.70 2.39
H49A 8IJ CA . -26.03 4.52 1.38
H50A 8IJ CA . -28.22 3.79 1.69
H50B 8IJ CA . -28.45 4.91 2.76
H51B 8IJ CA . -28.65 6.51 1.29
H51A 8IJ CA . -27.67 5.83 0.27
H52B 8IJ CA . -29.80 5.78 -0.64
H52A 8IJ CA . -29.38 4.31 -0.35
H53B 8IJ CA . -30.66 5.14 1.84
H53A 8IJ CA . -31.49 5.67 0.64
H54A 8IJ CA . -30.81 2.94 0.94
H54B 8IJ CA . -32.16 3.52 1.46
H55B 8IJ CA . -31.49 3.53 -1.30
H55A 8IJ CA . -32.40 2.43 -0.61
H56B 8IJ CA . -33.94 4.17 -0.05
H56A 8IJ CA . -33.09 5.13 -0.93
H57B 8IJ CA . -33.50 3.47 -2.73
H57A 8IJ CA . -34.73 3.07 -1.83
H58A 8IJ CA . -34.31 5.65 -2.92
H58B 8IJ CA . -35.41 4.66 -3.44
H59C 8IJ CA . -35.41 6.01 -0.97
H59B 8IJ CA . -36.37 4.79 -1.23
H59A 8IJ CA . -36.50 6.09 -2.11
H15 8IJ CA . -21.89 14.20 11.15
N POV DA . -31.82 8.69 15.42
P POV DA . -33.49 6.57 18.89
C1 POV DA . -34.72 4.27 18.39
C2 POV DA . -36.11 4.48 18.89
C3 POV DA . -36.33 3.80 20.20
C210 POV DA . -41.64 -1.96 18.30
C310 POV DA . -40.75 -3.66 23.46
C11 POV DA . -32.85 6.52 16.36
O11 POV DA . -33.77 5.02 19.17
C211 POV DA . -42.56 -2.98 18.87
C311 POV DA . -39.48 -3.71 24.29
C12 POV DA . -33.05 7.94 15.88
O12 POV DA . -32.40 6.46 17.74
C212 POV DA . -42.57 -2.96 20.39
C312 POV DA . -38.67 -4.99 24.13
C13 POV DA . -30.96 9.13 16.55
O13 POV DA . -34.71 7.20 18.33
C213 POV DA . -43.97 -3.09 20.98
C313 POV DA . -39.40 -6.25 24.59
C14 POV DA . -31.00 7.87 14.50
O14 POV DA . -32.85 7.17 20.08
C214 POV DA . -44.66 -1.76 21.21
C314 POV DA . -40.13 -7.01 23.48
C15 POV DA . -32.28 9.90 14.67
C215 POV DA . -45.84 -1.82 22.18
C315 POV DA . -39.48 -8.32 23.07
C216 POV DA . -46.11 -0.51 22.88
C316 POV DA . -38.02 -8.22 22.71
C217 POV DA . -46.54 0.63 21.98
C218 POV DA . -46.50 1.98 22.65
C21 POV DA . -38.24 4.31 17.82
O21 POV DA . -36.99 3.85 17.93
C22 POV DA . -39.03 3.53 16.84
O22 POV DA . -38.65 5.27 18.44
C23 POV DA . -40.49 3.97 16.77
C24 POV DA . -41.35 3.46 17.90
C25 POV DA . -42.73 3.02 17.46
C26 POV DA . -43.63 2.47 18.55
C27 POV DA . -43.17 1.15 19.14
C28 POV DA . -43.24 -0.01 18.17
C29 POV DA . -41.92 -0.70 18.00
C31 POV DA . -37.69 4.94 21.95
O31 POV DA . -36.54 4.79 21.25
C32 POV DA . -38.83 4.05 21.54
O32 POV DA . -37.80 5.73 22.85
C33 POV DA . -40.07 4.17 22.42
C34 POV DA . -39.95 3.35 23.69
C35 POV DA . -40.09 1.85 23.49
C36 POV DA . -41.46 1.30 23.78
C37 POV DA . -41.83 0.06 22.96
C38 POV DA . -40.89 -1.13 23.11
C39 POV DA . -41.55 -2.38 23.65
H29 POV DA . -41.21 -0.13 17.65
H1 POV DA . -34.47 3.33 18.42
H1A POV DA . -34.72 4.56 17.46
H2 POV DA . -36.29 5.43 19.01
H3 POV DA . -36.97 3.08 20.04
H3A POV DA . -35.50 3.35 20.44
H310 POV DA . -40.51 -3.75 22.52
H31A POV DA . -41.30 -4.42 23.69
H210 POV DA . -40.74 -2.26 18.12
H11 POV DA . -33.74 6.14 16.34
H11A POV DA . -32.32 5.96 15.77
H211 POV DA . -43.46 -2.82 18.52
H21A POV DA . -42.32 -3.88 18.57
H311 POV DA . -38.91 -2.95 24.05
H31B POV DA . -39.71 -3.61 25.23
H12 POV DA . -33.44 8.48 16.59
H12A POV DA . -33.66 7.93 15.12
H22 POV DA . -38.61 3.62 15.96
H212 POV DA . -42.02 -3.69 20.72
H22A POV DA . -38.98 2.59 17.11
H21B POV DA . -42.15 -2.14 20.71
H32 POV DA . -39.07 4.25 20.61
H312 POV DA . -38.42 -5.09 23.19
H32A POV DA . -38.54 3.13 21.62
H31C POV DA . -37.84 -4.91 24.64
H13 POV DA . -30.89 8.37 17.19
H13A POV DA . -30.09 9.33 16.19
H13B POV DA . -31.35 9.91 16.99
H23 POV DA . -40.52 4.95 16.77
H213 POV DA . -44.52 -3.62 20.39
H23A POV DA . -40.87 3.68 15.92
H21C POV DA . -43.90 -3.57 21.83
H33 POV DA . -40.22 5.11 22.65
H313 POV DA . -38.77 -6.84 25.03
H33A POV DA . -40.85 3.87 21.91
H31D POV DA . -40.06 -5.99 25.27
H14 POV DA . -30.45 7.26 15.04
H14A POV DA . -31.63 7.34 13.98
H14B POV DA . -30.45 8.44 13.94
H24 POV DA . -40.89 2.71 18.35
H214 POV DA . -44.02 -1.09 21.53
H24A POV DA . -41.44 4.16 18.58
H21D POV DA . -44.99 -1.43 20.35
H34 POV DA . -39.08 3.54 24.11
H314 POV DA . -41.04 -7.18 23.78
H34A POV DA . -40.63 3.65 24.33
H31E POV DA . -40.22 -6.43 22.70
H15 POV DA . -31.50 10.41 14.38
H15A POV DA . -32.78 9.61 13.88
H15B POV DA . -32.86 10.43 15.26
H25 POV DA . -43.18 3.79 17.03
H215 POV DA . -46.64 -2.09 21.69
H25A POV DA . -42.63 2.34 16.75
H21E POV DA . -45.68 -2.51 22.85
H35 POV DA . -39.84 1.61 22.58
H315 POV DA . -39.59 -8.97 23.80
H35A POV DA . -39.44 1.39 24.07
H31F POV DA . -39.97 -8.69 22.30
H26 POV DA . -43.71 3.13 19.27
H216 POV DA . -46.81 -0.64 23.56
H26A POV DA . -44.53 2.35 18.19
H21F POV DA . -45.30 -0.24 23.37
H36 POV DA . -41.54 1.09 24.72
H316 POV DA . -37.48 -8.09 23.52
H36A POV DA . -42.13 2.00 23.59
H31G POV DA . -37.85 -7.47 22.12
H31H POV DA . -37.71 -9.04 22.27
H27 POV DA . -42.25 1.25 19.46
H217 POV DA . -45.95 0.67 21.20
H27A POV DA . -43.73 0.95 19.91
H21G POV DA . -47.44 0.47 21.66
H37 POV DA . -42.73 -0.20 23.22
H37A POV DA . -41.87 0.32 22.02
H28 POV DA . -43.93 -0.62 18.46
H218 POV DA . -45.58 2.26 22.83
H28A POV DA . -43.52 0.30 17.29
H21H POV DA . -46.93 2.67 22.11
H21J POV DA . -46.97 1.94 23.51
H38 POV DA . -40.53 -1.34 22.22
H38A POV DA . -40.14 -0.90 23.68
H39 POV DA . -42.42 -2.50 23.24
H39A POV DA . -41.71 -2.25 24.62
C310 POV EA . -51.78 3.39 7.01
C311 POV EA . -50.89 4.04 5.98
C312 POV EA . -49.42 3.70 6.11
C313 POV EA . -48.99 2.48 5.31
C314 POV EA . -49.01 1.18 6.10
C315 POV EA . -47.63 0.81 6.61
C316 POV EA . -47.55 -0.53 7.22
C34 POV EA . -57.13 3.81 11.87
C35 POV EA . -55.98 4.64 11.32
C36 POV EA . -55.00 3.83 10.47
C37 POV EA . -53.74 4.58 10.11
C38 POV EA . -52.79 3.74 9.28
C39 POV EA . -52.37 4.38 7.98
H310 POV EA . -52.50 2.91 6.56
H31A POV EA . -51.27 2.71 7.51
H311 POV EA . -51.19 3.77 5.10
H31B POV EA . -51.00 5.01 6.02
H312 POV EA . -48.91 4.48 5.82
H31C POV EA . -49.20 3.56 7.05
H313 POV EA . -49.55 2.37 4.52
H31D POV EA . -48.07 2.63 5.00
H34 POV EA . -57.11 3.85 12.84
H314 POV EA . -49.64 1.26 6.84
H34A POV EA . -57.01 2.88 11.61
H31E POV EA . -49.35 0.47 5.52
H35 POV EA . -56.34 5.36 10.77
H315 POV EA . -46.99 0.83 5.88
H35A POV EA . -55.49 5.05 12.05
H31F POV EA . -47.32 1.49 7.25
H36 POV EA . -54.76 3.02 10.94
H316 POV EA . -46.62 -0.79 7.32
H36A POV EA . -55.45 3.56 9.64
H31G POV EA . -47.95 -0.55 8.11
H31H POV EA . -48.00 -1.20 6.66
H37 POV EA . -53.96 5.40 9.62
H37A POV EA . -53.28 4.86 10.93
H38 POV EA . -51.98 3.57 9.81
H38A POV EA . -53.19 2.87 9.11
H39 POV EA . -51.73 5.09 8.17
H39A POV EA . -53.15 4.79 7.55
N POV FA . -47.57 -15.58 2.02
P POV FA . -43.82 -16.11 5.01
C1 POV FA . -43.91 -14.30 6.96
C2 POV FA . -42.74 -13.37 6.81
C3 POV FA . -43.05 -12.17 5.96
C210 POV FA . -32.67 -12.79 5.80
C310 POV FA . -33.90 -11.04 9.57
C11 POV FA . -45.77 -16.80 3.36
O11 POV FA . -44.36 -14.74 5.66
C211 POV FA . -32.38 -12.47 4.38
C311 POV FA . -33.87 -10.44 8.18
C12 POV FA . -46.65 -15.60 3.22
O12 POV FA . -45.21 -16.81 4.70
C212 POV FA . -31.63 -13.57 3.66
C312 POV FA . -32.54 -9.84 7.77
C13 POV FA . -48.02 -14.18 1.77
O13 POV FA . -43.09 -15.78 3.75
C213 POV FA . -30.33 -13.95 4.32
C313 POV FA . -32.39 -8.38 8.14
C14 POV FA . -46.89 -16.09 0.80
O14 POV FA . -43.17 -16.95 6.03
C214 POV FA . -30.38 -15.28 5.03
C314 POV FA . -30.97 -7.91 8.29
C15 POV FA . -48.77 -16.42 2.30
C215 POV FA . -29.27 -15.51 6.03
C315 POV FA . -30.22 -8.61 9.39
C216 POV FA . -29.58 -15.01 7.43
C316 POV FA . -29.30 -7.71 10.17
C217 POV FA . -28.53 -15.37 8.46
C218 POV FA . -28.41 -16.84 8.73
C21 POV FA . -41.00 -15.08 6.67
O21 POV FA . -41.67 -14.07 6.10
C22 POV FA . -40.75 -14.89 8.14
O22 POV FA . -40.66 -16.06 6.07
C23 POV FA . -39.63 -15.76 8.71
C24 POV FA . -38.27 -15.07 8.71
C25 POV FA . -37.83 -14.57 7.34
C26 POV FA . -36.36 -14.70 7.08
C27 POV FA . -35.46 -13.82 7.93
C28 POV FA . -33.97 -13.96 7.61
C29 POV FA . -33.62 -13.59 6.21
C31 POV FA . -41.26 -10.82 6.78
O31 POV FA . -42.57 -10.97 6.61
C32 POV FA . -40.95 -9.55 7.49
O32 POV FA . -40.43 -11.63 6.44
C33 POV FA . -40.70 -9.76 8.98
C34 POV FA . -39.24 -9.88 9.34
C35 POV FA . -38.75 -11.30 9.44
C36 POV FA . -37.25 -11.43 9.68
C37 POV FA . -36.75 -10.74 10.94
C38 POV FA . -35.74 -9.63 10.68
C39 POV FA . -34.30 -10.10 10.69
H29 POV FA . -34.15 -14.01 5.51
H1 POV FA . -43.68 -15.07 7.51
H1A POV FA . -44.63 -13.80 7.40
H2 POV FA . -42.52 -13.02 7.69
H3 POV FA . -42.63 -12.28 5.08
H3A POV FA . -44.03 -12.09 5.85
H310 POV FA . -34.51 -11.81 9.56
H31A POV FA . -33.02 -11.41 9.77
H210 POV FA . -32.09 -12.37 6.47
H11 POV FA . -45.02 -16.75 2.74
H11A POV FA . -46.25 -17.63 3.15
H211 POV FA . -33.24 -12.33 3.93
H21A POV FA . -31.91 -11.62 4.27
H311 POV FA . -34.13 -11.14 7.53
H31B POV FA . -34.55 -9.76 8.14
H12 POV FA . -46.10 -14.79 3.13
H12A POV FA . -47.22 -15.51 4.00
H22 POV FA . -40.50 -13.95 8.28
H212 POV FA . -32.20 -14.35 3.60
H22A POV FA . -41.58 -15.08 8.63
H21B POV FA . -31.45 -13.28 2.74
H32 POV FA . -40.18 -9.13 7.07
H312 POV FA . -31.82 -10.38 8.15
H32A POV FA . -41.73 -8.98 7.39
H31C POV FA . -32.46 -9.94 6.80
H13 POV FA . -48.30 -13.79 2.62
H13A POV FA . -47.27 -13.67 1.40
H13B POV FA . -48.77 -14.15 1.13
H23 POV FA . -39.85 -16.01 9.63
H213 POV FA . -29.63 -14.00 3.64
H23A POV FA . -39.57 -16.60 8.21
H21C POV FA . -30.07 -13.26 4.97
H33 POV FA . -41.11 -9.05 9.49
H313 POV FA . -32.82 -7.83 7.45
H33A POV FA . -41.15 -10.58 9.24
H31D POV FA . -32.87 -8.20 8.97
H14 POV FA . -46.90 -17.07 0.81
H14A POV FA . -47.36 -15.76 0.00
H14B POV FA . -45.96 -15.75 0.79
H24 POV FA . -38.29 -14.31 9.33
H214 POV FA . -31.25 -15.38 5.48
H24A POV FA . -37.59 -15.68 9.05
H21D POV FA . -30.34 -15.97 4.34
H34 POV FA . -38.68 -9.37 8.73
H314 POV FA . -30.98 -6.94 8.44
H34A POV FA . -39.13 -9.45 10.22
H31E POV FA . -30.50 -8.06 7.44
H15 POV FA . -48.53 -17.18 2.87
H15A POV FA . -49.42 -15.87 2.79
H15B POV FA . -49.16 -16.71 1.45
H25 POV FA . -38.09 -13.64 7.25
H215 POV FA . -28.46 -15.08 5.70
H25A POV FA . -38.30 -15.07 6.65
H21E POV FA . -29.08 -16.47 6.08
H35 POV FA . -39.24 -11.75 10.15
H315 POV FA . -30.86 -9.03 10.00
H35A POV FA . -38.99 -11.75 8.61
H31F POV FA . -29.69 -9.34 9.00
H26 POV FA . -36.09 -15.63 7.20
H216 POV FA . -29.69 -14.04 7.40
H26A POV FA . -36.23 -14.49 6.13
H21F POV FA . -30.44 -15.38 7.71
H36 POV FA . -37.02 -12.37 9.74
H316 POV FA . -28.97 -8.18 10.96
H36A POV FA . -36.78 -11.07 8.90
H31G POV FA . -28.52 -7.46 9.64
H31H POV FA . -29.75 -6.89 10.46
H27 POV FA . -35.73 -12.89 7.81
H217 POV FA . -27.66 -15.04 8.17
H27A POV FA . -35.61 -14.03 8.87
H21G POV FA . -28.74 -14.92 9.31
H37 POV FA . -37.49 -10.38 11.46
H37A POV FA . -36.33 -11.42 11.51
H28 POV FA . -33.45 -13.43 8.26
H218 POV FA . -27.90 -17.01 9.55
H28A POV FA . -33.71 -14.88 7.76
H21H POV FA . -27.96 -17.30 7.99
H21J POV FA . -29.30 -17.24 8.84
H38 POV FA . -35.96 -9.18 9.84
H38A POV FA . -35.86 -8.95 11.37
H39 POV FA . -34.15 -10.60 11.50
H39A POV FA . -33.71 -9.33 10.72
N POV GA . -53.79 -10.28 3.85
P POV GA . -53.06 -13.55 6.52
C1 POV GA . -51.72 -14.34 8.62
C2 POV GA . -50.73 -13.48 9.37
C3 POV GA . -50.27 -12.28 8.57
C210 POV GA . -39.01 -13.09 12.97
C310 POV GA . -48.38 -5.88 17.03
C11 POV GA . -53.02 -10.92 6.27
O11 POV GA . -52.81 -13.55 8.10
C211 POV GA . -39.28 -11.81 13.71
C311 POV GA . -47.08 -6.62 17.30
C12 POV GA . -53.63 -9.89 5.33
O12 POV GA . -53.80 -12.14 6.34
C212 POV GA . -38.68 -11.79 15.12
C312 POV GA . -46.77 -6.89 18.76
C13 POV GA . -55.24 -10.39 3.53
O13 POV GA . -51.76 -13.54 5.81
C213 POV GA . -39.69 -11.92 16.26
C313 POV GA . -45.97 -5.80 19.45
C14 POV GA . -53.21 -9.17 3.03
O14 POV GA . -54.04 -14.62 6.21
C214 POV GA . -39.69 -10.73 17.21
C314 POV GA . -45.10 -6.34 20.58
C15 POV GA . -53.10 -11.55 3.46
C215 POV GA . -40.42 -9.51 16.67
C315 POV GA . -43.71 -6.75 20.11
C216 POV GA . -41.94 -9.62 16.79
C316 POV GA . -42.83 -7.20 21.24
C217 POV GA . -42.69 -9.17 15.55
C218 POV GA . -44.16 -9.37 15.70
C21 POV GA . -48.65 -13.89 10.53
O21 POV GA . -49.59 -14.34 9.68
C22 POV GA . -47.60 -14.93 10.78
O22 POV GA . -48.66 -12.80 11.03
C23 POV GA . -46.39 -14.85 9.87
C24 POV GA . -45.56 -13.60 10.08
C25 POV GA . -44.07 -13.84 10.29
C26 POV GA . -43.65 -13.82 11.75
C27 POV GA . -42.23 -14.27 12.00
C28 POV GA . -41.16 -13.26 11.62
C29 POV GA . -39.80 -13.68 12.09
C31 POV GA . -50.31 -9.96 9.09
O31 POV GA . -50.02 -11.19 9.48
C32 POV GA . -49.93 -8.97 10.16
O32 POV GA . -50.78 -9.67 8.03
C33 POV GA . -48.98 -7.92 9.60
C34 POV GA . -48.29 -7.03 10.63
C35 POV GA . -47.63 -7.75 11.77
C36 POV GA . -46.87 -6.81 12.66
C37 POV GA . -47.24 -6.91 14.12
C38 POV GA . -48.56 -6.23 14.48
C39 POV GA . -48.47 -5.25 15.65
H29 POV GA . -39.48 -14.52 11.69
H1 POV GA . -52.10 -15.02 9.21
H1A POV GA . -51.24 -14.77 7.88
H2 POV GA . -51.14 -13.14 10.19
H3 POV GA . -49.46 -12.53 8.09
H3A POV GA . -50.96 -12.04 7.92
H310 POV GA . -49.12 -6.51 17.13
H31A POV GA . -48.50 -5.18 17.71
H210 POV GA . -38.14 -13.50 13.15
H11 POV GA . -52.11 -11.15 6.00
H11A POV GA . -52.93 -10.52 7.16
H211 POV GA . -38.86 -11.10 13.19
H21A POV GA . -40.23 -11.60 13.74
H311 POV GA . -47.10 -7.47 16.83
H31B POV GA . -46.35 -6.11 16.90
H12 POV GA . -53.09 -9.08 5.36
H12A POV GA . -54.52 -9.66 5.66
H22 POV GA . -47.31 -14.84 11.71
H212 POV GA . -38.03 -12.52 15.21
H22A POV GA . -48.03 -15.81 10.67
H21B POV GA . -38.18 -10.96 15.24
H32 POV GA . -50.75 -8.54 10.49
H312 POV GA . -47.62 -6.99 19.25
H32A POV GA . -49.52 -9.49 10.87
H31C POV GA . -46.30 -7.74 18.83
H13 POV GA . -55.63 -11.07 4.12
H13A POV GA . -55.67 -9.52 3.67
H13B POV GA . -55.36 -10.66 2.59
H23 POV GA . -45.85 -15.65 9.99
H213 POV GA . -40.60 -12.03 15.91
H23A POV GA . -46.70 -14.88 8.93
H21C POV GA . -39.49 -12.73 16.77
H33 POV GA . -48.31 -8.36 9.07
H313 POV GA . -45.38 -5.36 18.80
H33A POV GA . -49.49 -7.35 8.99
H31D POV GA . -46.57 -5.12 19.81
H14 POV GA . -53.65 -8.33 3.28
H14A POV GA . -52.25 -9.11 3.20
H14B POV GA . -53.36 -9.37 2.08
H24 POV GA . -45.68 -12.99 9.33
H214 POV GA . -38.78 -10.49 17.43
H24A POV GA . -45.91 -13.12 10.86
H21D POV GA . -40.12 -11.01 18.05
H34 POV GA . -48.92 -6.38 11.01
H314 POV GA . -45.54 -7.11 20.98
H34A POV GA . -47.61 -6.51 10.17
H31E POV GA . -45.01 -5.67 21.29
H15 POV GA . -53.13 -11.65 2.49
H15A POV GA . -52.16 -11.51 3.72
H15B POV GA . -53.55 -12.30 3.90
H25 POV GA . -43.80 -14.70 9.89
H215 POV GA . -40.18 -9.38 15.73
H25A POV GA . -43.55 -13.15 9.80
H21E POV GA . -40.12 -8.72 17.16
H35 POV GA . -48.31 -8.20 12.31
H315 POV GA . -43.79 -7.48 19.45
H35A POV GA . -47.04 -8.45 11.42
H31F POV GA . -43.29 -5.99 19.66
H26 POV GA . -43.76 -12.91 12.08
H216 POV GA . -42.23 -9.06 17.54
H26A POV GA . -44.26 -14.38 12.26
H21F POV GA . -42.18 -10.53 17.00
H36 POV GA . -45.91 -6.99 12.58
H316 POV GA . -43.31 -7.84 21.81
H36A POV GA . -47.02 -5.91 12.35
H31G POV GA . -42.02 -7.63 20.91
H31H POV GA . -42.57 -6.43 21.80
H27 POV GA . -42.13 -14.49 12.95
H217 POV GA . -42.39 -9.68 14.77
H27A POV GA . -42.07 -15.09 11.50
H21G POV GA . -42.52 -8.23 15.37
H37 POV GA . -47.28 -7.84 14.40
H37A POV GA . -46.53 -6.50 14.64
H28 POV GA . -41.41 -12.36 11.95
H218 POV GA . -44.38 -10.33 15.68
H28A POV GA . -41.12 -13.18 10.65
H21H POV GA . -44.66 -8.92 15.00
H21J POV GA . -44.46 -9.02 16.57
H38 POV GA . -48.90 -5.75 13.69
H38A POV GA . -49.22 -6.92 14.70
H39 POV GA . -49.25 -4.66 15.62
H39A POV GA . -47.68 -4.68 15.53
N POV HA . -15.23 -1.27 21.66
P POV HA . -16.95 -4.97 20.02
C1 POV HA . -17.10 -5.51 17.45
C2 POV HA . -17.84 -6.82 17.29
C3 POV HA . -18.58 -6.89 15.97
C210 POV HA . -28.31 -6.28 20.02
C310 POV HA . -28.77 -8.25 13.94
C11 POV HA . -15.41 -3.84 21.82
O11 POV HA . -16.34 -5.55 18.67
C211 POV HA . -29.52 -6.79 20.74
C311 POV HA . -30.18 -8.52 13.49
C12 POV HA . -14.81 -2.63 21.12
O12 POV HA . -15.60 -4.91 20.86
C212 POV HA . -30.85 -6.33 20.11
C312 POV HA . -30.98 -7.25 13.22
C13 POV HA . -16.60 -0.95 21.17
O13 POV HA . -17.89 -5.95 20.62
C213 POV HA . -31.12 -6.85 18.70
C313 POV HA . -32.25 -7.48 12.42
C14 POV HA . -15.22 -1.25 23.16
O14 POV HA . -17.41 -3.59 19.76
C214 POV HA . -31.72 -8.23 18.61
C314 POV HA . -33.45 -7.98 13.23
C15 POV HA . -14.27 -0.24 21.16
C215 POV HA . -32.30 -8.52 17.23
C315 POV HA . -33.31 -9.37 13.83
C216 POV HA . -33.76 -8.12 17.10
C316 POV HA . -34.63 -10.03 14.18
C217 POV HA . -34.72 -9.18 17.62
C218 POV HA . -36.15 -8.81 17.42
C21 POV HA . -19.06 -8.24 18.80
O21 POV HA . -18.75 -6.98 18.42
C22 POV HA . -19.88 -8.23 20.06
O22 POV HA . -18.74 -9.22 18.19
C23 POV HA . -21.07 -9.19 20.03
C24 POV HA . -22.39 -8.47 20.01
C25 POV HA . -23.60 -9.37 20.11
C26 POV HA . -24.93 -8.61 20.14
C27 POV HA . -25.14 -7.77 21.38
C28 POV HA . -26.56 -7.24 21.55
C29 POV HA . -27.06 -6.50 20.36
C31 POV HA . -20.89 -7.52 16.15
O31 POV HA . -19.98 -6.54 16.06
C32 POV HA . -22.28 -6.96 16.13
O32 POV HA . -20.61 -8.68 16.25
C33 POV HA . -23.10 -7.53 14.99
C34 POV HA . -24.37 -6.74 14.70
C35 POV HA . -25.30 -6.57 15.88
C36 POV HA . -25.62 -7.83 16.67
C37 POV HA . -26.34 -8.93 15.91
C38 POV HA . -27.84 -9.00 16.18
C39 POV HA . -28.64 -7.97 15.43
H29 POV HA . -26.36 -6.16 19.76
H1 POV HA . -16.48 -5.35 16.71
H1A POV HA . -17.75 -4.78 17.49
H2 POV HA . -17.19 -7.55 17.28
H3 POV HA . -18.16 -6.27 15.35
H3A POV HA . -18.50 -7.79 15.59
H310 POV HA . -28.21 -9.02 13.72
H31A POV HA . -28.41 -7.48 13.45
H210 POV HA . -28.49 -5.73 19.24
H11 POV HA . -14.79 -4.16 22.51
H11A POV HA . -16.25 -3.63 22.27
H211 POV HA . -29.47 -7.76 20.76
H21A POV HA . -29.50 -6.51 21.68
H311 POV HA . -30.17 -9.08 12.69
H31B POV HA . -30.62 -9.04 14.19
H12 POV HA . -15.06 -2.64 20.18
H12A POV HA . -13.84 -2.68 21.19
H22 POV HA . -19.30 -8.46 20.80
H212 POV HA . -31.59 -6.61 20.69
H22A POV HA . -20.22 -7.32 20.19
H21B POV HA . -30.87 -5.36 20.09
H32 POV HA . -22.71 -7.17 17.00
H312 POV HA . -31.20 -6.84 14.07
H32A POV HA . -22.22 -5.99 16.04
H31C POV HA . -30.42 -6.63 12.72
H13 POV HA . -16.88 -0.11 21.58
H13A POV HA . -16.56 -0.86 20.19
H13B POV HA . -17.23 -1.67 21.40
H23 POV HA . -20.99 -9.79 19.25
H213 POV HA . -31.70 -6.20 18.25
H23A POV HA . -21.03 -9.78 20.82
H21C POV HA . -30.27 -6.86 18.21
H33 POV HA . -22.55 -7.54 14.19
H313 POV HA . -32.49 -6.64 11.99
H33A POV HA . -23.33 -8.46 15.18
H31D POV HA . -32.06 -8.12 11.71
H14 POV HA . -14.46 -1.77 23.48
H14A POV HA . -15.15 -0.33 23.45
H14B POV HA . -16.06 -1.64 23.48
H24 POV HA . -22.45 -7.97 19.17
H214 POV HA . -32.43 -8.34 19.28
H24A POV HA . -22.41 -7.82 20.73
H21D POV HA . -31.03 -8.90 18.79
H34 POV HA . -24.85 -7.19 13.97
H314 POV HA . -34.24 -7.96 12.64
H34A POV HA . -24.12 -5.86 14.36
H31E POV HA . -33.63 -7.34 13.93
H15 POV HA . -14.21 -0.27 20.18
H15A POV HA . -14.63 0.64 21.41
H15B POV HA . -13.40 -0.37 21.58
H25 POV HA . -23.61 -9.99 19.35
H215 POV HA . -32.19 -9.46 17.02
H25A POV HA . -23.52 -9.91 20.92
H21E POV HA . -31.78 -8.02 16.57
H35 POV HA . -24.89 -5.92 16.49
H315 POV HA . -32.81 -9.94 13.21
H35A POV HA . -26.13 -6.16 15.55
H31F POV HA . -32.80 -9.32 14.65
H26 POV HA . -24.94 -8.02 19.36
H216 POV HA . -33.97 -7.93 16.16
H26A POV HA . -25.66 -9.25 20.04
H21F POV HA . -33.92 -7.29 17.59
H36 POV HA . -24.79 -8.20 17.05
H316 POV HA . -35.24 -10.03 13.41
H36A POV HA . -26.17 -7.57 17.44
H31G POV HA . -34.50 -10.96 14.44
H31H POV HA . -35.07 -9.56 14.91
H27 POV HA . -24.89 -8.30 22.19
H217 POV HA . -34.56 -9.32 18.58
H27A POV HA . -24.52 -7.01 21.36
H21G POV HA . -34.55 -10.03 17.17
H37 POV HA . -26.20 -8.81 14.95
H37A POV HA . -25.93 -9.79 16.14
H28 POV HA . -27.16 -7.99 21.78
H218 POV HA . -36.26 -8.24 16.63
H28A POV HA . -26.59 -6.63 22.31
H21H POV HA . -36.52 -8.34 18.19
H21J POV HA . -36.67 -9.62 17.27
H38 POV HA . -28.00 -8.90 17.14
H38A POV HA . -28.16 -9.89 15.93
H39 POV HA . -28.19 -7.11 15.53
H39A POV HA . -29.52 -7.88 15.83
N POV IA . -48.84 10.60 -8.94
P POV IA . -48.36 12.30 -5.21
C1 POV IA . -45.87 12.99 -5.61
C2 POV IA . -45.19 13.21 -4.29
C3 POV IA . -44.19 12.13 -3.97
C210 POV IA . -42.14 16.59 2.46
C310 POV IA . -36.64 14.79 1.14
C11 POV IA . -50.09 12.06 -7.17
O11 POV IA . -46.84 11.93 -5.49
C211 POV IA . -41.03 17.37 1.85
C311 POV IA . -35.98 16.16 1.10
C12 POV IA . -49.92 10.72 -7.86
O12 POV IA . -48.82 12.59 -6.71
C212 POV IA . -40.25 18.13 2.91
C312 POV IA . -34.64 16.21 1.80
C13 POV IA . -48.90 11.77 -9.89
O13 POV IA . -48.46 13.55 -4.41
C213 POV IA . -38.78 18.30 2.59
C313 POV IA . -34.53 17.27 2.87
C14 POV IA . -47.47 10.53 -8.33
O14 POV IA . -49.04 11.08 -4.73
C214 POV IA . -38.08 19.40 3.37
C314 POV IA . -35.20 16.89 4.19
C15 POV IA . -49.07 9.35 -9.72
C215 POV IA . -38.11 19.23 4.89
C315 POV IA . -34.98 17.86 5.35
C216 POV IA . -39.36 19.75 5.57
C316 POV IA . -34.57 19.26 4.97
C217 POV IA . -39.19 20.00 7.05
C218 POV IA . -40.47 19.86 7.80
C21 POV IA . -45.91 13.88 -2.09
O21 POV IA . -46.20 13.24 -3.22
C22 POV IA . -47.06 13.81 -1.11
O22 POV IA . -44.86 14.43 -1.88
C23 POV IA . -47.05 14.91 -0.06
C24 POV IA . -47.20 14.38 1.35
C25 POV IA . -46.99 15.43 2.43
C26 POV IA . -46.16 14.96 3.63
C27 POV IA . -44.71 15.40 3.57
C28 POV IA . -43.89 14.76 2.45
C29 POV IA . -42.76 15.57 1.90
C31 POV IA . -44.02 9.70 -4.23
O31 POV IA . -44.72 10.85 -4.34
C32 POV IA . -42.61 9.84 -3.71
O32 POV IA . -44.49 8.62 -4.52
C33 POV IA . -42.53 10.05 -2.20
C34 POV IA . -41.72 11.28 -1.80
C35 POV IA . -42.08 11.83 -0.43
C36 POV IA . -40.87 12.12 0.45
C37 POV IA . -40.07 13.31 0.02
C38 POV IA . -38.75 13.44 0.76
C39 POV IA . -38.01 14.73 0.50
H29 POV IA . -42.45 15.30 1.01
H1 POV IA . -46.34 13.79 -5.91
H1A POV IA . -45.20 12.73 -6.28
H2 POV IA . -44.70 14.07 -4.31
H3 POV IA . -43.36 12.36 -4.46
H3A POV IA . -44.03 12.14 -3.02
H310 POV IA . -36.06 14.15 0.68
H31A POV IA . -36.71 14.50 2.07
H210 POV IA . -42.42 16.88 3.35
H11 POV IA . -50.45 12.70 -7.81
H11A POV IA . -50.74 12.00 -6.45
H211 POV IA . -40.44 16.74 1.39
H21A POV IA . -41.36 17.99 1.17
H311 POV IA . -35.87 16.42 0.16
H31B POV IA . -36.58 16.82 1.49
H12 POV IA . -50.76 10.48 -8.28
H12A POV IA . -49.73 10.04 -7.17
H22 POV IA . -47.89 13.86 -1.62
H212 POV IA . -40.65 19.01 3.05
H22A POV IA . -47.01 12.94 -0.67
H21B POV IA . -40.31 17.65 3.76
H32 POV IA . -42.19 8.98 -3.89
H312 POV IA . -34.44 15.33 2.19
H32A POV IA . -42.09 10.49 -4.21
H31C POV IA . -33.93 16.38 1.13
H13 POV IA . -48.63 12.58 -9.42
H13A POV IA . -48.28 11.61 -10.62
H13B POV IA . -49.81 11.87 -10.23
H23 POV IA . -46.23 15.44 -0.12
H213 POV IA . -38.33 17.45 2.78
H23A POV IA . -47.78 15.54 -0.24
H21C POV IA . -38.67 18.46 1.63
H33 POV IA . -43.44 10.13 -1.85
H313 POV IA . -33.60 17.47 3.03
H33A POV IA . -42.14 9.25 -1.80
H31D POV IA . -34.95 18.09 2.53
H14 POV IA . -47.50 9.99 -7.52
H14A POV IA . -46.87 10.11 -8.98
H14B POV IA . -47.16 11.43 -8.12
H24 POV IA . -48.09 13.99 1.44
H214 POV IA . -37.15 19.45 3.08
H24A POV IA . -46.56 13.65 1.48
H21D POV IA . -38.49 20.26 3.14
H34 POV IA . -41.84 11.99 -2.46
H314 POV IA . -34.85 16.01 4.47
H34A POV IA . -40.76 11.07 -1.84
H31E POV IA . -36.15 16.76 4.04
H15 POV IA . -50.00 9.30 -10.05
H15A POV IA . -48.49 9.34 -10.50
H15B POV IA . -48.86 8.58 -9.16
H25 POV IA . -46.55 16.21 2.03
H215 POV IA . -38.02 18.29 5.10
H25A POV IA . -47.86 15.73 2.75
H21E POV IA . -37.33 19.69 5.27
H35 POV IA . -42.58 12.65 -0.54
H315 POV IA . -34.31 17.51 5.96
H35A POV IA . -42.66 11.20 0.04
H31F POV IA . -35.81 17.94 5.86
H26 POV IA . -46.56 15.32 4.45
H216 POV IA . -40.09 19.12 5.47
H26A POV IA . -46.21 13.99 3.70
H21F POV IA . -39.65 20.58 5.14
H36 POV IA . -41.19 12.27 1.37
H316 POV IA . -35.20 19.64 4.32
H36A POV IA . -40.30 11.33 0.48
H31G POV IA . -34.55 19.84 5.75
H31H POV IA . -33.68 19.26 4.56
H27 POV IA . -44.28 15.18 4.44
H217 POV IA . -38.83 20.90 7.20
H27A POV IA . -44.69 16.38 3.49
H21G POV IA . -38.52 19.37 7.41
H37 POV IA . -39.89 13.25 -0.93
H37A POV IA . -40.59 14.12 0.17
H28 POV IA . -43.56 13.88 2.76
H218 POV IA . -40.82 18.94 7.73
H28A POV IA . -44.47 14.57 1.69
H21H POV IA . -41.16 20.46 7.44
H21J POV IA . -40.34 20.08 8.74
H38 POV IA . -38.91 13.35 1.72
H38A POV IA . -38.16 12.69 0.50
H39 POV IA . -38.55 15.48 0.83
H39A POV IA . -37.91 14.86 -0.47
N POV JA . -10.41 -8.85 17.71
P POV JA . -10.19 -7.41 13.56
C1 POV JA . -11.56 -9.68 13.35
C2 POV JA . -12.91 -10.19 13.78
C3 POV JA . -13.03 -11.68 13.64
C210 POV JA . -22.40 -12.90 9.60
C310 POV JA . -18.75 -17.68 8.60
C11 POV JA . -11.11 -7.03 16.03
O11 POV JA . -11.55 -8.24 13.44
C211 POV JA . -23.80 -13.36 9.60
C311 POV JA . -20.10 -17.11 8.17
C12 POV JA . -10.03 -7.62 16.90
O12 POV JA . -10.54 -6.48 14.81
C212 POV JA . -24.74 -12.27 9.10
C312 POV JA . -20.04 -15.90 7.23
C13 POV JA . -11.73 -8.66 18.39
O13 POV JA . -10.04 -6.56 12.35
C213 POV JA . -26.19 -12.48 9.50
C313 POV JA . -21.15 -15.90 6.19
C14 POV JA . -10.49 -10.06 16.83
O14 POV JA . -9.09 -8.32 13.93
C214 POV JA . -27.02 -11.21 9.53
C314 POV JA . -22.55 -15.72 6.75
C15 POV JA . -9.36 -9.08 18.75
C215 POV JA . -28.07 -11.25 10.62
C315 POV JA . -23.59 -16.51 5.97
C216 POV JA . -29.02 -12.42 10.45
C316 POV JA . -25.01 -16.04 6.15
C217 POV JA . -30.37 -12.25 11.11
C218 POV JA . -31.30 -13.37 10.74
C21 POV JA . -14.97 -8.98 13.44
O21 POV JA . -13.89 -9.56 12.90
C22 POV JA . -15.84 -8.38 12.37
O22 POV JA . -15.20 -8.94 14.62
C23 POV JA . -17.25 -8.05 12.86
C24 POV JA . -18.13 -9.27 13.08
C25 POV JA . -19.58 -9.05 12.69
C26 POV JA . -20.42 -10.30 12.70
C27 POV JA . -21.78 -10.12 12.05
C28 POV JA . -22.47 -11.43 11.65
C29 POV JA . -21.83 -12.08 10.46
C31 POV JA . -14.07 -12.69 15.67
O31 POV JA . -12.98 -12.34 14.93
C32 POV JA . -15.42 -12.28 15.14
O32 POV JA . -13.97 -13.30 16.69
C33 POV JA . -16.12 -13.39 14.36
C34 POV JA . -17.56 -13.05 13.95
C35 POV JA . -18.42 -14.25 13.54
C36 POV JA . -17.64 -15.45 13.02
C37 POV JA . -18.48 -16.52 12.31
C38 POV JA . -18.45 -16.44 10.79
C39 POV JA . -18.55 -17.77 10.10
H29 POV JA . -20.89 -11.86 10.32
H1 POV JA . -10.85 -10.04 13.92
H1A POV JA . -11.40 -9.96 12.43
H2 POV JA . -13.04 -9.97 14.73
H3 POV JA . -13.80 -11.90 13.07
H3A POV JA . -12.23 -11.99 13.18
H310 POV JA . -18.63 -18.56 8.21
H31A POV JA . -18.03 -17.12 8.24
H210 POV JA . -21.84 -13.26 8.89
H11 POV JA . -11.77 -7.71 15.79
H11A POV JA . -11.61 -6.35 16.53
H211 POV JA . -23.87 -14.13 9.01
H21A POV JA . -24.08 -13.66 10.49
H311 POV JA . -20.62 -17.81 7.74
H31B POV JA . -20.60 -16.86 8.98
H12 POV JA . -9.74 -6.96 17.55
H12A POV JA . -9.25 -7.87 16.36
H22 POV JA . -15.40 -7.57 12.05
H212 POV JA . -24.42 -11.40 9.41
H22A POV JA . -15.90 -9.03 11.64
H21B POV JA . -24.69 -12.25 8.13
H32 POV JA . -15.97 -12.11 15.94
H312 POV JA . -20.08 -15.08 7.76
H32A POV JA . -15.43 -11.44 14.63
H31C POV JA . -19.18 -15.88 6.76
H13 POV JA . -11.77 -7.75 18.74
H13A POV JA . -12.46 -8.79 17.75
H13B POV JA . -11.83 -9.31 19.12
H23 POV JA . -17.16 -7.56 13.69
H213 POV JA . -26.60 -13.11 8.89
H23A POV JA . -17.67 -7.43 12.23
H21C POV JA . -26.22 -12.89 10.40
H33 POV JA . -15.61 -13.59 13.55
H313 POV JA . -20.98 -15.18 5.56
H33A POV JA . -16.11 -14.20 14.91
H31D POV JA . -21.12 -16.74 5.70
H14 POV JA . -11.20 -9.92 16.16
H14A POV JA . -9.63 -10.18 16.37
H14B POV JA . -10.69 -10.85 17.36
H24 POV JA . -17.77 -10.03 12.59
H214 POV JA . -26.46 -10.43 9.68
H24A POV JA . -18.09 -9.51 14.03
H21D POV JA . -27.46 -11.09 8.67
H34 POV JA . -18.00 -12.61 14.71
H314 POV JA . -22.58 -15.99 7.70
H34A POV JA . -17.53 -12.40 13.23
H31E POV JA . -22.78 -14.77 6.73
H15 POV JA . -9.33 -10.02 19.02
H15A POV JA . -8.49 -8.85 18.35
H15B POV JA . -9.54 -8.50 19.52
H25 POV JA . -19.98 -8.40 13.29
H215 POV JA . -27.63 -11.33 11.48
H25A POV JA . -19.61 -8.66 11.79
H21E POV JA . -28.57 -10.42 10.63
H35 POV JA . -18.96 -14.53 14.30
H315 POV JA . -23.37 -16.48 5.02
H35A POV JA . -19.05 -13.96 12.85
H31F POV JA . -23.55 -17.44 6.24
H26 POV JA . -19.94 -11.02 12.26
H216 POV JA . -29.15 -12.61 9.51
H26A POV JA . -20.56 -10.58 13.63
H21F POV JA . -28.59 -13.21 10.84
H36 POV JA . -16.95 -15.13 12.41
H316 POV JA . -25.62 -16.68 5.76
H36A POV JA . -17.19 -15.87 13.77
H31G POV JA . -25.23 -15.94 7.11
H31H POV JA . -25.15 -15.18 5.71
H27 POV JA . -22.36 -9.63 12.66
H217 POV JA . -30.27 -12.22 12.09
H27A POV JA . -21.68 -9.56 11.26
H21G POV JA . -30.76 -11.41 10.83
H37 POV JA . -18.17 -17.40 12.59
H37A POV JA . -19.41 -16.44 12.62
H28 POV JA . -22.48 -12.03 12.43
H218 POV JA . -31.49 -13.36 9.79
H28A POV JA . -23.41 -11.24 11.44
H21H POV JA . -30.90 -14.25 10.96
H21J POV JA . -32.15 -13.29 11.23
H38 POV JA . -19.18 -15.85 10.49
H38A POV JA . -17.62 -16.02 10.49
H39 POV JA . -19.24 -18.31 10.51
H39A POV JA . -17.70 -18.24 10.25
N POV KA . 9.88 -19.76 -3.70
P POV KA . 6.42 -17.05 -3.40
C1 POV KA . 5.94 -18.43 -5.61
C2 POV KA . 5.60 -19.86 -5.96
C3 POV KA . 5.72 -20.13 -7.44
C210 POV KA . -2.63 -25.78 -9.47
C310 POV KA . -0.36 -23.03 -14.41
C11 POV KA . 7.77 -19.10 -2.37
O11 POV KA . 5.71 -18.24 -4.20
C211 POV KA . -3.34 -27.01 -9.87
C311 POV KA . -1.60 -23.81 -13.95
C12 POV KA . 9.21 -18.80 -2.74
O12 POV KA . 7.03 -17.88 -2.17
C212 POV KA . -4.49 -27.32 -8.94
C312 POV KA . -2.54 -23.04 -13.04
C13 POV KA . 9.62 -21.18 -3.32
O13 POV KA . 5.38 -16.12 -2.90
C213 POV KA . -4.96 -28.77 -9.01
C313 POV KA . -4.01 -23.38 -13.28
C14 POV KA . 9.38 -19.54 -5.10
O14 POV KA . 7.54 -16.50 -4.20
C214 POV KA . -5.67 -29.26 -7.76
C314 POV KA . -4.41 -24.80 -12.93
C15 POV KA . 11.36 -19.51 -3.68
C215 POV KA . -5.41 -30.72 -7.50
C315 POV KA . -5.47 -25.35 -13.87
C216 POV KA . -5.84 -31.60 -8.65
C316 POV KA . -6.23 -26.53 -13.33
C217 POV KA . -6.12 -33.04 -8.29
C218 POV KA . -6.72 -33.79 -9.45
C21 POV KA . 3.90 -21.15 -4.84
O21 POV KA . 4.22 -20.08 -5.57
C22 POV KA . 2.43 -21.18 -4.53
O22 POV KA . 4.69 -21.98 -4.49
C23 POV KA . 1.94 -22.54 -4.06
C24 POV KA . 1.86 -23.59 -5.16
C25 POV KA . 0.66 -24.52 -5.02
C26 POV KA . 0.45 -25.44 -6.20
C27 POV KA . -0.88 -26.16 -6.17
C28 POV KA . -1.34 -26.72 -7.51
C29 POV KA . -1.79 -25.66 -8.46
C31 POV KA . 6.93 -22.26 -7.85
O31 POV KA . 6.90 -20.91 -7.73
C32 POV KA . 5.65 -23.01 -7.58
O32 POV KA . 7.93 -22.85 -8.19
C33 POV KA . 4.86 -23.33 -8.83
C34 POV KA . 3.64 -24.23 -8.59
C35 POV KA . 3.05 -24.91 -9.83
C36 POV KA . 3.32 -24.19 -11.14
C37 POV KA . 2.50 -24.66 -12.33
C38 POV KA . 1.30 -23.79 -12.65
C39 POV KA . 0.96 -23.70 -14.12
H29 POV KA . -1.41 -24.77 -8.30
H1 POV KA . 6.87 -18.22 -5.83
H1A POV KA . 5.35 -17.83 -6.12
H2 POV KA . 6.23 -20.46 -5.50
H3 POV KA . 4.87 -20.49 -7.78
H3A POV KA . 5.88 -19.27 -7.88
H310 POV KA . -0.43 -22.87 -15.37
H31A POV KA . -0.34 -22.15 -13.98
H210 POV KA . -2.81 -24.99 -10.01
H11 POV KA . 7.35 -19.61 -3.09
H11A POV KA . 7.74 -19.67 -1.58
H211 POV KA . -3.70 -26.86 -10.77
H21A POV KA . -2.74 -27.77 -9.94
H311 POV KA . -2.10 -24.11 -14.74
H31B POV KA . -1.31 -24.63 -13.49
H12 POV KA . 9.76 -18.81 -1.93
H12A POV KA . 9.27 -17.91 -3.14
H22 POV KA . 2.26 -20.51 -3.84
H212 POV KA . -4.24 -27.10 -8.02
H22A POV KA . 1.95 -20.92 -5.35
H21B POV KA . -5.25 -26.75 -9.16
H32 POV KA . 5.93 -23.87 -7.20
H312 POV KA . -2.32 -23.22 -12.11
H32A POV KA . 5.08 -22.61 -6.90
H31C POV KA . -2.44 -22.07 -13.16
H13 POV KA . 9.69 -21.24 -2.34
H13A POV KA . 8.72 -21.44 -3.59
H13B POV KA . 10.28 -21.77 -3.74
H23 POV KA . 2.55 -22.85 -3.37
H213 POV KA . -5.56 -28.87 -9.77
H23A POV KA . 1.07 -22.44 -3.62
H21C POV KA . -4.20 -29.34 -9.17
H33 POV KA . 4.54 -22.51 -9.24
H313 POV KA . -4.56 -22.76 -12.76
H33A POV KA . 5.47 -23.75 -9.48
H31D POV KA . -4.22 -23.22 -14.22
H14 POV KA . 8.42 -19.73 -5.13
H14A POV KA . 9.55 -18.60 -5.34
H14B POV KA . 9.85 -20.13 -5.71
H24 POV KA . 1.82 -23.15 -6.03
H214 POV KA . -5.39 -28.74 -6.98
H24A POV KA . 2.67 -24.12 -5.15
H21D POV KA . -6.63 -29.13 -7.85
H34 POV KA . 3.89 -24.93 -7.94
H314 POV KA . -3.63 -25.39 -12.94
H34A POV KA . 2.95 -23.70 -8.14
H31E POV KA . -4.75 -24.82 -12.01
H15 POV KA . 11.78 -19.79 -4.51
H15A POV KA . 11.50 -18.54 -3.57
H15B POV KA . 11.74 -19.98 -2.92
H25 POV KA . 0.77 -25.06 -4.21
H215 POV KA . -4.45 -30.85 -7.36
H25A POV KA . -0.14 -23.98 -4.90
H21E POV KA . -5.84 -31.00 -6.68
H35 POV KA . 3.41 -25.82 -9.90
H315 POV KA . -6.11 -24.65 -14.08
H35A POV KA . 2.09 -25.00 -9.71
H31F POV KA . -5.05 -25.63 -14.71
H26 POV KA . 0.52 -24.92 -7.02
H216 POV KA . -6.63 -31.22 -9.07
H26A POV KA . 1.16 -26.10 -6.22
H21F POV KA . -5.13 -31.58 -9.33
H36 POV KA . 3.18 -23.23 -11.00
H316 POV KA . -6.77 -26.93 -14.04
H36A POV KA . 4.27 -24.30 -11.36
H31G POV KA . -5.63 -27.22 -12.98
H31H POV KA . -6.83 -26.26 -12.61
H27 POV KA . -0.83 -26.89 -5.52
H217 POV KA . -5.30 -33.49 -8.01
H27A POV KA . -1.57 -25.55 -5.84
H21G POV KA . -6.74 -33.07 -7.53
H37 POV KA . 3.09 -24.70 -13.13
H37A POV KA . 2.21 -25.57 -12.17
H28 POV KA . -0.61 -27.26 -7.89
H218 POV KA . -7.60 -33.41 -9.67
H28A POV KA . -2.08 -27.35 -7.37
H21H POV KA . -6.15 -33.72 -10.24
H21J POV KA . -6.84 -34.74 -9.23
H38 POV KA . 0.53 -24.13 -12.15
H38A POV KA . 1.45 -22.88 -12.35
H39 POV KA . 1.00 -24.60 -14.52
H39A POV KA . 1.67 -23.18 -14.55
N POV LA . -45.09 1.39 -17.27
P POV LA . -43.50 5.51 -14.96
C1 POV LA . -43.76 5.88 -12.35
C2 POV LA . -44.34 7.03 -11.57
C3 POV LA . -43.99 8.40 -12.10
C210 POV LA . -36.34 9.46 -5.12
C310 POV LA . -33.38 9.81 -8.38
C11 POV LA . -44.83 3.30 -15.53
O11 POV LA . -44.37 5.86 -13.67
C211 POV LA . -36.14 8.60 -3.92
C311 POV LA . -33.44 8.83 -7.23
C12 POV LA . -44.25 2.53 -16.69
O12 POV LA . -44.64 4.71 -15.75
C212 POV LA . -34.75 8.72 -3.29
C312 POV LA . -32.69 9.32 -5.99
C13 POV LA . -46.41 1.89 -17.78
O13 POV LA . -43.15 6.75 -15.69
C213 POV LA . -34.78 8.71 -1.77
C313 POV LA . -31.29 9.82 -6.27
C14 POV LA . -44.34 0.78 -18.42
O14 POV LA . -42.45 4.56 -14.59
C214 POV LA . -33.54 8.15 -1.11
C314 POV LA . -30.51 10.18 -5.03
C15 POV LA . -45.33 0.35 -16.23
C215 POV LA . -32.33 9.05 -1.18
C315 POV LA . -29.18 10.81 -5.37
C216 POV LA . -31.24 8.66 -0.22
C316 POV LA . -28.42 11.16 -4.15
C217 POV LA . -29.99 9.51 -0.36
C218 POV LA . -28.99 8.90 -1.30
C21 POV LA . -44.65 7.35 -9.20
O21 POV LA . -43.85 6.92 -10.19
C22 POV LA . -43.99 7.19 -7.87
O22 POV LA . -45.75 7.80 -9.36
C23 POV LA . -43.14 8.40 -7.48
C24 POV LA . -41.90 8.59 -8.36
C25 POV LA . -40.75 7.71 -7.95
C26 POV LA . -39.56 8.46 -7.35
C27 POV LA . -39.93 9.34 -6.18
C28 POV LA . -38.85 9.45 -5.13
C29 POV LA . -37.50 9.78 -5.66
C31 POV LA . -41.95 8.37 -13.54
O31 POV LA . -43.30 8.34 -13.37
C32 POV LA . -41.11 8.34 -12.28
O32 POV LA . -41.43 8.42 -14.62
C33 POV LA . -40.73 9.72 -11.75
C34 POV LA . -39.27 10.05 -12.02
C35 POV LA . -38.30 9.28 -11.14
C36 POV LA . -36.84 9.53 -11.50
C37 POV LA . -36.23 10.70 -10.77
C38 POV LA . -35.66 10.37 -9.42
C39 POV LA . -34.40 9.54 -9.49
H29 POV LA . -37.50 10.26 -6.52
H1 POV LA . -43.95 5.03 -11.93
H1A POV LA . -42.78 5.98 -12.43
H2 POV LA . -45.32 6.94 -11.59
H3 POV LA . -44.85 8.86 -12.27
H3A POV LA . -43.53 8.94 -11.43
H310 POV LA . -33.48 10.71 -8.04
H31A POV LA . -32.49 9.77 -8.78
H210 POV LA . -35.54 9.84 -5.52
H11 POV LA . -45.80 3.14 -15.42
H11A POV LA . -44.43 3.01 -14.68
H211 POV LA . -36.82 8.85 -3.28
H21A POV LA . -36.31 7.66 -4.13
H311 POV LA . -34.37 8.63 -7.01
H31B POV LA . -33.06 7.97 -7.50
H12 POV LA . -43.41 2.13 -16.41
H12A POV LA . -44.06 3.15 -17.42
H22 POV LA . -44.68 7.06 -7.19
H212 POV LA . -34.20 7.98 -3.60
H22A POV LA . -43.42 6.40 -7.90
H21B POV LA . -34.32 9.55 -3.59
H32 POV LA . -41.48 7.79 -11.56
H312 POV LA . -33.20 10.03 -5.57
H32A POV LA . -40.29 7.91 -12.56
H31C POV LA . -32.64 8.59 -5.33
H13 POV LA . -46.26 2.68 -18.33
H13A POV LA . -46.82 1.20 -18.33
H13B POV LA . -47.02 2.10 -17.04
H23 POV LA . -43.70 9.21 -7.53
H213 POV LA . -34.92 9.63 -1.45
H23A POV LA . -42.87 8.33 -6.55
H21C POV LA . -35.57 8.22 -1.46
H33 POV LA . -41.30 10.40 -12.17
H313 POV LA . -30.80 9.14 -6.77
H33A POV LA . -40.90 9.75 -10.79
H31D POV LA . -31.32 10.62 -6.83
H14 POV LA . -43.40 1.07 -18.40
H14A POV LA . -44.74 1.07 -19.26
H14B POV LA . -44.39 -0.19 -18.34
H24 POV LA . -42.12 8.41 -9.28
H214 POV LA . -33.73 7.95 -0.17
H24A POV LA . -41.63 9.54 -8.32
H21D POV LA . -33.32 7.30 -1.53
H34 POV LA . -39.06 9.85 -12.95
H314 POV LA . -31.02 10.80 -4.49
H34A POV LA . -39.12 11.01 -11.89
H31E POV LA . -30.35 9.38 -4.49
H15 POV LA . -45.82 0.72 -15.46
H15A POV LA . -45.89 -0.36 -16.62
H15B POV LA . -44.47 -0.03 -15.97
H25 POV LA . -41.06 7.05 -7.29
H215 POV LA . -31.97 9.05 -2.09
H25A POV LA . -40.45 7.20 -8.74
H21E POV LA . -32.60 9.97 -0.98
H35 POV LA . -38.43 9.55 -10.22
H315 POV LA . -28.65 10.19 -5.92
H35A POV LA . -38.48 8.32 -11.20
H31F POV LA . -29.32 11.61 -5.90
H26 POV LA . -38.89 7.81 -7.07
H216 POV LA . -31.59 8.75 0.69
H26A POV LA . -39.15 9.01 -8.04
H21F POV LA . -31.02 7.73 -0.35
H36 POV LA . -36.33 8.72 -11.30
H316 POV LA . -27.58 11.62 -4.39
H36A POV LA . -36.79 9.68 -12.46
H31G POV LA . -28.93 11.75 -3.57
H31H POV LA . -28.19 10.36 -3.65
H27 POV LA . -40.14 10.23 -6.52
H217 POV LA . -30.23 10.39 -0.69
H27A POV LA . -40.75 8.99 -5.77
H21G POV LA . -29.56 9.63 0.52
H37 POV LA . -35.52 11.08 -11.32
H37A POV LA . -36.92 11.39 -10.68
H28 POV LA . -39.12 10.10 -4.46
H218 POV LA . -28.23 9.50 -1.44
H28A POV LA . -38.79 8.60 -4.65
H21H POV LA . -28.66 8.06 -0.96
H21J POV LA . -29.41 8.74 -2.18
H38 POV LA . -35.49 11.20 -8.94
H38A POV LA . -36.33 9.89 -8.89
H39 POV LA . -33.97 9.67 -10.35
H39A POV LA . -34.65 8.59 -9.45
N POV MA . -42.29 -19.09 -0.74
P POV MA . -39.70 -22.36 -0.97
C1 POV MA . -37.34 -23.05 0.01
C2 POV MA . -36.82 -22.56 1.31
C3 POV MA . -37.43 -21.25 1.71
C210 POV MA . -25.39 -19.63 3.16
C310 POV MA . -32.66 -16.52 0.51
C11 POV MA . -41.32 -21.03 0.66
O11 POV MA . -38.78 -23.14 0.08
C211 POV MA . -24.38 -19.75 4.22
C311 POV MA . -31.17 -16.60 0.65
C12 POV MA . -42.45 -20.50 -0.19
O12 POV MA . -40.09 -21.09 -0.09
C212 POV MA . -23.93 -21.20 4.42
C312 POV MA . -30.40 -15.88 -0.44
C13 POV MA . -43.66 -18.61 -1.16
O13 POV MA . -38.91 -21.94 -2.14
C213 POV MA . -22.89 -21.40 5.52
C313 POV MA . -29.52 -14.78 0.08
C14 POV MA . -41.75 -18.15 0.29
O14 POV MA . -40.93 -23.17 -1.18
C214 POV MA . -21.45 -21.30 5.07
C314 POV MA . -28.30 -15.28 0.79
C15 POV MA . -41.39 -19.09 -1.94
C215 POV MA . -21.12 -19.98 4.40
C315 POV MA . -27.45 -14.19 1.33
C216 POV MA . -19.66 -19.70 4.20
C316 POV MA . -26.54 -14.64 2.39
C217 POV MA . -18.94 -19.51 5.50
C218 POV MA . -17.75 -18.66 5.37
C21 POV MA . -34.67 -22.32 2.35
O21 POV MA . -35.38 -22.31 1.20
C22 POV MA . -33.27 -21.87 2.09
O22 POV MA . -35.12 -22.63 3.42
C23 POV MA . -32.68 -21.17 3.29
C24 POV MA . -31.42 -20.46 2.92
C25 POV MA . -30.63 -20.00 4.09
C26 POV MA . -29.68 -18.91 3.71
C27 POV MA . -28.54 -18.72 4.65
C28 POV MA . -27.46 -19.78 4.56
C29 POV MA . -26.69 -19.68 3.28
C31 POV MA . -38.95 -20.46 3.45
O31 POV MA . -38.26 -21.46 2.87
C32 POV MA . -38.84 -19.12 2.77
O32 POV MA . -39.61 -20.63 4.45
C33 POV MA . -39.38 -17.99 3.62
C34 POV MA . -38.30 -17.49 4.56
C35 POV MA . -37.42 -16.40 3.98
C36 POV MA . -36.00 -16.83 3.77
C37 POV MA . -35.07 -15.68 3.42
C38 POV MA . -34.54 -15.72 2.01
C39 POV MA . -33.43 -16.72 1.79
H29 POV MA . -27.21 -19.64 2.47
H1 POV MA . -37.10 -22.44 -0.72
H1A POV MA . -36.96 -23.93 -0.15
H2 POV MA . -37.02 -23.23 2.01
H3 POV MA . -36.72 -20.62 1.88
H3A POV MA . -37.96 -20.93 0.95
H310 POV MA . -32.92 -15.66 0.12
H31A POV MA . -32.94 -17.20 -0.14
H210 POV MA . -25.03 -19.51 2.25
H11 POV MA . -41.54 -21.96 0.92
H11A POV MA . -41.23 -20.55 1.51
H211 POV MA . -23.64 -19.18 3.93
H21A POV MA . -24.67 -19.37 5.07
H311 POV MA . -30.89 -16.23 1.51
H31B POV MA . -30.91 -17.54 0.65
H12 POV MA . -43.28 -20.48 0.34
H12A POV MA . -42.58 -21.09 -0.96
H22 POV MA . -32.72 -22.64 1.86
H212 POV MA . -24.72 -21.74 4.63
H22A POV MA . -33.29 -21.26 1.33
H21B POV MA . -23.57 -21.54 3.58
H32 POV MA . -37.92 -18.86 2.63
H312 POV MA . -29.85 -16.52 -0.93
H32A POV MA . -39.32 -19.16 1.91
H31C POV MA . -31.02 -15.50 -1.10
H13 POV MA . -44.09 -18.21 -0.38
H13A POV MA . -43.57 -17.94 -1.87
H13B POV MA . -44.19 -19.37 -1.49
H23 POV MA . -33.33 -20.51 3.63
H213 POV MA . -23.05 -20.75 6.23
H23A POV MA . -32.52 -21.80 4.01
H21C POV MA . -23.04 -22.29 5.92
H33 POV MA . -39.70 -17.26 3.05
H313 POV MA . -29.25 -14.18 -0.65
H33A POV MA . -40.16 -18.27 4.13
H31D POV MA . -30.03 -14.25 0.72
H14 POV MA . -40.78 -18.25 0.34
H14A POV MA . -41.98 -17.23 0.04
H14B POV MA . -42.16 -18.37 1.15
H24 POV MA . -30.87 -21.05 2.37
H214 POV MA . -20.88 -21.42 5.85
H24A POV MA . -31.64 -19.68 2.36
H21D POV MA . -21.24 -22.02 4.45
H34 POV MA . -37.74 -18.25 4.80
H314 POV MA . -28.57 -15.87 1.51
H34A POV MA . -38.68 -17.18 5.40
H31E POV MA . -27.76 -15.81 0.17
H15 POV MA . -41.73 -19.71 -2.62
H15A POV MA . -41.36 -18.19 -2.31
H15B POV MA . -40.49 -19.33 -1.67
H25 POV MA . -30.14 -20.75 4.47
H215 POV MA . -21.56 -19.97 3.52
H25A POV MA . -31.23 -19.67 4.79
H21E POV MA . -21.52 -19.25 4.92
H35 POV MA . -37.78 -16.09 3.12
H315 POV MA . -26.91 -13.81 0.62
H35A POV MA . -37.45 -15.62 4.57
H31F POV MA . -28.02 -13.47 1.69
H26 POV MA . -29.36 -19.10 2.80
H216 POV MA . -19.27 -20.44 3.70
H26A POV MA . -30.18 -18.08 3.64
H21F POV MA . -19.57 -18.89 3.66
H36 POV MA . -35.66 -17.29 4.57
H316 POV MA . -25.78 -15.12 1.99
H36A POV MA . -35.98 -17.48 3.04
H31G POV MA . -26.20 -13.88 2.89
H31H POV MA . -26.99 -15.24 3.01
H27 POV MA . -28.13 -17.85 4.49
H217 POV MA . -19.55 -19.11 6.15
H27A POV MA . -28.88 -18.71 5.57
H21G POV MA . -18.67 -20.37 5.86
H37 POV MA . -35.53 -14.84 3.57
H37A POV MA . -34.30 -15.71 4.04
H28 POV MA . -26.90 -19.69 5.35
H218 POV MA . -17.03 -19.01 5.92
H28A POV MA . -27.86 -20.66 4.61
H21H POV MA . -17.44 -18.58 4.45
H21J POV MA . -17.96 -17.75 5.70
H38 POV MA . -35.28 -15.92 1.41
H38A POV MA . -34.23 -14.82 1.77
H39 POV MA . -33.82 -17.62 1.77
H39A POV MA . -32.82 -16.69 2.55
C5 8IJ NA . -6.41 -21.80 14.70
C6 8IJ NA . -6.59 -20.36 14.27
C8 8IJ NA . -6.53 -19.43 15.46
C10 8IJ NA . -5.16 -19.48 16.14
C17 8IJ NA . -7.64 -22.42 10.79
C21 8IJ NA . -11.92 -20.97 9.33
C24 8IJ NA . -14.28 -20.08 9.47
C26 8IJ NA . -16.37 -20.52 10.88
C28 8IJ NA . -16.91 -21.96 12.87
C12 8IJ NA . -4.40 -20.74 15.79
C14 8IJ NA . -5.31 -21.95 15.74
C18 8IJ NA . -8.99 -22.87 10.33
C19 8IJ NA . -9.71 -21.80 9.56
C23 8IJ NA . -13.35 -21.26 9.69
C25 8IJ NA . -15.74 -20.45 9.50
C27 8IJ NA . -15.93 -21.67 11.76
C29 8IJ NA . -16.52 -23.11 13.77
C37 8IJ NA . -24.89 -25.26 11.97
C38 8IJ NA . -24.96 -26.52 12.80
C39 8IJ NA . -26.26 -27.25 12.59
C41 8IJ NA . -9.95 -24.80 9.31
C43 8IJ NA . -9.69 -25.95 8.40
O1 8IJ NA . -8.58 -23.13 13.43
O11 8IJ NA . -5.33 -19.38 17.56
O13 8IJ NA . -3.71 -20.60 14.56
O3 8IJ NA . -6.84 -25.01 13.47
O4 8IJ NA . -6.09 -22.60 13.54
O7 8IJ NA . -5.65 -19.99 13.26
O9 8IJ NA . -6.83 -18.09 15.05
C30 8IJ NA . -17.69 -23.70 14.53
C31 8IJ NA . -18.64 -24.52 13.67
C32 8IJ NA . -19.98 -23.86 13.41
C33 8IJ NA . -20.97 -23.98 14.57
C34 8IJ NA . -22.30 -24.62 14.18
C35 8IJ NA . -23.11 -23.82 13.16
C36 8IJ NA . -23.52 -24.59 11.90
C44 8IJ NA . -10.16 -25.65 6.99
C45 8IJ NA . -11.66 -25.69 6.86
C46 8IJ NA . -12.23 -24.82 5.77
C47 8IJ NA . -12.18 -23.33 6.09
C48 8IJ NA . -13.02 -22.46 5.20
C49 8IJ NA . -14.39 -22.11 5.75
C50 8IJ NA . -15.43 -23.19 5.65
C51 8IJ NA . -16.74 -22.81 6.30
C52 8IJ NA . -17.94 -23.42 5.64
C53 8IJ NA . -17.97 -24.91 5.71
C54 8IJ NA . -18.18 -25.58 4.37
C55 8IJ NA . -19.56 -25.42 3.80
C56 8IJ NA . -20.63 -26.15 4.56
C57 8IJ NA . -21.96 -26.17 3.89
C58 8IJ NA . -23.12 -26.31 4.84
C59 8IJ NA . -22.98 -27.55 5.65
O15 8IJ NA . -5.87 -22.21 17.03
O16 8IJ NA . -7.02 -23.51 11.49
O20 8IJ NA . -11.12 -21.92 9.83
O22 8IJ NA . -11.53 -20.04 8.70
O40 8IJ NA . -8.86 -24.04 9.47
O42 8IJ NA . -11.01 -24.55 9.82
P2 8IJ NA . -7.23 -23.65 13.06
H5 8IJ NA . -7.27 -22.09 15.07
H6 8IJ NA . -7.46 -20.26 13.84
H8 8IJ NA . -7.22 -19.68 16.10
H10 8IJ NA . -4.64 -18.69 15.88
H17B 8IJ NA . -7.70 -21.65 11.38
H17A 8IJ NA . -7.11 -22.16 10.00
H24A 8IJ NA . -14.10 -19.45 10.19
H24B 8IJ NA . -14.02 -19.61 8.66
H26A 8IJ NA . -17.34 -20.55 10.77
H26B 8IJ NA . -16.17 -19.68 11.34
H28A 8IJ NA . -17.78 -22.16 12.47
H28B 8IJ NA . -17.02 -21.16 13.41
H12 8IJ NA . -3.72 -20.89 16.48
H14 8IJ NA . -4.78 -22.75 15.53
H18 8IJ NA . -9.51 -23.07 11.13
H19B 8IJ NA . -9.43 -20.93 9.90
H19A 8IJ NA . -9.53 -21.81 8.60
H23B 8IJ NA . -13.63 -22.03 9.15
H23A 8IJ NA . -13.38 -21.55 10.61
H25A 8IJ NA . -16.28 -19.85 8.95
H25B 8IJ NA . -15.85 -21.34 9.09
H27B 8IJ NA . -15.07 -21.44 12.19
H27A 8IJ NA . -15.78 -22.48 11.23
H29A 8IJ NA . -16.10 -23.81 13.23
H29B 8IJ NA . -15.85 -22.81 14.42
H37B 8IJ NA . -25.55 -24.61 12.30
H37A 8IJ NA . -25.17 -25.50 11.06
H38B 8IJ NA . -24.23 -27.10 12.54
H38A 8IJ NA . -24.84 -26.29 13.74
H39A 8IJ NA . -26.93 -26.65 12.19
H39C 8IJ NA . -26.62 -27.58 13.43
H39B 8IJ NA . -26.15 -28.01 11.98
H43A 8IJ NA . -8.72 -26.15 8.41
H43B 8IJ NA . -10.15 -26.73 8.76
H11 8IJ NA . -5.44 -20.18 17.86
H13 8IJ NA . -3.89 -21.31 14.13
H7 8IJ NA . -6.05 -20.05 12.52
H9 8IJ NA . -7.15 -18.15 14.27
H30B 8IJ NA . -17.34 -24.27 15.25
H30A 8IJ NA . -18.19 -22.97 14.97
H31B 8IJ NA . -18.22 -24.71 12.81
H31A 8IJ NA . -18.79 -25.39 14.10
H32A 8IJ NA . -19.82 -22.91 13.23
H32B 8IJ NA . -20.38 -24.24 12.59
H33A 8IJ NA . -20.59 -24.54 15.26
H33B 8IJ NA . -21.13 -23.11 14.96
H34B 8IJ NA . -22.14 -25.52 13.85
H34A 8IJ NA . -22.84 -24.73 14.99
H35B 8IJ NA . -23.91 -23.46 13.58
H35A 8IJ NA . -22.58 -23.04 12.88
H36B 8IJ NA . -23.49 -24.00 11.12
H36A 8IJ NA . -22.85 -25.27 11.74
H44B 8IJ NA . -9.82 -24.77 6.72
H44A 8IJ NA . -9.78 -26.31 6.38
H45B 8IJ NA . -11.94 -26.60 6.65
H45A 8IJ NA . -12.07 -25.45 7.71
H46B 8IJ NA . -11.76 -25.00 4.93
H46A 8IJ NA . -13.16 -25.06 5.63
H47A 8IJ NA . -12.48 -23.23 7.02
H47B 8IJ NA . -11.24 -23.03 6.09
H48B 8IJ NA . -12.54 -21.64 4.98
H48A 8IJ NA . -13.16 -22.93 4.35
H49B 8IJ NA . -14.29 -21.85 6.69
H49A 8IJ NA . -14.74 -21.32 5.29
H50A 8IJ NA . -15.60 -23.40 4.72
H50B 8IJ NA . -15.11 -23.99 6.08
H51B 8IJ NA . -16.70 -23.08 7.24
H51A 8IJ NA . -16.82 -21.83 6.31
H52B 8IJ NA . -18.75 -23.08 6.07
H52A 8IJ NA . -17.98 -23.13 4.71
H53B 8IJ NA . -17.15 -25.26 6.09
H53A 8IJ NA . -18.69 -25.19 6.32
H54A 8IJ NA . -17.52 -25.23 3.74
H54B 8IJ NA . -17.99 -26.53 4.47
H55B 8IJ NA . -19.79 -24.47 3.76
H55A 8IJ NA . -19.56 -25.77 2.90
H56B 8IJ NA . -20.34 -27.07 4.73
H56A 8IJ NA . -20.74 -25.74 5.44
H57B 8IJ NA . -22.07 -25.35 3.36
H57A 8IJ NA . -21.97 -26.91 3.25
H58A 8IJ NA . -23.13 -25.55 5.44
H58B 8IJ NA . -23.97 -26.33 4.37
H59C 8IJ NA . -22.27 -27.46 6.31
H59B 8IJ NA . -22.79 -28.31 5.07
H59A 8IJ NA . -23.83 -27.71 6.12
H15 8IJ NA . -6.54 -21.68 17.07
N POV OA . -7.75 -33.07 13.08
P POV OA . -5.53 -36.72 11.97
C1 POV OA . -6.17 -37.83 9.65
C2 POV OA . -6.61 -39.20 10.01
C3 POV OA . -5.56 -40.22 9.71
C210 POV OA . -8.96 -44.48 3.77
C310 POV OA . -4.01 -46.87 3.45
C11 POV OA . -7.15 -34.80 11.26
O11 POV OA . -5.14 -37.35 10.55
C211 POV OA . -8.84 -45.72 2.94
C311 POV OA . -2.61 -46.29 3.58
C12 POV OA . -7.93 -34.47 12.50
O12 POV OA . -5.79 -35.21 11.53
C212 POV OA . -7.64 -46.57 3.36
C312 POV OA . -2.03 -45.76 2.28
C13 POV OA . -6.43 -32.93 13.77
O13 POV OA . -6.79 -37.29 12.46
C213 POV OA . -7.94 -48.06 3.43
C313 POV OA . -1.82 -46.82 1.22
C14 POV OA . -7.84 -32.04 12.01
O14 POV OA . -4.33 -36.74 12.84
C214 POV OA . -8.43 -48.53 4.79
C314 POV OA . -2.97 -46.93 0.21
C15 POV OA . -8.84 -32.84 14.06
C215 POV OA . -8.32 -50.03 5.00
C315 POV OA . -2.66 -46.40 -1.18
C216 POV OA . -8.19 -50.42 6.47
C316 POV OA . -2.12 -44.98 -1.21
C217 POV OA . -9.38 -50.08 7.33
C218 POV OA . -9.09 -50.19 8.82
C21 POV OA . -8.65 -40.39 9.64
O21 POV OA . -7.76 -39.50 9.18
C22 POV OA . -9.73 -40.63 8.63
O22 POV OA . -8.59 -40.91 10.71
C23 POV OA . -10.70 -41.71 9.07
C24 POV OA . -10.19 -43.12 8.89
C25 POV OA . -11.26 -44.08 8.38
C26 POV OA . -10.79 -45.51 8.15
C27 POV OA . -9.80 -45.67 7.02
C28 POV OA . -10.37 -45.39 5.65
C29 POV OA . -9.60 -44.34 4.91
C31 POV OA . -5.19 -42.11 11.29
O31 POV OA . -5.06 -40.80 10.94
C32 POV OA . -5.99 -42.97 10.35
O32 POV OA . -4.70 -42.56 12.29
C33 POV OA . -6.02 -44.44 10.72
C34 POV OA . -4.76 -45.19 10.26
C35 POV OA . -4.70 -45.43 8.75
C36 POV OA . -5.16 -46.81 8.33
C37 POV OA . -5.77 -46.86 6.95
C38 POV OA . -4.89 -46.37 5.80
C39 POV OA . -4.57 -47.43 4.75
H29 POV OA . -9.59 -43.47 5.35
H1 POV OA . -5.81 -37.79 8.74
H1A POV OA . -6.96 -37.26 9.68
H2 POV OA . -6.82 -39.24 10.96
H3 POV OA . -5.92 -40.77 8.98
H3A POV OA . -4.80 -39.75 9.32
H310 POV OA . -4.61 -46.17 3.11
H31A POV OA . -4.01 -47.58 2.78
H210 POV OA . -8.52 -43.69 3.41
H11 POV OA . -7.59 -35.59 10.90
H11A POV OA . -7.21 -34.14 10.55
H211 POV OA . -9.66 -46.23 3.03
H21A POV OA . -8.75 -45.51 1.99
H311 POV OA . -2.63 -45.57 4.25
H31B POV OA . -2.03 -46.99 3.94
H12 POV OA . -7.70 -35.09 13.22
H12A POV OA . -8.88 -34.56 12.30
H22 POV OA . -10.20 -39.78 8.48
H212 POV OA . -6.91 -46.42 2.73
H22A POV OA . -9.30 -40.89 7.79
H21B POV OA . -7.31 -46.26 4.23
H32 POV OA . -6.90 -42.62 10.30
H312 POV OA . -2.60 -45.05 1.94
H32A POV OA . -5.56 -42.92 9.47
H31C POV OA . -1.16 -45.34 2.49
H13 POV OA . -5.75 -33.34 13.21
H13A POV OA . -6.27 -31.97 13.86
H13B POV OA . -6.48 -33.34 14.66
H23 POV OA . -10.91 -41.57 10.02
H213 POV OA . -8.63 -48.26 2.78
H23A POV OA . -11.54 -41.60 8.59
H21C POV OA . -7.14 -48.55 3.17
H33 POV OA . -6.11 -44.53 11.68
H313 POV OA . -0.98 -46.64 0.73
H33A POV OA . -6.81 -44.87 10.31
H31D POV OA . -1.71 -47.69 1.65
H14 POV OA . -6.98 -31.99 11.56
H14A POV OA . -8.52 -32.35 11.39
H14B POV OA . -8.09 -31.19 12.41
H24 POV OA . -9.42 -43.11 8.28
H214 POV OA . -7.94 -48.06 5.50
H24A POV OA . -9.85 -43.44 9.75
H21D POV OA . -9.37 -48.27 4.89
H34 POV OA . -3.98 -44.66 10.52
H314 POV OA . -3.22 -47.88 0.14
H34A POV OA . -4.71 -46.04 10.73
H31E POV OA . -3.76 -46.47 0.57
H15 POV OA . -8.74 -31.95 14.45
H15A POV OA . -9.69 -32.87 13.58
H15B POV OA . -8.81 -33.54 14.74
H25 POV OA . -12.01 -44.08 9.01
H215 POV OA . -9.11 -50.47 4.63
H25A POV OA . -11.61 -43.72 7.55
H21E POV OA . -7.56 -50.38 4.51
H35 POV OA . -5.24 -44.77 8.28
H315 POV OA . -2.01 -46.99 -1.62
H35A POV OA . -3.78 -45.30 8.46
H31F POV OA . -3.48 -46.43 -1.73
H26 POV OA . -10.40 -45.86 8.97
H216 POV OA . -8.02 -51.39 6.52
H26A POV OA . -11.57 -46.07 7.96
H21F POV OA . -7.39 -49.97 6.83
H36 POV OA . -4.41 -47.43 8.38
H316 POV OA . -1.20 -44.96 -0.89
H36A POV OA . -5.83 -47.13 8.98
H31G POV OA . -2.66 -44.40 -0.63
H31H POV OA . -2.14 -44.62 -2.12
H27 POV OA . -9.03 -45.08 7.18
H217 POV OA . -9.67 -49.16 7.16
H27A POV OA . -9.45 -46.59 7.04
H21G POV OA . -10.12 -50.67 7.11
H37 POV OA . -6.04 -47.79 6.76
H37A POV OA . -6.60 -46.34 6.95
H28 POV OA . -10.41 -46.23 5.15
H218 POV OA . -8.47 -49.49 9.11
H28A POV OA . -11.29 -45.08 5.74
H21H POV OA . -9.91 -50.13 9.34
H21J POV OA . -8.67 -51.06 9.01
H38 POV OA . -5.34 -45.62 5.36
H38A POV OA . -4.04 -46.03 6.16
H39 POV OA . -5.39 -47.93 4.54
H39A POV OA . -3.94 -48.06 5.12
C310 POV PA . -24.82 -45.67 6.22
C311 POV PA . -25.26 -44.27 6.56
C312 POV PA . -24.24 -43.20 6.23
C313 POV PA . -24.38 -42.61 4.83
C314 POV PA . -23.51 -43.28 3.78
C315 POV PA . -22.24 -42.50 3.54
C316 POV PA . -21.44 -42.99 2.40
C34 POV PA . -24.11 -52.65 8.01
C35 POV PA . -24.06 -51.27 8.64
C36 POV PA . -24.02 -50.14 7.62
C37 POV PA . -23.72 -48.78 8.22
C38 POV PA . -23.66 -47.69 7.17
C39 POV PA . -24.58 -46.53 7.43
H310 POV PA . -25.49 -46.10 5.66
H31A POV PA . -24.00 -45.66 5.69
H311 POV PA . -26.08 -44.08 6.08
H31B POV PA . -25.49 -44.22 7.51
H312 POV PA . -24.33 -42.48 6.89
H31C POV PA . -23.34 -43.56 6.34
H313 POV PA . -25.31 -42.66 4.54
H31D POV PA . -24.14 -41.67 4.88
H34 POV PA . -23.33 -53.16 8.28
H314 POV PA . -23.29 -44.19 4.08
H34A POV PA . -24.06 -52.57 7.03
H31E POV PA . -24.02 -43.36 2.96
H35 POV PA . -24.84 -51.15 9.21
H315 POV PA . -22.46 -41.57 3.34
H35A POV PA . -23.28 -51.20 9.22
H31F POV PA . -21.68 -42.47 4.34
H36 POV PA . -23.33 -50.34 6.95
H316 POV PA . -20.77 -42.32 2.15
H36A POV PA . -24.88 -50.10 7.16
H31G POV PA . -20.96 -43.82 2.62
H31H POV PA . -22.01 -43.16 1.62
H37 POV PA . -24.41 -48.56 8.89
H37A POV PA . -22.87 -48.82 8.70
H38 POV PA . -22.74 -47.34 7.13
H38A POV PA . -23.86 -48.06 6.30
H39 POV PA . -24.21 -45.98 8.16
H39A POV PA . -25.45 -46.85 7.75
N POV QA . -22.56 -42.66 -13.48
P POV QA . -17.93 -41.31 -13.29
C1 POV QA . -16.80 -42.17 -11.04
C2 POV QA . -16.43 -40.97 -10.21
C3 POV QA . -17.52 -40.56 -9.26
C210 POV QA . -11.56 -32.08 -10.14
C310 POV QA . -9.62 -34.88 -7.46
C11 POV QA . -20.21 -42.12 -14.36
O11 POV QA . -18.00 -41.89 -11.80
C211 POV QA . -12.60 -31.00 -10.20
C311 POV QA . -10.82 -33.99 -7.24
C12 POV QA . -21.09 -42.56 -13.21
O12 POV QA . -18.83 -42.40 -14.03
C212 POV QA . -12.50 -30.18 -11.47
C312 POV QA . -10.52 -32.58 -6.80
C13 POV QA . -23.30 -42.66 -12.18
O13 POV QA . -18.58 -39.98 -13.33
C213 POV QA . -11.15 -29.54 -11.69
C313 POV QA . -10.43 -32.41 -5.29
C14 POV QA . -23.03 -41.52 -14.31
O14 POV QA . -16.58 -41.48 -13.86
C214 POV QA . -10.36 -30.21 -12.78
C314 POV QA . -9.60 -31.24 -4.83
C15 POV QA . -22.86 -43.94 -14.20
C215 POV QA . -8.88 -29.88 -12.77
C315 POV QA . -8.14 -31.36 -5.23
C216 POV QA . -8.05 -30.81 -11.92
C316 POV QA . -7.18 -30.89 -4.17
C217 POV QA . -6.55 -30.58 -12.02
C218 POV QA . -5.98 -30.88 -13.37
C21 POV QA . -15.19 -39.75 -11.93
O21 POV QA . -16.24 -39.83 -11.10
C22 POV QA . -13.92 -40.33 -11.38
O22 POV QA . -15.28 -39.30 -13.05
C23 POV QA . -12.66 -39.86 -12.09
C24 POV QA . -12.01 -38.64 -11.46
C25 POV QA . -12.94 -37.44 -11.33
C26 POV QA . -12.28 -36.11 -11.56
C27 POV QA . -11.27 -35.70 -10.51
C28 POV QA . -10.63 -34.33 -10.76
C29 POV QA . -11.62 -33.21 -10.79
C31 POV QA . -16.10 -39.32 -7.80
O31 POV QA . -16.97 -40.33 -7.96
C32 POV QA . -15.62 -39.25 -6.39
O32 POV QA . -15.73 -38.61 -8.68
C33 POV QA . -14.26 -39.90 -6.20
C34 POV QA . -13.10 -38.93 -6.25
C35 POV QA . -12.47 -38.80 -7.62
C36 POV QA . -11.39 -37.73 -7.72
C37 POV QA . -10.24 -37.90 -6.74
C38 POV QA . -10.08 -36.76 -5.76
C39 POV QA . -9.15 -35.65 -6.24
H29 POV QA . -12.40 -33.34 -11.35
H1 POV QA . -16.08 -42.40 -11.66
H1A POV QA . -16.95 -42.91 -10.44
H2 POV QA . -15.68 -41.22 -9.65
H3 POV QA . -17.97 -39.76 -9.61
H3A POV QA . -18.18 -41.28 -9.20
H310 POV QA . -9.82 -35.49 -8.18
H31A POV QA . -8.88 -34.32 -7.77
H210 POV QA . -10.78 -31.89 -9.58
H11 POV QA . -20.29 -41.16 -14.50
H11A POV QA . -20.49 -42.54 -15.21
H211 POV QA . -13.46 -31.44 -10.17
H21A POV QA . -12.58 -30.42 -9.42
H311 POV QA . -11.34 -33.96 -8.07
H31B POV QA . -11.39 -34.41 -6.58
H12 POV QA . -20.99 -41.93 -12.47
H12A POV QA . -20.80 -43.45 -12.91
H22 POV QA . -13.86 -40.04 -10.45
H212 POV QA . -12.73 -30.74 -12.23
H22A POV QA . -13.97 -41.31 -11.42
H21B POV QA . -13.18 -29.47 -11.42
H32 POV QA . -15.60 -38.31 -6.11
H312 POV QA . -9.69 -32.28 -7.23
H32A POV QA . -16.27 -39.73 -5.84
H31C POV QA . -11.21 -31.99 -7.13
H13 POV QA . -22.86 -43.28 -11.59
H13A POV QA . -23.26 -41.75 -11.81
H13B POV QA . -24.23 -42.92 -12.31
H23 POV QA . -12.00 -40.59 -12.10
H213 POV QA . -11.28 -28.60 -11.93
H23A POV QA . -12.85 -39.68 -13.04
H21C POV QA . -10.63 -29.57 -10.87
H33 POV QA . -14.24 -40.39 -5.37
H313 POV QA . -11.33 -32.28 -4.93
H33A POV QA . -14.15 -40.55 -6.92
H31D POV QA . -10.08 -33.23 -4.88
H14 POV QA . -22.84 -41.70 -15.25
H14A POV QA . -24.01 -41.41 -14.19
H14B POV QA . -22.58 -40.70 -14.01
H24 POV QA . -11.68 -38.88 -10.57
H214 POV QA . -10.48 -31.17 -12.75
H24A POV QA . -11.23 -38.38 -11.98
H21D POV QA . -10.74 -29.90 -13.64
H34 POV QA . -13.36 -38.05 -5.92
H314 POV QA . -9.67 -31.18 -3.86
H34A POV QA . -12.43 -39.25 -5.63
H31E POV QA . -9.96 -30.42 -5.20
H15 POV QA . -22.12 -44.18 -14.79
H15A POV QA . -22.96 -44.65 -13.53
H15B POV QA . -23.70 -43.84 -14.70
H25 POV QA . -13.33 -37.45 -10.44
H215 POV QA . -8.76 -28.95 -12.46
H25A POV QA . -13.65 -37.54 -11.97
H21E POV QA . -8.55 -29.92 -13.68
H35 POV QA . -12.10 -39.67 -7.87
H315 POV QA . -7.95 -32.28 -5.47
H35A POV QA . -13.19 -38.61 -8.26
H31F POV QA . -8.01 -30.82 -6.03
H26 POV QA . -11.84 -36.13 -12.44
H216 POV QA . -8.33 -30.73 -10.99
H26A POV QA . -13.00 -35.45 -11.61
H21F POV QA . -8.25 -31.73 -12.19
H36 POV QA . -11.03 -37.74 -8.62
H316 POV QA . -6.27 -31.13 -4.42
H36A POV QA . -11.81 -36.86 -7.59
H31G POV QA . -7.20 -29.91 -4.09
H31H POV QA . -7.38 -31.28 -3.29
H27 POV QA . -11.70 -35.70 -9.64
H217 POV QA . -6.34 -29.65 -11.79
H27A POV QA . -10.56 -36.38 -10.47
H21G POV QA . -6.09 -31.14 -11.37
H37 POV QA . -10.33 -38.73 -6.25
H37A POV QA . -9.42 -37.98 -7.26
H28 POV QA . -9.93 -34.17 -10.10
H218 POV QA . -5.00 -30.94 -13.34
H28A POV QA . -10.17 -34.35 -11.63
H21H POV QA . -6.21 -30.18 -14.02
H21J POV QA . -6.32 -31.73 -13.71
H38 POV QA . -10.96 -36.39 -5.53
H38A POV QA . -9.73 -37.12 -4.93
H39 POV QA . -8.31 -36.07 -6.51
H39A POV QA . -8.94 -35.06 -5.50
N POV RA . -25.74 -47.86 -7.75
P POV RA . -22.55 -49.29 -10.23
C1 POV RA . -19.96 -49.47 -10.48
C2 POV RA . -18.96 -48.94 -9.48
C3 POV RA . -19.57 -47.92 -8.55
C210 POV RA . -9.46 -41.26 -8.41
C310 POV RA . -13.06 -49.95 -0.19
C11 POV RA . -23.25 -48.68 -7.76
O11 POV RA . -21.15 -49.94 -9.82
C211 POV RA . -9.27 -41.67 -6.99
C311 POV RA . -11.95 -49.16 -0.86
C12 POV RA . -24.55 -48.49 -7.00
O12 POV RA . -23.39 -49.55 -8.89
C212 POV RA . -7.81 -41.96 -6.62
C312 POV RA . -10.57 -49.77 -0.75
C13 POV RA . -26.80 -48.89 -7.91
O13 POV RA . -22.37 -47.83 -10.43
C213 POV RA . -7.47 -43.43 -6.42
C313 POV RA . -9.77 -49.30 0.45
C14 POV RA . -26.27 -46.75 -6.91
O14 POV RA . -23.14 -50.10 -11.31
C214 POV RA . -6.95 -43.76 -5.02
C314 POV RA . -8.27 -49.29 0.21
C15 POV RA . -25.40 -47.31 -9.11
C215 POV RA . -8.05 -43.85 -3.97
C315 POV RA . -7.76 -47.98 -0.34
C216 POV RA . -8.79 -45.17 -4.00
C316 POV RA . -6.26 -47.95 -0.49
C217 POV RA . -10.30 -45.04 -3.89
C218 POV RA . -10.99 -46.37 -4.01
C21 POV RA . -16.75 -47.94 -9.61
O21 POV RA . -17.88 -48.31 -10.25
C22 POV RA . -15.75 -47.40 -10.58
O22 POV RA . -16.59 -48.04 -8.42
C23 POV RA . -15.80 -45.88 -10.77
C24 POV RA . -15.41 -45.11 -9.52
C25 POV RA . -14.33 -44.05 -9.73
C26 POV RA . -12.94 -44.51 -9.34
C27 POV RA . -11.83 -43.56 -9.74
C28 POV RA . -11.72 -42.31 -8.88
C29 POV RA . -10.49 -41.52 -9.21
C31 POV RA . -19.64 -47.84 -6.15
O31 POV RA . -18.92 -48.03 -7.26
C32 POV RA . -18.78 -47.97 -4.94
O32 POV RA . -20.82 -47.59 -6.14
C33 POV RA . -18.89 -46.70 -4.09
C34 POV RA . -17.85 -46.57 -2.99
C35 POV RA . -16.42 -46.77 -3.40
C36 POV RA . -15.46 -46.47 -2.28
C37 POV RA . -14.51 -47.60 -1.97
C38 POV RA . -15.12 -48.75 -1.19
C39 POV RA . -14.33 -49.16 0.05
H29 POV RA . -10.45 -41.17 -10.13
H1 POV RA . -19.56 -50.21 -10.98
H1A POV RA . -20.17 -48.75 -11.10
H2 POV RA . -18.61 -49.67 -8.93
H3 POV RA . -19.43 -47.03 -8.93
H3A POV RA . -20.52 -48.08 -8.45
H310 POV RA . -13.29 -50.72 -0.75
H31A POV RA . -12.73 -50.30 0.66
H210 POV RA . -8.74 -40.72 -8.79
H11 POV RA . -22.89 -47.82 -8.07
H11A POV RA . -22.57 -49.02 -7.14
H211 POV RA . -9.59 -40.93 -6.44
H21A POV RA . -9.84 -42.43 -6.75
H311 POV RA . -12.17 -49.07 -1.81
H31B POV RA . -11.95 -48.26 -0.50
H12 POV RA . -24.38 -47.92 -6.22
H12A POV RA . -24.85 -49.36 -6.66
H22 POV RA . -14.86 -47.66 -10.26
H212 POV RA . -7.23 -41.60 -7.30
H22A POV RA . -15.91 -47.83 -11.44
H21B POV RA . -7.60 -41.47 -5.79
H32 POV RA . -19.07 -48.74 -4.42
H312 POV RA . -10.65 -50.75 -0.71
H32A POV RA . -17.88 -48.10 -5.27
H31C POV RA . -10.07 -49.56 -1.56
H13 POV RA . -26.42 -49.66 -8.40
H13A POV RA . -27.12 -49.18 -7.03
H13B POV RA . -27.56 -48.53 -8.41
H23 POV RA . -15.21 -45.64 -11.52
H213 POV RA . -8.24 -44.00 -6.61
H23A POV RA . -16.71 -45.63 -11.04
H21C POV RA . -6.78 -43.68 -7.07
H33 POV RA . -18.84 -45.93 -4.67
H313 POV RA . -10.04 -48.39 0.70
H33A POV RA . -19.79 -46.69 -3.68
H31D POV RA . -9.97 -49.87 1.22
H14 POV RA . -26.50 -47.10 -6.03
H14A POV RA . -25.60 -46.05 -6.84
H14B POV RA . -27.07 -46.40 -7.35
H24 POV RA . -16.19 -44.70 -9.13
H214 POV RA . -6.30 -43.09 -4.76
H24A POV RA . -15.08 -45.75 -8.85
H21D POV RA . -6.48 -44.62 -5.06
H34 POV RA . -18.04 -47.17 -2.25
H314 POV RA . -8.05 -50.00 -0.43
H34A POV RA . -17.93 -45.66 -2.61
H31E POV RA . -7.79 -49.51 1.04
H15 POV RA . -26.17 -46.81 -9.46
H15A POV RA . -24.67 -46.68 -9.01
H15B POV RA . -25.15 -48.04 -9.70
H25 POV RA . -14.32 -43.76 -10.67
H215 POV RA . -8.68 -43.12 -4.09
H25A POV RA . -14.56 -43.26 -9.20
H21E POV RA . -7.65 -43.74 -3.09
H35 POV RA . -16.29 -47.69 -3.67
H315 POV RA . -8.18 -47.79 -1.20
H35A POV RA . -16.23 -46.21 -4.17
H31F POV RA . -8.02 -47.25 0.26
H26 POV RA . -12.92 -44.63 -8.37
H216 POV RA . -8.47 -45.73 -3.27
H26A POV RA . -12.77 -45.39 -9.73
H21F POV RA . -8.58 -45.65 -4.83
H36 POV RA . -14.94 -45.67 -2.47
H316 POV RA . -5.96 -48.75 -0.95
H36A POV RA . -15.98 -46.27 -1.47
H31G POV RA . -5.98 -47.17 -1.01
H31H POV RA . -5.83 -47.91 0.38
H27 POV RA . -10.98 -44.04 -9.71
H217 POV RA . -10.64 -44.46 -4.59
H27A POV RA . -11.96 -43.28 -10.67
H21G POV RA . -10.54 -44.64 -3.03
H37 POV RA . -14.12 -47.93 -2.81
H37A POV RA . -13.77 -47.23 -1.46
H28 POV RA . -11.79 -42.54 -7.94
H218 POV RA . -10.94 -46.69 -4.93
H28A POV RA . -12.49 -41.73 -9.06
H21H POV RA . -11.92 -46.31 -3.74
H21J POV RA . -10.54 -47.02 -3.44
H38 POV RA . -16.03 -48.52 -0.93
H38A POV RA . -15.19 -49.53 -1.79
H39 POV RA . -14.92 -49.68 0.64
H39A POV RA . -14.10 -48.34 0.55
N POV SA . 8.73 -24.59 4.71
P POV SA . 7.19 -25.72 0.75
C1 POV SA . 5.17 -24.53 -0.43
C2 POV SA . 4.87 -25.27 -1.72
C3 POV SA . 3.41 -25.16 -2.11
C210 POV SA . 0.93 -35.24 -0.24
C310 POV SA . -3.76 -32.61 -3.71
C11 POV SA . 9.28 -25.26 2.28
O11 POV SA . 6.58 -24.58 -0.17
C211 POV SA . 0.90 -36.71 -0.51
C311 POV SA . -4.88 -33.56 -4.06
C12 POV SA . 8.82 -24.19 3.26
O12 POV SA . 8.62 -25.07 1.01
C212 POV SA . -0.44 -37.37 -0.23
C312 POV SA . -5.82 -33.86 -2.91
C13 POV SA . 7.49 -25.40 4.92
O13 POV SA . 7.32 -26.99 -0.03
C213 POV SA . -1.61 -36.91 -1.08
C313 POV SA . -7.13 -34.50 -3.31
C14 POV SA . 9.92 -25.41 5.12
O14 POV SA . 6.44 -25.73 2.03
C214 POV SA . -1.77 -37.58 -2.43
C314 POV SA . -7.08 -36.00 -3.55
C15 POV SA . 8.67 -23.36 5.56
C215 POV SA . -3.13 -37.35 -3.04
C315 POV SA . -6.24 -36.46 -4.74
C216 POV SA . -4.15 -38.41 -2.68
C316 POV SA . -6.59 -37.83 -5.26
C217 POV SA . -4.07 -39.65 -3.52
C218 POV SA . -5.13 -40.65 -3.19
C21 POV SA . 5.65 -27.33 -2.66
O21 POV SA . 5.28 -26.66 -1.56
C22 POV SA . 6.18 -28.69 -2.32
O22 POV SA . 5.54 -26.90 -3.78
C23 POV SA . 5.68 -29.81 -3.23
C24 POV SA . 4.74 -30.76 -2.51
C25 POV SA . 4.31 -31.96 -3.32
C26 POV SA . 3.43 -32.93 -2.55
C27 POV SA . 4.13 -33.64 -1.39
C28 POV SA . 3.33 -34.80 -0.81
C29 POV SA . 1.95 -34.43 -0.39
C31 POV SA . 2.36 -27.24 -2.61
O31 POV SA . 2.62 -26.30 -1.70
C32 POV SA . 1.44 -28.29 -2.06
O32 POV SA . 2.82 -27.27 -3.72
C33 POV SA . 0.16 -28.42 -2.88
C34 POV SA . -0.95 -29.17 -2.18
C35 POV SA . -0.58 -30.55 -1.67
C36 POV SA . 0.12 -31.47 -2.69
C37 POV SA . -0.68 -31.81 -3.93
C38 POV SA . -1.30 -33.19 -3.90
C39 POV SA . -2.56 -33.28 -3.08
H29 POV SA . 1.81 -33.48 -0.23
H1 POV SA . 4.91 -23.59 -0.47
H1A POV SA . 4.69 -24.97 0.31
H2 POV SA . 5.39 -24.84 -2.43
H3 POV SA . 3.05 -24.36 -1.67
H3A POV SA . 3.35 -25.03 -3.07
H310 POV SA . -3.47 -32.15 -4.52
H31A POV SA . -4.11 -31.94 -3.10
H210 POV SA . 0.09 -34.86 0.09
H11 POV SA . 10.24 -25.18 2.13
H11A POV SA . 9.11 -26.16 2.62
H211 POV SA . 1.15 -36.84 -1.46
H21A POV SA . 1.60 -37.17 0.00
H311 POV SA . -5.38 -33.21 -4.83
H31B POV SA . -4.47 -34.39 -4.38
H12 POV SA . 7.93 -23.88 3.00
H12A POV SA . 9.44 -23.43 3.20
H22 POV SA . 7.16 -28.66 -2.36
H212 POV SA . -0.36 -38.35 -0.32
H22A POV SA . 5.92 -28.89 -1.39
H21B POV SA . -0.68 -37.22 0.71
H32 POV SA . 1.91 -29.15 -2.02
H312 POV SA . -5.35 -34.43 -2.26
H32A POV SA . 1.20 -28.01 -1.15
H31C POV SA . -6.02 -33.01 -2.44
H13 POV SA . 7.48 -25.71 5.85
H13A POV SA . 6.71 -24.82 4.75
H13B POV SA . 7.46 -26.17 4.31
H23 POV SA . 5.22 -29.42 -4.00
H213 POV SA . -2.45 -37.02 -0.57
H23A POV SA . 6.44 -30.30 -3.59
H21C POV SA . -1.53 -35.96 -1.24
H33 POV SA . -0.15 -27.52 -3.11
H313 POV SA . -7.78 -34.31 -2.60
H33A POV SA . 0.38 -28.87 -3.72
H31D POV SA . -7.45 -34.05 -4.11
H14 POV SA . 10.72 -25.04 4.69
H14A POV SA . 10.01 -25.36 6.10
H14B POV SA . 9.77 -26.34 4.86
H24 POV SA . 3.95 -30.26 -2.24
H214 POV SA . -1.61 -38.54 -2.34
H24A POV SA . 5.18 -31.06 -1.69
H21D POV SA . -1.08 -37.23 -3.04
H34 POV SA . -1.71 -29.24 -2.78
H314 POV SA . -7.99 -36.32 -3.67
H34A POV SA . -1.24 -28.63 -1.41
H31E POV SA . -6.74 -36.43 -2.74
H15 POV SA . 7.94 -22.79 5.28
H15A POV SA . 8.49 -23.64 6.48
H15B POV SA . 9.53 -22.91 5.52
H25 POV SA . 3.83 -31.65 -4.11
H215 POV SA . -3.05 -37.30 -4.02
H25A POV SA . 5.12 -32.43 -3.63
H21E POV SA . -3.46 -36.47 -2.75
H35 POV SA . 0.00 -30.45 -0.90
H315 POV SA . -6.32 -35.80 -5.47
H35A POV SA . -1.40 -30.99 -1.35
H31F POV SA . -5.30 -36.48 -4.48
H26 POV SA . 2.69 -32.42 -2.17
H216 POV SA . -5.05 -38.03 -2.74
H26A POV SA . 3.04 -33.58 -3.16
H21F POV SA . -4.02 -38.66 -1.74
H36 POV SA . 0.97 -31.06 -2.96
H316 POV SA . -7.55 -37.91 -5.44
H36A POV SA . 0.35 -32.30 -2.22
H31G POV SA . -6.11 -38.02 -6.09
H31H POV SA . -6.35 -38.53 -4.61
H27 POV SA . 5.00 -33.96 -1.70
H217 POV SA . -3.20 -40.08 -3.42
H27A POV SA . 4.30 -32.99 -0.68
H21G POV SA . -4.17 -39.41 -4.46
H37 POV SA . -1.38 -31.14 -4.07
H37A POV SA . -0.09 -31.73 -4.71
H28 POV SA . 3.32 -35.55 -1.45
H218 POV SA . -5.94 -40.21 -2.84
H28A POV SA . 3.79 -35.14 -0.03
H21H POV SA . -4.82 -41.30 -2.53
H21J POV SA . -5.39 -41.13 -4.00
H38 POV SA . -0.65 -33.85 -3.57
H38A POV SA . -1.51 -33.47 -4.82
H39 POV SA . -2.38 -32.82 -2.23
H39A POV SA . -2.76 -34.21 -2.86
N POV TA . -37.24 -33.30 8.96
P POV TA . -34.34 -34.68 11.56
C1 POV TA . -33.37 -32.29 12.06
C2 POV TA . -31.97 -32.43 12.62
C3 POV TA . -30.94 -31.96 11.63
C210 POV TA . -25.55 -33.08 17.56
C310 POV TA . -23.07 -28.15 15.36
C11 POV TA . -36.85 -35.04 10.85
O11 POV TA . -33.62 -33.34 11.10
C211 POV TA . -25.55 -31.71 18.14
C311 POV TA . -23.00 -27.37 16.65
C12 POV TA . -37.01 -34.76 9.38
O12 POV TA . -35.85 -34.17 11.46
C212 POV TA . -24.41 -31.51 19.13
C312 POV TA . -21.69 -26.64 16.85
C13 POV TA . -38.25 -32.63 9.85
O13 POV TA . -34.02 -34.99 12.98
C213 POV TA . -23.86 -30.11 19.17
C313 POV TA . -20.99 -26.97 18.15
C14 POV TA . -35.96 -32.51 9.02
O14 POV TA . -34.11 -35.69 10.52
C214 POV TA . -23.06 -29.79 20.42
C314 POV TA . -20.25 -28.30 18.14
C15 POV TA . -37.74 -33.27 7.55
C215 POV TA . -21.84 -30.68 20.66
C315 POV TA . -19.40 -28.60 19.39
C216 POV TA . -22.12 -31.99 21.37
C316 POV TA . -19.75 -27.82 20.62
C217 POV TA . -20.89 -32.61 21.98
C218 POV TA . -21.01 -34.10 22.07
C21 POV TA . -30.77 -34.11 13.85
O21 POV TA . -31.72 -33.84 12.94
C22 POV TA . -30.65 -35.61 14.05
O22 POV TA . -30.12 -33.28 14.41
C23 POV TA . -30.03 -36.00 15.40
C24 POV TA . -28.89 -36.98 15.25
C25 POV TA . -28.12 -37.23 16.55
C26 POV TA . -26.61 -37.29 16.39
C27 POV TA . -25.90 -36.00 16.77
C28 POV TA . -26.19 -34.81 15.83
C29 POV TA . -26.14 -33.46 16.45
C31 POV TA . -30.55 -32.10 9.20
O31 POV TA . -31.28 -32.41 10.31
C32 POV TA . -29.36 -31.21 9.45
O32 POV TA . -30.83 -32.50 8.10
C33 POV TA . -28.16 -31.93 10.05
C34 POV TA . -27.62 -31.28 11.32
C35 POV TA . -26.84 -32.24 12.21
C36 POV TA . -25.51 -31.69 12.70
C37 POV TA . -25.63 -30.59 13.72
C38 POV TA . -24.31 -29.89 14.00
C39 POV TA . -24.36 -28.93 15.17
H29 POV TA . -26.61 -32.76 15.94
H1 POV TA . -34.05 -32.38 12.78
H1A POV TA . -33.46 -31.42 11.63
H2 POV TA . -31.88 -31.89 13.42
H3 POV TA . -30.89 -30.98 11.70
H3A POV TA . -30.09 -32.37 11.89
H310 POV TA . -22.98 -27.53 14.61
H31A POV TA . -22.32 -28.78 15.32
H210 POV TA . -25.06 -33.76 18.08
H11 POV TA . -37.69 -34.88 11.33
H11A POV TA . -36.64 -35.98 10.99
H211 POV TA . -25.45 -31.07 17.40
H21A POV TA . -26.40 -31.50 18.56
H311 POV TA . -23.73 -26.71 16.67
H31B POV TA . -23.16 -27.96 17.41
H12 POV TA . -37.80 -35.25 9.06
H12A POV TA . -36.23 -35.09 8.89
H22 POV TA . -31.55 -35.99 13.99
H212 POV TA . -24.71 -31.78 20.02
H22A POV TA . -30.10 -35.96 13.33
H21B POV TA . -23.68 -32.13 18.89
H32 POV TA . -29.08 -30.91 8.56
H312 POV TA . -21.09 -26.84 16.10
H32A POV TA . -29.58 -30.39 9.94
H31C POV TA . -21.85 -25.67 16.83
H13 POV TA . -37.90 -32.53 10.76
H13A POV TA . -38.45 -31.74 9.49
H13B POV TA . -39.07 -33.16 9.87
H23 POV TA . -29.71 -35.20 15.87
H213 POV TA . -23.27 -29.99 18.40
H23A POV TA . -30.72 -36.39 15.97
H21C POV TA . -24.59 -29.47 19.07
H33 POV TA . -28.41 -32.86 10.23
H313 POV TA . -20.37 -26.25 18.37
H33A POV TA . -27.45 -31.97 9.37
H31D POV TA . -21.66 -26.99 18.86
H14 POV TA . -35.22 -33.07 8.70
H14A POV TA . -36.04 -31.73 8.44
H14B POV TA . -35.78 -32.22 9.94
H24 POV TA . -29.24 -37.82 14.92
H214 POV TA . -22.77 -28.86 20.37
H24A POV TA . -28.28 -36.64 14.57
H21D POV TA . -23.64 -29.84 21.20
H34 POV TA . -28.36 -30.90 11.84
H314 POV TA . -19.65 -28.31 17.36
H34A POV TA . -27.06 -30.52 11.09
H31E POV TA . -20.88 -29.03 18.01
H15 POV TA . -38.52 -33.85 7.44
H15A POV TA . -38.03 -32.36 7.34
H15B POV TA . -37.01 -33.53 6.96
H25 POV TA . -28.34 -36.52 17.18
H215 POV TA . -21.43 -30.87 19.80
H25A POV TA . -28.44 -38.07 16.94
H21E POV TA . -21.18 -30.18 21.18
H35 POV TA . -27.39 -32.45 12.99
H315 POV TA . -18.46 -28.46 19.18
H35A POV TA . -26.69 -33.09 11.74
H31F POV TA . -19.49 -29.55 19.60
H26 POV TA . -26.25 -38.00 16.96
H216 POV TA . -22.49 -32.63 20.74
H26A POV TA . -26.38 -37.53 15.47
H21F POV TA . -22.79 -31.84 22.06
H36 POV TA . -25.00 -32.43 13.09
H316 POV TA . -20.69 -27.92 20.83
H36A POV TA . -25.01 -31.38 11.93
H31G POV TA . -19.23 -28.14 21.39
H31H POV TA . -19.55 -26.87 20.50
H27 POV TA . -24.93 -36.16 16.76
H217 POV TA . -20.75 -32.26 22.88
H27A POV TA . -26.15 -35.77 17.68
H21G POV TA . -20.10 -32.38 21.46
H37 POV TA . -26.28 -29.94 13.41
H37A POV TA . -25.98 -30.96 14.55
H28 POV TA . -25.59 -34.86 15.07
H218 POV TA . -21.07 -34.50 21.17
H28A POV TA . -27.09 -34.90 15.47
H21H POV TA . -21.81 -34.37 22.57
H21J POV TA . -20.22 -34.48 22.52
H38 POV TA . -23.62 -30.57 14.16
H38A POV TA . -24.04 -29.41 13.20
H39 POV TA . -24.56 -29.43 15.99
H39A POV TA . -25.10 -28.30 15.03
#